data_6NFN
#
_entry.id   6NFN
#
_cell.length_a   70.049
_cell.length_b   85.836
_cell.length_c   164.397
_cell.angle_alpha   82.929
_cell.angle_beta   81.768
_cell.angle_gamma   71.281
#
_symmetry.space_group_name_H-M   'P 1'
#
loop_
_entity.id
_entity.type
_entity.pdbx_description
1 polymer 'Fab h2E2 light chain'
2 polymer 'Fab h2E2 heavy chain'
3 non-polymer '3-(BENZOYLOXY)-8-METHYL-8-AZABICYCLO[3.2.1]OCTANE-2-CARBOXYLIC ACID'
4 non-polymer DI(HYDROXYETHYL)ETHER
5 non-polymer GLYCEROL
6 non-polymer 'ACETATE ION'
7 non-polymer 'FORMIC ACID'
8 water water
#
loop_
_entity_poly.entity_id
_entity_poly.type
_entity_poly.pdbx_seq_one_letter_code
_entity_poly.pdbx_strand_id
1 'polypeptide(L)'
;QAVVIQESALTTSPGGTVILTCRSSTGTITTSNYANWVQKKPNHVFTGLIGATSIRAPGVPVRFSGFLIGGKAALTITGA
QTEDDAMYFCALWYNTHYVFGGGTKVTVLGQPKAAPSVTLFPPSSEELQANKATLVCLISDFYPGAVTVAWKADSSPVKA
GVETTTPSKQSNNKYAASSYLSLTPEQWKSHRSYSCQVTHEGSTVEKTVAPTECS
;
L,A,C,E,I,O,Q,M
2 'polypeptide(L)'
;EVQLVESGGGLVQPGGSLRLSCAASGFIFSSDWMNWVRQAPGKGLEWVANINQDGSEKYYVDSVKGRFTISRDNAQNSLY
LQMNSLRAEDTAVYYCAKELGPWGQGTLVTVSSASTKGPSVFPLAPSSKSTSGGTAALGCLVKDYFPEPVTVSWNSGALT
SGVHTFPAVLQSSGLYSLSSVVTVPSSSLGTQTYICNVNHKPSNTKVDKKVEPKSCHHHHHH
;
H,B,D,F,J,P,R,N
#
# COMPACT_ATOMS: atom_id res chain seq x y z
N VAL A 3 -36.02 8.15 20.89
CA VAL A 3 -36.48 6.80 21.19
C VAL A 3 -35.60 6.20 22.29
N VAL A 4 -36.24 5.66 23.32
CA VAL A 4 -35.55 5.02 24.42
C VAL A 4 -35.71 3.52 24.27
N ILE A 5 -34.59 2.79 24.20
CA ILE A 5 -34.58 1.38 23.89
C ILE A 5 -34.17 0.59 25.12
N GLN A 6 -34.95 -0.43 25.45
CA GLN A 6 -34.64 -1.36 26.53
C GLN A 6 -34.74 -2.79 26.02
N GLU A 7 -34.01 -3.68 26.67
CA GLU A 7 -34.15 -5.11 26.38
C GLU A 7 -35.56 -5.58 26.74
N SER A 8 -35.97 -6.68 26.11
CA SER A 8 -37.33 -7.17 26.34
C SER A 8 -37.47 -7.87 27.68
N ALA A 9 -36.63 -8.87 27.95
CA ALA A 9 -36.80 -9.67 29.15
C ALA A 9 -35.45 -10.13 29.68
N LEU A 10 -35.39 -10.30 31.00
CA LEU A 10 -34.24 -10.85 31.70
C LEU A 10 -34.73 -11.77 32.80
N THR A 11 -33.94 -12.81 33.08
CA THR A 11 -34.27 -13.74 34.14
C THR A 11 -33.07 -13.93 35.06
N THR A 12 -33.35 -14.39 36.27
CA THR A 12 -32.33 -14.69 37.27
C THR A 12 -32.96 -15.51 38.38
N SER A 13 -32.12 -16.26 39.09
CA SER A 13 -32.53 -16.97 40.29
C SER A 13 -32.42 -16.05 41.49
N PRO A 14 -33.09 -16.37 42.60
CA PRO A 14 -32.93 -15.54 43.80
C PRO A 14 -31.48 -15.59 44.28
N GLY A 15 -30.93 -14.42 44.55
CA GLY A 15 -29.53 -14.30 44.86
C GLY A 15 -28.65 -14.04 43.66
N GLY A 16 -29.18 -14.23 42.44
CA GLY A 16 -28.46 -13.90 41.24
C GLY A 16 -28.43 -12.41 40.99
N THR A 17 -27.66 -12.02 39.98
CA THR A 17 -27.47 -10.62 39.63
C THR A 17 -28.04 -10.35 38.25
N VAL A 18 -28.64 -9.18 38.06
CA VAL A 18 -29.19 -8.78 36.77
C VAL A 18 -28.82 -7.31 36.52
N ILE A 19 -28.59 -6.98 35.26
CA ILE A 19 -28.18 -5.64 34.86
C ILE A 19 -29.08 -5.20 33.72
N LEU A 20 -29.83 -4.13 33.95
CA LEU A 20 -30.77 -3.61 32.97
C LEU A 20 -30.06 -2.54 32.15
N THR A 21 -30.27 -2.56 30.84
CA THR A 21 -29.64 -1.60 29.95
C THR A 21 -30.71 -0.70 29.35
N CYS A 22 -30.48 0.61 29.44
CA CYS A 22 -31.34 1.62 28.85
C CYS A 22 -30.52 2.38 27.82
N ARG A 23 -31.03 2.45 26.59
CA ARG A 23 -30.28 2.97 25.46
C ARG A 23 -31.04 4.11 24.80
N SER A 24 -30.30 5.13 24.37
CA SER A 24 -30.86 6.27 23.66
C SER A 24 -30.55 6.16 22.18
N SER A 25 -31.58 6.32 21.35
CA SER A 25 -31.38 6.28 19.90
C SER A 25 -30.58 7.47 19.42
N THR A 26 -30.54 8.55 20.20
CA THR A 26 -29.69 9.69 19.84
C THR A 26 -28.21 9.33 19.88
N GLY A 27 -27.84 8.36 20.71
CA GLY A 27 -26.47 7.87 20.71
C GLY A 27 -25.88 7.64 22.09
N THR A 28 -26.01 8.62 22.98
CA THR A 28 -25.37 8.57 24.28
C THR A 28 -26.33 9.08 25.34
N ILE A 29 -26.16 8.60 26.56
CA ILE A 29 -26.86 9.10 27.74
C ILE A 29 -25.84 9.74 28.66
N THR A 30 -26.09 10.97 29.07
CA THR A 30 -25.26 11.67 30.03
C THR A 30 -26.03 11.86 31.33
N THR A 31 -25.36 12.46 32.31
CA THR A 31 -26.00 12.77 33.58
C THR A 31 -27.09 13.81 33.43
N SER A 32 -27.07 14.58 32.34
CA SER A 32 -28.09 15.59 32.09
C SER A 32 -29.37 15.00 31.51
N ASN A 33 -29.41 13.69 31.26
CA ASN A 33 -30.63 13.02 30.85
C ASN A 33 -31.45 12.51 32.03
N TYR A 34 -30.93 12.64 33.24
CA TYR A 34 -31.66 12.36 34.48
C TYR A 34 -32.45 11.06 34.38
N ALA A 35 -31.73 9.98 34.10
CA ALA A 35 -32.37 8.68 33.92
C ALA A 35 -33.19 8.31 35.15
N ASN A 36 -34.45 7.96 34.91
CA ASN A 36 -35.38 7.58 35.96
C ASN A 36 -35.84 6.16 35.70
N TRP A 37 -35.72 5.30 36.71
CA TRP A 37 -36.14 3.90 36.62
C TRP A 37 -37.42 3.71 37.41
N VAL A 38 -38.44 3.15 36.76
CA VAL A 38 -39.77 2.99 37.34
C VAL A 38 -40.12 1.51 37.36
N GLN A 39 -40.57 1.03 38.51
CA GLN A 39 -40.93 -0.37 38.71
C GLN A 39 -42.45 -0.53 38.67
N LYS A 40 -42.91 -1.62 38.03
CA LYS A 40 -44.33 -1.94 37.96
C LYS A 40 -44.53 -3.42 38.25
N LYS A 41 -45.00 -3.73 39.45
CA LYS A 41 -45.47 -5.10 39.65
C LYS A 41 -46.95 -5.18 39.36
N PRO A 42 -47.45 -6.34 38.93
CA PRO A 42 -48.90 -6.50 38.79
C PRO A 42 -49.58 -6.35 40.14
N ASN A 43 -50.76 -5.71 40.12
CA ASN A 43 -51.58 -5.40 41.30
C ASN A 43 -50.92 -4.39 42.22
N HIS A 44 -49.84 -3.73 41.79
CA HIS A 44 -49.19 -2.68 42.57
C HIS A 44 -49.04 -1.44 41.70
N VAL A 45 -49.02 -0.27 42.33
CA VAL A 45 -48.85 0.96 41.56
C VAL A 45 -47.43 1.04 41.03
N PHE A 46 -47.27 1.80 39.94
CA PHE A 46 -45.93 2.19 39.51
C PHE A 46 -45.20 2.83 40.68
N THR A 47 -43.89 2.65 40.71
CA THR A 47 -43.09 3.28 41.75
C THR A 47 -41.71 3.65 41.19
N GLY A 48 -41.28 4.87 41.48
CA GLY A 48 -39.97 5.33 41.07
C GLY A 48 -38.88 4.82 41.99
N LEU A 49 -38.01 3.93 41.47
CA LEU A 49 -36.92 3.38 42.28
C LEU A 49 -35.71 4.29 42.26
N ILE A 50 -35.26 4.68 41.08
CA ILE A 50 -34.05 5.49 40.90
C ILE A 50 -34.41 6.73 40.11
N GLY A 51 -33.84 7.86 40.49
CA GLY A 51 -34.03 9.09 39.75
C GLY A 51 -32.70 9.84 39.65
N ALA A 52 -32.58 10.65 38.61
CA ALA A 52 -31.34 11.36 38.32
C ALA A 52 -30.13 10.40 38.37
N THR A 53 -30.20 9.39 37.50
CA THR A 53 -29.12 8.44 37.26
C THR A 53 -28.90 7.48 38.44
N SER A 54 -28.68 8.01 39.64
CA SER A 54 -28.23 7.16 40.74
C SER A 54 -28.92 7.39 42.08
N ILE A 55 -29.85 8.33 42.19
CA ILE A 55 -30.48 8.63 43.47
C ILE A 55 -31.59 7.63 43.74
N ARG A 56 -31.52 6.97 44.90
CA ARG A 56 -32.50 5.96 45.29
C ARG A 56 -33.66 6.59 46.03
N ALA A 57 -34.86 6.05 45.80
CA ALA A 57 -35.99 6.46 46.62
C ALA A 57 -35.76 6.01 48.06
N PRO A 58 -36.35 6.72 49.03
CA PRO A 58 -36.04 6.40 50.44
C PRO A 58 -36.33 4.97 50.83
N GLY A 59 -37.38 4.35 50.31
CA GLY A 59 -37.75 3.02 50.72
C GLY A 59 -37.25 1.89 49.85
N VAL A 60 -36.47 2.16 48.82
CA VAL A 60 -35.94 1.10 47.97
C VAL A 60 -34.69 0.53 48.63
N PRO A 61 -34.52 -0.80 48.63
CA PRO A 61 -33.32 -1.37 49.24
C PRO A 61 -32.08 -1.09 48.41
N VAL A 62 -30.92 -1.20 49.05
CA VAL A 62 -29.66 -0.85 48.38
C VAL A 62 -29.15 -1.93 47.45
N ARG A 63 -29.85 -3.07 47.33
CA ARG A 63 -29.51 -4.01 46.28
C ARG A 63 -29.77 -3.45 44.89
N PHE A 64 -30.55 -2.37 44.78
CA PHE A 64 -30.74 -1.64 43.54
C PHE A 64 -29.70 -0.54 43.42
N SER A 65 -29.15 -0.38 42.22
CA SER A 65 -28.21 0.70 41.96
C SER A 65 -28.36 1.15 40.51
N GLY A 66 -28.17 2.43 40.28
CA GLY A 66 -28.18 2.98 38.94
C GLY A 66 -26.92 3.78 38.68
N PHE A 67 -26.41 3.66 37.45
CA PHE A 67 -25.28 4.46 37.00
C PHE A 67 -25.25 4.41 35.48
N LEU A 68 -24.30 5.15 34.91
CA LEU A 68 -24.09 5.18 33.47
C LEU A 68 -22.87 4.34 33.11
N ILE A 69 -23.04 3.41 32.16
CA ILE A 69 -21.96 2.57 31.67
C ILE A 69 -21.91 2.70 30.15
N GLY A 70 -20.78 3.20 29.64
CA GLY A 70 -20.56 3.26 28.21
C GLY A 70 -21.66 3.93 27.42
N GLY A 71 -22.07 5.12 27.85
CA GLY A 71 -23.13 5.85 27.18
C GLY A 71 -24.53 5.32 27.43
N LYS A 72 -24.68 4.24 28.18
CA LYS A 72 -25.98 3.66 28.47
C LYS A 72 -26.29 3.82 29.95
N ALA A 73 -27.58 4.01 30.24
CA ALA A 73 -28.03 3.98 31.63
C ALA A 73 -28.27 2.54 32.06
N ALA A 74 -27.88 2.23 33.29
CA ALA A 74 -27.93 0.86 33.78
C ALA A 74 -28.57 0.80 35.15
N LEU A 75 -29.38 -0.23 35.37
CA LEU A 75 -30.00 -0.54 36.65
C LEU A 75 -29.59 -1.97 37.01
N THR A 76 -28.82 -2.12 38.09
CA THR A 76 -28.34 -3.43 38.49
C THR A 76 -29.01 -3.86 39.78
N ILE A 77 -29.41 -5.13 39.84
CA ILE A 77 -30.00 -5.74 41.02
C ILE A 77 -29.03 -6.82 41.48
N THR A 78 -28.35 -6.58 42.60
CA THR A 78 -27.35 -7.51 43.13
C THR A 78 -28.03 -8.41 44.15
N GLY A 79 -28.18 -9.69 43.81
CA GLY A 79 -28.91 -10.60 44.66
C GLY A 79 -30.40 -10.40 44.55
N ALA A 80 -30.94 -10.60 43.35
CA ALA A 80 -32.34 -10.31 43.08
C ALA A 80 -33.25 -11.17 43.94
N GLN A 81 -34.42 -10.63 44.26
CA GLN A 81 -35.40 -11.28 45.11
C GLN A 81 -36.65 -11.60 44.30
N THR A 82 -37.42 -12.56 44.81
CA THR A 82 -38.71 -12.87 44.20
C THR A 82 -39.61 -11.63 44.18
N GLU A 83 -39.53 -10.77 45.19
CA GLU A 83 -40.31 -9.55 45.17
C GLU A 83 -39.87 -8.59 44.07
N ASP A 84 -38.73 -8.84 43.42
CA ASP A 84 -38.26 -7.99 42.32
C ASP A 84 -38.79 -8.45 40.96
N ASP A 85 -39.56 -9.54 40.90
CA ASP A 85 -40.19 -9.97 39.67
C ASP A 85 -41.21 -8.91 39.25
N ALA A 86 -40.86 -8.12 38.25
CA ALA A 86 -41.69 -6.98 37.86
C ALA A 86 -41.24 -6.46 36.50
N MET A 87 -41.90 -5.39 36.06
CA MET A 87 -41.54 -4.67 34.86
C MET A 87 -40.80 -3.39 35.24
N TYR A 88 -39.72 -3.09 34.52
CA TYR A 88 -38.87 -1.95 34.83
C TYR A 88 -38.79 -1.05 33.60
N PHE A 89 -39.16 0.22 33.79
CA PHE A 89 -39.17 1.20 32.72
C PHE A 89 -38.07 2.22 32.95
N CYS A 90 -37.52 2.72 31.86
CA CYS A 90 -36.48 3.73 31.89
C CYS A 90 -37.01 4.99 31.23
N ALA A 91 -36.70 6.15 31.80
CA ALA A 91 -37.15 7.43 31.27
C ALA A 91 -35.98 8.38 31.21
N LEU A 92 -35.81 9.06 30.08
CA LEU A 92 -34.72 10.00 29.88
C LEU A 92 -35.27 11.40 29.68
N TRP A 93 -34.49 12.40 30.10
CA TRP A 93 -34.87 13.80 30.05
C TRP A 93 -34.06 14.50 28.96
N TYR A 94 -34.77 15.17 28.05
CA TYR A 94 -34.08 15.92 27.00
C TYR A 94 -34.38 17.41 27.14
N ASN A 95 -33.91 17.99 28.23
CA ASN A 95 -34.02 19.41 28.55
C ASN A 95 -35.45 19.89 28.78
N THR A 96 -36.42 19.38 28.02
CA THR A 96 -37.79 19.85 28.10
C THR A 96 -38.84 18.77 28.30
N HIS A 97 -38.48 17.50 28.28
CA HIS A 97 -39.49 16.45 28.37
C HIS A 97 -38.84 15.13 28.70
N TYR A 98 -39.65 14.23 29.26
CA TYR A 98 -39.25 12.85 29.48
C TYR A 98 -39.72 11.98 28.31
N VAL A 99 -38.96 10.93 28.04
CA VAL A 99 -39.37 9.92 27.08
C VAL A 99 -39.16 8.56 27.74
N PHE A 100 -40.21 7.74 27.76
CA PHE A 100 -40.15 6.43 28.38
C PHE A 100 -39.71 5.39 27.35
N GLY A 101 -39.12 4.30 27.87
CA GLY A 101 -38.82 3.14 27.05
C GLY A 101 -39.93 2.10 27.09
N GLY A 102 -39.73 1.03 26.33
CA GLY A 102 -40.77 0.02 26.21
C GLY A 102 -40.94 -0.85 27.43
N GLY A 103 -39.95 -0.89 28.32
CA GLY A 103 -40.02 -1.70 29.52
C GLY A 103 -39.31 -3.04 29.40
N THR A 104 -38.64 -3.46 30.47
CA THR A 104 -37.93 -4.73 30.51
C THR A 104 -38.52 -5.61 31.60
N LYS A 105 -39.05 -6.77 31.21
CA LYS A 105 -39.62 -7.69 32.18
C LYS A 105 -38.50 -8.50 32.84
N VAL A 106 -38.41 -8.43 34.16
CA VAL A 106 -37.48 -9.23 34.94
C VAL A 106 -38.27 -10.34 35.61
N THR A 107 -37.89 -11.58 35.35
CA THR A 107 -38.52 -12.75 35.94
C THR A 107 -37.54 -13.44 36.87
N VAL A 108 -37.96 -13.74 38.09
CA VAL A 108 -37.13 -14.45 39.05
C VAL A 108 -37.60 -15.90 39.09
N LEU A 109 -36.67 -16.83 38.82
CA LEU A 109 -37.00 -18.24 38.76
C LEU A 109 -37.14 -18.81 40.17
N GLY A 110 -37.80 -19.96 40.24
CA GLY A 110 -37.98 -20.64 41.52
C GLY A 110 -39.43 -20.98 41.83
N GLN A 111 -40.36 -20.22 41.27
CA GLN A 111 -41.78 -20.52 41.48
C GLN A 111 -42.15 -21.80 40.76
N PRO A 112 -42.73 -22.78 41.44
CA PRO A 112 -43.00 -24.07 40.80
C PRO A 112 -44.13 -23.98 39.78
N LYS A 113 -44.14 -24.97 38.89
CA LYS A 113 -45.20 -25.09 37.90
C LYS A 113 -46.55 -25.25 38.61
N ALA A 114 -47.60 -24.75 37.96
CA ALA A 114 -48.96 -24.85 38.50
C ALA A 114 -49.92 -25.12 37.35
N ALA A 115 -50.65 -26.23 37.41
CA ALA A 115 -51.61 -26.56 36.37
C ALA A 115 -52.80 -25.60 36.44
N PRO A 116 -53.35 -25.20 35.30
CA PRO A 116 -54.50 -24.27 35.31
C PRO A 116 -55.77 -24.96 35.77
N SER A 117 -56.58 -24.21 36.51
CA SER A 117 -57.91 -24.65 36.93
C SER A 117 -58.95 -24.02 36.00
N VAL A 118 -59.68 -24.86 35.28
CA VAL A 118 -60.58 -24.40 34.22
C VAL A 118 -62.02 -24.68 34.64
N THR A 119 -62.85 -23.65 34.56
CA THR A 119 -64.28 -23.75 34.83
C THR A 119 -65.04 -23.06 33.71
N LEU A 120 -65.90 -23.80 33.03
CA LEU A 120 -66.67 -23.29 31.90
C LEU A 120 -68.12 -23.13 32.31
N PHE A 121 -68.67 -21.91 32.13
CA PHE A 121 -70.06 -21.64 32.46
C PHE A 121 -70.91 -21.56 31.19
N PRO A 122 -72.05 -22.24 31.14
CA PRO A 122 -72.95 -22.11 29.98
C PRO A 122 -73.71 -20.80 30.06
N PRO A 123 -74.45 -20.44 29.01
CA PRO A 123 -75.29 -19.23 29.07
C PRO A 123 -76.33 -19.36 30.17
N SER A 124 -76.58 -18.25 30.85
CA SER A 124 -77.59 -18.22 31.90
C SER A 124 -78.97 -18.46 31.31
N SER A 125 -79.92 -18.77 32.19
CA SER A 125 -81.31 -18.72 31.76
C SER A 125 -81.79 -17.28 31.60
N GLU A 126 -81.22 -16.36 32.39
CA GLU A 126 -81.60 -14.95 32.33
C GLU A 126 -81.09 -14.27 31.06
N GLU A 127 -79.90 -14.67 30.58
CA GLU A 127 -79.38 -14.11 29.33
C GLU A 127 -80.07 -14.73 28.11
N LEU A 128 -80.40 -16.02 28.17
CA LEU A 128 -81.11 -16.64 27.05
C LEU A 128 -82.49 -16.03 26.87
N GLN A 129 -83.11 -15.55 27.94
CA GLN A 129 -84.43 -14.95 27.83
C GLN A 129 -84.36 -13.60 27.11
N ALA A 130 -83.22 -12.92 27.19
CA ALA A 130 -82.98 -11.68 26.44
C ALA A 130 -82.42 -11.94 25.05
N ASN A 131 -82.48 -13.20 24.58
CA ASN A 131 -81.98 -13.61 23.27
C ASN A 131 -80.51 -13.25 23.08
N LYS A 132 -79.70 -13.53 24.10
CA LYS A 132 -78.25 -13.50 23.97
C LYS A 132 -77.66 -14.72 24.67
N ALA A 133 -76.46 -15.09 24.24
CA ALA A 133 -75.80 -16.31 24.73
C ALA A 133 -74.32 -16.05 24.79
N THR A 134 -73.72 -16.28 25.97
CA THR A 134 -72.29 -16.10 26.15
C THR A 134 -71.74 -17.25 26.97
N LEU A 135 -70.65 -17.84 26.50
CA LEU A 135 -69.91 -18.85 27.24
C LEU A 135 -68.73 -18.19 27.93
N VAL A 136 -68.54 -18.49 29.21
CA VAL A 136 -67.48 -17.89 30.03
C VAL A 136 -66.56 -18.99 30.49
N CYS A 137 -65.30 -18.94 30.05
CA CYS A 137 -64.26 -19.88 30.45
C CYS A 137 -63.26 -19.18 31.35
N LEU A 138 -63.19 -19.62 32.61
CA LEU A 138 -62.35 -19.00 33.62
C LEU A 138 -61.15 -19.90 33.91
N ILE A 139 -59.95 -19.35 33.73
CA ILE A 139 -58.69 -20.06 33.97
C ILE A 139 -57.94 -19.34 35.08
N SER A 140 -57.50 -20.10 36.09
CA SER A 140 -56.84 -19.49 37.24
C SER A 140 -55.78 -20.42 37.80
N ASP A 141 -54.90 -19.83 38.61
CA ASP A 141 -53.94 -20.54 39.46
C ASP A 141 -52.94 -21.36 38.63
N PHE A 142 -52.43 -20.77 37.56
CA PHE A 142 -51.44 -21.43 36.72
C PHE A 142 -50.17 -20.59 36.64
N TYR A 143 -49.03 -21.28 36.64
CA TYR A 143 -47.72 -20.66 36.53
C TYR A 143 -46.82 -21.59 35.73
N PRO A 144 -46.06 -21.06 34.75
CA PRO A 144 -45.98 -19.64 34.37
C PRO A 144 -47.20 -19.13 33.59
N GLY A 145 -47.10 -17.90 33.08
CA GLY A 145 -48.23 -17.20 32.50
C GLY A 145 -48.58 -17.53 31.06
N ALA A 146 -47.77 -18.35 30.39
CA ALA A 146 -48.07 -18.72 29.02
C ALA A 146 -49.25 -19.68 28.98
N VAL A 147 -50.23 -19.38 28.11
CA VAL A 147 -51.42 -20.21 28.02
C VAL A 147 -52.04 -20.03 26.64
N THR A 148 -52.73 -21.07 26.17
CA THR A 148 -53.39 -21.08 24.87
C THR A 148 -54.82 -21.55 25.06
N VAL A 149 -55.77 -20.80 24.51
CA VAL A 149 -57.19 -21.08 24.69
C VAL A 149 -57.80 -21.37 23.31
N ALA A 150 -58.41 -22.54 23.16
CA ALA A 150 -59.09 -22.93 21.94
C ALA A 150 -60.52 -23.35 22.28
N TRP A 151 -61.45 -22.99 21.39
CA TRP A 151 -62.87 -23.30 21.57
C TRP A 151 -63.32 -24.30 20.53
N LYS A 152 -64.27 -25.16 20.92
CA LYS A 152 -64.79 -26.18 20.03
C LYS A 152 -66.32 -26.19 20.12
N ALA A 153 -66.96 -26.03 18.97
CA ALA A 153 -68.38 -26.34 18.83
C ALA A 153 -68.48 -27.78 18.36
N ASP A 154 -69.23 -28.59 19.12
CA ASP A 154 -69.29 -30.04 18.89
C ASP A 154 -67.89 -30.63 18.96
N SER A 155 -67.28 -30.91 17.81
CA SER A 155 -65.89 -31.35 17.76
C SER A 155 -65.06 -30.51 16.79
N SER A 156 -65.59 -29.40 16.29
CA SER A 156 -64.92 -28.53 15.35
C SER A 156 -64.50 -27.23 16.02
N PRO A 157 -63.38 -26.63 15.60
CA PRO A 157 -62.90 -25.40 16.24
C PRO A 157 -63.81 -24.21 15.93
N VAL A 158 -63.72 -23.21 16.82
CA VAL A 158 -64.44 -21.95 16.67
C VAL A 158 -63.46 -20.80 16.83
N LYS A 159 -63.49 -19.86 15.90
CA LYS A 159 -62.67 -18.65 15.99
C LYS A 159 -63.51 -17.38 16.06
N ALA A 160 -64.63 -17.33 15.35
CA ALA A 160 -65.48 -16.15 15.34
C ALA A 160 -66.27 -16.06 16.63
N GLY A 161 -66.16 -14.91 17.30
CA GLY A 161 -66.85 -14.69 18.55
C GLY A 161 -66.04 -14.98 19.79
N VAL A 162 -64.75 -15.27 19.66
CA VAL A 162 -63.88 -15.57 20.79
C VAL A 162 -63.16 -14.30 21.21
N GLU A 163 -63.19 -14.00 22.51
CA GLU A 163 -62.46 -12.87 23.08
C GLU A 163 -61.76 -13.35 24.34
N THR A 164 -60.43 -13.20 24.37
CA THR A 164 -59.60 -13.74 25.43
C THR A 164 -58.75 -12.63 26.06
N THR A 165 -58.68 -12.63 27.38
CA THR A 165 -57.85 -11.66 28.07
C THR A 165 -56.40 -12.13 28.15
N THR A 166 -55.50 -11.16 28.32
CA THR A 166 -54.10 -11.48 28.55
C THR A 166 -53.91 -11.99 29.97
N PRO A 167 -53.15 -13.06 30.17
CA PRO A 167 -52.95 -13.59 31.52
C PRO A 167 -52.35 -12.55 32.45
N SER A 168 -52.97 -12.36 33.61
CA SER A 168 -52.52 -11.42 34.61
C SER A 168 -52.35 -12.13 35.95
N LYS A 169 -51.41 -11.64 36.76
CA LYS A 169 -51.09 -12.28 38.01
C LYS A 169 -52.15 -11.98 39.07
N GLN A 170 -52.52 -13.02 39.82
CA GLN A 170 -53.41 -12.86 40.96
C GLN A 170 -52.60 -12.31 42.15
N SER A 171 -53.21 -12.27 43.32
CA SER A 171 -52.51 -11.77 44.50
C SER A 171 -51.58 -12.82 45.12
N ASN A 172 -51.73 -14.10 44.76
CA ASN A 172 -50.83 -15.14 45.23
C ASN A 172 -49.77 -15.49 44.19
N ASN A 173 -49.43 -14.56 43.31
CA ASN A 173 -48.37 -14.63 42.30
C ASN A 173 -48.66 -15.62 41.18
N LYS A 174 -49.78 -16.33 41.21
CA LYS A 174 -50.14 -17.20 40.10
C LYS A 174 -51.03 -16.44 39.11
N TYR A 175 -51.03 -16.90 37.87
CA TYR A 175 -51.71 -16.18 36.80
C TYR A 175 -53.18 -16.61 36.70
N ALA A 176 -53.93 -15.85 35.91
CA ALA A 176 -55.34 -16.10 35.68
C ALA A 176 -55.74 -15.48 34.36
N ALA A 177 -56.79 -16.04 33.74
CA ALA A 177 -57.26 -15.54 32.45
C ALA A 177 -58.70 -15.94 32.24
N SER A 178 -59.36 -15.27 31.30
CA SER A 178 -60.75 -15.52 30.98
C SER A 178 -60.93 -15.44 29.46
N SER A 179 -61.87 -16.24 28.95
CA SER A 179 -62.14 -16.29 27.52
C SER A 179 -63.64 -16.35 27.32
N TYR A 180 -64.15 -15.51 26.42
CA TYR A 180 -65.59 -15.36 26.21
C TYR A 180 -65.93 -15.76 24.79
N LEU A 181 -67.05 -16.47 24.65
CA LEU A 181 -67.58 -16.90 23.35
C LEU A 181 -69.03 -16.44 23.26
N SER A 182 -69.26 -15.32 22.58
CA SER A 182 -70.61 -14.78 22.41
C SER A 182 -71.26 -15.43 21.20
N LEU A 183 -72.44 -16.01 21.42
CA LEU A 183 -73.19 -16.70 20.39
C LEU A 183 -74.63 -16.22 20.39
N THR A 184 -75.36 -16.58 19.34
CA THR A 184 -76.80 -16.40 19.36
C THR A 184 -77.47 -17.57 20.04
N PRO A 185 -78.67 -17.38 20.59
CA PRO A 185 -79.38 -18.52 21.19
C PRO A 185 -79.64 -19.65 20.20
N GLU A 186 -79.88 -19.32 18.93
CA GLU A 186 -80.04 -20.35 17.92
C GLU A 186 -78.75 -21.15 17.74
N GLN A 187 -77.60 -20.46 17.75
CA GLN A 187 -76.32 -21.15 17.64
C GLN A 187 -76.05 -22.01 18.87
N TRP A 188 -76.51 -21.58 20.04
CA TRP A 188 -76.19 -22.30 21.27
C TRP A 188 -76.91 -23.65 21.35
N LYS A 189 -78.19 -23.67 20.95
CA LYS A 189 -78.96 -24.91 21.01
C LYS A 189 -78.78 -25.78 19.77
N SER A 190 -78.08 -25.30 18.74
CA SER A 190 -77.90 -26.03 17.48
C SER A 190 -76.71 -26.97 17.51
N HIS A 191 -75.89 -26.94 18.56
CA HIS A 191 -74.81 -27.89 18.75
C HIS A 191 -75.09 -28.76 19.98
N ARG A 192 -74.52 -29.95 19.99
CA ARG A 192 -74.74 -30.90 21.11
C ARG A 192 -73.95 -30.42 22.31
N SER A 193 -72.84 -29.76 22.04
CA SER A 193 -72.02 -29.26 23.14
C SER A 193 -71.07 -28.15 22.65
N TYR A 194 -70.43 -27.49 23.62
CA TYR A 194 -69.34 -26.52 23.40
C TYR A 194 -68.23 -26.82 24.40
N SER A 195 -66.97 -26.61 23.97
CA SER A 195 -65.83 -26.95 24.81
C SER A 195 -64.80 -25.82 24.83
N CYS A 196 -64.19 -25.62 26.01
CA CYS A 196 -63.07 -24.71 26.20
C CYS A 196 -61.86 -25.57 26.56
N GLN A 197 -60.91 -25.69 25.63
CA GLN A 197 -59.69 -26.45 25.88
C GLN A 197 -58.53 -25.49 26.11
N VAL A 198 -57.85 -25.65 27.24
CA VAL A 198 -56.80 -24.75 27.68
C VAL A 198 -55.47 -25.51 27.65
N THR A 199 -54.52 -24.98 26.90
CA THR A 199 -53.20 -25.59 26.74
C THR A 199 -52.19 -24.87 27.64
N HIS A 200 -51.52 -25.64 28.46
CA HIS A 200 -50.52 -25.05 29.37
C HIS A 200 -49.32 -25.98 29.45
N GLU A 201 -48.16 -25.51 29.02
CA GLU A 201 -46.91 -26.25 29.09
C GLU A 201 -47.03 -27.61 28.40
N GLY A 202 -47.70 -27.63 27.24
CA GLY A 202 -47.85 -28.85 26.48
C GLY A 202 -49.01 -29.74 26.89
N SER A 203 -49.69 -29.44 28.00
CA SER A 203 -50.82 -30.21 28.48
C SER A 203 -52.12 -29.44 28.24
N THR A 204 -53.18 -30.17 27.90
CA THR A 204 -54.46 -29.57 27.52
C THR A 204 -55.54 -29.98 28.50
N VAL A 205 -56.17 -28.99 29.13
CA VAL A 205 -57.33 -29.21 30.00
C VAL A 205 -58.58 -28.79 29.22
N GLU A 206 -59.58 -29.67 29.20
CA GLU A 206 -60.78 -29.46 28.40
C GLU A 206 -62.01 -29.48 29.31
N LYS A 207 -62.90 -28.50 29.11
CA LYS A 207 -64.15 -28.41 29.84
C LYS A 207 -65.29 -28.25 28.84
N THR A 208 -66.40 -28.93 29.10
CA THR A 208 -67.51 -28.99 28.16
C THR A 208 -68.83 -28.65 28.83
N VAL A 209 -69.65 -27.87 28.14
CA VAL A 209 -71.02 -27.55 28.56
C VAL A 209 -71.97 -27.96 27.44
N ALA A 210 -73.26 -28.01 27.78
CA ALA A 210 -74.28 -28.44 26.85
C ALA A 210 -75.62 -27.86 27.26
N PRO A 211 -76.48 -27.50 26.30
CA PRO A 211 -77.83 -27.04 26.66
C PRO A 211 -78.68 -28.11 27.31
N THR A 212 -78.21 -29.36 27.32
CA THR A 212 -78.92 -30.45 28.00
C THR A 212 -79.23 -30.10 29.44
N GLU A 213 -78.23 -29.64 30.18
CA GLU A 213 -78.37 -29.37 31.61
C GLU A 213 -78.91 -27.97 31.87
N GLU B 1 -45.69 7.06 54.77
CA GLU B 1 -45.73 6.47 53.44
C GLU B 1 -46.27 7.48 52.42
N VAL B 2 -45.59 7.57 51.28
CA VAL B 2 -46.04 8.45 50.21
C VAL B 2 -47.33 7.90 49.60
N GLN B 3 -48.29 8.78 49.37
CA GLN B 3 -49.54 8.37 48.73
C GLN B 3 -50.05 9.48 47.83
N LEU B 4 -50.39 9.10 46.60
CA LEU B 4 -50.97 10.02 45.62
C LEU B 4 -52.26 9.41 45.12
N VAL B 5 -53.34 10.20 45.12
CA VAL B 5 -54.66 9.73 44.71
C VAL B 5 -55.18 10.67 43.63
N GLU B 6 -55.42 10.12 42.44
CA GLU B 6 -55.96 10.88 41.33
C GLU B 6 -57.49 10.85 41.35
N SER B 7 -58.09 11.90 40.78
CA SER B 7 -59.53 11.94 40.62
C SER B 7 -59.86 12.92 39.50
N GLY B 8 -61.11 12.86 39.03
CA GLY B 8 -61.62 13.76 38.03
C GLY B 8 -61.75 13.16 36.64
N GLY B 9 -61.30 11.93 36.45
CA GLY B 9 -61.34 11.32 35.13
C GLY B 9 -62.73 10.81 34.80
N GLY B 10 -63.14 11.07 33.57
CA GLY B 10 -64.42 10.60 33.08
C GLY B 10 -64.44 10.51 31.57
N LEU B 11 -65.65 10.50 31.03
CA LEU B 11 -65.89 10.38 29.60
C LEU B 11 -66.38 11.72 29.06
N VAL B 12 -65.77 12.21 27.99
CA VAL B 12 -66.16 13.46 27.35
C VAL B 12 -66.06 13.31 25.84
N GLN B 13 -66.88 14.07 25.13
CA GLN B 13 -66.86 14.06 23.68
C GLN B 13 -65.60 14.77 23.16
N PRO B 14 -65.18 14.46 21.94
CA PRO B 14 -64.02 15.16 21.35
C PRO B 14 -64.28 16.66 21.29
N GLY B 15 -63.37 17.43 21.87
CA GLY B 15 -63.52 18.87 21.98
C GLY B 15 -63.86 19.35 23.37
N GLY B 16 -64.24 18.45 24.27
CA GLY B 16 -64.62 18.82 25.61
C GLY B 16 -63.41 19.09 26.50
N SER B 17 -63.70 19.37 27.76
CA SER B 17 -62.68 19.68 28.76
C SER B 17 -62.84 18.76 29.96
N LEU B 18 -61.76 18.63 30.72
CA LEU B 18 -61.76 17.87 31.96
C LEU B 18 -60.58 18.33 32.81
N ARG B 19 -60.75 18.25 34.13
CA ARG B 19 -59.74 18.70 35.09
C ARG B 19 -59.40 17.58 36.05
N LEU B 20 -58.14 17.18 36.07
CA LEU B 20 -57.65 16.13 36.96
C LEU B 20 -57.02 16.74 38.20
N SER B 21 -57.14 16.02 39.31
CA SER B 21 -56.57 16.44 40.58
C SER B 21 -55.86 15.25 41.21
N CYS B 22 -54.91 15.56 42.09
CA CYS B 22 -54.13 14.54 42.79
C CYS B 22 -53.86 15.00 44.20
N ALA B 23 -54.38 14.27 45.19
CA ALA B 23 -54.16 14.57 46.60
C ALA B 23 -52.88 13.88 47.06
N ALA B 24 -51.90 14.67 47.49
CA ALA B 24 -50.62 14.15 47.98
C ALA B 24 -50.59 14.13 49.49
N SER B 25 -49.87 13.15 50.04
CA SER B 25 -49.64 13.07 51.48
C SER B 25 -48.44 12.18 51.75
N GLY B 26 -47.99 12.19 52.99
CA GLY B 26 -46.88 11.36 53.41
C GLY B 26 -45.50 11.94 53.15
N PHE B 27 -45.42 13.14 52.59
CA PHE B 27 -44.13 13.78 52.32
C PHE B 27 -44.36 15.27 52.13
N ILE B 28 -43.26 16.03 52.21
CA ILE B 28 -43.31 17.47 51.98
C ILE B 28 -43.55 17.69 50.49
N PHE B 29 -44.80 17.98 50.14
CA PHE B 29 -45.21 18.03 48.73
C PHE B 29 -44.48 19.15 47.98
N SER B 30 -44.20 20.27 48.63
CA SER B 30 -43.65 21.44 47.97
C SER B 30 -42.15 21.34 47.71
N SER B 31 -41.52 20.21 48.04
CA SER B 31 -40.08 20.06 47.88
C SER B 31 -39.71 19.18 46.69
N ASP B 32 -40.69 18.77 45.89
CA ASP B 32 -40.45 17.86 44.79
C ASP B 32 -41.15 18.33 43.53
N TRP B 33 -40.51 18.13 42.40
CA TRP B 33 -41.20 18.23 41.12
C TRP B 33 -42.32 17.21 41.07
N MET B 34 -43.39 17.55 40.36
CA MET B 34 -44.53 16.67 40.16
C MET B 34 -44.74 16.44 38.67
N ASN B 35 -45.18 15.23 38.31
CA ASN B 35 -45.33 14.85 36.93
C ASN B 35 -46.72 14.30 36.69
N TRP B 36 -47.15 14.39 35.42
CA TRP B 36 -48.32 13.69 34.92
C TRP B 36 -47.87 12.72 33.83
N VAL B 37 -48.22 11.45 33.97
CA VAL B 37 -47.86 10.42 33.02
C VAL B 37 -49.13 9.66 32.64
N ARG B 38 -49.27 9.34 31.36
CA ARG B 38 -50.45 8.63 30.87
C ARG B 38 -50.02 7.40 30.08
N GLN B 39 -50.94 6.44 29.99
CA GLN B 39 -50.72 5.25 29.16
C GLN B 39 -52.02 4.89 28.44
N ALA B 40 -52.02 4.99 27.11
CA ALA B 40 -53.16 4.53 26.34
C ALA B 40 -53.19 3.00 26.32
N PRO B 41 -54.38 2.40 26.18
CA PRO B 41 -54.46 0.93 26.12
C PRO B 41 -53.68 0.38 24.92
N GLY B 42 -52.77 -0.55 25.22
CA GLY B 42 -51.92 -1.16 24.20
C GLY B 42 -50.62 -0.42 23.95
N LYS B 43 -50.63 0.91 24.07
CA LYS B 43 -49.42 1.70 23.85
C LYS B 43 -48.59 1.76 25.13
N GLY B 44 -47.45 2.45 25.06
CA GLY B 44 -46.55 2.55 26.18
C GLY B 44 -46.78 3.80 27.02
N LEU B 45 -45.91 3.99 28.00
CA LEU B 45 -45.99 5.14 28.87
C LEU B 45 -45.59 6.42 28.13
N GLU B 46 -46.36 7.48 28.34
CA GLU B 46 -46.10 8.76 27.69
C GLU B 46 -46.11 9.86 28.75
N TRP B 47 -44.96 10.49 28.96
CA TRP B 47 -44.88 11.61 29.89
C TRP B 47 -45.63 12.80 29.32
N VAL B 48 -46.40 13.48 30.18
CA VAL B 48 -47.26 14.57 29.77
C VAL B 48 -46.69 15.93 30.20
N ALA B 49 -46.49 16.12 31.50
CA ALA B 49 -46.08 17.43 31.98
C ALA B 49 -45.43 17.28 33.35
N ASN B 50 -44.65 18.30 33.72
CA ASN B 50 -44.09 18.40 35.06
C ASN B 50 -44.09 19.87 35.49
N ILE B 51 -43.84 20.08 36.79
CA ILE B 51 -43.95 21.42 37.36
C ILE B 51 -42.90 21.59 38.45
N ASN B 52 -42.40 22.82 38.59
CA ASN B 52 -41.43 23.19 39.60
C ASN B 52 -41.97 23.01 41.03
N GLN B 53 -41.11 23.25 42.01
CA GLN B 53 -41.57 23.20 43.40
C GLN B 53 -42.52 24.34 43.72
N ASP B 54 -42.45 25.46 42.99
CA ASP B 54 -43.31 26.61 43.23
C ASP B 54 -44.11 27.02 42.01
N GLY B 55 -44.03 26.27 40.90
CA GLY B 55 -44.74 26.62 39.69
C GLY B 55 -43.99 27.53 38.74
N SER B 56 -42.77 27.94 39.08
CA SER B 56 -42.02 28.84 38.22
C SER B 56 -41.49 28.16 36.97
N GLU B 57 -41.51 26.83 36.90
CA GLU B 57 -41.08 26.09 35.73
C GLU B 57 -42.10 25.02 35.40
N LYS B 58 -42.55 25.00 34.15
CA LYS B 58 -43.50 24.00 33.66
C LYS B 58 -43.05 23.54 32.28
N TYR B 59 -43.19 22.24 32.02
CA TYR B 59 -42.86 21.66 30.73
C TYR B 59 -43.98 20.73 30.29
N TYR B 60 -44.22 20.69 28.98
CA TYR B 60 -45.28 19.89 28.40
C TYR B 60 -44.75 19.10 27.23
N VAL B 61 -45.32 17.91 27.00
CA VAL B 61 -45.02 17.18 25.78
C VAL B 61 -45.66 17.89 24.59
N ASP B 62 -45.11 17.61 23.41
CA ASP B 62 -45.51 18.35 22.21
C ASP B 62 -47.00 18.19 21.92
N SER B 63 -47.50 16.95 21.94
CA SER B 63 -48.87 16.64 21.54
C SER B 63 -49.90 17.31 22.46
N VAL B 64 -49.41 18.03 23.46
CA VAL B 64 -50.25 18.53 24.54
C VAL B 64 -50.15 20.04 24.71
N LYS B 65 -49.10 20.68 24.20
CA LYS B 65 -48.92 22.11 24.33
C LYS B 65 -50.11 22.87 23.75
N GLY B 66 -50.49 23.95 24.43
CA GLY B 66 -51.61 24.77 24.01
C GLY B 66 -52.98 24.28 24.43
N ARG B 67 -53.07 23.04 24.92
CA ARG B 67 -54.36 22.47 25.33
C ARG B 67 -54.41 22.06 26.79
N PHE B 68 -53.28 21.68 27.38
CA PHE B 68 -53.24 21.28 28.79
C PHE B 68 -52.48 22.32 29.61
N THR B 69 -52.81 22.37 30.89
CA THR B 69 -52.13 23.24 31.83
C THR B 69 -51.90 22.47 33.12
N ILE B 70 -50.66 22.48 33.60
CA ILE B 70 -50.30 21.86 34.87
C ILE B 70 -50.18 22.96 35.92
N SER B 71 -50.63 22.67 37.13
CA SER B 71 -50.53 23.62 38.22
C SER B 71 -50.51 22.84 39.50
N ARG B 72 -49.99 23.50 40.54
CA ARG B 72 -49.96 22.95 41.88
C ARG B 72 -50.31 24.06 42.85
N ASP B 73 -51.07 23.67 43.87
CA ASP B 73 -51.33 24.45 45.05
C ASP B 73 -50.18 24.14 45.97
N ASN B 74 -49.58 25.16 46.52
CA ASN B 74 -48.59 24.82 47.53
C ASN B 74 -49.14 25.11 48.90
N ALA B 75 -50.46 25.19 49.05
CA ALA B 75 -51.01 25.33 50.40
C ALA B 75 -52.02 24.24 50.78
N GLN B 76 -52.50 23.46 49.82
CA GLN B 76 -53.33 22.25 50.03
C GLN B 76 -52.80 20.83 49.63
N ASN B 77 -51.57 20.63 49.17
CA ASN B 77 -50.93 19.36 48.76
C ASN B 77 -51.57 18.75 47.52
N SER B 78 -51.89 19.60 46.54
CA SER B 78 -52.68 19.14 45.39
C SER B 78 -51.99 19.47 44.07
N LEU B 79 -52.00 18.50 43.16
CA LEU B 79 -51.54 18.68 41.79
C LEU B 79 -52.75 18.64 40.85
N TYR B 80 -52.75 19.49 39.83
CA TYR B 80 -53.87 19.60 38.92
C TYR B 80 -53.39 19.52 37.49
N LEU B 81 -54.27 19.00 36.63
CA LEU B 81 -54.05 19.02 35.19
C LEU B 81 -55.35 19.45 34.52
N GLN B 82 -55.36 20.66 33.97
CA GLN B 82 -56.50 21.15 33.21
C GLN B 82 -56.31 20.75 31.75
N MET B 83 -57.30 20.05 31.20
CA MET B 83 -57.22 19.52 29.84
C MET B 83 -58.36 20.12 29.01
N ASN B 84 -58.01 20.92 28.01
CA ASN B 84 -58.98 21.54 27.12
C ASN B 84 -58.82 21.00 25.70
N SER B 85 -59.88 21.16 24.92
CA SER B 85 -59.94 20.72 23.52
C SER B 85 -59.44 19.28 23.39
N LEU B 86 -60.03 18.40 24.20
CA LEU B 86 -59.57 17.02 24.28
C LEU B 86 -59.76 16.31 22.94
N ARG B 87 -58.81 15.43 22.61
CA ARG B 87 -58.81 14.70 21.36
C ARG B 87 -58.90 13.21 21.65
N ALA B 88 -59.32 12.45 20.63
CA ALA B 88 -59.46 11.01 20.78
C ALA B 88 -58.15 10.36 21.23
N GLU B 89 -57.00 10.91 20.85
CA GLU B 89 -55.71 10.34 21.24
C GLU B 89 -55.42 10.54 22.72
N ASP B 90 -56.14 11.45 23.40
CA ASP B 90 -55.89 11.69 24.80
C ASP B 90 -56.48 10.62 25.71
N THR B 91 -57.17 9.64 25.14
CA THR B 91 -57.72 8.54 25.92
C THR B 91 -56.59 7.74 26.54
N ALA B 92 -56.56 7.67 27.87
CA ALA B 92 -55.53 6.96 28.61
C ALA B 92 -55.84 7.04 30.09
N VAL B 93 -55.23 6.14 30.85
CA VAL B 93 -55.17 6.28 32.30
C VAL B 93 -54.10 7.30 32.63
N TYR B 94 -54.43 8.28 33.46
CA TYR B 94 -53.49 9.33 33.81
C TYR B 94 -52.94 9.09 35.22
N TYR B 95 -51.63 9.18 35.37
CA TYR B 95 -50.95 8.90 36.62
C TYR B 95 -50.33 10.16 37.20
N CYS B 96 -50.50 10.33 38.50
CA CYS B 96 -49.78 11.31 39.30
C CYS B 96 -48.47 10.66 39.74
N ALA B 97 -47.34 11.30 39.45
CA ALA B 97 -46.06 10.60 39.59
C ALA B 97 -44.94 11.55 39.98
N LYS B 98 -43.99 11.02 40.75
CA LYS B 98 -42.74 11.67 41.09
C LYS B 98 -41.57 10.83 40.59
N GLU B 99 -40.39 11.43 40.60
CA GLU B 99 -39.19 10.68 40.22
C GLU B 99 -38.89 9.57 41.21
N LEU B 100 -39.17 9.80 42.49
CA LEU B 100 -38.93 8.83 43.54
C LEU B 100 -40.22 8.59 44.31
N GLY B 101 -40.55 7.32 44.51
CA GLY B 101 -41.72 6.97 45.29
C GLY B 101 -42.82 6.39 44.44
N PRO B 102 -43.88 5.92 45.09
CA PRO B 102 -44.97 5.28 44.33
C PRO B 102 -45.82 6.31 43.61
N TRP B 103 -46.22 5.96 42.38
CA TRP B 103 -47.19 6.78 41.66
C TRP B 103 -48.57 6.58 42.25
N GLY B 104 -49.55 7.31 41.70
CA GLY B 104 -50.93 7.06 42.07
C GLY B 104 -51.52 5.90 41.30
N GLN B 105 -52.72 5.49 41.70
CA GLN B 105 -53.38 4.40 40.97
C GLN B 105 -53.79 4.84 39.58
N GLY B 106 -54.18 6.09 39.41
CA GLY B 106 -54.55 6.60 38.11
C GLY B 106 -56.05 6.68 37.93
N THR B 107 -56.48 7.67 37.15
CA THR B 107 -57.89 7.81 36.77
C THR B 107 -58.01 7.76 35.25
N LEU B 108 -59.05 7.05 34.80
CA LEU B 108 -59.25 6.83 33.37
C LEU B 108 -59.87 8.08 32.73
N VAL B 109 -59.30 8.50 31.61
CA VAL B 109 -59.83 9.58 30.80
C VAL B 109 -60.18 8.99 29.44
N THR B 110 -61.45 9.09 29.05
CA THR B 110 -61.92 8.55 27.79
C THR B 110 -62.50 9.67 26.94
N VAL B 111 -61.87 9.94 25.80
CA VAL B 111 -62.36 10.93 24.85
C VAL B 111 -62.99 10.18 23.68
N SER B 112 -64.32 10.16 23.64
CA SER B 112 -65.05 9.41 22.64
C SER B 112 -66.47 9.96 22.54
N SER B 113 -67.02 9.95 21.33
CA SER B 113 -68.40 10.37 21.13
C SER B 113 -69.40 9.24 21.35
N ALA B 114 -68.93 8.03 21.65
CA ALA B 114 -69.83 6.95 22.03
C ALA B 114 -70.47 7.28 23.37
N SER B 115 -71.75 6.92 23.50
CA SER B 115 -72.48 7.23 24.71
C SER B 115 -72.23 6.17 25.79
N THR B 116 -72.53 6.55 27.03
CA THR B 116 -72.33 5.64 28.15
C THR B 116 -73.34 4.50 28.11
N LYS B 117 -72.85 3.28 28.31
CA LYS B 117 -73.67 2.08 28.27
C LYS B 117 -73.53 1.33 29.58
N GLY B 118 -74.64 1.09 30.26
CA GLY B 118 -74.64 0.32 31.48
C GLY B 118 -74.55 -1.17 31.20
N PRO B 119 -74.02 -1.93 32.16
CA PRO B 119 -73.81 -3.35 31.95
C PRO B 119 -75.08 -4.15 32.23
N SER B 120 -75.06 -5.40 31.76
CA SER B 120 -76.04 -6.41 32.13
C SER B 120 -75.37 -7.42 33.05
N VAL B 121 -76.07 -7.81 34.11
CA VAL B 121 -75.53 -8.71 35.13
C VAL B 121 -76.34 -10.01 35.12
N PHE B 122 -75.68 -11.11 34.79
CA PHE B 122 -76.31 -12.43 34.72
C PHE B 122 -75.66 -13.37 35.73
N PRO B 123 -76.45 -14.26 36.34
CA PRO B 123 -75.86 -15.19 37.31
C PRO B 123 -75.19 -16.37 36.63
N LEU B 124 -74.03 -16.75 37.16
CA LEU B 124 -73.31 -17.94 36.71
C LEU B 124 -73.56 -19.02 37.75
N ALA B 125 -74.65 -19.76 37.57
CA ALA B 125 -75.04 -20.76 38.54
C ALA B 125 -74.04 -21.92 38.54
N PRO B 126 -73.82 -22.55 39.69
CA PRO B 126 -72.93 -23.70 39.75
C PRO B 126 -73.68 -24.99 39.42
N SER B 127 -72.92 -26.07 39.35
CA SER B 127 -73.48 -27.39 39.04
C SER B 127 -73.15 -28.41 40.12
N ALA B 137 -67.79 -23.97 41.62
CA ALA B 137 -67.68 -22.52 41.65
C ALA B 137 -68.92 -21.87 41.03
N LEU B 138 -69.21 -20.63 41.44
CA LEU B 138 -70.29 -19.86 40.88
C LEU B 138 -69.87 -18.40 40.82
N GLY B 139 -70.48 -17.65 39.93
CA GLY B 139 -70.11 -16.25 39.82
C GLY B 139 -71.19 -15.44 39.13
N CYS B 140 -70.78 -14.28 38.62
CA CYS B 140 -71.68 -13.44 37.86
C CYS B 140 -70.91 -12.79 36.71
N LEU B 141 -71.66 -12.42 35.67
CA LEU B 141 -71.10 -11.91 34.43
C LEU B 141 -71.60 -10.48 34.22
N VAL B 142 -70.65 -9.57 33.99
CA VAL B 142 -70.93 -8.14 33.81
C VAL B 142 -70.73 -7.85 32.34
N LYS B 143 -71.83 -7.82 31.57
CA LYS B 143 -71.77 -7.89 30.11
C LYS B 143 -72.08 -6.54 29.47
N ASP B 144 -71.24 -6.14 28.53
CA ASP B 144 -71.50 -5.06 27.59
C ASP B 144 -71.69 -3.71 28.28
N TYR B 145 -70.58 -3.02 28.58
CA TYR B 145 -70.63 -1.72 29.23
C TYR B 145 -69.52 -0.84 28.71
N PHE B 146 -69.71 0.47 28.84
CA PHE B 146 -68.72 1.44 28.41
C PHE B 146 -68.99 2.75 29.13
N PRO B 147 -67.97 3.43 29.67
CA PRO B 147 -66.56 3.00 29.65
C PRO B 147 -66.18 2.22 30.92
N GLU B 148 -64.88 2.07 31.16
CA GLU B 148 -64.38 1.47 32.38
C GLU B 148 -64.40 2.49 33.52
N PRO B 149 -64.36 2.03 34.79
CA PRO B 149 -64.28 0.65 35.27
C PRO B 149 -65.59 0.12 35.86
N VAL B 150 -65.52 -1.09 36.42
CA VAL B 150 -66.64 -1.71 37.13
C VAL B 150 -66.11 -2.33 38.41
N THR B 151 -66.82 -2.11 39.51
CA THR B 151 -66.49 -2.69 40.80
C THR B 151 -67.42 -3.87 41.07
N VAL B 152 -66.88 -4.92 41.70
CA VAL B 152 -67.67 -6.09 42.06
C VAL B 152 -67.36 -6.47 43.50
N SER B 153 -68.41 -6.76 44.26
CA SER B 153 -68.30 -7.25 45.63
C SER B 153 -69.33 -8.36 45.82
N TRP B 154 -69.11 -9.20 46.83
CA TRP B 154 -69.97 -10.34 47.09
C TRP B 154 -70.57 -10.26 48.49
N ASN B 155 -71.90 -10.35 48.55
CA ASN B 155 -72.67 -10.19 49.79
C ASN B 155 -72.24 -8.95 50.57
N SER B 156 -72.26 -7.81 49.86
CA SER B 156 -71.95 -6.51 50.43
C SER B 156 -70.54 -6.46 51.00
N GLY B 157 -69.60 -7.11 50.32
CA GLY B 157 -68.21 -7.06 50.74
C GLY B 157 -67.89 -7.85 51.99
N ALA B 158 -68.72 -8.84 52.35
CA ALA B 158 -68.43 -9.65 53.52
C ALA B 158 -67.23 -10.55 53.30
N LEU B 159 -67.22 -11.27 52.18
CA LEU B 159 -66.20 -12.24 51.84
C LEU B 159 -65.12 -11.57 51.01
N THR B 160 -63.86 -11.91 51.28
CA THR B 160 -62.74 -11.41 50.49
C THR B 160 -61.84 -12.52 49.96
N SER B 161 -61.88 -13.72 50.54
CA SER B 161 -61.09 -14.84 50.06
C SER B 161 -62.00 -15.86 49.39
N GLY B 162 -61.44 -16.58 48.43
CA GLY B 162 -62.23 -17.45 47.57
C GLY B 162 -62.87 -16.76 46.39
N VAL B 163 -62.82 -15.43 46.33
CA VAL B 163 -63.44 -14.65 45.27
C VAL B 163 -62.34 -14.09 44.37
N HIS B 164 -62.59 -14.10 43.07
CA HIS B 164 -61.65 -13.61 42.07
C HIS B 164 -62.42 -12.85 41.00
N THR B 165 -62.05 -11.59 40.77
CA THR B 165 -62.65 -10.78 39.71
C THR B 165 -61.61 -10.56 38.63
N PHE B 166 -61.87 -11.11 37.44
CA PHE B 166 -60.91 -11.08 36.35
C PHE B 166 -60.86 -9.70 35.70
N PRO B 167 -59.71 -9.32 35.15
CA PRO B 167 -59.66 -8.08 34.36
C PRO B 167 -60.60 -8.15 33.16
N ALA B 168 -61.20 -7.02 32.85
CA ALA B 168 -62.22 -6.98 31.80
C ALA B 168 -61.59 -7.17 30.43
N VAL B 169 -62.40 -7.65 29.49
CA VAL B 169 -61.98 -7.86 28.12
C VAL B 169 -62.70 -6.85 27.23
N LEU B 170 -62.00 -6.38 26.20
CA LEU B 170 -62.58 -5.47 25.22
C LEU B 170 -63.11 -6.29 24.05
N GLN B 171 -64.42 -6.26 23.85
CA GLN B 171 -65.04 -7.05 22.79
C GLN B 171 -64.80 -6.41 21.43
N SER B 172 -64.99 -7.23 20.38
CA SER B 172 -64.94 -6.71 19.02
C SER B 172 -65.93 -5.56 18.84
N SER B 173 -67.04 -5.61 19.56
CA SER B 173 -68.06 -4.57 19.50
C SER B 173 -67.47 -3.19 19.81
N GLY B 174 -66.74 -3.08 20.90
CA GLY B 174 -66.37 -1.79 21.45
C GLY B 174 -66.66 -1.71 22.93
N LEU B 175 -67.52 -2.61 23.40
CA LEU B 175 -67.93 -2.64 24.80
C LEU B 175 -67.02 -3.58 25.61
N TYR B 176 -67.15 -3.48 26.93
CA TYR B 176 -66.35 -4.27 27.84
C TYR B 176 -67.22 -5.33 28.52
N SER B 177 -66.54 -6.34 29.08
CA SER B 177 -67.19 -7.36 29.89
C SER B 177 -66.14 -7.95 30.82
N LEU B 178 -66.56 -8.25 32.06
CA LEU B 178 -65.73 -8.98 33.00
C LEU B 178 -66.61 -9.96 33.76
N SER B 179 -65.96 -10.85 34.51
CA SER B 179 -66.63 -11.82 35.36
C SER B 179 -65.98 -11.85 36.73
N SER B 180 -66.74 -12.35 37.71
CA SER B 180 -66.26 -12.50 39.07
C SER B 180 -66.83 -13.80 39.61
N VAL B 181 -65.97 -14.70 40.11
CA VAL B 181 -66.41 -16.03 40.51
C VAL B 181 -65.98 -16.31 41.94
N VAL B 182 -66.78 -17.12 42.64
CA VAL B 182 -66.57 -17.51 44.02
C VAL B 182 -66.50 -19.02 44.08
N THR B 183 -65.75 -19.55 45.04
CA THR B 183 -65.69 -20.99 45.26
C THR B 183 -66.15 -21.28 46.69
N VAL B 184 -67.17 -22.12 46.81
CA VAL B 184 -67.84 -22.37 48.07
C VAL B 184 -68.12 -23.89 48.18
N PRO B 185 -68.28 -24.36 49.41
CA PRO B 185 -68.67 -25.78 49.57
C PRO B 185 -70.08 -26.03 49.05
N SER B 186 -70.28 -27.25 48.54
CA SER B 186 -71.60 -27.63 48.02
C SER B 186 -72.65 -27.59 49.11
N SER B 187 -72.26 -27.94 50.34
CA SER B 187 -73.17 -27.85 51.48
C SER B 187 -73.59 -26.42 51.77
N SER B 188 -72.83 -25.43 51.32
CA SER B 188 -73.17 -24.03 51.53
C SER B 188 -74.19 -23.53 50.53
N LEU B 189 -74.36 -24.24 49.41
CA LEU B 189 -75.26 -23.82 48.34
C LEU B 189 -76.71 -23.73 48.82
N GLY B 190 -77.16 -24.69 49.64
CA GLY B 190 -78.55 -24.72 50.03
C GLY B 190 -78.88 -23.84 51.21
N THR B 191 -77.92 -23.60 52.08
CA THR B 191 -78.13 -22.74 53.24
C THR B 191 -77.77 -21.29 52.93
N GLN B 192 -76.54 -21.05 52.50
CA GLN B 192 -76.04 -19.68 52.39
C GLN B 192 -76.47 -19.02 51.09
N THR B 193 -76.56 -17.70 51.17
CA THR B 193 -76.88 -16.81 50.06
C THR B 193 -75.59 -16.37 49.38
N TYR B 194 -75.67 -16.05 48.09
CA TYR B 194 -74.54 -15.47 47.35
C TYR B 194 -75.05 -14.42 46.38
N ILE B 195 -74.81 -13.15 46.70
CA ILE B 195 -75.24 -12.01 45.89
C ILE B 195 -73.98 -11.24 45.51
N CYS B 196 -73.77 -11.04 44.21
CA CYS B 196 -72.67 -10.23 43.73
C CYS B 196 -73.16 -8.82 43.44
N ASN B 197 -72.38 -7.82 43.87
CA ASN B 197 -72.78 -6.41 43.83
C ASN B 197 -71.97 -5.70 42.76
N VAL B 198 -72.60 -5.38 41.64
CA VAL B 198 -71.96 -4.74 40.52
C VAL B 198 -72.34 -3.27 40.52
N ASN B 199 -71.34 -2.40 40.38
CA ASN B 199 -71.56 -0.96 40.41
C ASN B 199 -70.76 -0.33 39.27
N HIS B 200 -71.47 0.24 38.30
CA HIS B 200 -70.87 0.93 37.16
C HIS B 200 -71.27 2.40 37.28
N LYS B 201 -70.37 3.20 37.84
CA LYS B 201 -70.67 4.60 38.16
C LYS B 201 -70.87 5.49 36.93
N PRO B 202 -70.15 5.28 35.82
CA PRO B 202 -70.41 6.14 34.64
C PRO B 202 -71.85 6.09 34.15
N SER B 203 -72.53 4.95 34.27
CA SER B 203 -73.88 4.80 33.77
C SER B 203 -74.93 4.87 34.87
N ASN B 204 -74.51 5.12 36.12
CA ASN B 204 -75.40 5.07 37.29
C ASN B 204 -76.10 3.72 37.39
N THR B 205 -75.33 2.65 37.21
CA THR B 205 -75.84 1.29 37.27
C THR B 205 -75.31 0.63 38.53
N LYS B 206 -76.22 0.22 39.40
CA LYS B 206 -75.89 -0.48 40.65
C LYS B 206 -76.86 -1.65 40.69
N VAL B 207 -76.35 -2.86 40.52
CA VAL B 207 -77.17 -4.06 40.44
C VAL B 207 -76.65 -5.10 41.43
N ASP B 208 -77.57 -5.77 42.12
CA ASP B 208 -77.25 -6.91 42.97
C ASP B 208 -78.02 -8.12 42.44
N LYS B 209 -77.28 -9.16 42.06
CA LYS B 209 -77.87 -10.33 41.41
C LYS B 209 -77.76 -11.54 42.33
N LYS B 210 -78.87 -12.26 42.49
CA LYS B 210 -78.91 -13.46 43.31
C LYS B 210 -78.39 -14.63 42.48
N VAL B 211 -77.14 -15.05 42.73
CA VAL B 211 -76.60 -16.19 41.99
C VAL B 211 -77.06 -17.47 42.66
N GLU B 212 -77.65 -18.35 41.89
CA GLU B 212 -78.44 -19.41 42.43
C GLU B 212 -78.45 -20.66 41.56
N PRO B 213 -78.26 -21.84 42.16
CA PRO B 213 -78.23 -23.11 41.43
C PRO B 213 -79.60 -23.49 40.87
N GLN C 1 -70.68 33.85 -7.54
CA GLN C 1 -70.08 34.06 -8.85
C GLN C 1 -68.87 33.15 -9.07
N ALA C 2 -69.11 31.85 -9.31
CA ALA C 2 -68.02 30.91 -9.56
C ALA C 2 -68.50 29.52 -9.99
N VAL C 3 -68.62 29.27 -11.29
CA VAL C 3 -69.07 27.98 -11.80
C VAL C 3 -68.06 27.46 -12.83
N VAL C 4 -67.50 26.30 -12.56
CA VAL C 4 -66.56 25.63 -13.47
C VAL C 4 -67.35 24.63 -14.32
N ILE C 5 -67.37 24.84 -15.62
CA ILE C 5 -68.22 24.08 -16.53
C ILE C 5 -67.36 23.08 -17.31
N GLN C 6 -67.75 21.81 -17.25
CA GLN C 6 -67.11 20.76 -18.03
C GLN C 6 -68.14 20.01 -18.87
N GLU C 7 -67.66 19.41 -19.95
CA GLU C 7 -68.53 18.58 -20.77
C GLU C 7 -68.91 17.30 -20.05
N SER C 8 -70.10 16.78 -20.37
CA SER C 8 -70.62 15.61 -19.67
C SER C 8 -69.75 14.39 -19.93
N ALA C 9 -69.68 13.95 -21.19
CA ALA C 9 -68.99 12.71 -21.52
C ALA C 9 -68.21 12.87 -22.82
N LEU C 10 -67.18 12.04 -22.97
CA LEU C 10 -66.40 11.97 -24.19
C LEU C 10 -66.01 10.51 -24.40
N THR C 11 -66.02 10.06 -25.65
CA THR C 11 -65.60 8.70 -25.97
C THR C 11 -64.49 8.71 -27.02
N THR C 12 -63.69 7.66 -27.00
CA THR C 12 -62.59 7.45 -27.94
C THR C 12 -62.28 5.97 -28.00
N SER C 13 -61.51 5.60 -28.99
CA SER C 13 -61.03 4.23 -29.11
C SER C 13 -59.55 4.17 -28.74
N PRO C 14 -59.03 3.00 -28.36
CA PRO C 14 -57.62 2.90 -27.97
C PRO C 14 -56.72 3.36 -29.11
N GLY C 15 -55.89 4.37 -28.83
CA GLY C 15 -55.03 4.97 -29.82
C GLY C 15 -55.57 6.26 -30.41
N GLY C 16 -56.79 6.65 -30.04
CA GLY C 16 -57.35 7.91 -30.47
C GLY C 16 -57.04 9.03 -29.50
N THR C 17 -57.52 10.21 -29.83
CA THR C 17 -57.28 11.39 -29.03
C THR C 17 -58.60 11.89 -28.44
N VAL C 18 -58.51 12.52 -27.28
CA VAL C 18 -59.66 13.18 -26.66
C VAL C 18 -59.16 14.42 -25.94
N ILE C 19 -59.91 15.51 -26.07
CA ILE C 19 -59.56 16.79 -25.46
C ILE C 19 -60.67 17.18 -24.49
N LEU C 20 -60.30 17.46 -23.25
CA LEU C 20 -61.26 17.80 -22.21
C LEU C 20 -61.20 19.31 -21.95
N THR C 21 -62.34 19.98 -22.11
CA THR C 21 -62.41 21.41 -21.93
C THR C 21 -62.83 21.74 -20.51
N CYS C 22 -62.13 22.70 -19.90
CA CYS C 22 -62.50 23.25 -18.60
C CYS C 22 -62.70 24.75 -18.78
N ARG C 23 -63.93 25.20 -18.54
CA ARG C 23 -64.33 26.56 -18.85
C ARG C 23 -64.82 27.26 -17.59
N SER C 24 -64.52 28.55 -17.48
CA SER C 24 -64.96 29.38 -16.36
C SER C 24 -66.11 30.26 -16.82
N SER C 25 -67.21 30.26 -16.05
CA SER C 25 -68.34 31.12 -16.37
C SER C 25 -68.00 32.59 -16.16
N THR C 26 -67.02 32.90 -15.33
CA THR C 26 -66.62 34.29 -15.11
C THR C 26 -65.92 34.85 -16.35
N GLY C 27 -65.06 34.08 -16.98
CA GLY C 27 -64.36 34.54 -18.17
C GLY C 27 -63.11 33.75 -18.53
N THR C 28 -62.06 34.47 -18.89
CA THR C 28 -60.84 33.86 -19.41
C THR C 28 -60.02 33.24 -18.29
N ILE C 29 -59.53 32.03 -18.55
CA ILE C 29 -58.65 31.32 -17.63
C ILE C 29 -57.21 31.65 -17.99
N THR C 30 -56.41 32.00 -16.98
CA THR C 30 -54.98 32.21 -17.14
C THR C 30 -54.23 31.25 -16.22
N THR C 31 -52.90 31.31 -16.28
CA THR C 31 -52.10 30.45 -15.42
C THR C 31 -52.28 30.78 -13.95
N SER C 32 -52.71 32.01 -13.63
CA SER C 32 -53.00 32.38 -12.24
C SER C 32 -54.22 31.65 -11.69
N ASN C 33 -54.92 30.86 -12.51
CA ASN C 33 -56.00 30.02 -12.01
C ASN C 33 -55.54 28.62 -11.64
N TYR C 34 -54.26 28.30 -11.89
CA TYR C 34 -53.63 27.04 -11.48
C TYR C 34 -54.54 25.83 -11.69
N ALA C 35 -54.86 25.51 -12.94
CA ALA C 35 -55.81 24.44 -13.22
C ALA C 35 -55.26 23.10 -12.74
N ASN C 36 -56.09 22.37 -12.00
CA ASN C 36 -55.74 21.05 -11.50
C ASN C 36 -56.73 20.03 -12.05
N TRP C 37 -56.21 18.90 -12.51
CA TRP C 37 -57.02 17.83 -13.09
C TRP C 37 -56.94 16.59 -12.20
N VAL C 38 -58.10 16.06 -11.82
CA VAL C 38 -58.17 14.91 -10.93
C VAL C 38 -58.88 13.77 -11.68
N GLN C 39 -58.26 12.59 -11.66
CA GLN C 39 -58.80 11.39 -12.26
C GLN C 39 -59.51 10.55 -11.21
N LYS C 40 -60.62 9.92 -11.59
CA LYS C 40 -61.39 9.09 -10.66
C LYS C 40 -61.83 7.81 -11.37
N LYS C 41 -61.03 6.77 -11.23
CA LYS C 41 -61.54 5.46 -11.60
C LYS C 41 -62.40 4.92 -10.47
N PRO C 42 -63.49 4.21 -10.78
CA PRO C 42 -64.22 3.52 -9.72
C PRO C 42 -63.33 2.51 -9.02
N ASN C 43 -63.55 2.34 -7.72
CA ASN C 43 -62.77 1.45 -6.85
C ASN C 43 -61.31 1.89 -6.73
N HIS C 44 -61.01 3.15 -7.03
CA HIS C 44 -59.68 3.73 -6.83
C HIS C 44 -59.85 5.11 -6.23
N VAL C 45 -58.78 5.61 -5.61
CA VAL C 45 -58.84 6.94 -5.01
C VAL C 45 -58.67 8.01 -6.08
N PHE C 46 -59.10 9.22 -5.75
CA PHE C 46 -58.83 10.37 -6.60
C PHE C 46 -57.33 10.54 -6.77
N THR C 47 -56.90 10.97 -7.96
CA THR C 47 -55.49 11.17 -8.24
C THR C 47 -55.32 12.49 -8.98
N GLY C 48 -54.39 13.32 -8.52
CA GLY C 48 -54.03 14.52 -9.22
C GLY C 48 -53.02 14.24 -10.31
N LEU C 49 -53.41 14.45 -11.57
CA LEU C 49 -52.54 14.20 -12.70
C LEU C 49 -51.81 15.46 -13.19
N ILE C 50 -52.52 16.58 -13.27
CA ILE C 50 -51.96 17.83 -13.77
C ILE C 50 -52.22 18.89 -12.72
N GLY C 51 -51.17 19.58 -12.30
CA GLY C 51 -51.28 20.68 -11.37
C GLY C 51 -50.66 21.93 -11.97
N ALA C 52 -51.18 23.08 -11.56
CA ALA C 52 -50.74 24.38 -12.05
C ALA C 52 -50.67 24.39 -13.59
N THR C 53 -51.82 24.09 -14.19
CA THR C 53 -52.06 24.14 -15.62
C THR C 53 -51.39 23.00 -16.39
N SER C 54 -50.10 22.76 -16.17
CA SER C 54 -49.39 21.83 -17.04
C SER C 54 -48.45 20.85 -16.34
N ILE C 55 -48.17 20.98 -15.04
CA ILE C 55 -47.20 20.11 -14.39
C ILE C 55 -47.82 18.73 -14.19
N ARG C 56 -47.12 17.70 -14.68
CA ARG C 56 -47.56 16.32 -14.52
C ARG C 56 -47.06 15.74 -13.22
N ALA C 57 -47.92 14.98 -12.54
CA ALA C 57 -47.47 14.21 -11.39
C ALA C 57 -46.44 13.19 -11.85
N PRO C 58 -45.53 12.78 -10.96
CA PRO C 58 -44.41 11.92 -11.41
C PRO C 58 -44.82 10.66 -12.16
N GLY C 59 -45.79 9.91 -11.64
CA GLY C 59 -46.14 8.64 -12.25
C GLY C 59 -47.22 8.73 -13.30
N VAL C 60 -47.37 9.90 -13.93
CA VAL C 60 -48.38 10.15 -14.94
C VAL C 60 -47.73 10.02 -16.30
N PRO C 61 -48.21 9.12 -17.18
CA PRO C 61 -47.59 8.97 -18.50
C PRO C 61 -47.74 10.25 -19.32
N VAL C 62 -46.75 10.49 -20.18
CA VAL C 62 -46.67 11.76 -20.92
C VAL C 62 -47.67 11.84 -22.05
N ARG C 63 -48.55 10.84 -22.21
CA ARG C 63 -49.63 11.00 -23.17
C ARG C 63 -50.68 11.97 -22.67
N PHE C 64 -50.66 12.31 -21.38
CA PHE C 64 -51.50 13.37 -20.83
C PHE C 64 -50.78 14.71 -20.96
N SER C 65 -51.53 15.73 -21.34
CA SER C 65 -50.99 17.08 -21.48
C SER C 65 -52.04 18.09 -21.05
N GLY C 66 -51.61 19.13 -20.37
CA GLY C 66 -52.49 20.22 -19.99
C GLY C 66 -51.92 21.56 -20.43
N PHE C 67 -52.80 22.42 -20.92
CA PHE C 67 -52.42 23.79 -21.25
C PHE C 67 -53.69 24.62 -21.41
N LEU C 68 -53.51 25.87 -21.80
CA LEU C 68 -54.60 26.82 -21.97
C LEU C 68 -54.85 27.06 -23.45
N ILE C 69 -56.12 26.97 -23.85
CA ILE C 69 -56.54 27.20 -25.23
C ILE C 69 -57.77 28.10 -25.18
N GLY C 70 -57.71 29.23 -25.88
CA GLY C 70 -58.85 30.13 -26.01
C GLY C 70 -59.48 30.55 -24.71
N GLY C 71 -58.67 30.90 -23.71
CA GLY C 71 -59.22 31.27 -22.42
C GLY C 71 -59.82 30.12 -21.63
N LYS C 72 -59.53 28.87 -22.00
CA LYS C 72 -60.01 27.71 -21.29
C LYS C 72 -58.85 26.77 -20.95
N ALA C 73 -59.06 25.90 -19.97
CA ALA C 73 -58.07 24.90 -19.59
C ALA C 73 -58.41 23.59 -20.27
N ALA C 74 -57.41 22.94 -20.84
CA ALA C 74 -57.62 21.73 -21.62
C ALA C 74 -56.72 20.60 -21.13
N LEU C 75 -57.28 19.39 -21.11
CA LEU C 75 -56.53 18.17 -20.85
C LEU C 75 -56.64 17.30 -22.10
N THR C 76 -55.51 17.02 -22.74
CA THR C 76 -55.49 16.23 -23.96
C THR C 76 -54.81 14.89 -23.70
N ILE C 77 -55.49 13.81 -24.08
CA ILE C 77 -54.99 12.45 -23.95
C ILE C 77 -54.71 11.95 -25.37
N THR C 78 -53.44 12.04 -25.79
CA THR C 78 -53.04 11.61 -27.12
C THR C 78 -52.75 10.11 -27.09
N GLY C 79 -53.52 9.34 -27.85
CA GLY C 79 -53.42 7.89 -27.83
C GLY C 79 -53.99 7.30 -26.55
N ALA C 80 -55.28 7.51 -26.32
CA ALA C 80 -55.90 7.06 -25.08
C ALA C 80 -55.86 5.55 -24.95
N GLN C 81 -55.92 5.08 -23.71
CA GLN C 81 -55.85 3.66 -23.42
C GLN C 81 -57.05 3.28 -22.55
N THR C 82 -57.33 1.99 -22.51
CA THR C 82 -58.44 1.50 -21.69
C THR C 82 -58.28 1.89 -20.23
N GLU C 83 -57.05 2.06 -19.75
CA GLU C 83 -56.85 2.52 -18.38
C GLU C 83 -57.37 3.94 -18.18
N ASP C 84 -57.29 4.77 -19.20
CA ASP C 84 -57.77 6.14 -19.09
C ASP C 84 -59.28 6.24 -18.95
N ASP C 85 -60.01 5.12 -19.06
CA ASP C 85 -61.46 5.09 -18.85
C ASP C 85 -61.75 5.45 -17.40
N ALA C 86 -62.06 6.71 -17.14
CA ALA C 86 -62.25 7.19 -15.79
C ALA C 86 -63.05 8.48 -15.83
N MET C 87 -63.27 9.04 -14.65
CA MET C 87 -63.86 10.37 -14.50
C MET C 87 -62.75 11.38 -14.28
N TYR C 88 -62.90 12.57 -14.87
CA TYR C 88 -61.91 13.63 -14.78
C TYR C 88 -62.56 14.89 -14.28
N PHE C 89 -62.03 15.44 -13.18
CA PHE C 89 -62.56 16.65 -12.58
C PHE C 89 -61.56 17.79 -12.77
N CYS C 90 -62.09 18.98 -12.99
CA CYS C 90 -61.29 20.19 -13.14
C CYS C 90 -61.50 21.09 -11.94
N ALA C 91 -60.44 21.78 -11.53
CA ALA C 91 -60.50 22.71 -10.42
C ALA C 91 -59.74 23.97 -10.78
N LEU C 92 -60.36 25.12 -10.57
CA LEU C 92 -59.76 26.41 -10.86
C LEU C 92 -59.54 27.18 -9.56
N TRP C 93 -58.44 27.92 -9.52
CA TRP C 93 -58.08 28.74 -8.37
C TRP C 93 -58.53 30.18 -8.65
N TYR C 94 -59.37 30.71 -7.78
CA TYR C 94 -59.84 32.09 -7.87
C TYR C 94 -59.28 32.90 -6.71
N ASN C 95 -57.96 33.09 -6.75
CA ASN C 95 -57.21 33.92 -5.80
C ASN C 95 -57.22 33.40 -4.37
N THR C 96 -58.37 32.97 -3.86
CA THR C 96 -58.46 32.53 -2.47
C THR C 96 -59.14 31.19 -2.27
N HIS C 97 -59.53 30.49 -3.33
CA HIS C 97 -60.23 29.22 -3.16
C HIS C 97 -60.22 28.45 -4.47
N TYR C 98 -60.42 27.15 -4.36
CA TYR C 98 -60.61 26.27 -5.50
C TYR C 98 -62.09 26.07 -5.76
N VAL C 99 -62.45 25.87 -7.02
CA VAL C 99 -63.80 25.53 -7.42
C VAL C 99 -63.73 24.36 -8.39
N PHE C 100 -64.38 23.27 -8.05
CA PHE C 100 -64.40 22.09 -8.91
C PHE C 100 -65.52 22.20 -9.94
N GLY C 101 -65.34 21.49 -11.04
CA GLY C 101 -66.37 21.35 -12.05
C GLY C 101 -67.17 20.06 -11.87
N GLY C 102 -68.11 19.87 -12.78
CA GLY C 102 -68.97 18.70 -12.69
C GLY C 102 -68.29 17.40 -13.06
N GLY C 103 -67.18 17.47 -13.79
CA GLY C 103 -66.46 16.28 -14.16
C GLY C 103 -66.89 15.71 -15.50
N THR C 104 -65.93 15.21 -16.26
CA THR C 104 -66.17 14.60 -17.55
C THR C 104 -65.86 13.10 -17.48
N LYS C 105 -66.77 12.29 -18.01
CA LYS C 105 -66.55 10.85 -18.11
C LYS C 105 -65.93 10.54 -19.47
N VAL C 106 -64.73 9.97 -19.45
CA VAL C 106 -64.05 9.53 -20.66
C VAL C 106 -64.23 8.03 -20.76
N THR C 107 -64.89 7.58 -21.83
CA THR C 107 -65.12 6.16 -22.08
C THR C 107 -64.23 5.72 -23.23
N VAL C 108 -63.44 4.68 -23.01
CA VAL C 108 -62.59 4.09 -24.04
C VAL C 108 -63.31 2.86 -24.60
N LEU C 109 -63.63 2.88 -25.88
CA LEU C 109 -64.37 1.79 -26.51
C LEU C 109 -63.49 0.56 -26.67
N GLY C 110 -64.10 -0.52 -27.14
CA GLY C 110 -63.39 -1.76 -27.32
C GLY C 110 -64.01 -2.91 -26.57
N GLN C 111 -64.37 -2.68 -25.32
CA GLN C 111 -65.05 -3.68 -24.52
C GLN C 111 -66.39 -4.04 -25.17
N PRO C 112 -66.63 -5.31 -25.49
CA PRO C 112 -67.81 -5.65 -26.29
C PRO C 112 -69.09 -5.66 -25.46
N LYS C 113 -70.21 -5.69 -26.18
CA LYS C 113 -71.53 -5.69 -25.55
C LYS C 113 -71.73 -6.96 -24.72
N ALA C 114 -72.36 -6.80 -23.56
CA ALA C 114 -72.60 -7.93 -22.67
C ALA C 114 -74.03 -7.85 -22.16
N ALA C 115 -74.77 -8.95 -22.30
CA ALA C 115 -76.15 -8.98 -21.84
C ALA C 115 -76.18 -9.05 -20.31
N PRO C 116 -77.15 -8.39 -19.68
CA PRO C 116 -77.22 -8.44 -18.21
C PRO C 116 -77.65 -9.81 -17.72
N SER C 117 -76.94 -10.30 -16.71
CA SER C 117 -77.26 -11.58 -16.08
C SER C 117 -78.04 -11.30 -14.81
N VAL C 118 -79.36 -11.43 -14.89
CA VAL C 118 -80.26 -11.11 -13.79
C VAL C 118 -80.34 -12.29 -12.83
N THR C 119 -80.64 -12.00 -11.57
CA THR C 119 -80.76 -13.05 -10.56
C THR C 119 -81.62 -12.50 -9.42
N LEU C 120 -82.86 -12.98 -9.34
CA LEU C 120 -83.83 -12.50 -8.37
C LEU C 120 -83.85 -13.43 -7.16
N PHE C 121 -83.49 -12.90 -6.00
CA PHE C 121 -83.47 -13.76 -4.82
C PHE C 121 -84.72 -13.54 -3.97
N PRO C 122 -85.45 -14.60 -3.64
CA PRO C 122 -86.67 -14.45 -2.84
C PRO C 122 -86.34 -14.05 -1.42
N PRO C 123 -87.32 -13.56 -0.65
CA PRO C 123 -87.04 -13.17 0.74
C PRO C 123 -86.60 -14.35 1.59
N SER C 124 -85.69 -14.05 2.52
CA SER C 124 -85.05 -15.02 3.39
C SER C 124 -85.94 -15.42 4.56
N SER C 125 -85.68 -16.62 5.10
CA SER C 125 -86.47 -17.10 6.24
C SER C 125 -86.27 -16.23 7.48
N GLU C 126 -85.08 -15.69 7.67
CA GLU C 126 -84.84 -14.81 8.81
C GLU C 126 -85.65 -13.51 8.67
N GLU C 127 -85.71 -12.96 7.46
CA GLU C 127 -86.48 -11.75 7.24
C GLU C 127 -87.98 -12.05 7.30
N LEU C 128 -88.40 -13.23 6.82
CA LEU C 128 -89.79 -13.64 6.95
C LEU C 128 -90.22 -13.71 8.42
N GLN C 129 -89.34 -14.18 9.30
CA GLN C 129 -89.72 -14.37 10.70
C GLN C 129 -89.72 -13.07 11.48
N ALA C 130 -89.14 -12.00 10.93
CA ALA C 130 -89.08 -10.70 11.58
C ALA C 130 -90.09 -9.72 11.02
N ASN C 131 -91.13 -10.21 10.35
CA ASN C 131 -92.26 -9.40 9.87
C ASN C 131 -91.83 -8.36 8.84
N LYS C 132 -90.91 -8.72 7.95
CA LYS C 132 -90.57 -7.88 6.81
C LYS C 132 -90.23 -8.75 5.61
N ALA C 133 -90.17 -8.13 4.44
CA ALA C 133 -89.93 -8.85 3.20
C ALA C 133 -89.22 -7.94 2.22
N THR C 134 -88.29 -8.51 1.46
CA THR C 134 -87.51 -7.76 0.48
C THR C 134 -87.12 -8.70 -0.65
N LEU C 135 -87.45 -8.31 -1.88
CA LEU C 135 -87.02 -9.02 -3.08
C LEU C 135 -85.84 -8.27 -3.69
N VAL C 136 -84.70 -8.95 -3.80
CA VAL C 136 -83.46 -8.34 -4.25
C VAL C 136 -83.22 -8.73 -5.69
N CYS C 137 -83.23 -7.75 -6.59
CA CYS C 137 -82.95 -7.96 -8.01
C CYS C 137 -81.48 -7.64 -8.26
N LEU C 138 -80.72 -8.65 -8.67
CA LEU C 138 -79.30 -8.50 -8.96
C LEU C 138 -79.07 -8.55 -10.47
N ILE C 139 -78.42 -7.52 -11.01
CA ILE C 139 -78.10 -7.43 -12.43
C ILE C 139 -76.60 -7.38 -12.55
N SER C 140 -76.00 -8.45 -13.05
CA SER C 140 -74.55 -8.59 -13.04
C SER C 140 -73.98 -8.68 -14.46
N ASP C 141 -72.68 -8.38 -14.54
CA ASP C 141 -71.85 -8.26 -15.74
C ASP C 141 -72.59 -7.95 -17.05
N PHE C 142 -72.66 -6.66 -17.38
CA PHE C 142 -73.21 -6.18 -18.64
C PHE C 142 -72.37 -5.00 -19.10
N TYR C 143 -72.46 -4.69 -20.39
CA TYR C 143 -71.79 -3.54 -20.97
C TYR C 143 -72.55 -3.09 -22.21
N PRO C 144 -72.79 -1.79 -22.39
CA PRO C 144 -72.38 -0.67 -21.52
C PRO C 144 -73.22 -0.55 -20.25
N GLY C 145 -73.02 0.52 -19.50
CA GLY C 145 -73.67 0.69 -18.21
C GLY C 145 -75.00 1.43 -18.28
N ALA C 146 -75.95 0.89 -19.05
CA ALA C 146 -77.28 1.45 -19.16
C ALA C 146 -78.29 0.36 -18.83
N VAL C 147 -79.29 0.72 -18.01
CA VAL C 147 -80.16 -0.27 -17.39
C VAL C 147 -81.49 0.39 -17.06
N THR C 148 -82.57 -0.38 -17.20
CA THR C 148 -83.90 0.03 -16.76
C THR C 148 -84.55 -1.13 -16.02
N VAL C 149 -85.12 -0.86 -14.86
CA VAL C 149 -85.73 -1.88 -14.02
C VAL C 149 -87.20 -1.56 -13.85
N ALA C 150 -88.05 -2.58 -13.98
CA ALA C 150 -89.48 -2.48 -13.75
C ALA C 150 -89.95 -3.72 -13.01
N TRP C 151 -90.68 -3.52 -11.92
CA TRP C 151 -91.10 -4.62 -11.07
C TRP C 151 -92.49 -5.09 -11.45
N LYS C 152 -92.64 -6.40 -11.65
CA LYS C 152 -93.90 -7.02 -12.08
C LYS C 152 -94.39 -7.95 -10.98
N ALA C 153 -95.11 -7.46 -9.99
CA ALA C 153 -95.67 -8.39 -8.99
C ALA C 153 -96.82 -9.12 -9.66
N ASP C 154 -96.81 -10.46 -9.66
CA ASP C 154 -97.81 -11.26 -10.43
C ASP C 154 -97.64 -10.81 -11.89
N SER C 155 -98.26 -9.70 -12.30
CA SER C 155 -98.00 -9.06 -13.58
C SER C 155 -98.36 -7.58 -13.64
N SER C 156 -98.95 -7.00 -12.59
CA SER C 156 -99.23 -5.57 -12.56
C SER C 156 -97.98 -4.79 -12.14
N PRO C 157 -97.82 -3.57 -12.65
CA PRO C 157 -96.60 -2.80 -12.33
C PRO C 157 -96.59 -2.29 -10.89
N VAL C 158 -95.38 -2.15 -10.36
CA VAL C 158 -95.14 -1.76 -8.97
C VAL C 158 -94.15 -0.61 -8.99
N LYS C 159 -94.63 0.61 -8.76
CA LYS C 159 -93.75 1.78 -8.69
C LYS C 159 -93.72 2.37 -7.28
N ALA C 160 -93.88 1.53 -6.26
CA ALA C 160 -93.89 1.97 -4.87
C ALA C 160 -92.97 1.07 -4.04
N GLY C 161 -92.19 1.68 -3.17
CA GLY C 161 -91.27 0.94 -2.33
C GLY C 161 -90.15 0.26 -3.09
N VAL C 162 -89.70 0.86 -4.20
CA VAL C 162 -88.64 0.28 -5.02
C VAL C 162 -87.45 1.23 -5.03
N GLU C 163 -86.29 0.71 -4.69
CA GLU C 163 -85.02 1.44 -4.73
C GLU C 163 -84.07 0.72 -5.69
N THR C 164 -83.32 1.49 -6.46
CA THR C 164 -82.40 0.90 -7.43
C THR C 164 -81.09 1.67 -7.46
N THR C 165 -79.99 0.92 -7.47
CA THR C 165 -78.65 1.50 -7.50
C THR C 165 -78.26 1.87 -8.93
N THR C 166 -77.54 2.98 -9.06
CA THR C 166 -76.95 3.34 -10.33
C THR C 166 -75.84 2.35 -10.68
N PRO C 167 -75.71 1.94 -11.95
CA PRO C 167 -74.69 0.95 -12.29
C PRO C 167 -73.29 1.38 -11.91
N SER C 168 -72.48 0.41 -11.45
CA SER C 168 -71.11 0.62 -11.04
C SER C 168 -70.26 -0.51 -11.59
N LYS C 169 -69.04 -0.19 -12.00
CA LYS C 169 -68.16 -1.19 -12.57
C LYS C 169 -67.69 -2.17 -11.50
N GLN C 170 -67.67 -3.45 -11.84
CA GLN C 170 -67.08 -4.46 -10.98
C GLN C 170 -65.57 -4.36 -11.10
N SER C 171 -64.84 -5.37 -10.61
CA SER C 171 -63.39 -5.33 -10.78
C SER C 171 -62.95 -5.87 -12.14
N ASN C 172 -63.87 -6.40 -12.94
CA ASN C 172 -63.53 -6.87 -14.29
C ASN C 172 -64.03 -5.91 -15.37
N ASN C 173 -64.09 -4.62 -15.06
CA ASN C 173 -64.40 -3.55 -16.01
C ASN C 173 -65.81 -3.64 -16.58
N LYS C 174 -66.65 -4.54 -16.08
CA LYS C 174 -68.04 -4.62 -16.51
C LYS C 174 -68.96 -4.16 -15.39
N TYR C 175 -70.16 -3.73 -15.77
CA TYR C 175 -71.06 -3.04 -14.86
C TYR C 175 -71.92 -4.02 -14.07
N ALA C 176 -72.56 -3.48 -13.03
CA ALA C 176 -73.44 -4.25 -12.17
C ALA C 176 -74.36 -3.29 -11.42
N ALA C 177 -75.63 -3.69 -11.27
CA ALA C 177 -76.62 -2.88 -10.59
C ALA C 177 -77.52 -3.79 -9.75
N SER C 178 -78.38 -3.16 -8.96
CA SER C 178 -79.28 -3.91 -8.08
C SER C 178 -80.51 -3.06 -7.79
N SER C 179 -81.63 -3.73 -7.56
CA SER C 179 -82.87 -3.05 -7.20
C SER C 179 -83.59 -3.86 -6.12
N TYR C 180 -84.35 -3.15 -5.31
CA TYR C 180 -85.06 -3.76 -4.19
C TYR C 180 -86.55 -3.43 -4.27
N LEU C 181 -87.35 -4.25 -3.59
CA LEU C 181 -88.80 -4.07 -3.49
C LEU C 181 -89.18 -4.49 -2.08
N SER C 182 -89.23 -3.52 -1.17
CA SER C 182 -89.56 -3.81 0.22
C SER C 182 -91.05 -4.06 0.36
N LEU C 183 -91.39 -5.17 1.02
CA LEU C 183 -92.74 -5.73 1.06
C LEU C 183 -93.19 -5.86 2.50
N THR C 184 -94.43 -6.29 2.67
CA THR C 184 -94.94 -6.85 3.91
C THR C 184 -95.11 -8.35 3.74
N PRO C 185 -94.83 -9.16 4.77
CA PRO C 185 -95.01 -10.61 4.62
C PRO C 185 -96.41 -11.01 4.23
N GLU C 186 -97.43 -10.21 4.59
CA GLU C 186 -98.77 -10.44 4.12
C GLU C 186 -98.96 -10.07 2.66
N GLN C 187 -98.00 -9.37 2.05
CA GLN C 187 -98.07 -9.02 0.64
C GLN C 187 -97.24 -9.93 -0.26
N TRP C 188 -96.18 -10.53 0.28
CA TRP C 188 -95.37 -11.46 -0.50
C TRP C 188 -96.05 -12.81 -0.66
N LYS C 189 -96.82 -13.24 0.35
CA LYS C 189 -97.56 -14.50 0.28
C LYS C 189 -98.89 -14.35 -0.44
N SER C 190 -99.40 -13.13 -0.58
CA SER C 190 -100.73 -12.87 -1.10
C SER C 190 -100.78 -12.87 -2.63
N HIS C 191 -99.65 -12.97 -3.30
CA HIS C 191 -99.57 -12.88 -4.75
C HIS C 191 -99.01 -14.18 -5.31
N ARG C 192 -99.14 -14.35 -6.62
CA ARG C 192 -98.71 -15.58 -7.27
C ARG C 192 -97.19 -15.62 -7.43
N SER C 193 -96.63 -14.64 -8.13
CA SER C 193 -95.24 -14.65 -8.52
C SER C 193 -94.74 -13.22 -8.58
N TYR C 194 -93.48 -12.99 -8.19
CA TYR C 194 -92.84 -11.69 -8.40
C TYR C 194 -91.75 -11.84 -9.44
N SER C 195 -91.63 -10.84 -10.32
CA SER C 195 -90.69 -10.85 -11.44
C SER C 195 -89.91 -9.54 -11.49
N CYS C 196 -88.68 -9.62 -11.98
CA CYS C 196 -87.85 -8.44 -12.24
C CYS C 196 -87.46 -8.45 -13.71
N GLN C 197 -88.12 -7.64 -14.53
CA GLN C 197 -87.77 -7.51 -15.94
C GLN C 197 -86.75 -6.39 -16.11
N VAL C 198 -85.65 -6.70 -16.79
CA VAL C 198 -84.49 -5.85 -16.90
C VAL C 198 -84.24 -5.59 -18.38
N THR C 199 -84.26 -4.32 -18.78
CA THR C 199 -84.02 -3.97 -20.17
C THR C 199 -82.69 -3.26 -20.32
N HIS C 200 -81.88 -3.79 -21.24
CA HIS C 200 -80.52 -3.26 -21.53
C HIS C 200 -80.42 -2.99 -23.02
N GLU C 201 -80.82 -1.78 -23.45
CA GLU C 201 -80.84 -1.36 -24.86
C GLU C 201 -81.72 -2.26 -25.71
N GLY C 202 -83.03 -2.09 -25.60
CA GLY C 202 -83.98 -2.84 -26.40
C GLY C 202 -84.35 -4.19 -25.81
N SER C 203 -83.40 -5.12 -25.80
CA SER C 203 -83.69 -6.48 -25.35
C SER C 203 -83.82 -6.52 -23.82
N THR C 204 -84.76 -7.34 -23.35
CA THR C 204 -85.10 -7.44 -21.94
C THR C 204 -84.88 -8.86 -21.44
N VAL C 205 -84.28 -8.97 -20.26
CA VAL C 205 -84.14 -10.26 -19.57
C VAL C 205 -84.96 -10.21 -18.29
N GLU C 206 -85.52 -11.35 -17.91
CA GLU C 206 -86.42 -11.41 -16.76
C GLU C 206 -86.16 -12.68 -15.95
N LYS C 207 -86.35 -12.57 -14.65
CA LYS C 207 -86.37 -13.70 -13.72
C LYS C 207 -87.63 -13.59 -12.88
N THR C 208 -87.91 -14.62 -12.06
CA THR C 208 -89.05 -14.54 -11.16
C THR C 208 -88.89 -15.50 -9.99
N VAL C 209 -89.61 -15.18 -8.92
CA VAL C 209 -89.60 -15.95 -7.67
C VAL C 209 -91.03 -16.11 -7.19
N ALA C 210 -91.29 -17.23 -6.53
CA ALA C 210 -92.60 -17.60 -6.00
C ALA C 210 -92.52 -17.84 -4.51
N PRO C 211 -93.65 -17.75 -3.79
CA PRO C 211 -93.65 -18.10 -2.36
C PRO C 211 -93.29 -19.56 -2.13
N THR C 212 -92.04 -19.85 -1.82
CA THR C 212 -91.64 -21.26 -1.66
C THR C 212 -91.83 -21.67 -0.20
N GLU C 213 -93.00 -22.23 0.06
CA GLU C 213 -93.40 -22.75 1.37
C GLU C 213 -92.79 -24.13 1.60
N GLU D 1 -44.47 5.61 -3.70
CA GLU D 1 -45.82 6.11 -3.81
C GLU D 1 -46.18 7.08 -2.70
N VAL D 2 -46.82 8.17 -3.08
CA VAL D 2 -47.46 9.08 -2.13
C VAL D 2 -48.61 8.36 -1.46
N GLN D 3 -48.80 8.60 -0.17
CA GLN D 3 -49.93 7.98 0.54
C GLN D 3 -50.45 8.91 1.63
N LEU D 4 -51.77 9.10 1.63
CA LEU D 4 -52.47 9.91 2.62
C LEU D 4 -53.55 9.06 3.25
N VAL D 5 -53.59 9.02 4.58
CA VAL D 5 -54.56 8.24 5.34
C VAL D 5 -55.31 9.19 6.27
N GLU D 6 -56.62 9.32 6.05
CA GLU D 6 -57.46 10.17 6.88
C GLU D 6 -58.06 9.38 8.03
N SER D 7 -58.34 10.08 9.13
CA SER D 7 -58.97 9.48 10.29
C SER D 7 -59.73 10.57 11.06
N GLY D 8 -60.61 10.11 11.96
CA GLY D 8 -61.38 11.01 12.80
C GLY D 8 -62.84 11.13 12.43
N GLY D 9 -63.25 10.69 11.25
CA GLY D 9 -64.64 10.76 10.85
C GLY D 9 -65.53 9.92 11.73
N GLY D 10 -66.83 10.20 11.62
CA GLY D 10 -67.82 9.44 12.36
C GLY D 10 -69.09 10.25 12.54
N LEU D 11 -69.91 9.81 13.49
CA LEU D 11 -71.17 10.46 13.80
C LEU D 11 -70.95 11.52 14.87
N VAL D 12 -71.50 12.70 14.66
CA VAL D 12 -71.38 13.83 15.57
C VAL D 12 -72.71 14.57 15.57
N GLN D 13 -73.16 14.98 16.75
CA GLN D 13 -74.46 15.64 16.80
C GLN D 13 -74.33 17.11 16.39
N PRO D 14 -75.33 17.66 15.68
CA PRO D 14 -75.18 18.99 15.10
C PRO D 14 -74.84 20.05 16.13
N GLY D 15 -73.89 20.92 15.78
CA GLY D 15 -73.36 21.91 16.69
C GLY D 15 -72.09 21.48 17.42
N GLY D 16 -71.79 20.18 17.42
CA GLY D 16 -70.59 19.69 18.06
C GLY D 16 -69.35 19.93 17.23
N SER D 17 -68.25 19.31 17.65
CA SER D 17 -66.97 19.49 17.00
C SER D 17 -66.33 18.14 16.70
N LEU D 18 -65.41 18.15 15.75
CA LEU D 18 -64.70 16.95 15.35
C LEU D 18 -63.34 17.35 14.79
N ARG D 19 -62.31 16.56 15.10
CA ARG D 19 -60.97 16.81 14.60
C ARG D 19 -60.58 15.72 13.60
N LEU D 20 -60.28 16.14 12.37
CA LEU D 20 -59.84 15.25 11.31
C LEU D 20 -58.33 15.34 11.16
N SER D 21 -57.67 14.19 11.08
CA SER D 21 -56.23 14.13 10.93
C SER D 21 -55.87 13.27 9.73
N CYS D 22 -54.76 13.65 9.08
CA CYS D 22 -54.29 12.96 7.88
C CYS D 22 -52.82 12.66 8.03
N ALA D 23 -52.46 11.38 7.96
CA ALA D 23 -51.07 10.96 8.03
C ALA D 23 -50.51 10.85 6.61
N ALA D 24 -49.36 11.50 6.38
CA ALA D 24 -48.76 11.55 5.06
C ALA D 24 -47.43 10.80 5.05
N SER D 25 -47.08 10.27 3.88
CA SER D 25 -45.84 9.53 3.68
C SER D 25 -45.58 9.41 2.18
N GLY D 26 -44.37 9.00 1.85
CA GLY D 26 -43.99 8.81 0.45
C GLY D 26 -43.55 10.03 -0.29
N PHE D 27 -43.33 11.15 0.40
CA PHE D 27 -42.85 12.38 -0.21
C PHE D 27 -42.44 13.32 0.93
N ILE D 28 -41.69 14.36 0.58
CA ILE D 28 -41.29 15.34 1.57
C ILE D 28 -42.50 16.22 1.87
N PHE D 29 -43.11 15.98 3.03
CA PHE D 29 -44.37 16.64 3.37
C PHE D 29 -44.20 18.16 3.47
N SER D 30 -43.09 18.61 4.05
CA SER D 30 -42.89 20.04 4.30
C SER D 30 -42.65 20.84 3.03
N SER D 31 -42.82 20.31 1.83
CA SER D 31 -42.54 21.06 0.61
C SER D 31 -43.74 21.14 -0.33
N ASP D 32 -44.96 20.94 0.19
CA ASP D 32 -46.13 20.91 -0.66
C ASP D 32 -47.31 21.55 0.05
N TRP D 33 -48.15 22.22 -0.72
CA TRP D 33 -49.44 22.66 -0.21
C TRP D 33 -50.33 21.45 0.01
N MET D 34 -51.08 21.47 1.11
CA MET D 34 -52.04 20.42 1.42
C MET D 34 -53.44 20.99 1.33
N ASN D 35 -54.40 20.13 0.97
CA ASN D 35 -55.78 20.54 0.78
C ASN D 35 -56.70 19.62 1.55
N TRP D 36 -57.89 20.14 1.86
CA TRP D 36 -59.01 19.34 2.34
C TRP D 36 -60.14 19.48 1.33
N VAL D 37 -60.64 18.33 0.85
CA VAL D 37 -61.73 18.30 -0.13
C VAL D 37 -62.83 17.42 0.43
N ARG D 38 -64.08 17.89 0.32
CA ARG D 38 -65.25 17.17 0.79
C ARG D 38 -66.19 16.90 -0.39
N GLN D 39 -67.02 15.87 -0.24
CA GLN D 39 -68.08 15.57 -1.21
C GLN D 39 -69.30 15.06 -0.46
N ALA D 40 -70.33 15.90 -0.36
CA ALA D 40 -71.56 15.48 0.27
C ALA D 40 -72.23 14.39 -0.57
N PRO D 41 -72.94 13.47 0.08
CA PRO D 41 -73.57 12.36 -0.68
C PRO D 41 -74.54 12.90 -1.73
N GLY D 42 -74.35 12.45 -2.96
CA GLY D 42 -75.13 12.91 -4.10
C GLY D 42 -74.58 14.14 -4.80
N LYS D 43 -74.01 15.06 -4.04
CA LYS D 43 -73.46 16.29 -4.59
C LYS D 43 -72.10 16.02 -5.24
N GLY D 44 -71.41 17.08 -5.63
CA GLY D 44 -70.10 16.99 -6.21
C GLY D 44 -69.00 17.40 -5.26
N LEU D 45 -67.77 17.40 -5.78
CA LEU D 45 -66.62 17.79 -4.98
C LEU D 45 -66.70 19.25 -4.56
N GLU D 46 -66.28 19.53 -3.33
CA GLU D 46 -66.22 20.90 -2.82
C GLU D 46 -64.90 21.07 -2.08
N TRP D 47 -64.02 21.91 -2.62
CA TRP D 47 -62.78 22.25 -1.93
C TRP D 47 -63.09 22.97 -0.63
N VAL D 48 -62.42 22.57 0.45
CA VAL D 48 -62.72 23.09 1.78
C VAL D 48 -61.67 24.10 2.22
N ALA D 49 -60.42 23.65 2.32
CA ALA D 49 -59.36 24.49 2.85
C ALA D 49 -58.03 23.98 2.32
N ASN D 50 -57.04 24.87 2.32
CA ASN D 50 -55.67 24.50 1.96
C ASN D 50 -54.71 25.29 2.82
N ILE D 51 -53.47 24.79 2.89
CA ILE D 51 -52.44 25.38 3.74
C ILE D 51 -51.10 25.25 3.02
N ASN D 52 -50.26 26.27 3.14
CA ASN D 52 -48.95 26.24 2.51
C ASN D 52 -48.00 25.40 3.37
N GLN D 53 -46.70 25.43 3.06
CA GLN D 53 -45.77 24.49 3.67
C GLN D 53 -45.37 24.87 5.08
N ASP D 54 -45.55 26.13 5.48
CA ASP D 54 -45.17 26.56 6.83
C ASP D 54 -46.33 27.16 7.61
N GLY D 55 -47.54 27.09 7.09
CA GLY D 55 -48.72 27.58 7.79
C GLY D 55 -48.96 29.07 7.69
N SER D 56 -48.04 29.84 7.10
CA SER D 56 -48.21 31.28 6.98
C SER D 56 -49.38 31.67 6.09
N GLU D 57 -49.94 30.74 5.33
CA GLU D 57 -51.05 31.03 4.43
C GLU D 57 -52.07 29.90 4.55
N LYS D 58 -53.30 30.25 4.90
CA LYS D 58 -54.41 29.31 4.92
C LYS D 58 -55.62 29.96 4.29
N TYR D 59 -56.36 29.18 3.50
CA TYR D 59 -57.54 29.66 2.82
C TYR D 59 -58.70 28.70 3.08
N TYR D 60 -59.90 29.26 3.11
CA TYR D 60 -61.10 28.49 3.44
C TYR D 60 -62.22 28.85 2.47
N VAL D 61 -63.03 27.85 2.12
CA VAL D 61 -64.23 28.11 1.33
C VAL D 61 -65.24 28.86 2.19
N ASP D 62 -66.03 29.73 1.56
CA ASP D 62 -66.89 30.63 2.31
C ASP D 62 -67.85 29.86 3.21
N SER D 63 -68.29 28.68 2.78
CA SER D 63 -69.26 27.87 3.50
C SER D 63 -68.74 27.39 4.84
N VAL D 64 -67.56 27.85 5.25
CA VAL D 64 -66.82 27.12 6.26
C VAL D 64 -66.01 28.09 7.10
N LYS D 65 -65.89 29.33 6.62
CA LYS D 65 -65.18 30.37 7.35
C LYS D 65 -65.70 30.50 8.76
N GLY D 66 -64.78 30.75 9.70
CA GLY D 66 -65.13 30.95 11.09
C GLY D 66 -65.41 29.68 11.87
N ARG D 67 -65.67 28.56 11.21
CA ARG D 67 -65.96 27.30 11.87
C ARG D 67 -64.85 26.27 11.73
N PHE D 68 -64.22 26.19 10.57
CA PHE D 68 -63.15 25.22 10.34
C PHE D 68 -61.80 25.89 10.48
N THR D 69 -60.79 25.09 10.83
CA THR D 69 -59.43 25.56 10.99
C THR D 69 -58.48 24.49 10.51
N ILE D 70 -57.64 24.83 9.55
CA ILE D 70 -56.64 23.92 9.01
C ILE D 70 -55.32 24.17 9.70
N SER D 71 -54.55 23.09 9.87
CA SER D 71 -53.23 23.20 10.49
C SER D 71 -52.40 22.00 10.06
N ARG D 72 -51.11 22.06 10.37
CA ARG D 72 -50.20 21.00 9.96
C ARG D 72 -49.02 20.94 10.92
N ASP D 73 -48.39 19.77 10.97
CA ASP D 73 -47.18 19.54 11.76
C ASP D 73 -46.17 18.83 10.87
N ASN D 74 -45.15 19.57 10.42
CA ASN D 74 -44.17 19.00 9.50
C ASN D 74 -43.32 17.93 10.16
N ALA D 75 -43.01 18.09 11.45
CA ALA D 75 -42.27 17.06 12.17
C ALA D 75 -43.04 15.74 12.22
N GLN D 76 -44.37 15.80 12.25
CA GLN D 76 -45.19 14.60 12.26
C GLN D 76 -45.71 14.21 10.88
N ASN D 77 -45.44 15.02 9.85
CA ASN D 77 -45.93 14.79 8.50
C ASN D 77 -47.44 14.56 8.50
N SER D 78 -48.16 15.42 9.21
CA SER D 78 -49.58 15.25 9.43
C SER D 78 -50.34 16.54 9.13
N LEU D 79 -51.51 16.39 8.51
CA LEU D 79 -52.41 17.49 8.23
C LEU D 79 -53.66 17.35 9.09
N TYR D 80 -54.18 18.48 9.57
CA TYR D 80 -55.31 18.47 10.48
C TYR D 80 -56.42 19.38 9.95
N LEU D 81 -57.64 19.09 10.40
CA LEU D 81 -58.80 19.93 10.08
C LEU D 81 -59.71 19.95 11.29
N GLN D 82 -59.78 21.08 11.97
CA GLN D 82 -60.65 21.23 13.14
C GLN D 82 -61.99 21.78 12.69
N MET D 83 -63.06 21.03 12.93
CA MET D 83 -64.40 21.41 12.51
C MET D 83 -65.25 21.70 13.74
N ASN D 84 -65.67 22.94 13.88
CA ASN D 84 -66.50 23.38 15.01
C ASN D 84 -67.86 23.81 14.48
N SER D 85 -68.86 23.77 15.38
CA SER D 85 -70.22 24.20 15.07
C SER D 85 -70.74 23.50 13.82
N LEU D 86 -70.64 22.17 13.83
CA LEU D 86 -70.94 21.39 12.64
C LEU D 86 -72.41 21.50 12.27
N ARG D 87 -72.68 21.61 10.98
CA ARG D 87 -74.02 21.70 10.45
C ARG D 87 -74.36 20.42 9.69
N ALA D 88 -75.66 20.20 9.49
CA ALA D 88 -76.10 19.02 8.74
C ALA D 88 -75.55 19.04 7.32
N GLU D 89 -75.36 20.22 6.74
CA GLU D 89 -74.78 20.39 5.42
C GLU D 89 -73.30 20.05 5.37
N ASP D 90 -72.65 19.89 6.52
CA ASP D 90 -71.25 19.49 6.56
C ASP D 90 -71.06 17.98 6.41
N THR D 91 -72.15 17.22 6.42
CA THR D 91 -72.08 15.78 6.20
C THR D 91 -71.50 15.47 4.83
N ALA D 92 -70.35 14.78 4.82
CA ALA D 92 -69.64 14.50 3.57
C ALA D 92 -68.48 13.55 3.87
N VAL D 93 -67.93 12.99 2.81
CA VAL D 93 -66.65 12.29 2.89
C VAL D 93 -65.55 13.32 2.71
N TYR D 94 -64.65 13.41 3.67
CA TYR D 94 -63.58 14.40 3.64
C TYR D 94 -62.29 13.72 3.15
N TYR D 95 -61.60 14.38 2.23
CA TYR D 95 -60.42 13.82 1.60
C TYR D 95 -59.19 14.66 1.91
N CYS D 96 -58.09 13.98 2.20
CA CYS D 96 -56.77 14.59 2.27
C CYS D 96 -56.15 14.53 0.88
N ALA D 97 -55.64 15.66 0.40
CA ALA D 97 -55.27 15.74 -1.01
C ALA D 97 -54.23 16.82 -1.24
N LYS D 98 -53.48 16.65 -2.34
CA LYS D 98 -52.63 17.70 -2.87
C LYS D 98 -52.73 17.67 -4.40
N GLU D 99 -52.15 18.69 -5.04
CA GLU D 99 -52.37 18.89 -6.46
C GLU D 99 -51.85 17.72 -7.29
N LEU D 100 -50.69 17.20 -6.95
CA LEU D 100 -50.11 16.07 -7.67
C LEU D 100 -50.14 14.84 -6.78
N GLY D 101 -50.60 13.73 -7.34
CA GLY D 101 -50.59 12.46 -6.64
C GLY D 101 -51.95 12.03 -6.14
N PRO D 102 -52.02 10.82 -5.60
CA PRO D 102 -53.32 10.30 -5.12
C PRO D 102 -53.78 10.98 -3.85
N TRP D 103 -55.10 11.03 -3.69
CA TRP D 103 -55.72 11.49 -2.45
C TRP D 103 -55.74 10.31 -1.46
N GLY D 104 -56.46 10.49 -0.35
CA GLY D 104 -56.76 9.40 0.54
C GLY D 104 -58.10 8.77 0.22
N GLN D 105 -58.37 7.63 0.86
CA GLN D 105 -59.67 7.01 0.73
C GLN D 105 -60.77 7.89 1.34
N GLY D 106 -60.42 8.68 2.34
CA GLY D 106 -61.39 9.58 2.94
C GLY D 106 -62.14 8.94 4.08
N THR D 107 -62.57 9.78 5.02
CA THR D 107 -63.42 9.36 6.12
C THR D 107 -64.75 10.10 6.06
N LEU D 108 -65.82 9.39 6.41
CA LEU D 108 -67.16 9.94 6.34
C LEU D 108 -67.50 10.63 7.66
N VAL D 109 -67.98 11.87 7.56
CA VAL D 109 -68.45 12.65 8.69
C VAL D 109 -69.95 12.80 8.54
N THR D 110 -70.71 12.26 9.50
CA THR D 110 -72.17 12.35 9.50
C THR D 110 -72.60 13.24 10.65
N VAL D 111 -73.24 14.35 10.32
CA VAL D 111 -73.73 15.30 11.30
C VAL D 111 -75.25 15.12 11.37
N SER D 112 -75.71 14.38 12.37
CA SER D 112 -77.12 14.04 12.48
C SER D 112 -77.52 13.85 13.93
N SER D 113 -78.76 14.21 14.25
CA SER D 113 -79.29 13.97 15.58
C SER D 113 -79.95 12.60 15.70
N ALA D 114 -80.14 11.90 14.58
CA ALA D 114 -80.78 10.60 14.60
C ALA D 114 -79.95 9.59 15.36
N SER D 115 -80.62 8.69 16.08
CA SER D 115 -79.94 7.69 16.88
C SER D 115 -79.40 6.56 16.01
N THR D 116 -78.39 5.88 16.54
CA THR D 116 -77.76 4.78 15.81
C THR D 116 -78.68 3.56 15.78
N LYS D 117 -78.67 2.85 14.65
CA LYS D 117 -79.44 1.62 14.49
C LYS D 117 -78.55 0.55 13.88
N GLY D 118 -78.62 -0.66 14.43
CA GLY D 118 -77.83 -1.77 13.94
C GLY D 118 -78.47 -2.45 12.75
N PRO D 119 -77.64 -2.91 11.82
CA PRO D 119 -78.17 -3.55 10.60
C PRO D 119 -78.61 -4.98 10.87
N SER D 120 -79.63 -5.39 10.12
CA SER D 120 -80.12 -6.76 10.12
C SER D 120 -79.56 -7.46 8.88
N VAL D 121 -78.75 -8.49 9.10
CA VAL D 121 -78.09 -9.21 8.01
C VAL D 121 -78.93 -10.42 7.65
N PHE D 122 -79.36 -10.50 6.39
CA PHE D 122 -80.14 -11.61 5.91
C PHE D 122 -79.43 -12.28 4.74
N PRO D 123 -79.30 -13.59 4.74
CA PRO D 123 -78.54 -14.27 3.68
C PRO D 123 -79.32 -14.32 2.36
N LEU D 124 -78.56 -14.48 1.28
CA LEU D 124 -79.11 -14.60 -0.07
C LEU D 124 -78.49 -15.84 -0.71
N ALA D 125 -79.27 -16.94 -0.76
CA ALA D 125 -78.81 -18.20 -1.33
C ALA D 125 -79.39 -18.39 -2.74
N PRO D 126 -78.66 -19.07 -3.60
CA PRO D 126 -79.17 -19.33 -4.96
C PRO D 126 -80.10 -20.55 -4.99
N SER D 127 -80.81 -20.68 -6.10
CA SER D 127 -81.64 -21.86 -6.37
C SER D 127 -82.12 -21.84 -7.81
N ALA D 136 -73.85 -19.83 -10.73
CA ALA D 136 -74.76 -18.85 -10.15
C ALA D 136 -74.01 -17.98 -9.12
N ALA D 137 -74.78 -17.28 -8.30
CA ALA D 137 -74.20 -16.37 -7.32
C ALA D 137 -75.03 -16.38 -6.04
N LEU D 138 -74.40 -15.97 -4.95
CA LEU D 138 -75.08 -15.82 -3.67
C LEU D 138 -74.70 -14.50 -3.02
N GLY D 139 -75.03 -14.33 -1.75
CA GLY D 139 -74.66 -13.11 -1.05
C GLY D 139 -75.40 -13.02 0.28
N CYS D 140 -75.29 -11.85 0.89
CA CYS D 140 -76.02 -11.58 2.12
C CYS D 140 -76.46 -10.11 2.14
N LEU D 141 -77.71 -9.90 2.56
CA LEU D 141 -78.36 -8.59 2.47
C LEU D 141 -78.27 -7.88 3.82
N VAL D 142 -77.88 -6.61 3.78
CA VAL D 142 -77.70 -5.79 4.98
C VAL D 142 -78.77 -4.70 4.94
N LYS D 143 -79.73 -4.77 5.88
CA LYS D 143 -80.96 -4.00 5.80
C LYS D 143 -81.07 -3.04 7.00
N ASP D 144 -81.62 -1.85 6.73
CA ASP D 144 -81.98 -0.85 7.73
C ASP D 144 -80.91 -0.58 8.77
N TYR D 145 -80.06 0.40 8.50
CA TYR D 145 -79.00 0.78 9.43
C TYR D 145 -78.68 2.26 9.26
N PHE D 146 -78.09 2.83 10.31
CA PHE D 146 -77.70 4.24 10.32
C PHE D 146 -76.72 4.45 11.45
N PRO D 147 -75.64 5.22 11.25
CA PRO D 147 -75.29 5.84 9.96
C PRO D 147 -74.32 5.00 9.14
N GLU D 148 -73.81 5.56 8.06
CA GLU D 148 -72.86 4.89 7.20
C GLU D 148 -71.44 5.01 7.78
N PRO D 149 -70.52 4.09 7.40
CA PRO D 149 -70.69 2.98 6.47
C PRO D 149 -70.88 1.63 7.14
N VAL D 150 -71.04 0.59 6.30
CA VAL D 150 -71.13 -0.78 6.79
C VAL D 150 -70.25 -1.66 5.92
N THR D 151 -68.97 -1.79 6.30
CA THR D 151 -68.02 -2.52 5.47
C THR D 151 -68.33 -4.02 5.51
N VAL D 152 -68.16 -4.67 4.36
CA VAL D 152 -68.52 -6.07 4.18
C VAL D 152 -67.32 -6.80 3.58
N SER D 153 -67.00 -7.98 4.13
CA SER D 153 -65.96 -8.83 3.58
C SER D 153 -66.35 -10.28 3.78
N TRP D 154 -65.79 -11.15 2.96
CA TRP D 154 -66.11 -12.58 2.97
C TRP D 154 -64.92 -13.39 3.45
N ASN D 155 -65.17 -14.25 4.44
CA ASN D 155 -64.16 -15.17 4.99
C ASN D 155 -62.94 -14.44 5.55
N SER D 156 -63.15 -13.27 6.14
CA SER D 156 -62.07 -12.49 6.75
C SER D 156 -61.01 -12.11 5.72
N GLY D 157 -61.48 -11.43 4.66
CA GLY D 157 -60.59 -10.99 3.60
C GLY D 157 -59.97 -12.12 2.79
N ALA D 158 -60.34 -13.37 3.08
CA ALA D 158 -59.79 -14.51 2.37
C ALA D 158 -60.30 -14.54 0.93
N LEU D 159 -61.59 -14.84 0.74
CA LEU D 159 -62.15 -14.86 -0.61
C LEU D 159 -62.32 -13.43 -1.08
N THR D 160 -61.47 -13.01 -2.02
CA THR D 160 -61.55 -11.69 -2.63
C THR D 160 -62.10 -11.74 -4.05
N SER D 161 -61.72 -12.76 -4.84
CA SER D 161 -62.17 -12.85 -6.21
C SER D 161 -63.66 -13.13 -6.28
N GLY D 162 -64.38 -12.33 -7.06
CA GLY D 162 -65.76 -12.57 -7.36
C GLY D 162 -66.75 -11.72 -6.59
N VAL D 163 -66.36 -11.15 -5.45
CA VAL D 163 -67.32 -10.45 -4.61
C VAL D 163 -67.43 -8.99 -5.03
N HIS D 164 -68.65 -8.48 -4.98
CA HIS D 164 -68.98 -7.11 -5.38
C HIS D 164 -69.94 -6.54 -4.35
N THR D 165 -69.54 -5.45 -3.72
CA THR D 165 -70.36 -4.79 -2.71
C THR D 165 -71.04 -3.56 -3.33
N PHE D 166 -72.36 -3.56 -3.34
CA PHE D 166 -73.10 -2.49 -3.96
C PHE D 166 -73.18 -1.26 -3.04
N PRO D 167 -73.31 -0.08 -3.60
CA PRO D 167 -73.48 1.11 -2.75
C PRO D 167 -74.82 1.08 -2.06
N ALA D 168 -74.89 1.78 -0.92
CA ALA D 168 -76.09 1.77 -0.12
C ALA D 168 -77.17 2.66 -0.72
N VAL D 169 -78.42 2.24 -0.55
CA VAL D 169 -79.58 3.04 -0.93
C VAL D 169 -80.15 3.66 0.34
N LEU D 170 -80.62 4.90 0.23
CA LEU D 170 -81.28 5.56 1.34
C LEU D 170 -82.79 5.39 1.18
N GLN D 171 -83.40 4.70 2.13
CA GLN D 171 -84.81 4.36 2.05
C GLN D 171 -85.68 5.49 2.61
N SER D 172 -86.98 5.38 2.35
CA SER D 172 -87.95 6.33 2.89
C SER D 172 -87.87 6.42 4.40
N SER D 173 -87.38 5.36 5.05
CA SER D 173 -87.23 5.32 6.50
C SER D 173 -86.14 6.24 7.02
N GLY D 174 -85.32 6.81 6.14
CA GLY D 174 -84.13 7.51 6.57
C GLY D 174 -82.97 6.61 6.91
N LEU D 175 -83.13 5.29 6.78
CA LEU D 175 -82.07 4.34 7.05
C LEU D 175 -81.52 3.77 5.75
N TYR D 176 -80.39 3.07 5.86
CA TYR D 176 -79.64 2.61 4.71
C TYR D 176 -79.74 1.10 4.55
N SER D 177 -79.49 0.64 3.33
CA SER D 177 -79.46 -0.77 2.99
C SER D 177 -78.50 -0.99 1.83
N LEU D 178 -77.74 -2.09 1.89
CA LEU D 178 -76.87 -2.48 0.79
C LEU D 178 -76.86 -4.00 0.69
N SER D 179 -76.17 -4.50 -0.33
CA SER D 179 -76.02 -5.93 -0.55
C SER D 179 -74.64 -6.23 -1.08
N SER D 180 -74.20 -7.47 -0.88
CA SER D 180 -72.90 -7.94 -1.35
C SER D 180 -73.10 -9.31 -1.96
N VAL D 181 -72.58 -9.51 -3.17
CA VAL D 181 -72.77 -10.76 -3.89
C VAL D 181 -71.43 -11.34 -4.29
N VAL D 182 -71.38 -12.66 -4.40
CA VAL D 182 -70.22 -13.42 -4.84
C VAL D 182 -70.69 -14.35 -5.95
N THR D 183 -70.00 -14.34 -7.08
CA THR D 183 -70.28 -15.33 -8.12
C THR D 183 -69.26 -16.44 -8.01
N VAL D 184 -69.74 -17.62 -7.63
CA VAL D 184 -68.94 -18.74 -7.18
C VAL D 184 -69.10 -19.87 -8.21
N PRO D 185 -68.08 -20.66 -8.45
CA PRO D 185 -68.29 -21.91 -9.20
C PRO D 185 -69.29 -22.79 -8.47
N SER D 186 -70.30 -23.26 -9.20
CA SER D 186 -71.31 -24.14 -8.61
C SER D 186 -70.73 -25.50 -8.25
N SER D 187 -69.62 -25.86 -8.89
CA SER D 187 -68.84 -27.04 -8.52
C SER D 187 -68.63 -27.12 -7.01
N SER D 188 -68.30 -25.99 -6.38
CA SER D 188 -67.57 -25.96 -5.13
C SER D 188 -68.40 -25.41 -3.97
N LEU D 189 -69.72 -25.59 -4.02
CA LEU D 189 -70.58 -25.06 -2.97
C LEU D 189 -70.61 -25.95 -1.75
N GLY D 190 -70.32 -27.24 -1.89
CA GLY D 190 -70.19 -28.12 -0.75
C GLY D 190 -68.81 -28.24 -0.17
N THR D 191 -67.80 -27.69 -0.84
CA THR D 191 -66.42 -27.77 -0.37
C THR D 191 -65.93 -26.49 0.30
N GLN D 192 -66.36 -25.33 -0.18
CA GLN D 192 -65.94 -24.06 0.39
C GLN D 192 -67.06 -23.38 1.16
N THR D 193 -66.68 -22.72 2.24
CA THR D 193 -67.60 -22.06 3.15
C THR D 193 -67.59 -20.57 2.87
N TYR D 194 -68.77 -19.98 2.73
CA TYR D 194 -68.92 -18.56 2.43
C TYR D 194 -69.59 -17.89 3.61
N ILE D 195 -68.80 -17.18 4.41
CA ILE D 195 -69.30 -16.36 5.50
C ILE D 195 -69.04 -14.91 5.14
N CYS D 196 -70.06 -14.08 5.28
CA CYS D 196 -69.93 -12.64 5.07
C CYS D 196 -69.84 -11.97 6.43
N ASN D 197 -68.75 -11.26 6.68
CA ASN D 197 -68.50 -10.63 7.96
C ASN D 197 -68.86 -9.16 7.82
N VAL D 198 -70.07 -8.82 8.23
CA VAL D 198 -70.56 -7.44 8.18
C VAL D 198 -70.07 -6.72 9.42
N ASN D 199 -69.50 -5.52 9.22
CA ASN D 199 -68.99 -4.73 10.33
C ASN D 199 -69.59 -3.34 10.27
N HIS D 200 -70.23 -2.93 11.37
CA HIS D 200 -70.85 -1.62 11.52
C HIS D 200 -70.34 -1.10 12.86
N LYS D 201 -69.33 -0.23 12.83
CA LYS D 201 -68.70 0.10 14.11
C LYS D 201 -69.49 1.10 14.95
N PRO D 202 -70.21 2.09 14.38
CA PRO D 202 -70.95 3.01 15.26
C PRO D 202 -71.91 2.31 16.23
N SER D 203 -72.53 1.22 15.80
CA SER D 203 -73.52 0.52 16.62
C SER D 203 -72.93 -0.65 17.41
N ASN D 204 -71.62 -0.83 17.39
CA ASN D 204 -70.96 -1.95 18.07
C ASN D 204 -71.52 -3.29 17.56
N THR D 205 -71.51 -3.44 16.24
CA THR D 205 -72.09 -4.61 15.58
C THR D 205 -71.00 -5.35 14.82
N LYS D 206 -70.96 -6.68 14.99
CA LYS D 206 -70.05 -7.55 14.24
C LYS D 206 -70.78 -8.87 14.03
N VAL D 207 -71.45 -9.00 12.89
CA VAL D 207 -72.25 -10.17 12.57
C VAL D 207 -71.53 -10.99 11.51
N ASP D 208 -71.34 -12.27 11.79
CA ASP D 208 -70.74 -13.22 10.85
C ASP D 208 -71.85 -14.18 10.42
N LYS D 209 -72.37 -13.97 9.22
CA LYS D 209 -73.53 -14.70 8.72
C LYS D 209 -73.07 -15.72 7.68
N LYS D 210 -73.37 -16.99 7.93
CA LYS D 210 -73.05 -18.05 6.98
C LYS D 210 -74.16 -18.15 5.93
N VAL D 211 -73.78 -18.10 4.65
CA VAL D 211 -74.74 -18.23 3.57
C VAL D 211 -74.72 -19.66 3.08
N GLU D 212 -75.78 -20.41 3.39
CA GLU D 212 -75.90 -21.80 3.01
C GLU D 212 -76.93 -21.95 1.90
N PRO D 213 -76.71 -22.85 0.95
CA PRO D 213 -77.68 -23.04 -0.13
C PRO D 213 -78.97 -23.66 0.37
N LYS D 214 -80.04 -23.38 -0.36
CA LYS D 214 -81.36 -23.93 -0.03
C LYS D 214 -82.31 -23.83 -1.22
N ALA E 2 21.76 52.68 -15.97
CA ALA E 2 22.99 52.32 -16.68
C ALA E 2 23.03 50.82 -16.96
N VAL E 3 22.16 50.35 -17.85
CA VAL E 3 22.07 48.94 -18.17
C VAL E 3 23.10 48.58 -19.25
N VAL E 4 23.61 47.36 -19.17
CA VAL E 4 24.56 46.82 -20.14
C VAL E 4 23.82 45.81 -20.99
N ILE E 5 23.79 46.03 -22.30
CA ILE E 5 23.02 45.20 -23.22
C ILE E 5 23.94 44.25 -23.95
N GLN E 6 23.50 43.00 -24.06
CA GLN E 6 24.21 41.97 -24.82
C GLN E 6 23.23 41.21 -25.68
N GLU E 7 23.74 40.66 -26.78
CA GLU E 7 22.97 39.69 -27.56
C GLU E 7 22.51 38.57 -26.65
N SER E 8 21.33 38.03 -26.94
CA SER E 8 20.83 36.92 -26.14
C SER E 8 21.54 35.62 -26.51
N ALA E 9 21.57 35.27 -27.79
CA ALA E 9 22.21 34.03 -28.21
C ALA E 9 22.89 34.21 -29.56
N LEU E 10 23.94 33.41 -29.78
CA LEU E 10 24.66 33.37 -31.05
C LEU E 10 25.15 31.94 -31.27
N THR E 11 25.12 31.49 -32.52
CA THR E 11 25.53 30.15 -32.88
C THR E 11 26.68 30.18 -33.89
N THR E 12 27.38 29.06 -34.00
CA THR E 12 28.44 28.92 -34.99
C THR E 12 28.81 27.44 -35.12
N SER E 13 29.49 27.13 -36.20
CA SER E 13 30.07 25.82 -36.42
C SER E 13 31.57 25.86 -36.15
N PRO E 14 32.17 24.71 -35.82
CA PRO E 14 33.62 24.71 -35.52
C PRO E 14 34.43 25.26 -36.69
N GLY E 15 35.31 26.21 -36.38
CA GLY E 15 36.06 26.93 -37.37
C GLY E 15 35.44 28.24 -37.81
N GLY E 16 34.22 28.55 -37.35
CA GLY E 16 33.59 29.81 -37.68
C GLY E 16 33.94 30.91 -36.71
N THR E 17 33.48 32.11 -37.02
CA THR E 17 33.70 33.29 -36.20
C THR E 17 32.37 33.74 -35.60
N VAL E 18 32.40 34.26 -34.38
CA VAL E 18 31.25 34.97 -33.81
C VAL E 18 31.75 36.20 -33.07
N ILE E 19 31.02 37.30 -33.22
CA ILE E 19 31.32 38.56 -32.55
C ILE E 19 30.27 38.79 -31.49
N LEU E 20 30.69 38.84 -30.23
CA LEU E 20 29.80 39.19 -29.13
C LEU E 20 29.98 40.66 -28.80
N THR E 21 28.86 41.38 -28.72
CA THR E 21 28.92 42.81 -28.44
C THR E 21 28.48 43.10 -27.02
N CYS E 22 28.89 44.27 -26.55
CA CYS E 22 28.55 44.74 -25.21
C CYS E 22 28.24 46.22 -25.35
N ARG E 23 26.97 46.59 -25.18
CA ARG E 23 26.50 47.95 -25.41
C ARG E 23 26.07 48.59 -24.10
N SER E 24 26.45 49.85 -23.92
CA SER E 24 26.10 50.61 -22.73
C SER E 24 24.98 51.58 -23.09
N SER E 25 23.87 51.50 -22.36
CA SER E 25 22.74 52.40 -22.60
C SER E 25 23.13 53.86 -22.41
N THR E 26 24.10 54.13 -21.53
CA THR E 26 24.48 55.52 -21.24
C THR E 26 25.09 56.19 -22.46
N GLY E 27 26.11 55.58 -23.04
CA GLY E 27 26.76 56.15 -24.20
C GLY E 27 27.82 55.23 -24.76
N THR E 28 28.72 55.82 -25.53
CA THR E 28 29.78 55.05 -26.15
C THR E 28 30.77 54.56 -25.10
N ILE E 29 31.38 53.41 -25.38
CA ILE E 29 32.32 52.77 -24.47
C ILE E 29 33.73 53.18 -24.85
N THR E 30 34.52 53.56 -23.85
CA THR E 30 35.94 53.86 -24.02
C THR E 30 36.77 52.87 -23.22
N THR E 31 38.10 52.99 -23.35
CA THR E 31 39.00 52.12 -22.60
C THR E 31 38.83 52.29 -21.10
N SER E 32 38.34 53.45 -20.66
CA SER E 32 38.14 53.71 -19.24
C SER E 32 36.91 53.00 -18.68
N ASN E 33 36.20 52.22 -19.50
CA ASN E 33 35.13 51.38 -19.01
C ASN E 33 35.62 49.98 -18.63
N TYR E 34 36.87 49.64 -18.97
CA TYR E 34 37.52 48.40 -18.56
C TYR E 34 36.62 47.19 -18.76
N ALA E 35 36.27 46.95 -20.02
CA ALA E 35 35.35 45.85 -20.33
C ALA E 35 35.92 44.51 -19.89
N ASN E 36 35.16 43.79 -19.09
CA ASN E 36 35.56 42.49 -18.55
C ASN E 36 34.62 41.43 -19.10
N TRP E 37 35.20 40.35 -19.63
CA TRP E 37 34.43 39.25 -20.22
C TRP E 37 34.60 38.01 -19.37
N VAL E 38 33.47 37.36 -19.06
CA VAL E 38 33.45 36.22 -18.15
C VAL E 38 32.76 35.06 -18.83
N GLN E 39 33.43 33.91 -18.85
CA GLN E 39 32.88 32.68 -19.40
C GLN E 39 32.25 31.85 -18.29
N LYS E 40 31.28 31.01 -18.66
CA LYS E 40 30.65 30.12 -17.70
C LYS E 40 30.11 28.90 -18.44
N LYS E 41 30.88 27.82 -18.44
CA LYS E 41 30.32 26.55 -18.88
C LYS E 41 29.58 25.90 -17.72
N PRO E 42 28.60 25.04 -18.00
CA PRO E 42 27.92 24.32 -16.91
C PRO E 42 28.90 23.40 -16.18
N ASN E 43 28.68 23.25 -14.88
CA ASN E 43 29.51 22.42 -14.01
C ASN E 43 30.95 22.91 -13.91
N HIS E 44 31.21 24.16 -14.30
CA HIS E 44 32.53 24.77 -14.18
C HIS E 44 32.38 26.13 -13.53
N VAL E 45 33.49 26.61 -12.94
CA VAL E 45 33.47 27.92 -12.30
C VAL E 45 33.45 29.02 -13.36
N PHE E 46 32.96 30.19 -12.96
CA PHE E 46 33.11 31.38 -13.80
C PHE E 46 34.59 31.66 -14.02
N THR E 47 34.94 32.10 -15.23
CA THR E 47 36.31 32.40 -15.57
C THR E 47 36.38 33.73 -16.31
N GLY E 48 37.31 34.59 -15.89
CA GLY E 48 37.54 35.84 -16.57
C GLY E 48 38.49 35.67 -17.75
N LEU E 49 37.96 35.79 -18.97
CA LEU E 49 38.77 35.59 -20.16
C LEU E 49 39.51 36.87 -20.55
N ILE E 50 38.81 38.00 -20.58
CA ILE E 50 39.37 39.27 -21.00
C ILE E 50 39.10 40.30 -19.91
N GLY E 51 40.14 41.03 -19.52
CA GLY E 51 39.97 42.17 -18.65
C GLY E 51 40.63 43.39 -19.29
N ALA E 52 40.17 44.56 -18.84
CA ALA E 52 40.65 45.84 -19.36
C ALA E 52 40.57 45.85 -20.89
N THR E 53 39.36 45.61 -21.38
CA THR E 53 39.02 45.69 -22.80
C THR E 53 39.67 44.58 -23.64
N SER E 54 40.97 44.35 -23.47
CA SER E 54 41.69 43.51 -24.42
C SER E 54 42.71 42.56 -23.82
N ILE E 55 42.93 42.56 -22.51
CA ILE E 55 43.97 41.72 -21.92
C ILE E 55 43.42 40.32 -21.68
N ARG E 56 44.06 39.31 -22.26
CA ARG E 56 43.67 37.92 -22.07
C ARG E 56 44.29 37.37 -20.79
N ALA E 57 43.54 36.49 -20.13
CA ALA E 57 44.06 35.76 -18.99
C ALA E 57 45.15 34.80 -19.46
N PRO E 58 46.05 34.40 -18.56
CA PRO E 58 47.21 33.59 -18.99
C PRO E 58 46.85 32.32 -19.73
N GLY E 59 45.72 31.70 -19.42
CA GLY E 59 45.34 30.44 -20.03
C GLY E 59 44.36 30.52 -21.18
N VAL E 60 43.89 31.70 -21.53
CA VAL E 60 42.90 31.82 -22.60
C VAL E 60 43.59 31.61 -23.95
N PRO E 61 43.04 30.78 -24.83
CA PRO E 61 43.62 30.63 -26.16
C PRO E 61 43.50 31.91 -26.98
N VAL E 62 44.47 32.13 -27.86
CA VAL E 62 44.56 33.38 -28.61
C VAL E 62 43.49 33.52 -29.69
N ARG E 63 42.58 32.54 -29.81
CA ARG E 63 41.45 32.72 -30.70
C ARG E 63 40.39 33.65 -30.12
N PHE E 64 40.53 34.06 -28.87
CA PHE E 64 39.68 35.10 -28.28
C PHE E 64 40.35 36.45 -28.43
N SER E 65 39.54 37.49 -28.67
CA SER E 65 40.05 38.83 -28.87
C SER E 65 39.03 39.85 -28.37
N GLY E 66 39.51 40.82 -27.61
CA GLY E 66 38.69 41.90 -27.10
C GLY E 66 39.15 43.23 -27.68
N PHE E 67 38.19 44.07 -28.06
CA PHE E 67 38.50 45.35 -28.68
C PHE E 67 37.26 46.21 -28.69
N LEU E 68 37.46 47.49 -29.01
CA LEU E 68 36.36 48.45 -29.11
C LEU E 68 35.96 48.61 -30.57
N ILE E 69 34.65 48.78 -30.77
CA ILE E 69 34.04 48.82 -32.10
C ILE E 69 32.77 49.65 -31.99
N GLY E 70 32.68 50.70 -32.80
CA GLY E 70 31.53 51.58 -32.82
C GLY E 70 30.95 51.90 -31.46
N GLY E 71 31.78 52.40 -30.56
CA GLY E 71 31.32 52.76 -29.23
C GLY E 71 30.95 51.59 -28.33
N LYS E 72 31.17 50.36 -28.77
CA LYS E 72 30.82 49.18 -28.00
C LYS E 72 32.07 48.34 -27.73
N ALA E 73 31.96 47.48 -26.73
CA ALA E 73 32.99 46.51 -26.42
C ALA E 73 32.66 45.18 -27.08
N ALA E 74 33.66 44.56 -27.70
CA ALA E 74 33.46 43.37 -28.50
C ALA E 74 34.36 42.23 -28.03
N LEU E 75 33.88 41.01 -28.25
CA LEU E 75 34.65 39.79 -27.99
C LEU E 75 34.48 38.88 -29.19
N THR E 76 35.59 38.57 -29.86
CA THR E 76 35.57 37.76 -31.07
C THR E 76 36.18 36.40 -30.80
N ILE E 77 35.50 35.36 -31.24
CA ILE E 77 36.00 33.99 -31.19
C ILE E 77 36.28 33.58 -32.63
N THR E 78 37.55 33.53 -32.99
CA THR E 78 37.96 33.19 -34.36
C THR E 78 38.25 31.70 -34.43
N GLY E 79 37.44 30.98 -35.22
CA GLY E 79 37.55 29.54 -35.30
C GLY E 79 37.03 28.87 -34.04
N ALA E 80 35.77 29.11 -33.73
CA ALA E 80 35.19 28.64 -32.47
C ALA E 80 35.25 27.12 -32.38
N GLN E 81 35.30 26.63 -31.13
CA GLN E 81 35.42 25.22 -30.81
C GLN E 81 34.28 24.82 -29.90
N THR E 82 34.03 23.50 -29.83
CA THR E 82 32.99 23.01 -28.94
C THR E 82 33.28 23.35 -27.48
N GLU E 83 34.57 23.50 -27.13
CA GLU E 83 34.92 23.97 -25.79
C GLU E 83 34.42 25.37 -25.52
N ASP E 84 34.18 26.17 -26.56
CA ASP E 84 33.72 27.54 -26.39
C ASP E 84 32.21 27.63 -26.22
N ASP E 85 31.49 26.52 -26.29
CA ASP E 85 30.05 26.51 -26.07
C ASP E 85 29.79 26.81 -24.59
N ALA E 86 29.43 28.05 -24.30
CA ALA E 86 29.24 28.45 -22.90
C ALA E 86 28.44 29.75 -22.88
N MET E 87 28.19 30.24 -21.66
CA MET E 87 27.63 31.56 -21.46
C MET E 87 28.75 32.59 -21.33
N TYR E 88 28.52 33.79 -21.87
CA TYR E 88 29.52 34.85 -21.86
C TYR E 88 28.88 36.11 -21.32
N PHE E 89 29.47 36.66 -20.26
CA PHE E 89 28.96 37.85 -19.61
C PHE E 89 29.93 39.01 -19.83
N CYS E 90 29.38 40.22 -19.89
CA CYS E 90 30.15 41.43 -20.03
C CYS E 90 30.00 42.29 -18.78
N ALA E 91 31.04 43.04 -18.47
CA ALA E 91 31.03 43.93 -17.32
C ALA E 91 31.72 45.23 -17.70
N LEU E 92 31.09 46.36 -17.38
CA LEU E 92 31.62 47.67 -17.68
C LEU E 92 31.85 48.44 -16.38
N TRP E 93 32.91 49.23 -16.35
CA TRP E 93 33.28 50.02 -15.18
C TRP E 93 32.80 51.45 -15.37
N TYR E 94 31.98 51.93 -14.45
CA TYR E 94 31.49 53.30 -14.48
C TYR E 94 32.06 54.07 -13.30
N ASN E 95 33.37 54.32 -13.37
CA ASN E 95 34.11 55.14 -12.41
C ASN E 95 34.17 54.53 -11.02
N THR E 96 33.04 54.06 -10.50
CA THR E 96 32.98 53.59 -9.12
C THR E 96 32.31 52.23 -8.95
N HIS E 97 31.91 51.56 -10.03
CA HIS E 97 31.25 50.27 -9.89
C HIS E 97 31.20 49.57 -11.23
N TYR E 98 31.25 48.23 -11.17
CA TYR E 98 31.02 47.39 -12.33
C TYR E 98 29.52 47.12 -12.48
N VAL E 99 29.10 46.86 -13.72
CA VAL E 99 27.74 46.44 -14.02
C VAL E 99 27.81 45.30 -15.03
N PHE E 100 27.09 44.21 -14.76
CA PHE E 100 27.06 43.05 -15.63
C PHE E 100 25.88 43.13 -16.58
N GLY E 101 26.08 42.63 -17.81
CA GLY E 101 25.01 42.47 -18.76
C GLY E 101 24.30 41.13 -18.59
N GLY E 102 23.24 40.95 -19.39
CA GLY E 102 22.43 39.75 -19.28
C GLY E 102 23.14 38.48 -19.70
N GLY E 103 24.23 38.60 -20.46
CA GLY E 103 24.96 37.42 -20.90
C GLY E 103 24.50 36.92 -22.26
N THR E 104 25.44 36.35 -23.00
CA THR E 104 25.18 35.82 -24.34
C THR E 104 25.53 34.34 -24.35
N LYS E 105 24.57 33.51 -24.77
CA LYS E 105 24.81 32.08 -24.91
C LYS E 105 25.36 31.81 -26.31
N VAL E 106 26.55 31.23 -26.37
CA VAL E 106 27.18 30.88 -27.62
C VAL E 106 27.09 29.37 -27.78
N THR E 107 26.26 28.92 -28.70
CA THR E 107 26.16 27.50 -29.02
C THR E 107 27.09 27.20 -30.18
N VAL E 108 27.85 26.11 -30.07
CA VAL E 108 28.73 25.65 -31.12
C VAL E 108 28.14 24.36 -31.69
N LEU E 109 27.85 24.37 -32.99
CA LEU E 109 27.24 23.22 -33.63
C LEU E 109 28.25 22.06 -33.72
N GLY E 110 27.81 20.97 -34.34
CA GLY E 110 28.66 19.81 -34.46
C GLY E 110 28.30 18.72 -33.47
N GLN E 111 27.00 18.55 -33.23
CA GLN E 111 26.49 17.49 -32.39
C GLN E 111 25.16 17.05 -33.02
N PRO E 112 24.98 15.77 -33.29
CA PRO E 112 23.75 15.33 -33.95
C PRO E 112 22.54 15.47 -33.03
N LYS E 113 21.39 15.67 -33.66
CA LYS E 113 20.14 15.79 -32.90
C LYS E 113 19.86 14.49 -32.16
N ALA E 114 19.50 14.61 -30.89
CA ALA E 114 19.20 13.46 -30.05
C ALA E 114 17.76 13.55 -29.57
N ALA E 115 17.02 12.47 -29.81
CA ALA E 115 15.65 12.41 -29.31
C ALA E 115 15.66 12.18 -27.81
N PRO E 116 14.77 12.83 -27.05
CA PRO E 116 14.82 12.72 -25.60
C PRO E 116 14.39 11.34 -25.12
N SER E 117 15.14 10.82 -24.16
CA SER E 117 14.79 9.56 -23.49
C SER E 117 13.96 9.89 -22.26
N VAL E 118 12.68 9.52 -22.29
CA VAL E 118 11.72 9.88 -21.25
C VAL E 118 11.48 8.67 -20.36
N THR E 119 11.53 8.89 -19.04
CA THR E 119 11.22 7.87 -18.05
C THR E 119 10.33 8.49 -16.99
N LEU E 120 9.16 7.89 -16.77
CA LEU E 120 8.18 8.40 -15.82
C LEU E 120 8.17 7.48 -14.60
N PHE E 121 8.49 8.04 -13.43
CA PHE E 121 8.53 7.24 -12.21
C PHE E 121 7.24 7.39 -11.43
N PRO E 122 6.57 6.29 -11.08
CA PRO E 122 5.39 6.40 -10.22
C PRO E 122 5.80 6.78 -8.81
N PRO E 123 4.85 7.20 -7.97
CA PRO E 123 5.20 7.54 -6.58
C PRO E 123 5.61 6.28 -5.81
N SER E 124 6.72 6.39 -5.09
CA SER E 124 7.23 5.26 -4.33
C SER E 124 6.27 4.88 -3.21
N SER E 125 6.40 3.63 -2.75
CA SER E 125 5.56 3.16 -1.67
C SER E 125 5.85 3.90 -0.37
N GLU E 126 7.12 4.23 -0.12
CA GLU E 126 7.47 4.97 1.09
C GLU E 126 6.85 6.36 1.09
N GLU E 127 6.73 6.99 -0.08
CA GLU E 127 6.11 8.31 -0.15
C GLU E 127 4.61 8.22 0.03
N LEU E 128 3.97 7.17 -0.50
CA LEU E 128 2.54 6.99 -0.30
C LEU E 128 2.21 6.73 1.16
N GLN E 129 3.09 6.00 1.87
CA GLN E 129 2.89 5.81 3.30
C GLN E 129 3.06 7.11 4.07
N ALA E 130 3.77 8.08 3.51
CA ALA E 130 3.93 9.41 4.08
C ALA E 130 2.81 10.35 3.66
N ASN E 131 1.69 9.82 3.15
CA ASN E 131 0.55 10.63 2.71
C ASN E 131 0.96 11.67 1.69
N LYS E 132 1.86 11.30 0.78
CA LYS E 132 2.29 12.17 -0.29
C LYS E 132 2.42 11.36 -1.57
N ALA E 133 2.53 12.08 -2.70
CA ALA E 133 2.62 11.43 -4.00
C ALA E 133 3.25 12.40 -4.98
N THR E 134 4.37 12.02 -5.56
CA THR E 134 5.07 12.86 -6.52
C THR E 134 5.40 12.04 -7.76
N LEU E 135 4.97 12.53 -8.92
CA LEU E 135 5.31 11.92 -10.20
C LEU E 135 6.58 12.58 -10.73
N VAL E 136 7.61 11.78 -10.98
CA VAL E 136 8.89 12.28 -11.46
C VAL E 136 9.04 11.87 -12.92
N CYS E 137 9.20 12.86 -13.80
CA CYS E 137 9.42 12.61 -15.22
C CYS E 137 10.84 12.99 -15.56
N LEU E 138 11.60 12.03 -16.06
CA LEU E 138 13.01 12.20 -16.38
C LEU E 138 13.19 12.30 -17.90
N ILE E 139 13.67 13.45 -18.35
CA ILE E 139 13.99 13.69 -19.76
C ILE E 139 15.50 13.72 -19.88
N SER E 140 16.06 12.78 -20.63
CA SER E 140 17.52 12.64 -20.69
C SER E 140 17.98 12.42 -22.12
N ASP E 141 19.22 12.85 -22.38
CA ASP E 141 19.93 12.60 -23.64
C ASP E 141 19.15 13.17 -24.83
N PHE E 142 19.18 14.50 -24.92
CA PHE E 142 18.54 15.18 -26.03
C PHE E 142 19.36 16.40 -26.43
N TYR E 143 19.29 16.74 -27.71
CA TYR E 143 19.99 17.88 -28.27
C TYR E 143 19.14 18.41 -29.43
N PRO E 144 18.91 19.74 -29.51
CA PRO E 144 19.44 20.78 -28.61
C PRO E 144 18.73 20.84 -27.27
N GLY E 145 19.19 21.70 -26.37
CA GLY E 145 18.63 21.81 -25.04
C GLY E 145 17.36 22.64 -24.98
N ALA E 146 16.37 22.30 -25.79
CA ALA E 146 15.09 23.00 -25.82
C ALA E 146 13.99 21.95 -25.80
N VAL E 147 13.29 21.82 -24.67
CA VAL E 147 12.26 20.81 -24.46
C VAL E 147 11.11 21.47 -23.68
N THR E 148 9.91 20.94 -23.87
CA THR E 148 8.76 21.38 -23.08
C THR E 148 7.88 20.17 -22.76
N VAL E 149 7.32 20.19 -21.56
CA VAL E 149 6.55 19.07 -21.02
C VAL E 149 5.14 19.56 -20.69
N ALA E 150 4.17 18.67 -20.89
CA ALA E 150 2.78 18.92 -20.55
C ALA E 150 2.24 17.68 -19.88
N TRP E 151 1.69 17.84 -18.68
CA TRP E 151 1.22 16.72 -17.89
C TRP E 151 -0.27 16.48 -18.14
N LYS E 152 -0.62 15.25 -18.48
CA LYS E 152 -2.00 14.85 -18.68
C LYS E 152 -2.43 13.90 -17.57
N ALA E 153 -3.69 14.00 -17.15
CA ALA E 153 -4.27 13.12 -16.14
C ALA E 153 -5.53 12.50 -16.71
N ASP E 154 -5.46 11.23 -17.08
CA ASP E 154 -6.56 10.52 -17.72
C ASP E 154 -7.05 11.29 -18.95
N SER E 155 -6.10 11.57 -19.84
CA SER E 155 -6.29 12.29 -21.09
C SER E 155 -6.72 13.74 -20.89
N SER E 156 -6.75 14.22 -19.64
CA SER E 156 -7.12 15.61 -19.37
C SER E 156 -5.92 16.40 -18.87
N PRO E 157 -5.68 17.60 -19.41
CA PRO E 157 -4.48 18.36 -19.03
C PRO E 157 -4.50 18.84 -17.58
N VAL E 158 -3.30 18.89 -16.99
CA VAL E 158 -3.12 19.42 -15.65
C VAL E 158 -2.04 20.50 -15.69
N LYS E 159 -2.13 21.45 -14.75
CA LYS E 159 -1.15 22.52 -14.66
C LYS E 159 -0.74 22.79 -13.22
N ALA E 160 -1.64 22.54 -12.27
CA ALA E 160 -1.34 22.80 -10.86
C ALA E 160 -0.42 21.72 -10.31
N GLY E 161 0.49 22.13 -9.42
CA GLY E 161 1.42 21.21 -8.82
C GLY E 161 2.54 20.76 -9.73
N VAL E 162 2.78 21.46 -10.84
CA VAL E 162 3.82 21.11 -11.79
C VAL E 162 5.01 22.04 -11.60
N GLU E 163 6.22 21.47 -11.66
CA GLU E 163 7.43 22.28 -11.67
C GLU E 163 8.50 21.52 -12.45
N THR E 164 9.22 22.24 -13.30
CA THR E 164 10.17 21.65 -14.24
C THR E 164 11.50 22.40 -14.17
N THR E 165 12.59 21.64 -14.21
CA THR E 165 13.91 22.24 -14.29
C THR E 165 14.23 22.67 -15.72
N THR E 166 15.03 23.72 -15.84
CA THR E 166 15.51 24.11 -17.14
C THR E 166 16.54 23.08 -17.64
N PRO E 167 16.53 22.76 -18.93
CA PRO E 167 17.45 21.73 -19.44
C PRO E 167 18.90 22.05 -19.12
N SER E 168 19.58 21.08 -18.51
CA SER E 168 20.98 21.20 -18.13
C SER E 168 21.80 20.14 -18.85
N LYS E 169 23.07 20.46 -19.10
CA LYS E 169 23.96 19.56 -19.83
C LYS E 169 24.45 18.45 -18.92
N GLN E 170 24.40 17.22 -19.42
CA GLN E 170 24.95 16.08 -18.71
C GLN E 170 26.47 16.10 -18.88
N SER E 171 27.14 15.05 -18.41
CA SER E 171 28.58 14.99 -18.60
C SER E 171 28.96 14.56 -20.02
N ASN E 172 28.07 13.85 -20.73
CA ASN E 172 28.29 13.50 -22.12
C ASN E 172 27.77 14.56 -23.08
N ASN E 173 27.71 15.82 -22.63
CA ASN E 173 27.42 17.00 -23.44
C ASN E 173 26.01 17.01 -24.03
N LYS E 174 25.19 16.00 -23.75
CA LYS E 174 23.78 16.10 -24.07
C LYS E 174 23.01 16.62 -22.86
N TYR E 175 21.78 17.04 -23.10
CA TYR E 175 21.00 17.75 -22.10
C TYR E 175 20.07 16.81 -21.34
N ALA E 176 19.67 17.25 -20.16
CA ALA E 176 18.74 16.50 -19.32
C ALA E 176 17.87 17.48 -18.55
N ALA E 177 16.61 17.11 -18.33
CA ALA E 177 15.69 17.91 -17.56
C ALA E 177 14.80 16.98 -16.73
N SER E 178 13.97 17.57 -15.90
CA SER E 178 13.06 16.81 -15.05
C SER E 178 11.84 17.67 -14.73
N SER E 179 10.69 17.01 -14.61
CA SER E 179 9.45 17.68 -14.24
C SER E 179 8.75 16.87 -13.16
N TYR E 180 8.15 17.59 -12.20
CA TYR E 180 7.53 16.96 -11.04
C TYR E 180 6.07 17.39 -10.96
N LEU E 181 5.19 16.43 -10.73
CA LEU E 181 3.76 16.68 -10.54
C LEU E 181 3.39 16.31 -9.11
N SER E 182 3.25 17.32 -8.26
CA SER E 182 2.86 17.09 -6.88
C SER E 182 1.40 16.67 -6.82
N LEU E 183 1.13 15.49 -6.25
CA LEU E 183 -0.21 14.96 -6.16
C LEU E 183 -0.53 14.56 -4.72
N THR E 184 -1.81 14.55 -4.43
CA THR E 184 -2.33 13.88 -3.27
C THR E 184 -2.36 12.37 -3.50
N PRO E 185 -2.29 11.56 -2.45
CA PRO E 185 -2.58 10.13 -2.63
C PRO E 185 -4.01 9.88 -3.06
N GLU E 186 -4.95 10.73 -2.63
CA GLU E 186 -6.35 10.56 -2.99
C GLU E 186 -6.62 10.93 -4.46
N GLN E 187 -5.66 11.53 -5.15
CA GLN E 187 -5.81 11.79 -6.59
C GLN E 187 -5.00 10.83 -7.45
N TRP E 188 -3.84 10.37 -6.97
CA TRP E 188 -3.09 9.37 -7.71
C TRP E 188 -3.87 8.07 -7.84
N LYS E 189 -4.72 7.77 -6.85
CA LYS E 189 -5.54 6.56 -6.87
C LYS E 189 -6.90 6.79 -7.51
N SER E 190 -7.41 8.01 -7.48
CA SER E 190 -8.73 8.28 -8.05
C SER E 190 -8.70 8.22 -9.57
N HIS E 191 -7.57 8.54 -10.18
CA HIS E 191 -7.44 8.48 -11.63
C HIS E 191 -6.83 7.13 -12.05
N ARG E 192 -7.16 6.72 -13.27
CA ARG E 192 -6.66 5.45 -13.80
C ARG E 192 -5.33 5.59 -14.52
N SER E 193 -4.94 6.80 -14.87
CA SER E 193 -3.81 7.03 -15.76
C SER E 193 -3.13 8.35 -15.39
N TYR E 194 -1.81 8.38 -15.56
CA TYR E 194 -1.05 9.62 -15.58
C TYR E 194 0.04 9.49 -16.63
N SER E 195 0.34 10.60 -17.30
CA SER E 195 1.28 10.59 -18.41
C SER E 195 2.11 11.87 -18.41
N CYS E 196 3.33 11.75 -18.90
CA CYS E 196 4.26 12.86 -19.10
C CYS E 196 4.57 12.92 -20.59
N GLN E 197 3.98 13.89 -21.30
CA GLN E 197 4.25 14.02 -22.72
C GLN E 197 5.28 15.12 -22.95
N VAL E 198 6.33 14.76 -23.67
CA VAL E 198 7.54 15.56 -23.83
C VAL E 198 7.66 15.88 -25.31
N THR E 199 7.72 17.16 -25.64
CA THR E 199 7.88 17.59 -27.03
C THR E 199 9.25 18.22 -27.17
N HIS E 200 10.06 17.69 -28.09
CA HIS E 200 11.42 18.17 -28.33
C HIS E 200 11.62 18.28 -29.83
N GLU E 201 11.77 19.51 -30.33
CA GLU E 201 12.07 19.76 -31.75
C GLU E 201 10.96 19.22 -32.64
N GLY E 202 9.73 19.63 -32.36
CA GLY E 202 8.58 19.17 -33.13
C GLY E 202 8.10 17.77 -32.80
N SER E 203 9.00 16.80 -32.72
CA SER E 203 8.63 15.45 -32.31
C SER E 203 8.25 15.45 -30.84
N THR E 204 7.37 14.52 -30.48
CA THR E 204 6.79 14.49 -29.14
C THR E 204 6.80 13.07 -28.60
N VAL E 205 7.23 12.93 -27.34
CA VAL E 205 7.35 11.65 -26.66
C VAL E 205 6.39 11.61 -25.48
N GLU E 206 5.80 10.44 -25.22
CA GLU E 206 4.84 10.30 -24.14
C GLU E 206 5.05 8.97 -23.42
N LYS E 207 5.36 9.04 -22.13
CA LYS E 207 5.39 7.89 -21.25
C LYS E 207 4.26 8.00 -20.23
N THR E 208 3.77 6.86 -19.75
CA THR E 208 2.65 6.82 -18.80
C THR E 208 2.87 5.72 -17.79
N VAL E 209 2.36 5.93 -16.57
CA VAL E 209 2.46 4.97 -15.48
C VAL E 209 1.06 4.65 -14.96
N ALA E 210 0.99 3.67 -14.06
CA ALA E 210 -0.28 3.23 -13.49
C ALA E 210 -0.07 2.84 -12.03
N PRO E 211 -1.10 3.02 -11.19
CA PRO E 211 -1.00 2.57 -9.79
C PRO E 211 -1.01 1.06 -9.70
N THR E 212 -0.10 0.51 -8.90
CA THR E 212 0.03 -0.92 -8.73
C THR E 212 -0.03 -1.29 -7.25
N GLU E 213 -0.47 -2.51 -6.99
CA GLU E 213 -0.68 -2.99 -5.62
C GLU E 213 -0.54 -4.51 -5.55
N GLU F 1 48.36 27.99 -11.40
CA GLU F 1 46.91 28.00 -11.52
C GLU F 1 46.28 28.86 -10.44
N VAL F 2 45.39 29.76 -10.84
CA VAL F 2 44.66 30.58 -9.87
C VAL F 2 43.60 29.72 -9.21
N GLN F 3 43.47 29.85 -7.89
CA GLN F 3 42.43 29.13 -7.16
C GLN F 3 41.92 29.98 -6.02
N LEU F 4 40.60 30.10 -5.92
CA LEU F 4 39.96 30.86 -4.86
C LEU F 4 38.91 30.00 -4.21
N VAL F 5 38.86 30.00 -2.87
CA VAL F 5 37.92 29.21 -2.11
C VAL F 5 37.16 30.13 -1.16
N GLU F 6 35.85 30.18 -1.30
CA GLU F 6 35.01 30.99 -0.44
C GLU F 6 34.50 30.17 0.74
N SER F 7 34.20 30.86 1.84
CA SER F 7 33.62 30.22 3.01
C SER F 7 32.92 31.28 3.84
N GLY F 8 32.19 30.82 4.84
CA GLY F 8 31.47 31.70 5.74
C GLY F 8 30.01 31.88 5.42
N GLY F 9 29.49 31.22 4.38
CA GLY F 9 28.09 31.36 4.02
C GLY F 9 27.20 30.36 4.72
N GLY F 10 25.92 30.71 4.84
CA GLY F 10 24.96 29.82 5.46
C GLY F 10 23.60 30.49 5.58
N LEU F 11 22.77 29.91 6.44
CA LEU F 11 21.44 30.45 6.70
C LEU F 11 21.50 31.40 7.89
N VAL F 12 21.03 32.62 7.69
CA VAL F 12 21.03 33.64 8.74
C VAL F 12 19.69 34.35 8.74
N GLN F 13 19.22 34.69 9.94
CA GLN F 13 17.99 35.45 10.04
C GLN F 13 18.24 36.91 9.67
N PRO F 14 17.24 37.59 9.12
CA PRO F 14 17.43 39.00 8.73
C PRO F 14 17.81 39.86 9.92
N GLY F 15 18.68 40.84 9.65
CA GLY F 15 19.27 41.65 10.68
C GLY F 15 20.59 41.13 11.21
N GLY F 16 20.85 39.83 11.06
CA GLY F 16 22.11 39.26 11.48
C GLY F 16 23.25 39.70 10.58
N SER F 17 24.45 39.19 10.90
CA SER F 17 25.66 39.58 10.22
C SER F 17 26.45 38.32 9.84
N LEU F 18 27.14 38.40 8.70
CA LEU F 18 27.93 37.30 8.19
C LEU F 18 29.26 37.82 7.69
N ARG F 19 30.32 37.03 7.86
CA ARG F 19 31.66 37.37 7.40
C ARG F 19 32.11 36.34 6.38
N LEU F 20 32.21 36.76 5.12
CA LEU F 20 32.72 35.89 4.07
C LEU F 20 34.24 35.99 4.02
N SER F 21 34.86 34.87 3.67
CA SER F 21 36.31 34.79 3.55
C SER F 21 36.66 34.04 2.28
N CYS F 22 37.74 34.48 1.62
CA CYS F 22 38.21 33.87 0.40
C CYS F 22 39.71 33.63 0.53
N ALA F 23 40.13 32.38 0.29
CA ALA F 23 41.53 32.00 0.42
C ALA F 23 42.14 31.89 -0.97
N ALA F 24 43.03 32.81 -1.29
CA ALA F 24 43.70 32.85 -2.59
C ALA F 24 44.95 31.98 -2.57
N SER F 25 45.33 31.53 -3.76
CA SER F 25 46.50 30.68 -3.94
C SER F 25 46.82 30.59 -5.42
N GLY F 26 48.08 30.33 -5.73
CA GLY F 26 48.51 30.13 -7.10
C GLY F 26 48.97 31.37 -7.83
N PHE F 27 48.99 32.53 -7.17
CA PHE F 27 49.41 33.76 -7.81
C PHE F 27 49.82 34.76 -6.74
N ILE F 28 50.30 35.93 -7.17
CA ILE F 28 50.72 36.98 -6.25
C ILE F 28 49.47 37.74 -5.84
N PHE F 29 48.94 37.40 -4.65
CA PHE F 29 47.69 38.00 -4.19
C PHE F 29 47.83 39.50 -3.99
N SER F 30 49.00 39.96 -3.58
CA SER F 30 49.26 41.36 -3.26
C SER F 30 49.38 42.25 -4.50
N SER F 31 49.08 41.74 -5.70
CA SER F 31 49.27 42.51 -6.91
C SER F 31 47.99 42.76 -7.70
N ASP F 32 46.89 42.08 -7.38
CA ASP F 32 45.68 42.13 -8.18
C ASP F 32 44.54 42.74 -7.39
N TRP F 33 43.69 43.50 -8.09
CA TRP F 33 42.41 43.88 -7.52
C TRP F 33 41.59 42.63 -7.24
N MET F 34 40.90 42.62 -6.10
CA MET F 34 40.01 41.54 -5.74
C MET F 34 38.57 42.05 -5.77
N ASN F 35 37.66 41.21 -6.24
CA ASN F 35 36.25 41.60 -6.38
C ASN F 35 35.36 40.62 -5.64
N TRP F 36 34.18 41.12 -5.25
CA TRP F 36 33.10 40.29 -4.75
C TRP F 36 31.93 40.40 -5.71
N VAL F 37 31.43 39.26 -6.18
CA VAL F 37 30.31 39.21 -7.11
C VAL F 37 29.30 38.22 -6.56
N ARG F 38 28.01 38.55 -6.70
CA ARG F 38 26.94 37.68 -6.23
C ARG F 38 25.94 37.45 -7.35
N GLN F 39 25.11 36.43 -7.15
CA GLN F 39 24.06 36.11 -8.12
C GLN F 39 22.84 35.60 -7.36
N ALA F 40 21.80 36.43 -7.26
CA ALA F 40 20.57 36.01 -6.61
C ALA F 40 19.90 34.92 -7.44
N PRO F 41 19.15 34.02 -6.80
CA PRO F 41 18.54 32.91 -7.55
C PRO F 41 17.63 33.41 -8.66
N GLY F 42 17.90 32.95 -9.88
CA GLY F 42 17.12 33.35 -11.03
C GLY F 42 17.60 34.64 -11.67
N LYS F 43 18.20 35.52 -10.88
CA LYS F 43 18.66 36.81 -11.37
C LYS F 43 20.02 36.66 -12.04
N GLY F 44 20.47 37.76 -12.66
CA GLY F 44 21.76 37.80 -13.30
C GLY F 44 22.87 38.16 -12.32
N LEU F 45 24.09 38.23 -12.85
CA LEU F 45 25.25 38.55 -12.03
C LEU F 45 25.16 39.99 -11.54
N GLU F 46 25.65 40.22 -10.32
CA GLU F 46 25.63 41.55 -9.71
C GLU F 46 26.97 41.76 -9.01
N TRP F 47 27.78 42.67 -9.55
CA TRP F 47 29.02 43.05 -8.90
C TRP F 47 28.72 43.74 -7.57
N VAL F 48 29.46 43.38 -6.53
CA VAL F 48 29.21 43.87 -5.19
C VAL F 48 30.27 44.87 -4.75
N ALA F 49 31.54 44.46 -4.76
CA ALA F 49 32.61 45.31 -4.26
C ALA F 49 33.92 44.86 -4.87
N ASN F 50 34.88 45.77 -4.86
CA ASN F 50 36.26 45.46 -5.22
C ASN F 50 37.18 46.22 -4.28
N ILE F 51 38.47 45.90 -4.35
CA ILE F 51 39.44 46.45 -3.41
C ILE F 51 40.80 46.59 -4.09
N ASN F 52 41.51 47.64 -3.72
CA ASN F 52 42.85 47.92 -4.20
C ASN F 52 43.85 46.87 -3.70
N GLN F 53 45.07 46.91 -4.25
CA GLN F 53 46.09 45.96 -3.85
C GLN F 53 46.51 46.18 -2.41
N ASP F 54 46.57 47.44 -1.97
CA ASP F 54 46.93 47.78 -0.60
C ASP F 54 45.72 48.21 0.24
N GLY F 55 44.51 48.03 -0.28
CA GLY F 55 43.32 48.37 0.47
C GLY F 55 43.02 49.84 0.60
N SER F 56 43.68 50.69 -0.18
CA SER F 56 43.46 52.13 -0.11
C SER F 56 42.34 52.61 -1.04
N GLU F 57 41.71 51.70 -1.78
CA GLU F 57 40.57 52.04 -2.63
C GLU F 57 39.49 50.98 -2.44
N LYS F 58 38.31 51.41 -2.00
CA LYS F 58 37.16 50.54 -1.83
C LYS F 58 36.01 51.08 -2.66
N TYR F 59 35.33 50.20 -3.38
CA TYR F 59 34.15 50.57 -4.15
C TYR F 59 33.06 49.54 -3.95
N TYR F 60 31.82 50.00 -3.88
CA TYR F 60 30.67 49.17 -3.58
C TYR F 60 29.53 49.47 -4.55
N VAL F 61 28.75 48.44 -4.86
CA VAL F 61 27.46 48.69 -5.49
C VAL F 61 26.56 49.43 -4.50
N ASP F 62 25.71 50.33 -5.01
CA ASP F 62 25.02 51.23 -4.09
C ASP F 62 23.96 50.48 -3.29
N SER F 63 23.39 49.41 -3.85
CA SER F 63 22.45 48.63 -3.04
C SER F 63 23.09 47.98 -1.81
N VAL F 64 24.30 48.39 -1.41
CA VAL F 64 25.09 47.65 -0.43
C VAL F 64 25.84 48.61 0.48
N LYS F 65 26.03 49.85 0.01
CA LYS F 65 26.78 50.84 0.79
C LYS F 65 26.20 50.99 2.19
N GLY F 66 27.10 51.15 3.17
CA GLY F 66 26.73 51.29 4.55
C GLY F 66 26.46 49.98 5.28
N ARG F 67 26.26 48.88 4.57
CA ARG F 67 25.99 47.59 5.18
C ARG F 67 27.13 46.59 5.04
N PHE F 68 27.82 46.59 3.90
CA PHE F 68 28.92 45.67 3.64
C PHE F 68 30.26 46.39 3.73
N THR F 69 31.32 45.61 3.91
CA THR F 69 32.67 46.15 3.97
C THR F 69 33.66 45.10 3.49
N ILE F 70 34.52 45.49 2.56
CA ILE F 70 35.51 44.61 1.96
C ILE F 70 36.87 44.92 2.56
N SER F 71 37.69 43.90 2.73
CA SER F 71 39.02 44.07 3.29
C SER F 71 39.86 42.88 2.85
N ARG F 72 41.17 43.00 3.06
CA ARG F 72 42.10 41.97 2.60
C ARG F 72 43.28 41.92 3.56
N ASP F 73 43.98 40.79 3.54
CA ASP F 73 45.18 40.57 4.33
C ASP F 73 46.22 39.94 3.40
N ASN F 74 47.09 40.77 2.82
CA ASN F 74 48.11 40.28 1.91
C ASN F 74 49.11 39.34 2.58
N ALA F 75 49.21 39.38 3.92
CA ALA F 75 50.11 38.47 4.61
C ALA F 75 49.60 37.04 4.63
N GLN F 76 48.30 36.82 4.51
CA GLN F 76 47.73 35.48 4.49
C GLN F 76 46.90 35.23 3.25
N ASN F 77 47.00 36.08 2.24
CA ASN F 77 46.35 35.88 0.93
C ASN F 77 44.84 35.64 1.11
N SER F 78 44.22 36.47 1.94
CA SER F 78 42.81 36.29 2.27
C SER F 78 42.02 37.56 1.96
N LEU F 79 40.80 37.36 1.47
CA LEU F 79 39.86 38.44 1.18
C LEU F 79 38.63 38.24 2.04
N TYR F 80 38.08 39.34 2.55
CA TYR F 80 36.94 39.26 3.46
C TYR F 80 35.81 40.17 2.98
N LEU F 81 34.60 39.86 3.46
CA LEU F 81 33.42 40.68 3.15
C LEU F 81 32.51 40.66 4.38
N GLN F 82 32.58 41.73 5.18
CA GLN F 82 31.70 41.85 6.34
C GLN F 82 30.32 42.31 5.87
N MET F 83 29.30 41.50 6.13
CA MET F 83 27.94 41.78 5.69
C MET F 83 27.08 42.03 6.91
N ASN F 84 26.71 43.29 7.14
CA ASN F 84 25.83 43.68 8.24
C ASN F 84 24.43 44.01 7.71
N SER F 85 23.45 43.87 8.60
CA SER F 85 22.07 44.24 8.31
C SER F 85 21.56 43.53 7.05
N LEU F 86 21.63 42.20 7.10
CA LEU F 86 21.31 41.40 5.93
C LEU F 86 19.82 41.47 5.62
N ARG F 87 19.51 41.59 4.33
CA ARG F 87 18.14 41.61 3.84
C ARG F 87 17.87 40.37 3.01
N ALA F 88 16.58 40.10 2.79
CA ALA F 88 16.19 38.94 1.98
C ALA F 88 16.74 39.03 0.56
N GLU F 89 16.87 40.25 0.02
CA GLU F 89 17.40 40.41 -1.33
C GLU F 89 18.92 40.24 -1.39
N ASP F 90 19.57 40.06 -0.26
CA ASP F 90 20.97 39.68 -0.25
C ASP F 90 21.17 38.18 -0.47
N THR F 91 20.09 37.39 -0.45
CA THR F 91 20.17 35.96 -0.71
C THR F 91 20.76 35.69 -2.08
N ALA F 92 21.94 35.08 -2.11
CA ALA F 92 22.66 34.88 -3.36
C ALA F 92 23.86 33.98 -3.11
N VAL F 93 24.38 33.41 -4.19
CA VAL F 93 25.69 32.77 -4.14
C VAL F 93 26.74 33.86 -4.33
N TYR F 94 27.63 33.99 -3.36
CA TYR F 94 28.66 35.02 -3.41
C TYR F 94 29.96 34.43 -3.94
N TYR F 95 30.54 35.10 -4.92
CA TYR F 95 31.74 34.64 -5.61
C TYR F 95 32.92 35.56 -5.33
N CYS F 96 34.07 34.95 -5.11
CA CYS F 96 35.33 35.66 -4.98
C CYS F 96 36.00 35.66 -6.36
N ALA F 97 36.16 36.84 -6.96
CA ALA F 97 36.44 36.94 -8.38
C ALA F 97 37.60 37.89 -8.65
N LYS F 98 38.28 37.63 -9.77
CA LYS F 98 39.36 38.45 -10.27
C LYS F 98 39.14 38.68 -11.76
N GLU F 99 39.51 39.88 -12.23
CA GLU F 99 39.27 40.24 -13.63
C GLU F 99 39.83 39.19 -14.58
N LEU F 100 41.00 38.63 -14.27
CA LEU F 100 41.62 37.58 -15.06
C LEU F 100 41.68 36.32 -14.22
N GLY F 101 41.13 35.22 -14.75
CA GLY F 101 41.23 33.94 -14.11
C GLY F 101 39.93 33.39 -13.60
N PRO F 102 39.97 32.18 -13.05
CA PRO F 102 38.74 31.56 -12.56
C PRO F 102 38.25 32.22 -11.28
N TRP F 103 36.94 32.19 -11.09
CA TRP F 103 36.32 32.56 -9.84
C TRP F 103 36.30 31.35 -8.92
N GLY F 104 36.08 31.61 -7.63
CA GLY F 104 35.82 30.51 -6.72
C GLY F 104 34.52 29.81 -7.07
N GLN F 105 34.32 28.65 -6.46
CA GLN F 105 33.08 27.91 -6.66
C GLN F 105 31.90 28.60 -6.00
N GLY F 106 32.15 29.45 -5.01
CA GLY F 106 31.11 30.28 -4.43
C GLY F 106 30.47 29.65 -3.22
N THR F 107 29.98 30.50 -2.32
CA THR F 107 29.30 30.06 -1.11
C THR F 107 27.92 30.72 -1.05
N LEU F 108 26.96 29.98 -0.51
CA LEU F 108 25.56 30.38 -0.54
C LEU F 108 25.18 31.07 0.77
N VAL F 109 24.55 32.23 0.65
CA VAL F 109 24.03 32.99 1.79
C VAL F 109 22.51 33.06 1.64
N THR F 110 21.80 32.48 2.61
CA THR F 110 20.34 32.54 2.65
C THR F 110 19.91 33.40 3.83
N VAL F 111 19.19 34.48 3.54
CA VAL F 111 18.65 35.38 4.55
C VAL F 111 17.16 35.13 4.63
N SER F 112 16.72 34.48 5.70
CA SER F 112 15.31 34.21 5.93
C SER F 112 15.13 33.79 7.38
N SER F 113 13.92 34.00 7.90
CA SER F 113 13.58 33.51 9.22
C SER F 113 12.78 32.21 9.18
N ALA F 114 12.58 31.64 7.98
CA ALA F 114 11.98 30.32 7.89
C ALA F 114 12.84 29.29 8.63
N SER F 115 12.18 28.29 9.19
CA SER F 115 12.88 27.30 9.99
C SER F 115 13.53 26.25 9.10
N THR F 116 14.56 25.62 9.66
CA THR F 116 15.26 24.56 8.94
C THR F 116 14.39 23.31 8.87
N LYS F 117 14.29 22.72 7.69
CA LYS F 117 13.51 21.51 7.49
C LYS F 117 14.36 20.50 6.73
N GLY F 118 14.59 19.34 7.33
CA GLY F 118 15.30 18.26 6.67
C GLY F 118 14.45 17.61 5.59
N PRO F 119 15.12 17.05 4.59
CA PRO F 119 14.39 16.43 3.47
C PRO F 119 14.00 14.99 3.76
N SER F 120 12.95 14.55 3.06
CA SER F 120 12.61 13.14 2.97
C SER F 120 13.19 12.58 1.68
N VAL F 121 13.71 11.37 1.75
CA VAL F 121 14.39 10.75 0.63
C VAL F 121 13.60 9.51 0.22
N PHE F 122 13.02 9.55 -0.98
CA PHE F 122 12.28 8.44 -1.51
C PHE F 122 12.99 7.87 -2.74
N PRO F 123 13.06 6.54 -2.87
CA PRO F 123 13.74 5.96 -4.03
C PRO F 123 12.84 5.94 -5.27
N LEU F 124 13.46 6.19 -6.42
CA LEU F 124 12.81 6.03 -7.71
C LEU F 124 13.27 4.69 -8.28
N ALA F 125 12.39 3.68 -8.22
CA ALA F 125 12.73 2.33 -8.64
C ALA F 125 13.09 2.31 -10.12
N PRO F 126 14.01 1.43 -10.52
CA PRO F 126 14.45 1.41 -11.92
C PRO F 126 13.30 1.19 -12.90
N SER F 127 13.40 1.87 -14.03
CA SER F 127 12.54 1.66 -15.18
C SER F 127 13.44 1.74 -16.41
N SER F 128 12.96 2.28 -17.53
CA SER F 128 13.81 2.34 -18.72
C SER F 128 14.31 3.76 -19.01
N GLY F 134 19.88 -0.62 -24.45
CA GLY F 134 19.16 -1.26 -23.36
C GLY F 134 19.53 -0.71 -22.00
N THR F 135 19.43 0.62 -21.86
CA THR F 135 19.76 1.31 -20.63
C THR F 135 18.59 1.24 -19.64
N ALA F 136 18.85 1.66 -18.41
CA ALA F 136 17.84 1.77 -17.38
C ALA F 136 18.12 2.99 -16.52
N ALA F 137 17.05 3.60 -15.99
CA ALA F 137 17.15 4.81 -15.19
C ALA F 137 16.64 4.53 -13.78
N LEU F 138 17.48 4.87 -12.79
CA LEU F 138 17.09 4.79 -11.38
C LEU F 138 17.62 6.02 -10.66
N GLY F 139 17.08 6.27 -9.48
CA GLY F 139 17.49 7.43 -8.72
C GLY F 139 16.73 7.51 -7.42
N CYS F 140 16.93 8.61 -6.71
CA CYS F 140 16.22 8.84 -5.47
C CYS F 140 15.76 10.30 -5.41
N LEU F 141 14.59 10.50 -4.81
CA LEU F 141 13.94 11.80 -4.71
C LEU F 141 14.27 12.45 -3.38
N VAL F 142 14.62 13.73 -3.41
CA VAL F 142 14.97 14.49 -2.21
C VAL F 142 14.00 15.66 -2.14
N LYS F 143 12.96 15.53 -1.32
CA LYS F 143 11.81 16.44 -1.35
C LYS F 143 11.67 17.21 -0.04
N ASP F 144 11.30 18.49 -0.18
CA ASP F 144 10.80 19.31 0.92
C ASP F 144 11.87 19.53 1.99
N TYR F 145 12.85 20.35 1.63
CA TYR F 145 13.91 20.75 2.55
C TYR F 145 14.14 22.24 2.46
N PHE F 146 14.75 22.78 3.53
CA PHE F 146 15.12 24.19 3.59
C PHE F 146 16.17 24.36 4.68
N PRO F 147 17.24 25.11 4.43
CA PRO F 147 17.49 25.77 3.15
C PRO F 147 18.34 24.92 2.23
N GLU F 148 18.97 25.56 1.26
CA GLU F 148 19.98 24.92 0.45
C GLU F 148 21.33 24.97 1.16
N PRO F 149 22.26 24.06 0.81
CA PRO F 149 22.13 22.98 -0.18
C PRO F 149 22.01 21.59 0.42
N VAL F 150 21.89 20.59 -0.45
CA VAL F 150 22.02 19.18 -0.08
C VAL F 150 23.02 18.54 -1.03
N THR F 151 23.86 17.66 -0.50
CA THR F 151 24.83 16.94 -1.30
C THR F 151 24.36 15.51 -1.52
N VAL F 152 24.46 15.04 -2.76
CA VAL F 152 24.00 13.71 -3.14
C VAL F 152 25.17 12.99 -3.81
N SER F 153 25.52 11.83 -3.26
CA SER F 153 26.51 10.94 -3.86
C SER F 153 25.89 9.56 -4.00
N TRP F 154 26.55 8.69 -4.76
CA TRP F 154 26.11 7.33 -4.97
C TRP F 154 27.22 6.36 -4.57
N ASN F 155 26.88 5.40 -3.71
CA ASN F 155 27.83 4.39 -3.23
C ASN F 155 29.07 5.04 -2.64
N SER F 156 28.86 6.13 -1.89
CA SER F 156 29.93 6.86 -1.22
C SER F 156 30.97 7.37 -2.21
N GLY F 157 30.49 7.92 -3.33
CA GLY F 157 31.35 8.47 -4.36
C GLY F 157 31.99 7.45 -5.28
N ALA F 158 31.84 6.16 -5.01
CA ALA F 158 32.42 5.13 -5.88
C ALA F 158 31.70 5.04 -7.22
N LEU F 159 30.48 5.55 -7.31
CA LEU F 159 29.69 5.54 -8.54
C LEU F 159 29.58 6.97 -9.07
N THR F 160 30.15 7.22 -10.24
CA THR F 160 30.11 8.56 -10.80
C THR F 160 29.59 8.60 -12.23
N SER F 161 29.96 7.62 -13.07
CA SER F 161 29.56 7.67 -14.47
C SER F 161 28.10 7.29 -14.64
N GLY F 162 27.38 8.07 -15.44
CA GLY F 162 25.96 7.92 -15.61
C GLY F 162 25.13 8.67 -14.59
N VAL F 163 25.76 9.28 -13.60
CA VAL F 163 25.07 9.98 -12.52
C VAL F 163 24.83 11.42 -12.93
N HIS F 164 23.61 11.90 -12.67
CA HIS F 164 23.25 13.29 -12.95
C HIS F 164 22.36 13.79 -11.83
N THR F 165 22.81 14.84 -11.14
CA THR F 165 22.05 15.47 -10.07
C THR F 165 21.46 16.77 -10.59
N PHE F 166 20.13 16.86 -10.60
CA PHE F 166 19.46 18.02 -11.13
C PHE F 166 19.55 19.20 -10.16
N PRO F 167 19.41 20.42 -10.66
CA PRO F 167 19.33 21.57 -9.75
C PRO F 167 18.05 21.52 -8.93
N ALA F 168 18.12 22.10 -7.73
CA ALA F 168 16.96 22.13 -6.86
C ALA F 168 15.85 22.98 -7.47
N VAL F 169 14.64 22.72 -7.01
CA VAL F 169 13.46 23.46 -7.47
C VAL F 169 12.74 24.02 -6.26
N LEU F 170 12.52 25.33 -6.27
CA LEU F 170 11.77 26.00 -5.21
C LEU F 170 10.28 25.81 -5.46
N GLN F 171 9.64 24.98 -4.65
CA GLN F 171 8.22 24.70 -4.81
C GLN F 171 7.38 25.83 -4.22
N SER F 172 6.08 25.82 -4.56
CA SER F 172 5.18 26.84 -4.05
C SER F 172 5.06 26.81 -2.53
N SER F 173 5.45 25.70 -1.90
CA SER F 173 5.42 25.55 -0.46
C SER F 173 6.54 26.32 0.24
N GLY F 174 7.44 26.94 -0.52
CA GLY F 174 8.64 27.51 0.06
C GLY F 174 9.74 26.53 0.37
N LEU F 175 9.57 25.25 0.03
CA LEU F 175 10.57 24.22 0.26
C LEU F 175 11.21 23.80 -1.06
N TYR F 176 12.39 23.20 -0.96
CA TYR F 176 13.14 22.78 -2.13
C TYR F 176 12.97 21.29 -2.39
N SER F 177 13.19 20.91 -3.64
CA SER F 177 13.16 19.51 -4.07
C SER F 177 14.16 19.33 -5.20
N LEU F 178 14.87 18.21 -5.17
CA LEU F 178 15.72 17.85 -6.30
C LEU F 178 15.74 16.35 -6.47
N SER F 179 16.24 15.92 -7.63
CA SER F 179 16.39 14.51 -7.96
C SER F 179 17.80 14.24 -8.41
N SER F 180 18.25 13.00 -8.18
CA SER F 180 19.56 12.56 -8.64
C SER F 180 19.39 11.17 -9.23
N VAL F 181 19.41 11.08 -10.55
CA VAL F 181 19.23 9.83 -11.24
C VAL F 181 20.58 9.30 -11.69
N VAL F 182 20.63 8.02 -12.06
CA VAL F 182 21.84 7.42 -12.60
C VAL F 182 21.42 6.39 -13.65
N THR F 183 21.98 6.52 -14.86
CA THR F 183 21.68 5.62 -15.95
C THR F 183 22.62 4.42 -15.87
N VAL F 184 22.06 3.24 -15.66
CA VAL F 184 22.84 2.01 -15.51
C VAL F 184 22.45 1.02 -16.60
N PRO F 185 23.34 0.10 -16.98
CA PRO F 185 22.94 -0.94 -17.93
C PRO F 185 21.89 -1.85 -17.31
N SER F 186 20.82 -2.10 -18.08
CA SER F 186 19.68 -2.89 -17.60
C SER F 186 20.07 -4.30 -17.17
N SER F 187 21.29 -4.75 -17.46
CA SER F 187 21.75 -6.07 -17.09
C SER F 187 22.69 -6.04 -15.90
N SER F 188 22.76 -4.92 -15.19
CA SER F 188 23.61 -4.78 -14.02
C SER F 188 22.82 -4.31 -12.80
N LEU F 189 21.50 -4.47 -12.83
CA LEU F 189 20.68 -4.03 -11.71
C LEU F 189 20.88 -4.93 -10.49
N GLY F 190 21.01 -6.24 -10.71
CA GLY F 190 21.22 -7.16 -9.62
C GLY F 190 22.67 -7.22 -9.18
N THR F 191 23.57 -7.23 -10.16
CA THR F 191 25.01 -7.25 -9.91
C THR F 191 25.42 -6.22 -8.87
N GLN F 192 25.16 -4.95 -9.16
CA GLN F 192 25.60 -3.85 -8.32
C GLN F 192 24.52 -3.46 -7.33
N THR F 193 24.94 -2.74 -6.29
CA THR F 193 24.03 -2.18 -5.29
C THR F 193 24.12 -0.67 -5.37
N TYR F 194 22.97 -0.02 -5.56
CA TYR F 194 22.90 1.42 -5.78
C TYR F 194 22.30 2.07 -4.55
N ILE F 195 23.10 2.86 -3.84
CA ILE F 195 22.69 3.57 -2.64
C ILE F 195 23.05 5.04 -2.81
N CYS F 196 22.07 5.93 -2.67
CA CYS F 196 22.31 7.37 -2.78
C CYS F 196 22.50 7.96 -1.40
N ASN F 197 23.56 8.74 -1.24
CA ASN F 197 23.95 9.33 0.05
C ASN F 197 23.52 10.79 0.07
N VAL F 198 22.37 11.06 0.70
CA VAL F 198 21.84 12.42 0.79
C VAL F 198 22.28 13.00 2.12
N ASN F 199 22.88 14.20 2.07
CA ASN F 199 23.36 14.89 3.25
C ASN F 199 22.85 16.33 3.22
N HIS F 200 22.27 16.78 4.34
CA HIS F 200 21.72 18.13 4.48
C HIS F 200 22.28 18.67 5.79
N LYS F 201 23.41 19.36 5.73
CA LYS F 201 24.07 19.79 6.96
C LYS F 201 23.27 20.78 7.80
N PRO F 202 22.52 21.74 7.22
CA PRO F 202 21.77 22.67 8.09
C PRO F 202 20.79 22.01 9.04
N SER F 203 20.29 20.81 8.74
CA SER F 203 19.31 20.15 9.60
C SER F 203 19.85 18.91 10.31
N ASN F 204 21.17 18.65 10.24
CA ASN F 204 21.77 17.45 10.81
C ASN F 204 21.12 16.19 10.23
N THR F 205 20.81 16.21 8.94
CA THR F 205 20.12 15.12 8.27
C THR F 205 21.08 14.42 7.33
N LYS F 206 21.28 13.11 7.56
CA LYS F 206 22.12 12.30 6.69
C LYS F 206 21.45 10.95 6.50
N VAL F 207 21.22 10.58 5.25
CA VAL F 207 20.48 9.38 4.90
C VAL F 207 21.26 8.61 3.84
N ASP F 208 21.16 7.28 3.89
CA ASP F 208 21.72 6.40 2.87
C ASP F 208 20.59 5.46 2.43
N LYS F 209 19.99 5.75 1.27
CA LYS F 209 18.81 5.05 0.80
C LYS F 209 19.18 4.12 -0.35
N LYS F 210 19.02 2.81 -0.13
CA LYS F 210 19.26 1.83 -1.17
C LYS F 210 18.05 1.74 -2.10
N VAL F 211 18.29 1.84 -3.40
CA VAL F 211 17.24 1.79 -4.41
C VAL F 211 17.12 0.37 -4.92
N GLU F 212 15.88 -0.11 -5.01
CA GLU F 212 15.57 -1.46 -5.43
C GLU F 212 14.44 -1.41 -6.46
N PRO F 213 14.40 -2.38 -7.39
CA PRO F 213 13.30 -2.40 -8.36
C PRO F 213 12.01 -2.91 -7.73
N LYS F 214 10.94 -2.97 -8.52
CA LYS F 214 9.70 -3.58 -8.07
C LYS F 214 9.62 -5.01 -8.62
N ALA G 2 -31.26 3.36 -9.56
CA ALA G 2 -31.69 4.07 -10.76
C ALA G 2 -32.62 3.19 -11.60
N VAL G 3 -33.88 3.10 -11.17
CA VAL G 3 -34.85 2.23 -11.82
C VAL G 3 -35.50 2.98 -12.98
N VAL G 4 -35.56 2.35 -14.14
CA VAL G 4 -36.19 2.92 -15.32
C VAL G 4 -37.60 2.38 -15.41
N ILE G 5 -38.57 3.29 -15.50
CA ILE G 5 -40.00 2.97 -15.37
C ILE G 5 -40.67 3.16 -16.71
N GLN G 6 -41.24 2.08 -17.25
CA GLN G 6 -42.02 2.14 -18.48
C GLN G 6 -43.42 1.58 -18.24
N GLU G 7 -44.37 2.03 -19.05
CA GLU G 7 -45.70 1.43 -19.04
C GLU G 7 -45.61 -0.03 -19.46
N SER G 8 -46.55 -0.83 -18.95
CA SER G 8 -46.51 -2.26 -19.26
C SER G 8 -47.00 -2.54 -20.68
N ALA G 9 -48.16 -2.00 -21.05
CA ALA G 9 -48.76 -2.34 -22.33
C ALA G 9 -49.52 -1.14 -22.88
N LEU G 10 -49.46 -0.97 -24.20
CA LEU G 10 -50.22 0.05 -24.90
C LEU G 10 -50.86 -0.56 -26.13
N THR G 11 -52.09 -0.15 -26.43
CA THR G 11 -52.86 -0.66 -27.56
C THR G 11 -53.27 0.49 -28.46
N THR G 12 -53.39 0.20 -29.75
CA THR G 12 -53.87 1.16 -30.72
C THR G 12 -54.29 0.42 -31.99
N SER G 13 -55.10 1.08 -32.79
CA SER G 13 -55.44 0.53 -34.09
C SER G 13 -54.55 1.13 -35.16
N PRO G 14 -54.48 0.52 -36.34
CA PRO G 14 -53.64 1.08 -37.41
C PRO G 14 -54.13 2.46 -37.81
N GLY G 15 -53.20 3.42 -37.83
CA GLY G 15 -53.52 4.81 -38.07
C GLY G 15 -53.68 5.62 -36.80
N GLY G 16 -53.87 4.97 -35.66
CA GLY G 16 -53.89 5.66 -34.40
C GLY G 16 -52.51 6.05 -33.94
N THR G 17 -52.46 6.81 -32.84
CA THR G 17 -51.22 7.29 -32.27
C THR G 17 -51.01 6.67 -30.91
N VAL G 18 -49.74 6.42 -30.56
CA VAL G 18 -49.38 5.90 -29.25
C VAL G 18 -48.13 6.62 -28.76
N ILE G 19 -48.07 6.85 -27.45
CA ILE G 19 -46.95 7.55 -26.83
C ILE G 19 -46.43 6.69 -25.68
N LEU G 20 -45.13 6.43 -25.69
CA LEU G 20 -44.48 5.60 -24.69
C LEU G 20 -43.69 6.48 -23.74
N THR G 21 -43.86 6.25 -22.45
CA THR G 21 -43.18 7.04 -21.42
C THR G 21 -42.02 6.23 -20.84
N CYS G 22 -40.87 6.88 -20.70
CA CYS G 22 -39.73 6.29 -20.01
C CYS G 22 -39.30 7.25 -18.91
N ARG G 23 -39.33 6.76 -17.67
CA ARG G 23 -39.14 7.63 -16.51
C ARG G 23 -38.06 7.08 -15.59
N SER G 24 -37.26 7.99 -15.05
CA SER G 24 -36.25 7.66 -14.05
C SER G 24 -36.85 7.83 -12.66
N SER G 25 -36.47 6.94 -11.75
CA SER G 25 -36.84 7.11 -10.35
C SER G 25 -35.94 8.08 -9.62
N THR G 26 -34.80 8.45 -10.21
CA THR G 26 -33.92 9.46 -9.60
C THR G 26 -34.44 10.87 -9.83
N GLY G 27 -35.27 11.08 -10.85
CA GLY G 27 -35.85 12.39 -11.08
C GLY G 27 -35.89 12.81 -12.53
N THR G 28 -35.74 14.10 -12.77
CA THR G 28 -35.87 14.66 -14.11
C THR G 28 -34.79 14.10 -15.03
N ILE G 29 -35.23 13.54 -16.15
CA ILE G 29 -34.33 13.12 -17.22
C ILE G 29 -34.03 14.32 -18.10
N THR G 30 -32.77 14.48 -18.49
CA THR G 30 -32.43 15.48 -19.50
C THR G 30 -31.57 14.84 -20.58
N THR G 31 -31.20 15.65 -21.57
CA THR G 31 -30.51 15.16 -22.75
C THR G 31 -29.18 14.49 -22.40
N SER G 32 -28.62 14.79 -21.23
CA SER G 32 -27.43 14.10 -20.75
C SER G 32 -27.67 12.64 -20.39
N ASN G 33 -28.93 12.18 -20.41
CA ASN G 33 -29.26 10.80 -20.10
C ASN G 33 -29.39 9.91 -21.33
N TYR G 34 -29.17 10.48 -22.52
CA TYR G 34 -29.02 9.77 -23.78
C TYR G 34 -30.00 8.60 -23.91
N ALA G 35 -31.29 8.94 -23.86
CA ALA G 35 -32.34 7.93 -23.91
C ALA G 35 -32.22 7.11 -25.19
N ASN G 36 -32.33 5.79 -25.05
CA ASN G 36 -32.22 4.86 -26.17
C ASN G 36 -33.46 3.99 -26.20
N TRP G 37 -34.03 3.80 -27.40
CA TRP G 37 -35.24 3.00 -27.56
C TRP G 37 -34.90 1.80 -28.42
N VAL G 38 -35.18 0.61 -27.89
CA VAL G 38 -34.87 -0.64 -28.57
C VAL G 38 -36.17 -1.37 -28.86
N GLN G 39 -36.34 -1.78 -30.12
CA GLN G 39 -37.52 -2.52 -30.53
C GLN G 39 -37.21 -4.01 -30.60
N LYS G 40 -38.15 -4.82 -30.11
CA LYS G 40 -37.98 -6.27 -30.10
C LYS G 40 -39.27 -6.92 -30.58
N LYS G 41 -39.21 -7.57 -31.78
CA LYS G 41 -40.26 -8.40 -32.33
C LYS G 41 -39.91 -9.87 -32.14
N PRO G 42 -40.91 -10.74 -32.00
CA PRO G 42 -40.62 -12.18 -31.94
C PRO G 42 -39.96 -12.66 -33.22
N ASN G 43 -39.00 -13.57 -33.07
CA ASN G 43 -38.20 -14.12 -34.17
C ASN G 43 -37.39 -13.06 -34.89
N HIS G 44 -37.09 -11.94 -34.22
CA HIS G 44 -36.25 -10.89 -34.77
C HIS G 44 -35.28 -10.43 -33.70
N VAL G 45 -34.15 -9.87 -34.14
CA VAL G 45 -33.16 -9.36 -33.21
C VAL G 45 -33.60 -8.01 -32.65
N PHE G 46 -33.10 -7.68 -31.47
CA PHE G 46 -33.22 -6.32 -30.96
C PHE G 46 -32.63 -5.35 -31.98
N THR G 47 -33.23 -4.17 -32.07
CA THR G 47 -32.68 -3.13 -32.94
C THR G 47 -32.93 -1.77 -32.31
N GLY G 48 -31.92 -0.92 -32.36
CA GLY G 48 -32.04 0.44 -31.84
C GLY G 48 -32.74 1.36 -32.81
N LEU G 49 -33.88 1.91 -32.40
CA LEU G 49 -34.67 2.82 -33.23
C LEU G 49 -34.26 4.26 -33.03
N ILE G 50 -34.17 4.70 -31.78
CA ILE G 50 -33.85 6.07 -31.42
C ILE G 50 -32.71 6.06 -30.42
N GLY G 51 -31.65 6.79 -30.73
CA GLY G 51 -30.55 6.96 -29.80
C GLY G 51 -30.36 8.43 -29.46
N ALA G 52 -29.70 8.69 -28.34
CA ALA G 52 -29.44 10.05 -27.87
C ALA G 52 -30.70 10.90 -27.87
N THR G 53 -31.75 10.36 -27.23
CA THR G 53 -33.04 11.02 -27.04
C THR G 53 -33.85 11.12 -28.33
N SER G 54 -33.25 11.63 -29.41
CA SER G 54 -34.02 11.94 -30.61
C SER G 54 -33.39 11.46 -31.91
N ILE G 55 -32.14 11.05 -31.93
CA ILE G 55 -31.50 10.68 -33.19
C ILE G 55 -32.14 9.40 -33.72
N ARG G 56 -32.69 9.50 -34.93
CA ARG G 56 -33.38 8.39 -35.56
C ARG G 56 -32.39 7.49 -36.27
N ALA G 57 -32.59 6.19 -36.15
CA ALA G 57 -31.68 5.23 -36.76
C ALA G 57 -31.96 5.09 -38.26
N PRO G 58 -30.96 4.71 -39.05
CA PRO G 58 -31.18 4.53 -40.49
C PRO G 58 -32.26 3.49 -40.77
N GLY G 59 -33.13 3.81 -41.71
CA GLY G 59 -34.23 2.94 -42.08
C GLY G 59 -35.47 3.08 -41.22
N VAL G 60 -35.34 3.61 -40.01
CA VAL G 60 -36.50 3.77 -39.13
C VAL G 60 -37.48 4.75 -39.75
N PRO G 61 -38.77 4.42 -39.84
CA PRO G 61 -39.74 5.35 -40.42
C PRO G 61 -39.82 6.65 -39.62
N VAL G 62 -40.19 7.74 -40.31
CA VAL G 62 -40.28 9.03 -39.66
C VAL G 62 -41.45 9.10 -38.69
N ARG G 63 -42.42 8.19 -38.81
CA ARG G 63 -43.54 8.16 -37.87
C ARG G 63 -43.10 7.85 -36.44
N PHE G 64 -41.88 7.38 -36.24
CA PHE G 64 -41.26 7.30 -34.92
C PHE G 64 -40.52 8.60 -34.65
N SER G 65 -40.70 9.14 -33.45
CA SER G 65 -39.94 10.31 -33.04
C SER G 65 -39.73 10.24 -31.53
N GLY G 66 -38.56 10.70 -31.09
CA GLY G 66 -38.22 10.73 -29.68
C GLY G 66 -37.85 12.14 -29.25
N PHE G 67 -38.25 12.50 -28.04
CA PHE G 67 -37.89 13.78 -27.45
C PHE G 67 -38.17 13.71 -25.96
N LEU G 68 -37.91 14.81 -25.25
CA LEU G 68 -38.19 14.92 -23.83
C LEU G 68 -39.51 15.63 -23.60
N ILE G 69 -40.32 15.09 -22.69
CA ILE G 69 -41.60 15.68 -22.31
C ILE G 69 -41.72 15.62 -20.80
N GLY G 70 -41.91 16.77 -20.16
CA GLY G 70 -42.13 16.81 -18.72
C GLY G 70 -41.06 16.14 -17.89
N GLY G 71 -39.80 16.19 -18.35
CA GLY G 71 -38.73 15.55 -17.63
C GLY G 71 -38.62 14.06 -17.84
N LYS G 72 -39.48 13.47 -18.68
CA LYS G 72 -39.37 12.07 -19.05
C LYS G 72 -38.99 11.95 -20.52
N ALA G 73 -38.59 10.75 -20.91
CA ALA G 73 -38.29 10.45 -22.30
C ALA G 73 -39.53 9.85 -22.96
N ALA G 74 -39.78 10.25 -24.21
CA ALA G 74 -40.98 9.81 -24.90
C ALA G 74 -40.64 9.30 -26.29
N LEU G 75 -41.30 8.22 -26.69
CA LEU G 75 -41.25 7.69 -28.05
C LEU G 75 -42.66 7.75 -28.60
N THR G 76 -42.88 8.60 -29.60
CA THR G 76 -44.20 8.79 -30.19
C THR G 76 -44.27 8.06 -31.52
N ILE G 77 -45.30 7.23 -31.67
CA ILE G 77 -45.58 6.53 -32.93
C ILE G 77 -46.84 7.14 -33.52
N THR G 78 -46.67 7.94 -34.58
CA THR G 78 -47.76 8.68 -35.21
C THR G 78 -48.31 7.88 -36.39
N GLY G 79 -49.59 7.53 -36.32
CA GLY G 79 -50.19 6.71 -37.35
C GLY G 79 -49.60 5.31 -37.36
N ALA G 80 -49.70 4.63 -36.21
CA ALA G 80 -49.01 3.36 -36.02
C ALA G 80 -49.46 2.32 -37.03
N GLN G 81 -48.59 1.36 -37.29
CA GLN G 81 -48.83 0.31 -38.27
C GLN G 81 -48.72 -1.05 -37.60
N THR G 82 -49.34 -2.05 -38.24
CA THR G 82 -49.28 -3.41 -37.73
C THR G 82 -47.85 -3.87 -37.51
N GLU G 83 -46.94 -3.50 -38.41
CA GLU G 83 -45.55 -3.90 -38.27
C GLU G 83 -44.86 -3.26 -37.07
N ASP G 84 -45.49 -2.26 -36.44
CA ASP G 84 -44.93 -1.69 -35.22
C ASP G 84 -45.31 -2.49 -33.97
N ASP G 85 -46.17 -3.49 -34.11
CA ASP G 85 -46.53 -4.36 -33.00
C ASP G 85 -45.29 -5.09 -32.49
N ALA G 86 -44.74 -4.63 -31.37
CA ALA G 86 -43.51 -5.20 -30.83
C ALA G 86 -43.36 -4.77 -29.38
N MET G 87 -42.29 -5.24 -28.76
CA MET G 87 -41.87 -4.76 -27.46
C MET G 87 -40.88 -3.61 -27.62
N TYR G 88 -40.97 -2.63 -26.73
CA TYR G 88 -40.10 -1.45 -26.80
C TYR G 88 -39.44 -1.26 -25.44
N PHE G 89 -38.12 -1.30 -25.42
CA PHE G 89 -37.34 -1.14 -24.20
C PHE G 89 -36.67 0.22 -24.20
N CYS G 90 -36.59 0.83 -23.02
CA CYS G 90 -35.94 2.12 -22.83
C CYS G 90 -34.66 1.92 -22.04
N ALA G 91 -33.65 2.71 -22.38
CA ALA G 91 -32.36 2.66 -21.71
C ALA G 91 -31.90 4.09 -21.45
N LEU G 92 -31.58 4.39 -20.19
CA LEU G 92 -31.11 5.70 -19.79
C LEU G 92 -29.65 5.61 -19.33
N TRP G 93 -28.88 6.63 -19.66
CA TRP G 93 -27.46 6.70 -19.33
C TRP G 93 -27.29 7.57 -18.09
N TYR G 94 -26.66 7.02 -17.06
CA TYR G 94 -26.41 7.74 -15.80
C TYR G 94 -24.95 8.09 -15.63
N ASN G 95 -24.40 8.83 -16.61
CA ASN G 95 -23.03 9.33 -16.58
C ASN G 95 -21.96 8.24 -16.69
N THR G 96 -22.24 7.03 -16.17
CA THR G 96 -21.25 5.97 -16.18
C THR G 96 -21.80 4.60 -16.56
N HIS G 97 -23.09 4.47 -16.84
CA HIS G 97 -23.66 3.16 -17.16
C HIS G 97 -25.05 3.36 -17.76
N TYR G 98 -25.50 2.33 -18.47
CA TYR G 98 -26.85 2.28 -19.02
C TYR G 98 -27.73 1.41 -18.14
N VAL G 99 -28.97 1.84 -17.93
CA VAL G 99 -29.96 1.06 -17.21
C VAL G 99 -31.19 0.92 -18.10
N PHE G 100 -31.62 -0.31 -18.34
CA PHE G 100 -32.79 -0.57 -19.16
C PHE G 100 -34.05 -0.53 -18.32
N GLY G 101 -35.19 -0.34 -19.00
CA GLY G 101 -36.48 -0.44 -18.37
C GLY G 101 -37.10 -1.81 -18.60
N GLY G 102 -38.29 -2.00 -18.03
CA GLY G 102 -38.95 -3.29 -18.13
C GLY G 102 -39.43 -3.59 -19.54
N GLY G 103 -39.82 -2.57 -20.28
CA GLY G 103 -40.30 -2.76 -21.64
C GLY G 103 -41.79 -2.53 -21.72
N THR G 104 -42.23 -1.91 -22.82
CA THR G 104 -43.64 -1.65 -23.10
C THR G 104 -44.07 -2.45 -24.32
N LYS G 105 -45.10 -3.28 -24.16
CA LYS G 105 -45.67 -4.03 -25.27
C LYS G 105 -46.72 -3.17 -25.97
N VAL G 106 -46.49 -2.90 -27.24
CA VAL G 106 -47.39 -2.10 -28.06
C VAL G 106 -48.13 -3.04 -29.00
N THR G 107 -49.42 -3.23 -28.75
CA THR G 107 -50.26 -4.08 -29.58
C THR G 107 -50.99 -3.21 -30.60
N VAL G 108 -50.98 -3.64 -31.86
CA VAL G 108 -51.70 -2.98 -32.93
C VAL G 108 -52.89 -3.87 -33.29
N LEU G 109 -54.11 -3.37 -33.05
CA LEU G 109 -55.31 -4.16 -33.25
C LEU G 109 -55.54 -4.42 -34.74
N GLY G 110 -56.56 -5.23 -35.01
CA GLY G 110 -56.91 -5.58 -36.38
C GLY G 110 -57.06 -7.07 -36.62
N GLN G 111 -56.68 -7.88 -35.63
CA GLN G 111 -56.79 -9.32 -35.78
C GLN G 111 -57.94 -9.84 -34.92
N PRO G 112 -58.81 -10.67 -35.48
CA PRO G 112 -59.97 -11.16 -34.71
C PRO G 112 -59.54 -12.04 -33.55
N LYS G 113 -60.38 -12.07 -32.52
CA LYS G 113 -60.14 -12.93 -31.37
C LYS G 113 -60.25 -14.39 -31.78
N ALA G 114 -59.26 -15.18 -31.40
CA ALA G 114 -59.19 -16.59 -31.77
C ALA G 114 -59.24 -17.45 -30.50
N ALA G 115 -60.16 -18.40 -30.47
CA ALA G 115 -60.27 -19.32 -29.34
C ALA G 115 -59.16 -20.36 -29.40
N PRO G 116 -58.46 -20.62 -28.30
CA PRO G 116 -57.35 -21.57 -28.34
C PRO G 116 -57.83 -23.00 -28.50
N SER G 117 -57.03 -23.79 -29.21
CA SER G 117 -57.27 -25.21 -29.38
C SER G 117 -56.38 -25.97 -28.40
N VAL G 118 -56.99 -26.59 -27.40
CA VAL G 118 -56.26 -27.22 -26.31
C VAL G 118 -56.07 -28.70 -26.61
N THR G 119 -54.86 -29.18 -26.36
CA THR G 119 -54.53 -30.60 -26.50
C THR G 119 -53.74 -31.02 -25.26
N LEU G 120 -54.27 -31.99 -24.50
CA LEU G 120 -53.61 -32.47 -23.29
C LEU G 120 -53.08 -33.87 -23.54
N PHE G 121 -51.77 -34.00 -23.60
CA PHE G 121 -51.12 -35.30 -23.81
C PHE G 121 -50.89 -35.98 -22.46
N PRO G 122 -51.23 -37.26 -22.33
CA PRO G 122 -50.89 -38.01 -21.12
C PRO G 122 -49.43 -38.42 -21.13
N PRO G 123 -48.92 -39.00 -20.05
CA PRO G 123 -47.53 -39.46 -20.05
C PRO G 123 -47.30 -40.58 -21.04
N SER G 124 -46.19 -40.49 -21.78
CA SER G 124 -45.82 -41.49 -22.77
C SER G 124 -45.67 -42.86 -22.13
N SER G 125 -45.73 -43.89 -22.98
CA SER G 125 -45.34 -45.23 -22.54
C SER G 125 -43.85 -45.27 -22.23
N GLU G 126 -43.04 -44.56 -23.02
CA GLU G 126 -41.60 -44.55 -22.83
C GLU G 126 -41.22 -43.78 -21.56
N GLU G 127 -41.96 -42.71 -21.22
CA GLU G 127 -41.63 -41.95 -20.03
C GLU G 127 -41.99 -42.70 -18.76
N LEU G 128 -43.05 -43.52 -18.80
CA LEU G 128 -43.39 -44.33 -17.64
C LEU G 128 -42.41 -45.48 -17.48
N GLN G 129 -41.86 -45.98 -18.58
CA GLN G 129 -40.80 -46.99 -18.50
C GLN G 129 -39.60 -46.47 -17.72
N ALA G 130 -39.30 -45.18 -17.83
CA ALA G 130 -38.16 -44.57 -17.16
C ALA G 130 -38.51 -44.03 -15.77
N ASN G 131 -39.63 -44.48 -15.20
CA ASN G 131 -40.05 -44.08 -13.85
C ASN G 131 -40.27 -42.56 -13.75
N LYS G 132 -40.86 -41.97 -14.78
CA LYS G 132 -41.21 -40.56 -14.80
C LYS G 132 -42.64 -40.40 -15.30
N ALA G 133 -43.12 -39.16 -15.28
CA ALA G 133 -44.46 -38.85 -15.79
C ALA G 133 -44.58 -37.35 -15.97
N THR G 134 -44.96 -36.92 -17.17
CA THR G 134 -45.16 -35.50 -17.47
C THR G 134 -46.42 -35.34 -18.31
N LEU G 135 -47.36 -34.55 -17.81
CA LEU G 135 -48.52 -34.13 -18.59
C LEU G 135 -48.15 -32.87 -19.36
N VAL G 136 -48.47 -32.86 -20.66
CA VAL G 136 -48.15 -31.75 -21.53
C VAL G 136 -49.46 -31.18 -22.07
N CYS G 137 -49.73 -29.91 -21.77
CA CYS G 137 -50.93 -29.23 -22.22
C CYS G 137 -50.56 -28.26 -23.34
N LEU G 138 -51.10 -28.52 -24.53
CA LEU G 138 -50.82 -27.75 -25.73
C LEU G 138 -51.93 -26.73 -25.93
N ILE G 139 -51.56 -25.45 -26.02
CA ILE G 139 -52.51 -24.36 -26.25
C ILE G 139 -52.10 -23.64 -27.53
N SER G 140 -52.85 -23.85 -28.61
CA SER G 140 -52.48 -23.34 -29.94
C SER G 140 -53.52 -22.41 -30.52
N ASP G 141 -53.04 -21.50 -31.36
CA ASP G 141 -53.87 -20.67 -32.22
C ASP G 141 -54.89 -19.88 -31.44
N PHE G 142 -54.44 -18.84 -30.74
CA PHE G 142 -55.33 -17.95 -30.01
C PHE G 142 -54.79 -16.52 -30.12
N TYR G 143 -55.71 -15.56 -30.04
CA TYR G 143 -55.36 -14.16 -30.11
C TYR G 143 -56.37 -13.36 -29.31
N PRO G 144 -55.94 -12.37 -28.51
CA PRO G 144 -54.54 -11.96 -28.29
C PRO G 144 -53.73 -12.97 -27.49
N GLY G 145 -52.41 -12.74 -27.39
CA GLY G 145 -51.50 -13.70 -26.80
C GLY G 145 -51.39 -13.66 -25.29
N ALA G 146 -52.52 -13.69 -24.61
CA ALA G 146 -52.56 -13.74 -23.15
C ALA G 146 -53.46 -14.88 -22.73
N VAL G 147 -52.94 -15.75 -21.85
CA VAL G 147 -53.62 -16.97 -21.48
C VAL G 147 -53.27 -17.32 -20.04
N THR G 148 -54.10 -18.15 -19.41
CA THR G 148 -53.86 -18.63 -18.06
C THR G 148 -54.24 -20.11 -17.98
N VAL G 149 -53.36 -20.92 -17.38
CA VAL G 149 -53.52 -22.36 -17.33
C VAL G 149 -53.65 -22.78 -15.87
N ALA G 150 -54.62 -23.65 -15.60
CA ALA G 150 -54.84 -24.21 -14.26
C ALA G 150 -54.94 -25.72 -14.37
N TRP G 151 -54.22 -26.43 -13.50
CA TRP G 151 -54.21 -27.89 -13.49
C TRP G 151 -55.09 -28.42 -12.37
N LYS G 152 -55.68 -29.58 -12.61
CA LYS G 152 -56.59 -30.21 -11.65
C LYS G 152 -56.33 -31.71 -11.63
N ALA G 153 -56.51 -32.31 -10.45
CA ALA G 153 -56.38 -33.76 -10.27
C ALA G 153 -57.62 -34.23 -9.51
N ASP G 154 -58.56 -34.83 -10.25
CA ASP G 154 -59.91 -35.14 -9.78
C ASP G 154 -60.49 -33.99 -8.95
N SER G 155 -60.63 -32.85 -9.63
CA SER G 155 -61.33 -31.64 -9.17
C SER G 155 -60.49 -30.80 -8.22
N SER G 156 -59.38 -31.35 -7.73
CA SER G 156 -58.63 -30.49 -6.83
C SER G 156 -57.45 -29.84 -7.54
N PRO G 157 -57.22 -28.55 -7.31
CA PRO G 157 -56.14 -27.85 -8.00
C PRO G 157 -54.76 -28.34 -7.58
N VAL G 158 -53.87 -28.44 -8.55
CA VAL G 158 -52.47 -28.81 -8.33
C VAL G 158 -51.60 -27.63 -8.73
N LYS G 159 -50.66 -27.27 -7.86
CA LYS G 159 -49.78 -26.13 -8.07
C LYS G 159 -48.32 -26.54 -8.22
N ALA G 160 -47.85 -27.49 -7.43
CA ALA G 160 -46.46 -27.93 -7.53
C ALA G 160 -46.24 -28.71 -8.82
N GLY G 161 -45.01 -28.63 -9.34
CA GLY G 161 -44.65 -29.33 -10.54
C GLY G 161 -45.17 -28.73 -11.82
N VAL G 162 -45.78 -27.55 -11.77
CA VAL G 162 -46.34 -26.89 -12.93
C VAL G 162 -45.32 -25.90 -13.48
N GLU G 163 -45.20 -25.87 -14.81
CA GLU G 163 -44.40 -24.84 -15.46
C GLU G 163 -45.02 -24.50 -16.80
N THR G 164 -45.14 -23.20 -17.08
CA THR G 164 -45.86 -22.71 -18.25
C THR G 164 -45.01 -21.68 -18.98
N THR G 165 -44.87 -21.85 -20.29
CA THR G 165 -44.17 -20.89 -21.12
C THR G 165 -45.04 -19.67 -21.38
N THR G 166 -44.38 -18.53 -21.56
CA THR G 166 -45.10 -17.33 -21.99
C THR G 166 -45.51 -17.48 -23.45
N PRO G 167 -46.68 -16.97 -23.82
CA PRO G 167 -47.18 -17.18 -25.19
C PRO G 167 -46.20 -16.66 -26.24
N SER G 168 -45.94 -17.50 -27.24
CA SER G 168 -45.04 -17.18 -28.34
C SER G 168 -45.82 -17.13 -29.65
N LYS G 169 -45.39 -16.25 -30.54
CA LYS G 169 -46.11 -16.03 -31.79
C LYS G 169 -45.85 -17.18 -32.75
N GLN G 170 -46.93 -17.74 -33.30
CA GLN G 170 -46.82 -18.75 -34.34
C GLN G 170 -46.48 -18.05 -35.66
N SER G 171 -46.46 -18.81 -36.76
CA SER G 171 -46.19 -18.20 -38.05
C SER G 171 -47.44 -17.60 -38.68
N ASN G 172 -48.63 -18.13 -38.35
CA ASN G 172 -49.88 -17.51 -38.77
C ASN G 172 -50.24 -16.28 -37.95
N ASN G 173 -49.26 -15.74 -37.21
CA ASN G 173 -49.38 -14.57 -36.35
C ASN G 173 -50.42 -14.77 -35.24
N LYS G 174 -50.92 -15.98 -35.04
CA LYS G 174 -51.58 -16.32 -33.79
C LYS G 174 -50.52 -16.66 -32.75
N TYR G 175 -50.96 -17.05 -31.56
CA TYR G 175 -50.03 -17.35 -30.47
C TYR G 175 -50.25 -18.78 -29.98
N ALA G 176 -49.19 -19.35 -29.42
CA ALA G 176 -49.22 -20.68 -28.85
C ALA G 176 -48.55 -20.67 -27.48
N ALA G 177 -48.93 -21.64 -26.65
CA ALA G 177 -48.39 -21.75 -25.31
C ALA G 177 -48.33 -23.21 -24.90
N SER G 178 -47.63 -23.48 -23.81
CA SER G 178 -47.42 -24.83 -23.33
C SER G 178 -47.39 -24.82 -21.81
N SER G 179 -47.84 -25.93 -21.22
CA SER G 179 -47.80 -26.11 -19.78
C SER G 179 -47.48 -27.56 -19.47
N TYR G 180 -46.47 -27.77 -18.64
CA TYR G 180 -46.04 -29.10 -18.25
C TYR G 180 -46.31 -29.30 -16.76
N LEU G 181 -46.95 -30.41 -16.42
CA LEU G 181 -47.12 -30.82 -15.03
C LEU G 181 -46.31 -32.10 -14.82
N SER G 182 -45.25 -32.01 -14.03
CA SER G 182 -44.40 -33.16 -13.75
C SER G 182 -44.92 -33.90 -12.53
N LEU G 183 -45.15 -35.20 -12.67
CA LEU G 183 -45.66 -36.02 -11.59
C LEU G 183 -44.74 -37.19 -11.35
N THR G 184 -45.01 -37.91 -10.30
CA THR G 184 -44.41 -39.22 -10.24
C THR G 184 -45.36 -40.25 -10.83
N PRO G 185 -44.85 -41.37 -11.36
CA PRO G 185 -45.76 -42.43 -11.83
C PRO G 185 -46.74 -42.90 -10.76
N GLU G 186 -46.39 -42.76 -9.48
CA GLU G 186 -47.29 -43.18 -8.42
C GLU G 186 -48.45 -42.21 -8.26
N GLN G 187 -48.19 -40.91 -8.40
CA GLN G 187 -49.27 -39.93 -8.36
C GLN G 187 -50.17 -40.04 -9.58
N TRP G 188 -49.57 -40.21 -10.76
CA TRP G 188 -50.35 -40.30 -11.99
C TRP G 188 -51.28 -41.51 -11.98
N LYS G 189 -50.84 -42.62 -11.39
CA LYS G 189 -51.62 -43.85 -11.41
C LYS G 189 -52.55 -44.00 -10.22
N SER G 190 -52.63 -43.00 -9.34
CA SER G 190 -53.50 -43.06 -8.17
C SER G 190 -54.66 -42.07 -8.26
N HIS G 191 -54.77 -41.30 -9.32
CA HIS G 191 -55.90 -40.42 -9.55
C HIS G 191 -56.70 -40.93 -10.73
N ARG G 192 -58.00 -40.63 -10.75
CA ARG G 192 -58.84 -41.11 -11.84
C ARG G 192 -58.75 -40.21 -13.07
N SER G 193 -58.41 -38.95 -12.89
CA SER G 193 -58.37 -38.01 -14.00
C SER G 193 -57.45 -36.85 -13.66
N TYR G 194 -56.86 -36.27 -14.70
CA TYR G 194 -56.14 -35.01 -14.61
C TYR G 194 -56.68 -34.08 -15.69
N SER G 195 -56.71 -32.78 -15.40
CA SER G 195 -57.33 -31.84 -16.30
C SER G 195 -56.48 -30.58 -16.49
N CYS G 196 -56.51 -30.05 -17.70
CA CYS G 196 -55.87 -28.78 -18.04
C CYS G 196 -57.00 -27.82 -18.46
N GLN G 197 -57.33 -26.88 -17.59
CA GLN G 197 -58.31 -25.84 -17.90
C GLN G 197 -57.60 -24.57 -18.32
N VAL G 198 -57.97 -24.05 -19.48
CA VAL G 198 -57.31 -22.92 -20.11
C VAL G 198 -58.33 -21.80 -20.26
N THR G 199 -58.03 -20.64 -19.71
CA THR G 199 -58.89 -19.47 -19.82
C THR G 199 -58.31 -18.49 -20.83
N HIS G 200 -59.19 -17.93 -21.67
CA HIS G 200 -58.75 -16.98 -22.69
C HIS G 200 -59.86 -15.97 -22.92
N GLU G 201 -59.57 -14.69 -22.61
CA GLU G 201 -60.49 -13.59 -22.84
C GLU G 201 -61.82 -13.82 -22.13
N GLY G 202 -61.76 -14.37 -20.92
CA GLY G 202 -62.95 -14.57 -20.13
C GLY G 202 -63.74 -15.82 -20.44
N SER G 203 -63.17 -16.78 -21.16
CA SER G 203 -63.84 -18.04 -21.43
C SER G 203 -62.83 -19.17 -21.30
N THR G 204 -63.30 -20.29 -20.75
CA THR G 204 -62.44 -21.40 -20.34
C THR G 204 -62.73 -22.64 -21.17
N VAL G 205 -61.67 -23.29 -21.64
CA VAL G 205 -61.76 -24.59 -22.30
C VAL G 205 -60.97 -25.59 -21.47
N GLU G 206 -61.51 -26.80 -21.33
CA GLU G 206 -60.96 -27.81 -20.45
C GLU G 206 -60.73 -29.11 -21.21
N LYS G 207 -59.56 -29.70 -21.02
CA LYS G 207 -59.24 -31.02 -21.51
C LYS G 207 -58.88 -31.91 -20.33
N THR G 208 -59.13 -33.23 -20.49
CA THR G 208 -58.97 -34.18 -19.40
C THR G 208 -58.42 -35.50 -19.93
N VAL G 209 -57.47 -36.08 -19.21
CA VAL G 209 -56.90 -37.39 -19.52
C VAL G 209 -56.96 -38.27 -18.28
N ALA G 210 -56.94 -39.57 -18.51
CA ALA G 210 -57.10 -40.54 -17.44
C ALA G 210 -56.08 -41.66 -17.59
N PRO G 211 -55.52 -42.16 -16.49
CA PRO G 211 -54.65 -43.33 -16.57
C PRO G 211 -55.48 -44.60 -16.63
N THR G 212 -55.17 -45.47 -17.59
CA THR G 212 -55.87 -46.74 -17.65
C THR G 212 -54.92 -47.85 -18.10
N GLU G 213 -55.06 -49.01 -17.46
CA GLU G 213 -54.11 -50.10 -17.66
C GLU G 213 -54.15 -50.62 -19.09
N CYS G 214 -52.99 -50.50 -19.75
CA CYS G 214 -52.65 -51.05 -21.06
C CYS G 214 -51.59 -50.14 -21.65
N GLU H 1 -26.40 -2.91 -44.76
CA GLU H 1 -27.00 -3.67 -43.67
C GLU H 1 -26.03 -3.82 -42.50
N VAL H 2 -26.34 -3.19 -41.37
CA VAL H 2 -25.52 -3.36 -40.18
C VAL H 2 -25.67 -4.79 -39.67
N GLN H 3 -24.54 -5.46 -39.46
CA GLN H 3 -24.55 -6.87 -39.09
C GLN H 3 -23.55 -7.09 -37.96
N LEU H 4 -24.00 -7.71 -36.88
CA LEU H 4 -23.15 -8.07 -35.76
C LEU H 4 -23.34 -9.55 -35.45
N VAL H 5 -22.24 -10.28 -35.28
CA VAL H 5 -22.26 -11.71 -35.03
C VAL H 5 -21.46 -11.99 -33.78
N GLU H 6 -22.13 -12.42 -32.72
CA GLU H 6 -21.46 -12.81 -31.49
C GLU H 6 -20.95 -14.24 -31.58
N SER H 7 -19.91 -14.53 -30.79
CA SER H 7 -19.33 -15.86 -30.72
C SER H 7 -18.49 -15.95 -29.45
N GLY H 8 -18.23 -17.19 -29.02
CA GLY H 8 -17.36 -17.47 -27.90
C GLY H 8 -18.05 -18.00 -26.67
N GLY H 9 -19.38 -18.02 -26.65
CA GLY H 9 -20.10 -18.49 -25.48
C GLY H 9 -20.00 -20.00 -25.33
N GLY H 10 -20.39 -20.46 -24.15
CA GLY H 10 -20.38 -21.88 -23.87
C GLY H 10 -20.73 -22.14 -22.42
N LEU H 11 -20.51 -23.38 -22.00
CA LEU H 11 -20.70 -23.79 -20.62
C LEU H 11 -19.35 -23.80 -19.93
N VAL H 12 -19.24 -23.07 -18.81
CA VAL H 12 -17.97 -22.89 -18.10
C VAL H 12 -18.21 -23.07 -16.61
N GLN H 13 -17.24 -23.68 -15.94
CA GLN H 13 -17.31 -23.89 -14.50
C GLN H 13 -17.17 -22.55 -13.76
N PRO H 14 -17.86 -22.39 -12.62
CA PRO H 14 -17.67 -21.18 -11.82
C PRO H 14 -16.20 -20.95 -11.51
N GLY H 15 -15.78 -19.68 -11.54
CA GLY H 15 -14.40 -19.34 -11.39
C GLY H 15 -13.57 -19.46 -12.65
N GLY H 16 -14.14 -20.00 -13.73
CA GLY H 16 -13.45 -20.09 -15.00
C GLY H 16 -13.49 -18.77 -15.75
N SER H 17 -13.03 -18.84 -17.00
CA SER H 17 -12.93 -17.66 -17.84
C SER H 17 -13.54 -17.93 -19.21
N LEU H 18 -13.93 -16.86 -19.89
CA LEU H 18 -14.57 -16.92 -21.20
C LEU H 18 -14.30 -15.62 -21.91
N ARG H 19 -14.22 -15.68 -23.25
CA ARG H 19 -13.97 -14.49 -24.05
C ARG H 19 -14.96 -14.44 -25.21
N LEU H 20 -15.82 -13.43 -25.20
CA LEU H 20 -16.78 -13.24 -26.27
C LEU H 20 -16.19 -12.35 -27.36
N SER H 21 -16.56 -12.65 -28.61
CA SER H 21 -16.11 -11.88 -29.75
C SER H 21 -17.31 -11.59 -30.65
N CYS H 22 -17.27 -10.43 -31.29
CA CYS H 22 -18.39 -9.96 -32.11
C CYS H 22 -17.83 -9.38 -33.41
N ALA H 23 -18.07 -10.06 -34.52
CA ALA H 23 -17.68 -9.55 -35.83
C ALA H 23 -18.67 -8.50 -36.30
N ALA H 24 -18.17 -7.35 -36.72
CA ALA H 24 -18.99 -6.24 -37.17
C ALA H 24 -18.82 -6.00 -38.66
N SER H 25 -19.90 -5.60 -39.33
CA SER H 25 -19.88 -5.30 -40.75
C SER H 25 -21.06 -4.41 -41.08
N GLY H 26 -21.02 -3.84 -42.29
CA GLY H 26 -22.12 -3.03 -42.78
C GLY H 26 -22.07 -1.57 -42.39
N PHE H 27 -21.09 -1.15 -41.60
CA PHE H 27 -20.97 0.24 -41.18
C PHE H 27 -19.51 0.51 -40.81
N ILE H 28 -19.20 1.79 -40.63
CA ILE H 28 -17.85 2.21 -40.25
C ILE H 28 -17.69 1.93 -38.75
N PHE H 29 -17.03 0.81 -38.43
CA PHE H 29 -16.97 0.32 -37.07
C PHE H 29 -16.17 1.25 -36.17
N SER H 30 -15.09 1.83 -36.69
CA SER H 30 -14.18 2.63 -35.89
C SER H 30 -14.79 3.96 -35.43
N SER H 31 -16.02 4.26 -35.81
CA SER H 31 -16.61 5.56 -35.52
C SER H 31 -17.75 5.52 -34.51
N ASP H 32 -18.15 4.32 -34.07
CA ASP H 32 -19.30 4.16 -33.19
C ASP H 32 -18.89 3.55 -31.86
N TRP H 33 -19.48 4.05 -30.78
CA TRP H 33 -19.46 3.33 -29.51
C TRP H 33 -20.07 1.95 -29.69
N MET H 34 -19.57 0.98 -28.94
CA MET H 34 -20.10 -0.38 -28.95
C MET H 34 -20.42 -0.81 -27.52
N ASN H 35 -21.35 -1.76 -27.41
CA ASN H 35 -21.92 -2.13 -26.11
C ASN H 35 -22.04 -3.63 -26.01
N TRP H 36 -22.03 -4.12 -24.78
CA TRP H 36 -22.37 -5.50 -24.47
C TRP H 36 -23.59 -5.49 -23.55
N VAL H 37 -24.61 -6.24 -23.93
CA VAL H 37 -25.83 -6.36 -23.14
C VAL H 37 -26.11 -7.84 -22.93
N ARG H 38 -26.65 -8.18 -21.77
CA ARG H 38 -26.97 -9.56 -21.44
C ARG H 38 -28.37 -9.63 -20.88
N GLN H 39 -28.96 -10.83 -20.92
CA GLN H 39 -30.28 -11.08 -20.36
C GLN H 39 -30.28 -12.45 -19.71
N ALA H 40 -30.26 -12.48 -18.38
CA ALA H 40 -30.31 -13.74 -17.67
C ALA H 40 -31.68 -14.39 -17.85
N PRO H 41 -31.78 -15.70 -17.65
CA PRO H 41 -33.07 -16.38 -17.79
C PRO H 41 -34.08 -15.84 -16.77
N GLY H 42 -35.25 -15.46 -17.28
CA GLY H 42 -36.29 -14.96 -16.40
C GLY H 42 -36.07 -13.55 -15.88
N LYS H 43 -35.26 -12.76 -16.58
CA LYS H 43 -34.99 -11.39 -16.17
C LYS H 43 -35.03 -10.48 -17.40
N GLY H 44 -34.91 -9.18 -17.14
CA GLY H 44 -34.91 -8.20 -18.20
C GLY H 44 -33.50 -7.91 -18.70
N LEU H 45 -33.41 -6.93 -19.60
CA LEU H 45 -32.14 -6.59 -20.21
C LEU H 45 -31.21 -5.94 -19.19
N GLU H 46 -29.95 -6.35 -19.19
CA GLU H 46 -28.93 -5.80 -18.31
C GLU H 46 -27.76 -5.36 -19.17
N TRP H 47 -27.54 -4.04 -19.24
CA TRP H 47 -26.39 -3.50 -19.96
C TRP H 47 -25.11 -3.83 -19.20
N VAL H 48 -24.13 -4.38 -19.91
CA VAL H 48 -22.91 -4.87 -19.26
C VAL H 48 -21.80 -3.83 -19.34
N ALA H 49 -21.41 -3.45 -20.54
CA ALA H 49 -20.27 -2.56 -20.72
C ALA H 49 -20.37 -1.86 -22.06
N ASN H 50 -19.58 -0.79 -22.20
CA ASN H 50 -19.47 -0.08 -23.47
C ASN H 50 -18.05 0.44 -23.61
N ILE H 51 -17.77 1.03 -24.77
CA ILE H 51 -16.43 1.50 -25.10
C ILE H 51 -16.53 2.48 -26.25
N ASN H 52 -15.75 3.55 -26.18
CA ASN H 52 -15.76 4.57 -27.22
C ASN H 52 -14.91 4.09 -28.41
N GLN H 53 -14.63 5.00 -29.35
CA GLN H 53 -14.06 4.59 -30.63
C GLN H 53 -12.61 4.16 -30.48
N ASP H 54 -11.76 5.03 -29.96
CA ASP H 54 -10.34 4.73 -29.80
C ASP H 54 -10.05 3.90 -28.56
N GLY H 55 -11.06 3.43 -27.84
CA GLY H 55 -10.83 2.64 -26.66
C GLY H 55 -10.34 3.40 -25.46
N SER H 56 -10.40 4.73 -25.49
CA SER H 56 -9.92 5.54 -24.37
C SER H 56 -10.92 5.63 -23.23
N GLU H 57 -12.18 5.28 -23.45
CA GLU H 57 -13.21 5.35 -22.43
C GLU H 57 -13.95 4.02 -22.38
N LYS H 58 -13.94 3.38 -21.22
CA LYS H 58 -14.66 2.12 -20.99
C LYS H 58 -15.49 2.26 -19.72
N TYR H 59 -16.69 1.69 -19.74
CA TYR H 59 -17.57 1.72 -18.59
C TYR H 59 -18.20 0.36 -18.40
N TYR H 60 -18.33 -0.06 -17.15
CA TYR H 60 -18.87 -1.37 -16.82
C TYR H 60 -19.98 -1.22 -15.80
N VAL H 61 -20.92 -2.16 -15.82
CA VAL H 61 -21.88 -2.26 -14.74
C VAL H 61 -21.20 -2.83 -13.50
N ASP H 62 -21.62 -2.36 -12.32
CA ASP H 62 -20.85 -2.62 -11.10
C ASP H 62 -20.75 -4.10 -10.78
N SER H 63 -21.75 -4.90 -11.15
CA SER H 63 -21.75 -6.32 -10.83
C SER H 63 -20.65 -7.06 -11.58
N VAL H 64 -19.79 -6.33 -12.28
CA VAL H 64 -18.94 -6.92 -13.30
C VAL H 64 -17.52 -6.35 -13.21
N LYS H 65 -17.38 -5.19 -12.59
CA LYS H 65 -16.06 -4.56 -12.49
C LYS H 65 -15.08 -5.50 -11.80
N GLY H 66 -13.82 -5.46 -12.26
CA GLY H 66 -12.78 -6.32 -11.74
C GLY H 66 -12.82 -7.74 -12.27
N ARG H 67 -13.82 -8.11 -13.06
CA ARG H 67 -13.91 -9.43 -13.64
C ARG H 67 -14.04 -9.42 -15.15
N PHE H 68 -14.69 -8.42 -15.74
CA PHE H 68 -14.84 -8.35 -17.18
C PHE H 68 -13.98 -7.24 -17.76
N THR H 69 -13.58 -7.42 -19.01
CA THR H 69 -12.79 -6.44 -19.73
C THR H 69 -13.34 -6.32 -21.14
N ILE H 70 -13.60 -5.09 -21.57
CA ILE H 70 -14.07 -4.81 -22.92
C ILE H 70 -12.92 -4.22 -23.71
N SER H 71 -12.90 -4.54 -25.01
CA SER H 71 -11.84 -4.07 -25.89
C SER H 71 -12.34 -4.17 -27.31
N ARG H 72 -11.61 -3.50 -28.22
CA ARG H 72 -12.01 -3.47 -29.62
C ARG H 72 -10.77 -3.38 -30.50
N ASP H 73 -10.86 -3.96 -31.69
CA ASP H 73 -9.82 -3.89 -32.71
C ASP H 73 -10.46 -3.31 -33.97
N ASN H 74 -10.32 -1.99 -34.15
CA ASN H 74 -10.98 -1.31 -35.25
C ASN H 74 -10.46 -1.79 -36.60
N ALA H 75 -9.18 -2.18 -36.67
CA ALA H 75 -8.64 -2.70 -37.92
C ALA H 75 -9.28 -4.03 -38.30
N GLN H 76 -9.88 -4.73 -37.35
CA GLN H 76 -10.52 -6.01 -37.61
C GLN H 76 -12.04 -5.94 -37.48
N ASN H 77 -12.59 -4.77 -37.15
CA ASN H 77 -14.04 -4.59 -37.03
C ASN H 77 -14.64 -5.62 -36.06
N SER H 78 -14.05 -5.71 -34.88
CA SER H 78 -14.55 -6.68 -33.91
C SER H 78 -14.43 -6.14 -32.49
N LEU H 79 -15.31 -6.62 -31.63
CA LEU H 79 -15.41 -6.22 -30.24
C LEU H 79 -15.22 -7.45 -29.36
N TYR H 80 -14.55 -7.28 -28.22
CA TYR H 80 -14.26 -8.39 -27.32
C TYR H 80 -14.79 -8.10 -25.92
N LEU H 81 -15.16 -9.17 -25.22
CA LEU H 81 -15.55 -9.10 -23.81
C LEU H 81 -14.84 -10.23 -23.08
N GLN H 82 -13.73 -9.92 -22.44
CA GLN H 82 -13.06 -10.90 -21.59
C GLN H 82 -13.83 -11.05 -20.29
N MET H 83 -14.06 -12.29 -19.87
CA MET H 83 -14.90 -12.60 -18.70
C MET H 83 -14.13 -13.53 -17.79
N ASN H 84 -13.57 -12.99 -16.70
CA ASN H 84 -12.82 -13.76 -15.73
C ASN H 84 -13.63 -13.91 -14.44
N SER H 85 -13.19 -14.88 -13.63
CA SER H 85 -13.80 -15.17 -12.33
C SER H 85 -15.32 -15.26 -12.44
N LEU H 86 -15.78 -16.14 -13.33
CA LEU H 86 -17.18 -16.17 -13.69
C LEU H 86 -18.03 -16.64 -12.50
N ARG H 87 -19.24 -16.10 -12.43
CA ARG H 87 -20.21 -16.44 -11.40
C ARG H 87 -21.44 -17.05 -12.05
N ALA H 88 -22.20 -17.81 -11.26
CA ALA H 88 -23.40 -18.44 -11.78
C ALA H 88 -24.40 -17.40 -12.29
N GLU H 89 -24.43 -16.22 -11.67
CA GLU H 89 -25.33 -15.15 -12.08
C GLU H 89 -24.96 -14.57 -13.44
N ASP H 90 -23.79 -14.89 -13.98
CA ASP H 90 -23.42 -14.44 -15.31
C ASP H 90 -24.07 -15.25 -16.42
N THR H 91 -24.82 -16.31 -16.07
CA THR H 91 -25.54 -17.10 -17.05
C THR H 91 -26.57 -16.23 -17.77
N ALA H 92 -26.33 -15.96 -19.05
CA ALA H 92 -27.22 -15.08 -19.82
C ALA H 92 -26.89 -15.22 -21.30
N VAL H 93 -27.80 -14.71 -22.13
CA VAL H 93 -27.53 -14.47 -23.53
C VAL H 93 -26.85 -13.10 -23.62
N TYR H 94 -25.66 -13.06 -24.20
CA TYR H 94 -24.90 -11.82 -24.31
C TYR H 94 -25.03 -11.29 -25.72
N TYR H 95 -25.39 -10.01 -25.84
CA TYR H 95 -25.60 -9.38 -27.12
C TYR H 95 -24.54 -8.31 -27.36
N CYS H 96 -24.14 -8.18 -28.62
CA CYS H 96 -23.27 -7.12 -29.09
C CYS H 96 -24.16 -6.03 -29.68
N ALA H 97 -24.22 -4.88 -29.02
CA ALA H 97 -25.28 -3.91 -29.31
C ALA H 97 -24.70 -2.54 -29.63
N LYS H 98 -25.44 -1.81 -30.44
CA LYS H 98 -25.11 -0.45 -30.85
C LYS H 98 -26.32 0.44 -30.60
N GLU H 99 -26.07 1.73 -30.36
CA GLU H 99 -27.17 2.65 -30.08
C GLU H 99 -28.14 2.73 -31.24
N LEU H 100 -27.63 2.63 -32.46
CA LEU H 100 -28.45 2.61 -33.67
C LEU H 100 -28.20 1.32 -34.42
N GLY H 101 -29.27 0.71 -34.92
CA GLY H 101 -29.15 -0.47 -35.75
C GLY H 101 -29.45 -1.76 -35.00
N PRO H 102 -29.48 -2.87 -35.74
CA PRO H 102 -29.80 -4.15 -35.11
C PRO H 102 -28.65 -4.70 -34.28
N TRP H 103 -29.03 -5.37 -33.20
CA TRP H 103 -28.07 -6.10 -32.39
C TRP H 103 -27.70 -7.41 -33.08
N GLY H 104 -26.80 -8.18 -32.45
CA GLY H 104 -26.54 -9.53 -32.90
C GLY H 104 -27.55 -10.52 -32.35
N GLN H 105 -27.60 -11.70 -32.96
CA GLN H 105 -28.48 -12.76 -32.47
C GLN H 105 -28.17 -13.16 -31.04
N GLY H 106 -26.98 -12.86 -30.55
CA GLY H 106 -26.61 -13.17 -29.18
C GLY H 106 -25.91 -14.51 -29.06
N THR H 107 -25.02 -14.59 -28.08
CA THR H 107 -24.31 -15.83 -27.75
C THR H 107 -24.68 -16.24 -26.33
N LEU H 108 -24.74 -17.55 -26.10
CA LEU H 108 -25.24 -18.10 -24.85
C LEU H 108 -24.09 -18.47 -23.93
N VAL H 109 -24.07 -17.88 -22.74
CA VAL H 109 -23.06 -18.15 -21.72
C VAL H 109 -23.74 -18.83 -20.55
N THR H 110 -23.27 -20.02 -20.19
CA THR H 110 -23.80 -20.76 -19.05
C THR H 110 -22.67 -21.05 -18.09
N VAL H 111 -22.82 -20.59 -16.84
CA VAL H 111 -21.83 -20.80 -15.80
C VAL H 111 -22.47 -21.67 -14.73
N SER H 112 -21.96 -22.89 -14.56
CA SER H 112 -22.54 -23.83 -13.63
C SER H 112 -21.54 -24.93 -13.33
N SER H 113 -21.63 -25.48 -12.11
CA SER H 113 -20.83 -26.62 -11.70
C SER H 113 -21.36 -27.94 -12.27
N ALA H 114 -22.51 -27.92 -12.93
CA ALA H 114 -23.18 -29.15 -13.31
C ALA H 114 -22.62 -29.73 -14.60
N SER H 115 -22.84 -31.03 -14.78
CA SER H 115 -22.42 -31.72 -15.99
C SER H 115 -23.33 -31.37 -17.16
N THR H 116 -22.82 -31.59 -18.38
CA THR H 116 -23.73 -31.63 -19.52
C THR H 116 -24.58 -32.89 -19.42
N LYS H 117 -25.84 -32.77 -19.84
CA LYS H 117 -26.78 -33.88 -19.75
C LYS H 117 -27.62 -33.89 -21.01
N GLY H 118 -27.52 -34.97 -21.79
CA GLY H 118 -28.31 -35.14 -22.97
C GLY H 118 -29.78 -35.23 -22.66
N PRO H 119 -30.62 -34.83 -23.61
CA PRO H 119 -32.07 -34.82 -23.36
C PRO H 119 -32.70 -36.20 -23.48
N SER H 120 -33.85 -36.33 -22.83
CA SER H 120 -34.71 -37.51 -22.97
C SER H 120 -35.89 -37.12 -23.86
N VAL H 121 -36.03 -37.80 -24.99
CA VAL H 121 -37.04 -37.46 -25.99
C VAL H 121 -38.17 -38.47 -25.91
N PHE H 122 -39.36 -38.01 -25.52
CA PHE H 122 -40.55 -38.81 -25.44
C PHE H 122 -41.56 -38.34 -26.49
N PRO H 123 -42.25 -39.26 -27.16
CA PRO H 123 -43.24 -38.86 -28.16
C PRO H 123 -44.52 -38.37 -27.51
N LEU H 124 -45.23 -37.53 -28.25
CA LEU H 124 -46.58 -37.08 -27.90
C LEU H 124 -47.51 -37.57 -28.99
N ALA H 125 -48.18 -38.70 -28.74
CA ALA H 125 -49.01 -39.33 -29.76
C ALA H 125 -50.19 -38.44 -30.13
N PRO H 126 -50.66 -38.50 -31.37
CA PRO H 126 -51.72 -37.59 -31.82
C PRO H 126 -52.99 -37.71 -30.99
N SER H 127 -53.59 -36.55 -30.68
CA SER H 127 -54.71 -36.43 -29.76
C SER H 127 -55.62 -35.29 -30.23
N SER H 128 -56.24 -35.46 -31.39
CA SER H 128 -57.17 -34.48 -31.96
C SER H 128 -56.50 -33.12 -32.13
N LYS H 129 -57.31 -32.06 -32.18
CA LYS H 129 -56.82 -30.70 -32.08
C LYS H 129 -57.97 -29.78 -31.67
N GLY H 134 -60.79 -30.79 -39.70
CA GLY H 134 -60.42 -32.08 -39.17
C GLY H 134 -58.92 -32.24 -38.99
N THR H 135 -58.39 -31.59 -37.95
CA THR H 135 -56.95 -31.54 -37.68
C THR H 135 -56.58 -32.57 -36.62
N ALA H 136 -55.27 -32.65 -36.34
CA ALA H 136 -54.76 -33.48 -35.26
C ALA H 136 -53.37 -32.98 -34.88
N ALA H 137 -53.14 -32.87 -33.57
CA ALA H 137 -51.89 -32.31 -33.04
C ALA H 137 -51.02 -33.43 -32.49
N LEU H 138 -49.73 -33.38 -32.83
CA LEU H 138 -48.76 -34.34 -32.31
C LEU H 138 -47.43 -33.63 -32.09
N GLY H 139 -46.57 -34.26 -31.31
CA GLY H 139 -45.27 -33.68 -31.05
C GLY H 139 -44.37 -34.65 -30.31
N CYS H 140 -43.29 -34.10 -29.75
CA CYS H 140 -42.41 -34.89 -28.91
C CYS H 140 -41.80 -34.01 -27.84
N LEU H 141 -41.59 -34.59 -26.66
CA LEU H 141 -41.15 -33.85 -25.48
C LEU H 141 -39.65 -34.05 -25.28
N VAL H 142 -38.94 -32.94 -25.08
CA VAL H 142 -37.50 -32.95 -24.91
C VAL H 142 -37.23 -32.52 -23.47
N LYS H 143 -36.91 -33.49 -22.61
CA LYS H 143 -36.90 -33.30 -21.17
C LYS H 143 -35.50 -33.47 -20.58
N ASP H 144 -35.20 -32.66 -19.57
CA ASP H 144 -34.07 -32.85 -18.65
C ASP H 144 -32.72 -32.82 -19.36
N TYR H 145 -32.45 -31.70 -20.02
CA TYR H 145 -31.17 -31.50 -20.68
C TYR H 145 -30.47 -30.26 -20.13
N PHE H 146 -29.14 -30.23 -20.31
CA PHE H 146 -28.33 -29.14 -19.82
C PHE H 146 -26.97 -29.20 -20.52
N PRO H 147 -26.44 -28.07 -20.97
CA PRO H 147 -27.14 -26.78 -20.92
C PRO H 147 -27.91 -26.54 -22.21
N GLU H 148 -28.38 -25.31 -22.38
CA GLU H 148 -29.00 -24.93 -23.64
C GLU H 148 -27.92 -24.74 -24.71
N PRO H 149 -28.30 -24.75 -26.00
CA PRO H 149 -29.64 -24.94 -26.55
C PRO H 149 -29.88 -26.34 -27.10
N VAL H 150 -31.08 -26.55 -27.61
CA VAL H 150 -31.45 -27.79 -28.30
C VAL H 150 -32.22 -27.40 -29.55
N THR H 151 -32.02 -28.15 -30.64
CA THR H 151 -32.69 -27.89 -31.91
C THR H 151 -33.54 -29.09 -32.29
N VAL H 152 -34.80 -28.83 -32.61
CA VAL H 152 -35.73 -29.88 -33.01
C VAL H 152 -36.25 -29.58 -34.41
N SER H 153 -36.20 -30.59 -35.27
CA SER H 153 -36.75 -30.54 -36.61
C SER H 153 -37.76 -31.66 -36.78
N TRP H 154 -38.46 -31.66 -37.90
CA TRP H 154 -39.38 -32.74 -38.25
C TRP H 154 -39.10 -33.20 -39.67
N ASN H 155 -38.92 -34.51 -39.84
CA ASN H 155 -38.65 -35.11 -41.14
C ASN H 155 -37.42 -34.49 -41.79
N SER H 156 -36.40 -34.21 -40.97
CA SER H 156 -35.15 -33.62 -41.43
C SER H 156 -35.38 -32.32 -42.19
N GLY H 157 -36.34 -31.53 -41.72
CA GLY H 157 -36.66 -30.26 -42.34
C GLY H 157 -37.68 -30.31 -43.45
N ALA H 158 -38.11 -31.51 -43.85
CA ALA H 158 -39.13 -31.62 -44.89
C ALA H 158 -40.50 -31.16 -44.41
N LEU H 159 -40.75 -31.21 -43.10
CA LEU H 159 -42.02 -30.81 -42.51
C LEU H 159 -41.81 -29.49 -41.78
N THR H 160 -42.41 -28.42 -42.29
CA THR H 160 -42.29 -27.10 -41.67
C THR H 160 -43.64 -26.46 -41.38
N SER H 161 -44.59 -26.57 -42.30
CA SER H 161 -45.91 -25.99 -42.08
C SER H 161 -46.61 -26.69 -40.92
N GLY H 162 -47.09 -25.88 -39.96
CA GLY H 162 -47.78 -26.40 -38.80
C GLY H 162 -46.90 -26.68 -37.59
N VAL H 163 -45.59 -26.55 -37.73
CA VAL H 163 -44.65 -26.85 -36.66
C VAL H 163 -44.50 -25.64 -35.76
N HIS H 164 -44.45 -25.87 -34.45
CA HIS H 164 -44.14 -24.82 -33.49
C HIS H 164 -43.28 -25.40 -32.37
N THR H 165 -42.06 -24.89 -32.23
CA THR H 165 -41.14 -25.30 -31.18
C THR H 165 -41.15 -24.23 -30.08
N PHE H 166 -41.56 -24.61 -28.89
CA PHE H 166 -41.75 -23.67 -27.80
C PHE H 166 -40.41 -23.28 -27.19
N PRO H 167 -40.35 -22.11 -26.53
CA PRO H 167 -39.14 -21.76 -25.79
C PRO H 167 -38.90 -22.74 -24.65
N ALA H 168 -37.62 -23.01 -24.39
CA ALA H 168 -37.25 -23.93 -23.33
C ALA H 168 -37.69 -23.38 -21.97
N VAL H 169 -37.73 -24.28 -20.99
CA VAL H 169 -38.17 -23.96 -19.64
C VAL H 169 -37.12 -24.42 -18.66
N LEU H 170 -36.72 -23.53 -17.76
CA LEU H 170 -35.72 -23.86 -16.73
C LEU H 170 -36.46 -24.43 -15.52
N GLN H 171 -36.42 -25.75 -15.39
CA GLN H 171 -37.08 -26.40 -14.26
C GLN H 171 -36.34 -26.11 -12.96
N SER H 172 -37.04 -26.31 -11.84
CA SER H 172 -36.46 -26.02 -10.53
C SER H 172 -35.26 -26.91 -10.21
N SER H 173 -35.04 -27.99 -10.96
CA SER H 173 -33.87 -28.83 -10.81
C SER H 173 -32.65 -28.28 -11.53
N GLY H 174 -32.79 -27.16 -12.24
CA GLY H 174 -31.70 -26.62 -13.02
C GLY H 174 -31.56 -27.19 -14.41
N LEU H 175 -32.37 -28.19 -14.76
CA LEU H 175 -32.39 -28.75 -16.10
C LEU H 175 -33.44 -28.05 -16.95
N TYR H 176 -33.30 -28.21 -18.27
CA TYR H 176 -34.20 -27.57 -19.22
C TYR H 176 -35.12 -28.60 -19.86
N SER H 177 -36.27 -28.12 -20.33
CA SER H 177 -37.21 -28.94 -21.10
C SER H 177 -37.98 -28.04 -22.04
N LEU H 178 -38.19 -28.51 -23.26
CA LEU H 178 -39.09 -27.86 -24.20
C LEU H 178 -39.86 -28.94 -24.95
N SER H 179 -40.76 -28.50 -25.82
CA SER H 179 -41.58 -29.40 -26.62
C SER H 179 -41.78 -28.77 -28.00
N SER H 180 -41.85 -29.63 -29.00
CA SER H 180 -42.14 -29.23 -30.37
C SER H 180 -43.36 -29.97 -30.84
N VAL H 181 -44.32 -29.25 -31.43
CA VAL H 181 -45.57 -29.83 -31.87
C VAL H 181 -45.83 -29.43 -33.31
N VAL H 182 -46.61 -30.27 -34.00
CA VAL H 182 -46.99 -30.02 -35.38
C VAL H 182 -48.46 -30.38 -35.55
N THR H 183 -49.19 -29.52 -36.24
CA THR H 183 -50.60 -29.73 -36.53
C THR H 183 -50.73 -30.38 -37.90
N VAL H 184 -51.30 -31.58 -37.94
CA VAL H 184 -51.41 -32.34 -39.18
C VAL H 184 -52.88 -32.73 -39.38
N PRO H 185 -53.27 -32.99 -40.62
CA PRO H 185 -54.64 -33.51 -40.85
C PRO H 185 -54.80 -34.90 -40.26
N SER H 186 -55.99 -35.15 -39.71
CA SER H 186 -56.29 -36.47 -39.15
C SER H 186 -56.21 -37.54 -40.24
N SER H 187 -56.55 -37.17 -41.48
CA SER H 187 -56.33 -38.04 -42.63
C SER H 187 -54.92 -38.61 -42.66
N SER H 188 -53.93 -37.83 -42.23
CA SER H 188 -52.54 -38.11 -42.53
C SER H 188 -51.93 -39.17 -41.62
N LEU H 189 -52.54 -39.44 -40.47
CA LEU H 189 -51.97 -40.34 -39.47
C LEU H 189 -52.21 -41.79 -39.91
N GLY H 190 -51.16 -42.41 -40.44
CA GLY H 190 -51.24 -43.74 -41.01
C GLY H 190 -50.57 -43.77 -42.37
N THR H 191 -50.76 -42.69 -43.13
CA THR H 191 -50.15 -42.54 -44.44
C THR H 191 -48.75 -41.97 -44.35
N GLN H 192 -48.59 -40.87 -43.63
CA GLN H 192 -47.34 -40.13 -43.55
C GLN H 192 -46.72 -40.35 -42.17
N THR H 193 -45.44 -40.69 -42.15
CA THR H 193 -44.70 -40.90 -40.91
C THR H 193 -44.11 -39.58 -40.43
N TYR H 194 -44.00 -39.46 -39.10
CA TYR H 194 -43.53 -38.22 -38.48
C TYR H 194 -42.40 -38.56 -37.52
N ILE H 195 -41.23 -37.97 -37.76
CA ILE H 195 -40.05 -38.17 -36.92
C ILE H 195 -39.55 -36.81 -36.49
N CYS H 196 -39.42 -36.59 -35.19
CA CYS H 196 -38.82 -35.36 -34.68
C CYS H 196 -37.33 -35.61 -34.43
N ASN H 197 -36.50 -34.69 -34.94
CA ASN H 197 -35.04 -34.81 -34.86
C ASN H 197 -34.53 -33.85 -33.80
N VAL H 198 -34.05 -34.40 -32.69
CA VAL H 198 -33.54 -33.61 -31.57
C VAL H 198 -32.03 -33.62 -31.62
N ASN H 199 -31.42 -32.44 -31.54
CA ASN H 199 -29.97 -32.28 -31.55
C ASN H 199 -29.57 -31.43 -30.36
N HIS H 200 -28.64 -31.95 -29.55
CA HIS H 200 -28.13 -31.26 -28.36
C HIS H 200 -26.61 -31.27 -28.45
N LYS H 201 -26.05 -30.26 -29.13
CA LYS H 201 -24.61 -30.20 -29.36
C LYS H 201 -23.77 -30.24 -28.08
N PRO H 202 -24.10 -29.52 -26.99
CA PRO H 202 -23.20 -29.54 -25.82
C PRO H 202 -22.94 -30.93 -25.27
N SER H 203 -23.85 -31.88 -25.46
CA SER H 203 -23.68 -33.24 -24.97
C SER H 203 -23.38 -34.23 -26.09
N ASN H 204 -23.19 -33.75 -27.32
CA ASN H 204 -22.89 -34.61 -28.48
C ASN H 204 -23.96 -35.68 -28.67
N THR H 205 -25.22 -35.25 -28.65
CA THR H 205 -26.36 -36.15 -28.64
C THR H 205 -27.31 -35.80 -29.76
N LYS H 206 -27.76 -36.82 -30.50
CA LYS H 206 -28.78 -36.67 -31.52
C LYS H 206 -29.79 -37.79 -31.34
N VAL H 207 -31.08 -37.45 -31.37
CA VAL H 207 -32.15 -38.41 -31.21
C VAL H 207 -33.18 -38.18 -32.30
N ASP H 208 -33.62 -39.25 -32.95
CA ASP H 208 -34.70 -39.21 -33.93
C ASP H 208 -35.82 -40.11 -33.42
N LYS H 209 -36.90 -39.51 -32.94
CA LYS H 209 -38.02 -40.23 -32.36
C LYS H 209 -39.20 -40.17 -33.33
N LYS H 210 -39.69 -41.34 -33.74
CA LYS H 210 -40.85 -41.39 -34.62
C LYS H 210 -42.12 -41.38 -33.76
N VAL H 211 -42.99 -40.43 -34.03
CA VAL H 211 -44.22 -40.24 -33.28
C VAL H 211 -45.35 -40.91 -34.04
N GLU H 212 -45.87 -42.00 -33.49
CA GLU H 212 -46.95 -42.76 -34.10
C GLU H 212 -47.96 -43.15 -33.03
N PRO H 213 -49.22 -43.37 -33.41
CA PRO H 213 -50.21 -43.82 -32.43
C PRO H 213 -49.97 -45.27 -32.04
N LYS H 214 -50.12 -45.56 -30.74
CA LYS H 214 -49.94 -46.91 -30.23
C LYS H 214 -51.12 -47.27 -29.33
N SER H 215 -51.48 -48.55 -29.40
CA SER H 215 -52.67 -49.11 -28.79
C SER H 215 -52.29 -50.21 -27.82
N CYS H 216 -53.24 -51.09 -27.51
CA CYS H 216 -52.90 -52.42 -27.04
C CYS H 216 -52.83 -53.32 -28.25
N ALA I 2 2.38 -17.30 17.81
CA ALA I 2 1.46 -16.45 18.56
C ALA I 2 0.09 -17.10 18.68
N VAL I 3 -0.03 -18.16 19.47
CA VAL I 3 -1.28 -18.91 19.57
C VAL I 3 -2.14 -18.32 20.68
N VAL I 4 -3.39 -18.04 20.36
CA VAL I 4 -4.34 -17.46 21.28
C VAL I 4 -5.09 -18.58 21.98
N ILE I 5 -5.14 -18.54 23.32
CA ILE I 5 -5.65 -19.65 24.11
C ILE I 5 -6.85 -19.18 24.91
N GLN I 6 -7.96 -19.92 24.80
CA GLN I 6 -9.17 -19.66 25.55
C GLN I 6 -9.58 -20.90 26.33
N GLU I 7 -10.41 -20.71 27.35
CA GLU I 7 -11.00 -21.83 28.06
C GLU I 7 -11.87 -22.64 27.11
N SER I 8 -12.00 -23.93 27.39
CA SER I 8 -12.79 -24.79 26.52
C SER I 8 -14.29 -24.60 26.74
N ALA I 9 -14.74 -24.56 28.00
CA ALA I 9 -16.16 -24.48 28.29
C ALA I 9 -16.39 -23.82 29.65
N LEU I 10 -17.47 -23.04 29.73
CA LEU I 10 -17.91 -22.44 30.99
C LEU I 10 -19.42 -22.57 31.09
N THR I 11 -19.90 -22.91 32.28
CA THR I 11 -21.31 -23.07 32.55
C THR I 11 -21.75 -22.08 33.63
N THR I 12 -23.02 -21.68 33.56
CA THR I 12 -23.63 -20.83 34.57
C THR I 12 -25.13 -20.97 34.49
N SER I 13 -25.79 -20.63 35.56
CA SER I 13 -27.24 -20.49 35.53
C SER I 13 -27.61 -19.04 35.24
N PRO I 14 -28.83 -18.79 34.79
CA PRO I 14 -29.25 -17.40 34.55
C PRO I 14 -29.14 -16.58 35.82
N GLY I 15 -28.52 -15.40 35.69
CA GLY I 15 -28.27 -14.54 36.82
C GLY I 15 -26.91 -14.72 37.45
N GLY I 16 -26.13 -15.70 36.98
CA GLY I 16 -24.78 -15.90 37.46
C GLY I 16 -23.76 -15.15 36.62
N THR I 17 -22.49 -15.32 37.00
CA THR I 17 -21.40 -14.61 36.37
C THR I 17 -20.42 -15.60 35.74
N VAL I 18 -19.78 -15.17 34.67
CA VAL I 18 -18.80 -15.98 33.95
C VAL I 18 -17.75 -15.04 33.37
N ILE I 19 -16.48 -15.35 33.61
CA ILE I 19 -15.36 -14.54 33.14
C ILE I 19 -14.60 -15.35 32.09
N LEU I 20 -14.43 -14.78 30.91
CA LEU I 20 -13.74 -15.45 29.81
C LEU I 20 -12.32 -14.91 29.70
N THR I 21 -11.35 -15.82 29.67
CA THR I 21 -9.96 -15.46 29.57
C THR I 21 -9.47 -15.59 28.14
N CYS I 22 -8.42 -14.83 27.81
CA CYS I 22 -7.82 -14.90 26.49
C CYS I 22 -6.32 -14.66 26.63
N ARG I 23 -5.53 -15.74 26.52
CA ARG I 23 -4.08 -15.68 26.67
C ARG I 23 -3.41 -15.60 25.30
N SER I 24 -2.27 -14.93 25.26
CA SER I 24 -1.36 -14.96 24.13
C SER I 24 -0.14 -15.78 24.51
N SER I 25 0.27 -16.71 23.63
CA SER I 25 1.45 -17.52 23.92
C SER I 25 2.73 -16.70 23.92
N THR I 26 2.75 -15.59 23.16
CA THR I 26 3.98 -14.81 23.06
C THR I 26 4.29 -14.07 24.35
N GLY I 27 3.28 -13.43 24.94
CA GLY I 27 3.52 -12.71 26.18
C GLY I 27 2.32 -11.89 26.60
N THR I 28 2.62 -10.76 27.25
CA THR I 28 1.59 -9.93 27.84
C THR I 28 0.79 -9.20 26.76
N ILE I 29 -0.51 -9.08 27.00
CA ILE I 29 -1.43 -8.39 26.11
C ILE I 29 -1.64 -6.98 26.60
N THR I 30 -1.57 -6.00 25.69
CA THR I 30 -1.88 -4.61 25.98
C THR I 30 -3.02 -4.14 25.08
N THR I 31 -3.39 -2.86 25.22
CA THR I 31 -4.45 -2.30 24.40
C THR I 31 -4.07 -2.26 22.92
N SER I 32 -2.78 -2.31 22.60
CA SER I 32 -2.34 -2.32 21.21
C SER I 32 -2.53 -3.67 20.54
N ASN I 33 -3.06 -4.67 21.27
CA ASN I 33 -3.46 -5.92 20.66
C ASN I 33 -4.93 -5.92 20.25
N TYR I 34 -5.68 -4.88 20.60
CA TYR I 34 -7.05 -4.66 20.16
C TYR I 34 -7.89 -5.94 20.24
N ALA I 35 -8.06 -6.42 21.46
CA ALA I 35 -8.77 -7.68 21.67
C ALA I 35 -10.21 -7.56 21.18
N ASN I 36 -10.61 -8.45 20.28
CA ASN I 36 -11.95 -8.47 19.72
C ASN I 36 -12.66 -9.75 20.17
N TRP I 37 -13.91 -9.60 20.63
CA TRP I 37 -14.70 -10.71 21.09
C TRP I 37 -15.89 -10.91 20.14
N VAL I 38 -15.96 -12.10 19.54
CA VAL I 38 -16.99 -12.45 18.57
C VAL I 38 -17.89 -13.51 19.19
N GLN I 39 -19.20 -13.31 19.11
CA GLN I 39 -20.20 -14.25 19.57
C GLN I 39 -20.70 -15.08 18.40
N LYS I 40 -21.00 -16.36 18.67
CA LYS I 40 -21.52 -17.27 17.66
C LYS I 40 -22.57 -18.16 18.29
N LYS I 41 -23.84 -17.90 17.98
CA LYS I 41 -24.92 -18.78 18.36
C LYS I 41 -25.30 -19.67 17.18
N PRO I 42 -25.80 -20.88 17.43
CA PRO I 42 -26.26 -21.73 16.32
C PRO I 42 -27.43 -21.08 15.60
N ASN I 43 -27.45 -21.23 14.28
CA ASN I 43 -28.44 -20.67 13.36
C ASN I 43 -28.41 -19.14 13.31
N HIS I 44 -27.34 -18.52 13.82
CA HIS I 44 -27.18 -17.08 13.77
C HIS I 44 -25.77 -16.75 13.29
N VAL I 45 -25.63 -15.59 12.65
CA VAL I 45 -24.33 -15.19 12.13
C VAL I 45 -23.37 -14.86 13.28
N PHE I 46 -22.08 -14.89 12.96
CA PHE I 46 -21.07 -14.34 13.87
C PHE I 46 -21.35 -12.87 14.10
N THR I 47 -21.11 -12.41 15.33
CA THR I 47 -21.26 -10.99 15.63
C THR I 47 -20.19 -10.57 16.64
N GLY I 48 -19.59 -9.41 16.40
CA GLY I 48 -18.59 -8.90 17.30
C GLY I 48 -19.19 -8.09 18.43
N LEU I 49 -19.01 -8.52 19.68
CA LEU I 49 -19.59 -7.79 20.80
C LEU I 49 -18.68 -6.72 21.35
N ILE I 50 -17.39 -7.01 21.48
CA ILE I 50 -16.42 -6.08 22.06
C ILE I 50 -15.26 -5.92 21.09
N GLY I 51 -14.92 -4.67 20.78
CA GLY I 51 -13.75 -4.36 19.99
C GLY I 51 -12.83 -3.40 20.70
N ALA I 52 -11.56 -3.36 20.31
CA ALA I 52 -10.53 -2.55 20.96
C ALA I 52 -10.59 -2.75 22.48
N THR I 53 -10.49 -4.01 22.89
CA THR I 53 -10.44 -4.42 24.29
C THR I 53 -11.75 -4.18 25.04
N SER I 54 -12.34 -2.99 24.93
CA SER I 54 -13.48 -2.66 25.78
C SER I 54 -14.67 -2.01 25.07
N ILE I 55 -14.54 -1.60 23.81
CA ILE I 55 -15.62 -0.86 23.16
C ILE I 55 -16.74 -1.82 22.79
N ARG I 56 -17.95 -1.53 23.25
CA ARG I 56 -19.11 -2.39 23.01
C ARG I 56 -19.75 -2.04 21.67
N ALA I 57 -20.15 -3.09 20.95
CA ALA I 57 -20.94 -2.92 19.73
C ALA I 57 -22.31 -2.33 20.07
N PRO I 58 -22.93 -1.65 19.10
CA PRO I 58 -24.28 -1.13 19.34
C PRO I 58 -25.26 -2.27 19.64
N GLY I 59 -26.07 -2.07 20.67
CA GLY I 59 -27.09 -3.02 21.02
C GLY I 59 -26.67 -4.14 21.96
N VAL I 60 -25.40 -4.27 22.27
CA VAL I 60 -24.98 -5.31 23.22
C VAL I 60 -25.23 -4.80 24.64
N PRO I 61 -25.84 -5.61 25.50
CA PRO I 61 -26.15 -5.14 26.86
C PRO I 61 -24.89 -4.85 27.65
N VAL I 62 -25.03 -3.94 28.63
CA VAL I 62 -23.87 -3.54 29.43
C VAL I 62 -23.46 -4.61 30.43
N ARG I 63 -24.16 -5.74 30.48
CA ARG I 63 -23.69 -6.86 31.30
C ARG I 63 -22.47 -7.52 30.72
N PHE I 64 -22.10 -7.20 29.48
CA PHE I 64 -20.83 -7.59 28.90
C PHE I 64 -19.82 -6.48 29.17
N SER I 65 -18.62 -6.88 29.62
CA SER I 65 -17.54 -5.92 29.83
C SER I 65 -16.23 -6.54 29.37
N GLY I 66 -15.43 -5.73 28.68
CA GLY I 66 -14.12 -6.14 28.21
C GLY I 66 -13.03 -5.33 28.90
N PHE I 67 -11.98 -6.01 29.32
CA PHE I 67 -10.90 -5.36 30.05
C PHE I 67 -9.69 -6.29 30.07
N LEU I 68 -8.54 -5.71 30.39
CA LEU I 68 -7.32 -6.46 30.54
C LEU I 68 -7.07 -6.75 32.01
N ILE I 69 -6.41 -7.88 32.27
CA ILE I 69 -6.06 -8.26 33.63
C ILE I 69 -4.96 -9.32 33.59
N GLY I 70 -3.93 -9.13 34.42
CA GLY I 70 -2.83 -10.07 34.45
C GLY I 70 -2.19 -10.30 33.10
N GLY I 71 -2.14 -9.26 32.26
CA GLY I 71 -1.60 -9.42 30.92
C GLY I 71 -2.46 -10.22 29.97
N LYS I 72 -3.71 -10.48 30.33
CA LYS I 72 -4.62 -11.28 29.54
C LYS I 72 -5.88 -10.47 29.24
N ALA I 73 -6.44 -10.68 28.05
CA ALA I 73 -7.72 -10.09 27.71
C ALA I 73 -8.85 -10.87 28.39
N ALA I 74 -9.84 -10.13 28.88
CA ALA I 74 -10.93 -10.72 29.65
C ALA I 74 -12.28 -10.20 29.17
N LEU I 75 -13.29 -11.06 29.26
CA LEU I 75 -14.67 -10.70 28.93
C LEU I 75 -15.58 -11.27 30.01
N THR I 76 -16.24 -10.38 30.74
CA THR I 76 -17.07 -10.76 31.87
C THR I 76 -18.54 -10.59 31.53
N ILE I 77 -19.33 -11.61 31.82
CA ILE I 77 -20.78 -11.61 31.61
C ILE I 77 -21.41 -11.60 33.00
N THR I 78 -21.82 -10.42 33.47
CA THR I 78 -22.39 -10.25 34.80
C THR I 78 -23.90 -10.43 34.72
N GLY I 79 -24.40 -11.52 35.30
CA GLY I 79 -25.80 -11.81 35.23
C GLY I 79 -26.15 -12.40 33.89
N ALA I 80 -25.55 -13.55 33.58
CA ALA I 80 -25.73 -14.16 32.27
C ALA I 80 -27.19 -14.50 32.02
N GLN I 81 -27.58 -14.44 30.74
CA GLN I 81 -28.93 -14.76 30.31
C GLN I 81 -28.90 -15.95 29.36
N THR I 82 -30.06 -16.62 29.22
CA THR I 82 -30.12 -17.80 28.37
C THR I 82 -29.72 -17.48 26.94
N GLU I 83 -30.00 -16.26 26.47
CA GLU I 83 -29.58 -15.88 25.13
C GLU I 83 -28.08 -15.70 25.02
N ASP I 84 -27.36 -15.62 26.13
CA ASP I 84 -25.89 -15.55 26.08
C ASP I 84 -25.25 -16.90 25.85
N ASP I 85 -26.03 -17.99 25.91
CA ASP I 85 -25.55 -19.32 25.57
C ASP I 85 -25.06 -19.32 24.12
N ALA I 86 -23.75 -19.38 23.92
CA ALA I 86 -23.18 -19.28 22.58
C ALA I 86 -21.71 -19.67 22.64
N MET I 87 -21.05 -19.60 21.48
CA MET I 87 -19.60 -19.73 21.38
C MET I 87 -18.98 -18.34 21.33
N TYR I 88 -17.84 -18.17 22.01
CA TYR I 88 -17.19 -16.86 22.12
C TYR I 88 -15.74 -16.97 21.68
N PHE I 89 -15.36 -16.22 20.67
CA PHE I 89 -14.03 -16.28 20.09
C PHE I 89 -13.25 -15.02 20.43
N CYS I 90 -11.96 -15.21 20.71
CA CYS I 90 -11.05 -14.11 21.00
C CYS I 90 -10.12 -13.90 19.81
N ALA I 91 -9.97 -12.64 19.41
CA ALA I 91 -9.08 -12.25 18.31
C ALA I 91 -8.15 -11.17 18.80
N LEU I 92 -6.85 -11.35 18.52
CA LEU I 92 -5.81 -10.44 18.98
C LEU I 92 -5.01 -9.93 17.79
N TRP I 93 -4.63 -8.65 17.85
CA TRP I 93 -3.88 -7.99 16.79
C TRP I 93 -2.40 -8.00 17.15
N TYR I 94 -1.57 -8.57 16.28
CA TYR I 94 -0.12 -8.58 16.45
C TYR I 94 0.50 -7.70 15.38
N ASN I 95 0.38 -6.39 15.58
CA ASN I 95 0.96 -5.38 14.70
C ASN I 95 0.42 -5.42 13.27
N THR I 96 0.37 -6.60 12.64
CA THR I 96 0.01 -6.70 11.23
C THR I 96 -1.11 -7.68 10.92
N HIS I 97 -1.59 -8.47 11.88
CA HIS I 97 -2.60 -9.48 11.58
C HIS I 97 -3.42 -9.79 12.83
N TYR I 98 -4.59 -10.36 12.61
CA TYR I 98 -5.41 -10.93 13.67
C TYR I 98 -5.15 -12.42 13.77
N VAL I 99 -5.23 -12.95 14.99
CA VAL I 99 -5.20 -14.38 15.23
C VAL I 99 -6.36 -14.71 16.16
N PHE I 100 -7.16 -15.70 15.78
CA PHE I 100 -8.30 -16.12 16.56
C PHE I 100 -7.91 -17.19 17.57
N GLY I 101 -8.71 -17.29 18.64
CA GLY I 101 -8.59 -18.38 19.58
C GLY I 101 -9.45 -19.55 19.16
N GLY I 102 -9.41 -20.60 19.98
CA GLY I 102 -10.23 -21.76 19.71
C GLY I 102 -11.70 -21.61 20.07
N GLY I 103 -12.07 -20.50 20.70
CA GLY I 103 -13.44 -20.30 21.12
C GLY I 103 -13.78 -20.95 22.45
N THR I 104 -14.64 -20.30 23.24
CA THR I 104 -15.12 -20.83 24.50
C THR I 104 -16.62 -21.05 24.41
N LYS I 105 -17.07 -22.24 24.80
CA LYS I 105 -18.49 -22.55 24.83
C LYS I 105 -19.06 -22.14 26.17
N VAL I 106 -19.92 -21.12 26.17
CA VAL I 106 -20.62 -20.67 27.36
C VAL I 106 -22.01 -21.27 27.35
N THR I 107 -22.31 -22.09 28.36
CA THR I 107 -23.60 -22.74 28.52
C THR I 107 -24.35 -22.08 29.67
N VAL I 108 -25.55 -21.57 29.38
CA VAL I 108 -26.42 -20.99 30.39
C VAL I 108 -27.55 -21.98 30.63
N LEU I 109 -27.52 -22.65 31.79
CA LEU I 109 -28.49 -23.69 32.10
C LEU I 109 -29.89 -23.14 32.27
N GLY I 110 -30.67 -23.11 31.19
CA GLY I 110 -32.03 -22.61 31.26
C GLY I 110 -33.07 -23.65 30.90
N GLN I 111 -32.81 -24.91 31.26
CA GLN I 111 -33.70 -26.00 30.89
C GLN I 111 -33.36 -27.22 31.74
N PRO I 112 -34.35 -27.99 32.19
CA PRO I 112 -34.03 -29.23 32.93
C PRO I 112 -33.27 -30.21 32.05
N LYS I 113 -32.49 -31.06 32.70
CA LYS I 113 -31.68 -32.04 31.99
C LYS I 113 -32.57 -33.05 31.26
N ALA I 114 -32.08 -33.53 30.12
CA ALA I 114 -32.80 -34.49 29.30
C ALA I 114 -31.84 -35.54 28.79
N ALA I 115 -32.19 -36.81 29.02
CA ALA I 115 -31.37 -37.91 28.53
C ALA I 115 -31.63 -38.15 27.04
N PRO I 116 -30.64 -38.62 26.30
CA PRO I 116 -30.81 -38.81 24.86
C PRO I 116 -31.61 -40.05 24.49
N SER I 117 -32.40 -39.92 23.43
CA SER I 117 -33.06 -41.05 22.76
C SER I 117 -32.16 -41.52 21.62
N VAL I 118 -31.69 -42.76 21.69
CA VAL I 118 -30.76 -43.29 20.69
C VAL I 118 -31.52 -44.23 19.76
N THR I 119 -31.55 -43.87 18.48
CA THR I 119 -32.15 -44.69 17.43
C THR I 119 -31.07 -45.06 16.44
N LEU I 120 -30.81 -46.35 16.28
CA LEU I 120 -29.75 -46.86 15.40
C LEU I 120 -30.38 -47.54 14.20
N PHE I 121 -30.05 -47.04 12.98
CA PHE I 121 -30.58 -47.60 11.75
C PHE I 121 -29.56 -48.55 11.11
N PRO I 122 -29.95 -49.76 10.75
CA PRO I 122 -29.04 -50.66 10.02
C PRO I 122 -28.89 -50.19 8.57
N PRO I 123 -27.96 -50.78 7.81
CA PRO I 123 -27.81 -50.38 6.41
C PRO I 123 -29.05 -50.73 5.60
N SER I 124 -29.54 -49.74 4.86
CA SER I 124 -30.64 -49.96 3.92
C SER I 124 -30.30 -51.07 2.93
N SER I 125 -31.34 -51.76 2.46
CA SER I 125 -31.14 -52.73 1.40
C SER I 125 -30.76 -52.05 0.10
N GLU I 126 -31.35 -50.88 -0.18
CA GLU I 126 -30.94 -50.10 -1.34
C GLU I 126 -29.46 -49.74 -1.29
N GLU I 127 -28.92 -49.51 -0.08
CA GLU I 127 -27.50 -49.23 0.03
C GLU I 127 -26.66 -50.50 -0.14
N LEU I 128 -27.12 -51.61 0.45
CA LEU I 128 -26.38 -52.86 0.31
C LEU I 128 -26.33 -53.33 -1.14
N GLN I 129 -27.42 -53.12 -1.87
CA GLN I 129 -27.43 -53.45 -3.30
C GLN I 129 -26.47 -52.57 -4.08
N ALA I 130 -26.20 -51.36 -3.60
CA ALA I 130 -25.18 -50.49 -4.17
C ALA I 130 -23.78 -50.85 -3.71
N ASN I 131 -23.62 -52.01 -3.06
CA ASN I 131 -22.32 -52.50 -2.57
C ASN I 131 -21.67 -51.56 -1.56
N LYS I 132 -22.49 -50.84 -0.78
CA LYS I 132 -21.99 -50.04 0.32
C LYS I 132 -22.88 -50.26 1.54
N ALA I 133 -22.38 -49.84 2.70
CA ALA I 133 -23.10 -50.05 3.96
C ALA I 133 -22.72 -48.94 4.93
N THR I 134 -23.72 -48.36 5.58
CA THR I 134 -23.50 -47.29 6.55
C THR I 134 -24.46 -47.46 7.71
N LEU I 135 -23.92 -47.42 8.93
CA LEU I 135 -24.74 -47.40 10.13
C LEU I 135 -24.99 -45.97 10.56
N VAL I 136 -26.26 -45.62 10.77
CA VAL I 136 -26.66 -44.27 11.17
C VAL I 136 -27.27 -44.38 12.56
N CYS I 137 -26.61 -43.76 13.54
CA CYS I 137 -27.06 -43.75 14.92
C CYS I 137 -27.60 -42.37 15.24
N LEU I 138 -28.88 -42.29 15.56
CA LEU I 138 -29.57 -41.02 15.77
C LEU I 138 -29.67 -40.73 17.25
N ILE I 139 -29.27 -39.53 17.65
CA ILE I 139 -29.31 -39.09 19.03
C ILE I 139 -30.21 -37.86 19.11
N SER I 140 -31.29 -37.97 19.88
CA SER I 140 -32.34 -36.95 19.87
C SER I 140 -32.68 -36.50 21.28
N ASP I 141 -33.14 -35.25 21.39
CA ASP I 141 -33.86 -34.74 22.56
C ASP I 141 -33.05 -34.89 23.84
N PHE I 142 -31.87 -34.25 23.88
CA PHE I 142 -31.06 -34.22 25.08
C PHE I 142 -30.60 -32.81 25.37
N TYR I 143 -30.33 -32.54 26.65
CA TYR I 143 -29.89 -31.24 27.13
C TYR I 143 -29.07 -31.46 28.39
N PRO I 144 -27.94 -30.76 28.54
CA PRO I 144 -27.36 -29.84 27.56
C PRO I 144 -26.67 -30.54 26.40
N GLY I 145 -26.34 -29.79 25.35
CA GLY I 145 -25.84 -30.37 24.11
C GLY I 145 -24.40 -30.79 24.15
N ALA I 146 -24.04 -31.65 25.11
CA ALA I 146 -22.69 -32.19 25.24
C ALA I 146 -22.83 -33.69 25.41
N VAL I 147 -22.37 -34.44 24.41
CA VAL I 147 -22.54 -35.88 24.37
C VAL I 147 -21.31 -36.48 23.71
N THR I 148 -21.05 -37.77 23.98
CA THR I 148 -19.92 -38.46 23.36
C THR I 148 -20.37 -39.79 22.81
N VAL I 149 -19.92 -40.09 21.59
CA VAL I 149 -20.30 -41.28 20.85
C VAL I 149 -19.12 -42.24 20.84
N ALA I 150 -19.40 -43.53 21.01
CA ALA I 150 -18.38 -44.56 20.97
C ALA I 150 -18.96 -45.79 20.29
N TRP I 151 -18.39 -46.16 19.14
CA TRP I 151 -18.85 -47.30 18.37
C TRP I 151 -18.06 -48.54 18.76
N LYS I 152 -18.73 -49.69 18.74
CA LYS I 152 -18.04 -50.96 18.94
C LYS I 152 -18.59 -52.01 17.99
N ALA I 153 -17.75 -52.99 17.68
CA ALA I 153 -18.09 -54.15 16.86
C ALA I 153 -17.67 -55.37 17.66
N ASP I 154 -18.65 -56.09 18.20
CA ASP I 154 -18.40 -57.25 19.05
C ASP I 154 -17.58 -56.85 20.27
N SER I 155 -18.16 -55.94 21.06
CA SER I 155 -17.54 -55.41 22.28
C SER I 155 -16.23 -54.67 22.00
N SER I 156 -15.44 -55.16 21.04
CA SER I 156 -14.21 -54.47 20.67
C SER I 156 -14.54 -53.13 20.03
N PRO I 157 -13.88 -52.04 20.43
CA PRO I 157 -14.21 -50.74 19.87
C PRO I 157 -13.68 -50.55 18.46
N VAL I 158 -14.45 -49.82 17.66
CA VAL I 158 -14.08 -49.41 16.31
C VAL I 158 -14.01 -47.90 16.28
N LYS I 159 -12.93 -47.35 15.74
CA LYS I 159 -12.97 -45.91 15.48
C LYS I 159 -12.52 -45.52 14.08
N ALA I 160 -11.75 -46.35 13.39
CA ALA I 160 -11.56 -46.10 11.97
C ALA I 160 -12.90 -46.20 11.25
N GLY I 161 -13.18 -45.20 10.41
CA GLY I 161 -14.43 -45.18 9.69
C GLY I 161 -15.61 -44.61 10.43
N VAL I 162 -15.37 -43.73 11.40
CA VAL I 162 -16.42 -43.10 12.20
C VAL I 162 -16.42 -41.60 11.92
N GLU I 163 -17.61 -41.06 11.68
CA GLU I 163 -17.79 -39.61 11.53
C GLU I 163 -18.96 -39.18 12.39
N THR I 164 -18.75 -38.14 13.21
CA THR I 164 -19.72 -37.70 14.19
C THR I 164 -19.92 -36.20 14.10
N THR I 165 -21.18 -35.77 14.16
CA THR I 165 -21.53 -34.35 14.11
C THR I 165 -21.52 -33.74 15.51
N THR I 166 -21.20 -32.45 15.57
CA THR I 166 -21.38 -31.68 16.77
C THR I 166 -22.88 -31.53 17.05
N PRO I 167 -23.31 -31.59 18.31
CA PRO I 167 -24.74 -31.47 18.60
C PRO I 167 -25.32 -30.16 18.06
N SER I 168 -26.44 -30.28 17.36
CA SER I 168 -27.16 -29.13 16.82
C SER I 168 -28.47 -28.97 17.57
N LYS I 169 -28.96 -27.74 17.63
CA LYS I 169 -30.16 -27.45 18.41
C LYS I 169 -31.40 -27.74 17.56
N GLN I 170 -32.28 -28.59 18.09
CA GLN I 170 -33.54 -28.89 17.43
C GLN I 170 -34.47 -27.68 17.54
N SER I 171 -35.65 -27.80 16.91
CA SER I 171 -36.63 -26.73 16.98
C SER I 171 -37.35 -26.66 18.32
N ASN I 172 -37.30 -27.73 19.12
CA ASN I 172 -37.77 -27.71 20.50
C ASN I 172 -36.68 -27.28 21.47
N ASN I 173 -35.61 -26.66 20.97
CA ASN I 173 -34.50 -26.15 21.78
C ASN I 173 -33.85 -27.23 22.66
N LYS I 174 -34.09 -28.50 22.34
CA LYS I 174 -33.22 -29.57 22.79
C LYS I 174 -32.22 -29.89 21.69
N TYR I 175 -31.21 -30.67 22.02
CA TYR I 175 -30.09 -30.89 21.11
C TYR I 175 -30.17 -32.28 20.49
N ALA I 176 -29.55 -32.40 19.32
CA ALA I 176 -29.51 -33.64 18.56
C ALA I 176 -28.13 -33.80 17.92
N ALA I 177 -27.72 -35.05 17.75
CA ALA I 177 -26.46 -35.34 17.10
C ALA I 177 -26.60 -36.64 16.32
N SER I 178 -25.69 -36.83 15.36
CA SER I 178 -25.70 -38.01 14.52
C SER I 178 -24.29 -38.50 14.31
N SER I 179 -24.11 -39.81 14.31
CA SER I 179 -22.83 -40.44 14.05
C SER I 179 -23.02 -41.54 13.01
N TYR I 180 -22.02 -41.69 12.16
CA TYR I 180 -22.05 -42.66 11.08
C TYR I 180 -20.86 -43.60 11.19
N LEU I 181 -21.05 -44.83 10.72
CA LEU I 181 -19.97 -45.80 10.61
C LEU I 181 -20.05 -46.46 9.23
N SER I 182 -19.14 -46.06 8.34
CA SER I 182 -19.04 -46.65 7.02
C SER I 182 -18.43 -48.04 7.11
N LEU I 183 -19.08 -49.02 6.50
CA LEU I 183 -18.58 -50.40 6.51
C LEU I 183 -18.75 -51.02 5.13
N THR I 184 -17.92 -52.02 4.86
CA THR I 184 -18.11 -52.83 3.67
C THR I 184 -19.29 -53.77 3.87
N PRO I 185 -19.99 -54.14 2.80
CA PRO I 185 -21.11 -55.07 2.95
C PRO I 185 -20.77 -56.41 3.59
N GLU I 186 -19.53 -56.90 3.47
CA GLU I 186 -19.29 -58.15 4.18
C GLU I 186 -18.62 -57.95 5.53
N GLN I 187 -18.02 -56.77 5.78
CA GLN I 187 -17.72 -56.42 7.17
C GLN I 187 -19.00 -56.31 7.98
N TRP I 188 -20.11 -55.99 7.32
CA TRP I 188 -21.40 -55.89 8.00
C TRP I 188 -21.97 -57.27 8.32
N LYS I 189 -22.01 -58.16 7.32
CA LYS I 189 -22.57 -59.49 7.54
C LYS I 189 -21.63 -60.42 8.30
N SER I 190 -20.38 -60.02 8.52
CA SER I 190 -19.42 -60.89 9.20
C SER I 190 -19.58 -60.84 10.72
N HIS I 191 -19.50 -59.64 11.29
CA HIS I 191 -19.52 -59.48 12.74
C HIS I 191 -20.90 -59.85 13.30
N ARG I 192 -20.90 -60.22 14.58
CA ARG I 192 -22.15 -60.67 15.22
C ARG I 192 -23.09 -59.50 15.46
N SER I 193 -22.54 -58.34 15.84
CA SER I 193 -23.36 -57.21 16.24
C SER I 193 -22.62 -55.91 15.93
N TYR I 194 -23.36 -54.81 16.01
CA TYR I 194 -22.78 -53.47 15.95
C TYR I 194 -23.57 -52.57 16.88
N SER I 195 -22.87 -51.89 17.77
CA SER I 195 -23.51 -51.08 18.80
C SER I 195 -23.07 -49.62 18.68
N CYS I 196 -23.89 -48.75 19.28
CA CYS I 196 -23.64 -47.31 19.29
C CYS I 196 -23.83 -46.83 20.73
N GLN I 197 -22.72 -46.64 21.44
CA GLN I 197 -22.75 -46.21 22.83
C GLN I 197 -22.72 -44.69 22.89
N VAL I 198 -23.71 -44.11 23.56
CA VAL I 198 -23.86 -42.66 23.63
C VAL I 198 -23.82 -42.25 25.10
N THR I 199 -22.79 -41.48 25.47
CA THR I 199 -22.55 -41.09 26.85
C THR I 199 -22.95 -39.63 27.04
N HIS I 200 -23.91 -39.40 27.93
CA HIS I 200 -24.43 -38.04 28.16
C HIS I 200 -24.41 -37.75 29.65
N GLU I 201 -23.53 -36.84 30.05
CA GLU I 201 -23.46 -36.34 31.42
C GLU I 201 -23.27 -37.49 32.42
N GLY I 202 -22.38 -38.43 32.09
CA GLY I 202 -22.05 -39.53 32.95
C GLY I 202 -22.86 -40.80 32.73
N SER I 203 -24.10 -40.67 32.30
CA SER I 203 -24.96 -41.82 32.04
C SER I 203 -24.91 -42.17 30.56
N THR I 204 -24.97 -43.47 30.26
CA THR I 204 -24.73 -43.97 28.91
C THR I 204 -25.90 -44.81 28.44
N VAL I 205 -26.40 -44.50 27.25
CA VAL I 205 -27.40 -45.30 26.55
C VAL I 205 -26.72 -45.95 25.36
N GLU I 206 -26.99 -47.24 25.14
CA GLU I 206 -26.40 -47.93 24.00
C GLU I 206 -27.43 -48.78 23.29
N LYS I 207 -27.46 -48.67 21.96
CA LYS I 207 -28.33 -49.43 21.08
C LYS I 207 -27.49 -50.36 20.24
N THR I 208 -28.08 -51.50 19.87
CA THR I 208 -27.38 -52.52 19.09
C THR I 208 -28.23 -52.95 17.92
N VAL I 209 -27.60 -53.23 16.78
CA VAL I 209 -28.25 -53.80 15.62
C VAL I 209 -27.44 -54.98 15.12
N ALA I 210 -28.13 -55.97 14.56
CA ALA I 210 -27.49 -57.19 14.10
C ALA I 210 -27.79 -57.43 12.63
N PRO I 211 -26.87 -58.09 11.91
CA PRO I 211 -27.11 -58.38 10.48
C PRO I 211 -28.23 -59.39 10.29
N THR I 212 -29.47 -58.96 10.46
CA THR I 212 -30.61 -59.86 10.30
C THR I 212 -31.05 -59.87 8.84
N GLU I 213 -31.44 -61.07 8.37
CA GLU I 213 -31.83 -61.27 7.00
C GLU I 213 -33.05 -60.44 6.61
N CYS I 214 -33.48 -60.57 5.36
CA CYS I 214 -34.74 -60.04 4.87
C CYS I 214 -34.78 -58.51 5.01
N GLU J 1 -29.73 -1.68 11.47
CA GLU J 1 -29.42 -3.09 11.25
C GLU J 1 -28.25 -3.24 10.27
N VAL J 2 -27.05 -3.42 10.81
CA VAL J 2 -25.89 -3.67 9.96
C VAL J 2 -26.10 -4.96 9.19
N GLN J 3 -25.87 -4.91 7.89
CA GLN J 3 -26.09 -6.06 7.02
C GLN J 3 -24.90 -6.21 6.08
N LEU J 4 -24.34 -7.42 6.04
CA LEU J 4 -23.26 -7.75 5.12
C LEU J 4 -23.68 -8.99 4.34
N VAL J 5 -23.55 -8.91 3.02
CA VAL J 5 -24.02 -9.98 2.13
C VAL J 5 -22.86 -10.30 1.18
N GLU J 6 -22.32 -11.50 1.31
CA GLU J 6 -21.24 -11.93 0.45
C GLU J 6 -21.78 -12.69 -0.76
N SER J 7 -20.98 -12.74 -1.80
CA SER J 7 -21.31 -13.50 -3.00
C SER J 7 -20.04 -13.71 -3.80
N GLY J 8 -20.08 -14.67 -4.73
CA GLY J 8 -19.00 -14.90 -5.67
C GLY J 8 -18.31 -16.24 -5.55
N GLY J 9 -18.66 -17.06 -4.57
CA GLY J 9 -17.98 -18.33 -4.36
C GLY J 9 -18.68 -19.47 -5.07
N GLY J 10 -18.11 -20.65 -4.88
CA GLY J 10 -18.57 -21.84 -5.56
C GLY J 10 -17.42 -22.82 -5.70
N LEU J 11 -17.65 -23.83 -6.53
CA LEU J 11 -16.63 -24.84 -6.78
C LEU J 11 -15.73 -24.34 -7.91
N VAL J 12 -14.46 -24.10 -7.59
CA VAL J 12 -13.50 -23.57 -8.55
C VAL J 12 -12.26 -24.45 -8.53
N GLN J 13 -11.55 -24.44 -9.63
CA GLN J 13 -10.36 -25.27 -9.82
C GLN J 13 -9.12 -24.55 -9.30
N PRO J 14 -8.09 -25.30 -8.93
CA PRO J 14 -6.85 -24.66 -8.46
C PRO J 14 -6.22 -23.80 -9.54
N GLY J 15 -5.45 -22.80 -9.11
CA GLY J 15 -4.75 -21.92 -10.01
C GLY J 15 -5.59 -20.83 -10.64
N GLY J 16 -6.90 -21.00 -10.71
CA GLY J 16 -7.77 -19.99 -11.26
C GLY J 16 -7.89 -18.78 -10.35
N SER J 17 -8.73 -17.85 -10.78
CA SER J 17 -9.00 -16.62 -10.04
C SER J 17 -10.44 -16.61 -9.55
N LEU J 18 -10.69 -15.76 -8.56
CA LEU J 18 -12.03 -15.63 -7.99
C LEU J 18 -12.13 -14.31 -7.25
N ARG J 19 -13.14 -13.51 -7.58
CA ARG J 19 -13.36 -12.21 -6.96
C ARG J 19 -14.57 -12.32 -6.04
N LEU J 20 -14.34 -12.18 -4.75
CA LEU J 20 -15.41 -12.18 -3.76
C LEU J 20 -15.87 -10.75 -3.52
N SER J 21 -17.18 -10.56 -3.37
CA SER J 21 -17.75 -9.24 -3.14
C SER J 21 -18.68 -9.29 -1.93
N CYS J 22 -18.73 -8.18 -1.22
CA CYS J 22 -19.56 -8.04 -0.02
C CYS J 22 -20.29 -6.71 -0.10
N ALA J 23 -21.63 -6.76 -0.14
CA ALA J 23 -22.45 -5.57 -0.20
C ALA J 23 -22.84 -5.16 1.23
N ALA J 24 -22.48 -3.94 1.61
CA ALA J 24 -22.75 -3.45 2.94
C ALA J 24 -23.93 -2.48 2.96
N SER J 25 -24.64 -2.47 4.09
CA SER J 25 -25.78 -1.60 4.29
C SER J 25 -26.06 -1.53 5.78
N GLY J 26 -26.77 -0.47 6.18
CA GLY J 26 -27.16 -0.30 7.57
C GLY J 26 -26.15 0.42 8.44
N PHE J 27 -25.07 0.95 7.87
CA PHE J 27 -24.10 1.73 8.64
C PHE J 27 -23.29 2.56 7.67
N ILE J 28 -22.66 3.61 8.20
CA ILE J 28 -21.79 4.47 7.41
C ILE J 28 -20.57 3.65 6.99
N PHE J 29 -20.58 3.13 5.77
CA PHE J 29 -19.59 2.13 5.37
C PHE J 29 -18.18 2.71 5.35
N SER J 30 -18.03 3.96 4.93
CA SER J 30 -16.70 4.55 4.75
C SER J 30 -16.06 4.98 6.06
N SER J 31 -16.59 4.56 7.20
CA SER J 31 -16.06 4.97 8.49
C SER J 31 -15.33 3.86 9.23
N ASP J 32 -15.44 2.61 8.80
CA ASP J 32 -14.92 1.48 9.55
C ASP J 32 -13.91 0.69 8.73
N TRP J 33 -12.93 0.12 9.43
CA TRP J 33 -12.13 -0.94 8.84
C TRP J 33 -13.04 -2.12 8.47
N MET J 34 -12.63 -2.85 7.44
CA MET J 34 -13.38 -4.02 6.99
C MET J 34 -12.43 -5.21 6.94
N ASN J 35 -12.98 -6.40 7.20
CA ASN J 35 -12.18 -7.60 7.35
C ASN J 35 -12.75 -8.72 6.49
N TRP J 36 -11.86 -9.63 6.08
CA TRP J 36 -12.23 -10.92 5.51
C TRP J 36 -11.73 -12.02 6.45
N VAL J 37 -12.62 -12.92 6.84
CA VAL J 37 -12.30 -14.05 7.70
C VAL J 37 -12.85 -15.31 7.07
N ARG J 38 -12.13 -16.42 7.22
CA ARG J 38 -12.56 -17.69 6.65
C ARG J 38 -12.51 -18.79 7.71
N GLN J 39 -13.27 -19.85 7.47
CA GLN J 39 -13.30 -21.01 8.35
C GLN J 39 -13.32 -22.28 7.49
N ALA J 40 -12.16 -22.93 7.37
CA ALA J 40 -12.07 -24.16 6.59
C ALA J 40 -12.89 -25.27 7.24
N PRO J 41 -13.32 -26.25 6.45
CA PRO J 41 -14.11 -27.36 7.01
C PRO J 41 -13.48 -27.99 8.24
N GLY J 42 -14.24 -28.03 9.35
CA GLY J 42 -13.79 -28.67 10.56
C GLY J 42 -12.63 -28.01 11.26
N LYS J 43 -12.26 -26.80 10.88
CA LYS J 43 -11.18 -26.07 11.52
C LYS J 43 -11.71 -24.77 12.10
N GLY J 44 -10.81 -24.03 12.77
CA GLY J 44 -11.18 -22.81 13.44
C GLY J 44 -11.15 -21.61 12.52
N LEU J 45 -11.53 -20.47 13.08
CA LEU J 45 -11.53 -19.23 12.31
C LEU J 45 -10.10 -18.84 11.98
N GLU J 46 -9.91 -18.27 10.79
CA GLU J 46 -8.61 -17.77 10.35
C GLU J 46 -8.84 -16.42 9.68
N TRP J 47 -8.38 -15.36 10.34
CA TRP J 47 -8.45 -14.02 9.75
C TRP J 47 -7.64 -13.98 8.46
N VAL J 48 -8.21 -13.35 7.44
CA VAL J 48 -7.60 -13.34 6.11
C VAL J 48 -6.94 -12.00 5.83
N ALA J 49 -7.72 -10.94 5.81
CA ALA J 49 -7.21 -9.64 5.44
C ALA J 49 -8.12 -8.56 5.99
N ASN J 50 -7.60 -7.33 6.03
CA ASN J 50 -8.39 -6.18 6.43
C ASN J 50 -7.95 -4.96 5.63
N ILE J 51 -8.74 -3.90 5.72
CA ILE J 51 -8.48 -2.67 4.99
C ILE J 51 -9.12 -1.51 5.75
N ASN J 52 -8.42 -0.39 5.78
CA ASN J 52 -8.92 0.80 6.48
C ASN J 52 -9.90 1.55 5.57
N GLN J 53 -10.34 2.73 6.02
CA GLN J 53 -11.48 3.37 5.37
C GLN J 53 -11.12 3.94 4.00
N ASP J 54 -9.94 4.54 3.86
CA ASP J 54 -9.53 5.12 2.60
C ASP J 54 -8.64 4.20 1.77
N GLY J 55 -8.30 3.04 2.29
CA GLY J 55 -7.54 2.07 1.52
C GLY J 55 -6.04 2.28 1.51
N SER J 56 -5.51 3.09 2.43
CA SER J 56 -4.08 3.32 2.49
C SER J 56 -3.34 2.26 3.30
N GLU J 57 -4.05 1.47 4.09
CA GLU J 57 -3.45 0.42 4.91
C GLU J 57 -4.17 -0.89 4.63
N LYS J 58 -3.44 -1.86 4.09
CA LYS J 58 -3.95 -3.21 3.89
C LYS J 58 -3.02 -4.21 4.55
N TYR J 59 -3.58 -5.20 5.21
CA TYR J 59 -2.80 -6.24 5.86
C TYR J 59 -3.39 -7.60 5.50
N TYR J 60 -2.50 -8.58 5.32
CA TYR J 60 -2.89 -9.93 4.89
C TYR J 60 -2.24 -10.97 5.80
N VAL J 61 -2.97 -12.07 6.01
CA VAL J 61 -2.41 -13.19 6.76
C VAL J 61 -1.28 -13.83 5.95
N ASP J 62 -0.33 -14.44 6.66
CA ASP J 62 0.92 -14.88 6.02
C ASP J 62 0.65 -15.89 4.90
N SER J 63 -0.25 -16.85 5.12
CA SER J 63 -0.50 -17.92 4.17
C SER J 63 -1.32 -17.46 2.96
N VAL J 64 -1.30 -16.18 2.63
CA VAL J 64 -2.19 -15.64 1.62
C VAL J 64 -1.49 -14.51 0.90
N LYS J 65 -0.45 -13.95 1.53
CA LYS J 65 0.31 -12.85 0.93
C LYS J 65 0.83 -13.24 -0.45
N GLY J 66 0.76 -12.28 -1.38
CA GLY J 66 1.19 -12.52 -2.74
C GLY J 66 0.16 -13.18 -3.63
N ARG J 67 -0.98 -13.56 -3.10
CA ARG J 67 -2.05 -14.18 -3.89
C ARG J 67 -3.38 -13.45 -3.75
N PHE J 68 -3.75 -13.01 -2.56
CA PHE J 68 -5.02 -12.32 -2.36
C PHE J 68 -4.77 -10.82 -2.25
N THR J 69 -5.75 -10.04 -2.68
CA THR J 69 -5.68 -8.59 -2.54
C THR J 69 -7.06 -8.06 -2.16
N ILE J 70 -7.09 -7.18 -1.17
CA ILE J 70 -8.33 -6.63 -0.65
C ILE J 70 -8.53 -5.23 -1.21
N SER J 71 -9.78 -4.85 -1.37
CA SER J 71 -10.11 -3.53 -1.91
C SER J 71 -11.52 -3.16 -1.47
N ARG J 72 -11.87 -1.90 -1.65
CA ARG J 72 -13.18 -1.40 -1.28
C ARG J 72 -13.56 -0.24 -2.17
N ASP J 73 -14.87 -0.05 -2.33
CA ASP J 73 -15.43 1.08 -3.07
C ASP J 73 -16.47 1.73 -2.16
N ASN J 74 -16.07 2.81 -1.50
CA ASN J 74 -16.94 3.45 -0.51
C ASN J 74 -18.18 4.05 -1.14
N ALA J 75 -18.11 4.41 -2.42
CA ALA J 75 -19.28 4.93 -3.11
C ALA J 75 -20.33 3.84 -3.31
N GLN J 76 -19.90 2.59 -3.42
CA GLN J 76 -20.81 1.46 -3.62
C GLN J 76 -21.05 0.65 -2.36
N ASN J 77 -20.46 1.05 -1.24
CA ASN J 77 -20.62 0.34 0.03
C ASN J 77 -20.31 -1.14 -0.12
N SER J 78 -19.21 -1.44 -0.81
CA SER J 78 -18.89 -2.83 -1.13
C SER J 78 -17.42 -3.12 -0.94
N LEU J 79 -17.13 -4.26 -0.32
CA LEU J 79 -15.80 -4.74 -0.07
C LEU J 79 -15.46 -5.88 -1.04
N TYR J 80 -14.20 -5.99 -1.40
CA TYR J 80 -13.78 -6.96 -2.40
C TYR J 80 -12.54 -7.73 -1.94
N LEU J 81 -12.46 -9.00 -2.35
CA LEU J 81 -11.29 -9.83 -2.11
C LEU J 81 -10.98 -10.57 -3.40
N GLN J 82 -9.84 -10.25 -4.01
CA GLN J 82 -9.42 -10.90 -5.24
C GLN J 82 -8.48 -12.05 -4.90
N MET J 83 -8.88 -13.27 -5.25
CA MET J 83 -8.15 -14.48 -4.86
C MET J 83 -7.51 -15.09 -6.12
N ASN J 84 -6.19 -14.99 -6.22
CA ASN J 84 -5.45 -15.55 -7.33
C ASN J 84 -4.65 -16.76 -6.87
N SER J 85 -4.29 -17.61 -7.84
CA SER J 85 -3.57 -18.85 -7.60
C SER J 85 -4.20 -19.63 -6.45
N LEU J 86 -5.43 -20.06 -6.69
CA LEU J 86 -6.19 -20.73 -5.64
C LEU J 86 -5.54 -22.06 -5.30
N ARG J 87 -5.70 -22.46 -4.04
CA ARG J 87 -5.14 -23.70 -3.52
C ARG J 87 -6.25 -24.48 -2.85
N ALA J 88 -6.07 -25.81 -2.80
CA ALA J 88 -7.06 -26.66 -2.13
C ALA J 88 -7.31 -26.20 -0.70
N GLU J 89 -6.25 -25.79 0.00
CA GLU J 89 -6.41 -25.37 1.39
C GLU J 89 -7.08 -24.01 1.53
N ASP J 90 -7.37 -23.32 0.42
CA ASP J 90 -8.19 -22.12 0.46
C ASP J 90 -9.67 -22.44 0.61
N THR J 91 -10.03 -23.72 0.60
CA THR J 91 -11.42 -24.12 0.78
C THR J 91 -11.90 -23.70 2.15
N ALA J 92 -12.99 -22.93 2.19
CA ALA J 92 -13.54 -22.41 3.42
C ALA J 92 -14.79 -21.60 3.10
N VAL J 93 -15.52 -21.24 4.15
CA VAL J 93 -16.56 -20.22 4.05
C VAL J 93 -15.88 -18.88 4.34
N TYR J 94 -16.02 -17.93 3.41
CA TYR J 94 -15.40 -16.62 3.55
C TYR J 94 -16.43 -15.62 4.08
N TYR J 95 -16.08 -14.93 5.16
CA TYR J 95 -16.98 -14.04 5.88
C TYR J 95 -16.52 -12.59 5.76
N CYS J 96 -17.48 -11.71 5.48
CA CYS J 96 -17.29 -10.27 5.50
C CYS J 96 -17.57 -9.78 6.92
N ALA J 97 -16.61 -9.09 7.53
CA ALA J 97 -16.71 -8.83 8.95
C ALA J 97 -16.09 -7.49 9.32
N LYS J 98 -16.58 -6.94 10.42
CA LYS J 98 -16.00 -5.76 11.07
C LYS J 98 -15.92 -6.03 12.56
N GLU J 99 -15.17 -5.18 13.27
CA GLU J 99 -14.92 -5.42 14.69
C GLU J 99 -16.22 -5.42 15.49
N LEU J 100 -17.12 -4.50 15.20
CA LEU J 100 -18.40 -4.42 15.89
C LEU J 100 -19.53 -4.75 14.93
N GLY J 101 -20.48 -5.55 15.41
CA GLY J 101 -21.66 -5.84 14.62
C GLY J 101 -21.63 -7.23 14.00
N PRO J 102 -22.76 -7.64 13.45
CA PRO J 102 -22.86 -8.99 12.90
C PRO J 102 -22.09 -9.14 11.60
N TRP J 103 -21.55 -10.33 11.39
CA TRP J 103 -20.90 -10.67 10.14
C TRP J 103 -21.94 -11.08 9.10
N GLY J 104 -21.49 -11.30 7.88
CA GLY J 104 -22.35 -11.85 6.86
C GLY J 104 -22.51 -13.34 7.00
N GLN J 105 -23.42 -13.89 6.19
CA GLN J 105 -23.67 -15.33 6.23
C GLN J 105 -22.50 -16.09 5.63
N GLY J 106 -21.80 -15.50 4.68
CA GLY J 106 -20.59 -16.12 4.18
C GLY J 106 -20.78 -16.73 2.80
N THR J 107 -19.69 -16.80 2.05
CA THR J 107 -19.64 -17.49 0.77
C THR J 107 -18.83 -18.77 0.93
N LEU J 108 -19.34 -19.86 0.37
CA LEU J 108 -18.59 -21.12 0.37
C LEU J 108 -17.71 -21.18 -0.86
N VAL J 109 -16.40 -21.20 -0.65
CA VAL J 109 -15.42 -21.32 -1.71
C VAL J 109 -14.78 -22.69 -1.60
N THR J 110 -14.96 -23.51 -2.63
CA THR J 110 -14.40 -24.85 -2.69
C THR J 110 -13.38 -24.90 -3.81
N VAL J 111 -12.14 -25.20 -3.47
CA VAL J 111 -11.06 -25.32 -4.44
C VAL J 111 -10.67 -26.80 -4.52
N SER J 112 -10.90 -27.41 -5.68
CA SER J 112 -10.61 -28.83 -5.84
C SER J 112 -10.63 -29.17 -7.32
N SER J 113 -9.73 -30.06 -7.73
CA SER J 113 -9.72 -30.59 -9.08
C SER J 113 -10.87 -31.57 -9.33
N ALA J 114 -11.58 -31.98 -8.29
CA ALA J 114 -12.60 -33.01 -8.45
C ALA J 114 -13.84 -32.45 -9.13
N SER J 115 -14.57 -33.35 -9.79
CA SER J 115 -15.79 -33.00 -10.51
C SER J 115 -16.98 -33.00 -9.55
N THR J 116 -18.05 -32.33 -9.98
CA THR J 116 -19.27 -32.34 -9.21
C THR J 116 -19.85 -33.75 -9.15
N LYS J 117 -20.35 -34.13 -7.98
CA LYS J 117 -20.94 -35.45 -7.77
C LYS J 117 -22.27 -35.28 -7.06
N GLY J 118 -23.34 -35.77 -7.67
CA GLY J 118 -24.65 -35.76 -7.06
C GLY J 118 -24.76 -36.80 -5.96
N PRO J 119 -25.69 -36.58 -5.03
CA PRO J 119 -25.81 -37.47 -3.88
C PRO J 119 -26.57 -38.75 -4.22
N SER J 120 -26.41 -39.74 -3.36
CA SER J 120 -27.21 -40.96 -3.38
C SER J 120 -28.09 -40.97 -2.13
N VAL J 121 -29.40 -41.10 -2.33
CA VAL J 121 -30.36 -40.95 -1.25
C VAL J 121 -30.86 -42.33 -0.85
N PHE J 122 -30.50 -42.77 0.36
CA PHE J 122 -30.99 -44.05 0.86
C PHE J 122 -31.96 -43.84 2.02
N PRO J 123 -32.98 -44.67 2.14
CA PRO J 123 -33.96 -44.49 3.22
C PRO J 123 -33.49 -45.09 4.53
N LEU J 124 -33.95 -44.47 5.61
CA LEU J 124 -33.74 -44.97 6.98
C LEU J 124 -35.10 -45.45 7.48
N ALA J 125 -35.35 -46.74 7.35
CA ALA J 125 -36.66 -47.31 7.66
C ALA J 125 -37.03 -47.03 9.12
N PRO J 126 -38.32 -46.80 9.39
CA PRO J 126 -38.75 -46.46 10.75
C PRO J 126 -38.40 -47.54 11.75
N SER J 127 -37.78 -47.13 12.85
CA SER J 127 -37.49 -48.00 13.98
C SER J 127 -37.92 -47.31 15.27
N SER J 128 -38.16 -48.11 16.30
CA SER J 128 -38.78 -47.62 17.52
C SER J 128 -37.85 -46.66 18.26
N LYS J 129 -38.36 -45.46 18.53
CA LYS J 129 -37.60 -44.41 19.21
C LYS J 129 -37.92 -44.41 20.70
N SER J 130 -39.17 -44.07 21.04
CA SER J 130 -39.67 -44.13 22.41
C SER J 130 -40.83 -45.11 22.44
N THR J 131 -40.58 -46.31 22.99
CA THR J 131 -41.63 -47.32 23.08
C THR J 131 -42.75 -46.85 23.99
N SER J 132 -42.41 -46.12 25.05
CA SER J 132 -43.41 -45.55 25.95
C SER J 132 -44.15 -44.36 25.34
N GLY J 133 -43.46 -43.54 24.56
CA GLY J 133 -44.03 -42.31 24.02
C GLY J 133 -44.84 -42.48 22.75
N GLY J 134 -44.87 -43.67 22.18
CA GLY J 134 -45.65 -43.91 20.98
C GLY J 134 -45.13 -43.23 19.74
N THR J 135 -43.83 -43.01 19.66
CA THR J 135 -43.21 -42.34 18.51
C THR J 135 -42.23 -43.28 17.84
N ALA J 136 -41.83 -42.88 16.63
CA ALA J 136 -40.84 -43.63 15.85
C ALA J 136 -40.03 -42.64 15.03
N ALA J 137 -38.82 -43.06 14.68
CA ALA J 137 -37.88 -42.21 13.96
C ALA J 137 -37.64 -42.80 12.57
N LEU J 138 -37.70 -41.94 11.55
CA LEU J 138 -37.34 -42.29 10.19
C LEU J 138 -36.61 -41.10 9.58
N GLY J 139 -35.93 -41.35 8.46
CA GLY J 139 -35.20 -40.26 7.83
C GLY J 139 -34.60 -40.64 6.50
N CYS J 140 -33.79 -39.72 5.98
CA CYS J 140 -33.09 -39.90 4.71
C CYS J 140 -31.59 -39.75 4.92
N LEU J 141 -30.83 -40.55 4.18
CA LEU J 141 -29.36 -40.55 4.23
C LEU J 141 -28.85 -40.04 2.89
N VAL J 142 -28.38 -38.80 2.88
CA VAL J 142 -27.87 -38.15 1.68
C VAL J 142 -26.36 -38.33 1.70
N LYS J 143 -25.85 -39.27 0.90
CA LYS J 143 -24.48 -39.75 1.01
C LYS J 143 -23.67 -39.46 -0.23
N ASP J 144 -22.40 -39.10 -0.03
CA ASP J 144 -21.36 -39.06 -1.06
C ASP J 144 -21.68 -38.06 -2.18
N TYR J 145 -21.83 -36.80 -1.78
CA TYR J 145 -22.03 -35.71 -2.73
C TYR J 145 -20.91 -34.70 -2.61
N PHE J 146 -20.82 -33.83 -3.61
CA PHE J 146 -19.76 -32.83 -3.71
C PHE J 146 -20.09 -31.85 -4.83
N PRO J 147 -19.98 -30.54 -4.59
CA PRO J 147 -19.67 -29.93 -3.30
C PRO J 147 -20.92 -29.67 -2.46
N GLU J 148 -20.74 -28.92 -1.38
CA GLU J 148 -21.87 -28.42 -0.61
C GLU J 148 -22.57 -27.31 -1.40
N PRO J 149 -23.84 -27.03 -1.09
CA PRO J 149 -24.70 -27.62 -0.05
C PRO J 149 -25.80 -28.51 -0.60
N VAL J 150 -26.50 -29.18 0.31
CA VAL J 150 -27.67 -29.99 0.01
C VAL J 150 -28.80 -29.54 0.92
N THR J 151 -29.97 -29.26 0.34
CA THR J 151 -31.16 -28.91 1.10
C THR J 151 -32.13 -30.09 1.12
N VAL J 152 -32.81 -30.29 2.25
CA VAL J 152 -33.72 -31.41 2.43
C VAL J 152 -35.05 -30.88 2.97
N SER J 153 -36.15 -31.41 2.44
CA SER J 153 -37.48 -31.13 2.96
C SER J 153 -38.29 -32.41 2.95
N TRP J 154 -39.44 -32.39 3.62
CA TRP J 154 -40.28 -33.56 3.78
C TRP J 154 -41.69 -33.29 3.26
N ASN J 155 -42.20 -34.19 2.43
CA ASN J 155 -43.54 -34.09 1.86
C ASN J 155 -43.75 -32.73 1.18
N SER J 156 -42.77 -32.36 0.36
CA SER J 156 -42.80 -31.12 -0.42
C SER J 156 -42.88 -29.88 0.46
N GLY J 157 -42.45 -29.98 1.71
CA GLY J 157 -42.48 -28.88 2.64
C GLY J 157 -43.66 -28.87 3.58
N ALA J 158 -44.63 -29.78 3.42
CA ALA J 158 -45.81 -29.80 4.27
C ALA J 158 -45.57 -30.45 5.62
N LEU J 159 -44.41 -31.08 5.84
CA LEU J 159 -44.10 -31.75 7.09
C LEU J 159 -42.90 -31.06 7.73
N THR J 160 -43.15 -30.36 8.84
CA THR J 160 -42.11 -29.65 9.58
C THR J 160 -42.00 -30.09 11.03
N SER J 161 -43.10 -30.52 11.64
CA SER J 161 -43.10 -30.91 13.05
C SER J 161 -42.25 -32.15 13.25
N GLY J 162 -41.20 -32.03 14.05
CA GLY J 162 -40.32 -33.14 14.33
C GLY J 162 -39.22 -33.36 13.32
N VAL J 163 -39.06 -32.47 12.35
CA VAL J 163 -38.04 -32.61 11.32
C VAL J 163 -36.75 -31.98 11.81
N HIS J 164 -35.64 -32.70 11.64
CA HIS J 164 -34.31 -32.17 11.95
C HIS J 164 -33.36 -32.64 10.87
N THR J 165 -32.68 -31.70 10.22
CA THR J 165 -31.67 -32.00 9.21
C THR J 165 -30.30 -31.68 9.78
N PHE J 166 -29.45 -32.69 9.88
CA PHE J 166 -28.15 -32.52 10.51
C PHE J 166 -27.17 -31.83 9.56
N PRO J 167 -26.17 -31.13 10.09
CA PRO J 167 -25.12 -30.58 9.24
C PRO J 167 -24.39 -31.70 8.51
N ALA J 168 -23.80 -31.34 7.37
CA ALA J 168 -23.05 -32.31 6.59
C ALA J 168 -21.77 -32.71 7.30
N VAL J 169 -21.24 -33.86 6.91
CA VAL J 169 -19.95 -34.35 7.40
C VAL J 169 -19.02 -34.48 6.22
N LEU J 170 -17.78 -34.02 6.40
CA LEU J 170 -16.74 -34.14 5.38
C LEU J 170 -16.04 -35.47 5.59
N GLN J 171 -16.33 -36.45 4.75
CA GLN J 171 -15.73 -37.76 4.87
C GLN J 171 -14.26 -37.71 4.43
N SER J 172 -13.48 -38.67 4.94
CA SER J 172 -12.08 -38.79 4.54
C SER J 172 -11.92 -38.99 3.04
N SER J 173 -13.01 -39.28 2.33
CA SER J 173 -12.97 -39.38 0.88
C SER J 173 -12.89 -38.01 0.21
N GLY J 174 -13.36 -36.96 0.89
CA GLY J 174 -13.57 -35.68 0.25
C GLY J 174 -15.01 -35.42 -0.13
N LEU J 175 -15.86 -36.43 -0.07
CA LEU J 175 -17.28 -36.29 -0.32
C LEU J 175 -18.02 -35.99 0.98
N TYR J 176 -19.17 -35.34 0.86
CA TYR J 176 -19.95 -34.96 2.02
C TYR J 176 -21.13 -35.90 2.21
N SER J 177 -21.63 -35.96 3.44
CA SER J 177 -22.81 -36.73 3.76
C SER J 177 -23.60 -36.00 4.83
N LEU J 178 -24.93 -36.09 4.77
CA LEU J 178 -25.75 -35.59 5.87
C LEU J 178 -26.96 -36.50 6.04
N SER J 179 -27.70 -36.23 7.12
CA SER J 179 -28.93 -36.95 7.42
C SER J 179 -30.04 -35.95 7.74
N SER J 180 -31.26 -36.33 7.37
CA SER J 180 -32.47 -35.64 7.77
C SER J 180 -33.39 -36.66 8.40
N VAL J 181 -33.84 -36.41 9.62
CA VAL J 181 -34.70 -37.34 10.33
C VAL J 181 -35.98 -36.61 10.72
N VAL J 182 -37.02 -37.39 11.00
CA VAL J 182 -38.29 -36.86 11.46
C VAL J 182 -38.90 -37.85 12.45
N THR J 183 -39.34 -37.33 13.59
CA THR J 183 -40.00 -38.15 14.61
C THR J 183 -41.50 -38.12 14.36
N VAL J 184 -42.10 -39.29 14.18
CA VAL J 184 -43.52 -39.40 13.89
C VAL J 184 -44.16 -40.34 14.90
N PRO J 185 -45.44 -40.15 15.24
CA PRO J 185 -46.13 -41.15 16.06
C PRO J 185 -46.26 -42.46 15.29
N SER J 186 -46.12 -43.57 16.01
CA SER J 186 -46.24 -44.88 15.37
C SER J 186 -47.64 -45.13 14.81
N SER J 187 -48.64 -44.41 15.29
CA SER J 187 -49.98 -44.52 14.74
C SER J 187 -50.02 -44.17 13.26
N SER J 188 -49.19 -43.21 12.83
CA SER J 188 -49.23 -42.76 11.44
C SER J 188 -48.53 -43.71 10.49
N LEU J 189 -47.73 -44.65 11.00
CA LEU J 189 -47.08 -45.63 10.14
C LEU J 189 -48.12 -46.53 9.50
N GLY J 190 -48.21 -46.49 8.16
CA GLY J 190 -49.25 -47.16 7.42
C GLY J 190 -50.37 -46.25 6.98
N THR J 191 -50.60 -45.16 7.72
CA THR J 191 -51.66 -44.20 7.40
C THR J 191 -51.16 -43.05 6.53
N GLN J 192 -49.86 -42.75 6.55
CA GLN J 192 -49.30 -41.62 5.82
C GLN J 192 -47.99 -42.03 5.17
N THR J 193 -47.74 -41.49 3.97
CA THR J 193 -46.43 -41.64 3.35
C THR J 193 -45.51 -40.51 3.79
N TYR J 194 -44.22 -40.81 3.81
CA TYR J 194 -43.19 -39.83 4.13
C TYR J 194 -42.17 -39.83 3.00
N ILE J 195 -42.02 -38.68 2.35
CA ILE J 195 -41.14 -38.54 1.20
C ILE J 195 -40.19 -37.38 1.47
N CYS J 196 -38.90 -37.65 1.51
CA CYS J 196 -37.92 -36.59 1.63
C CYS J 196 -37.53 -36.09 0.25
N ASN J 197 -37.28 -34.79 0.16
CA ASN J 197 -36.94 -34.10 -1.08
C ASN J 197 -35.51 -33.57 -0.95
N VAL J 198 -34.59 -34.22 -1.64
CA VAL J 198 -33.17 -33.86 -1.62
C VAL J 198 -32.87 -33.03 -2.86
N ASN J 199 -32.29 -31.85 -2.65
CA ASN J 199 -31.95 -30.94 -3.74
C ASN J 199 -30.48 -30.58 -3.63
N HIS J 200 -29.71 -30.92 -4.65
CA HIS J 200 -28.28 -30.62 -4.72
C HIS J 200 -28.07 -29.79 -5.98
N LYS J 201 -28.07 -28.48 -5.83
CA LYS J 201 -28.06 -27.64 -7.03
C LYS J 201 -26.75 -27.63 -7.81
N PRO J 202 -25.57 -27.77 -7.19
CA PRO J 202 -24.34 -27.82 -8.00
C PRO J 202 -24.33 -28.91 -9.06
N SER J 203 -25.14 -29.96 -8.92
CA SER J 203 -25.20 -31.03 -9.90
C SER J 203 -26.53 -31.11 -10.63
N ASN J 204 -27.42 -30.13 -10.45
CA ASN J 204 -28.75 -30.14 -11.06
C ASN J 204 -29.55 -31.37 -10.63
N THR J 205 -29.37 -31.78 -9.37
CA THR J 205 -29.95 -33.00 -8.83
C THR J 205 -31.16 -32.66 -7.97
N LYS J 206 -32.27 -33.34 -8.23
CA LYS J 206 -33.49 -33.19 -7.42
C LYS J 206 -34.09 -34.58 -7.27
N VAL J 207 -34.08 -35.12 -6.04
CA VAL J 207 -34.44 -36.50 -5.78
C VAL J 207 -35.54 -36.56 -4.72
N ASP J 208 -36.53 -37.42 -4.96
CA ASP J 208 -37.56 -37.74 -3.98
C ASP J 208 -37.45 -39.22 -3.63
N LYS J 209 -37.39 -39.53 -2.33
CA LYS J 209 -37.37 -40.92 -1.90
C LYS J 209 -38.38 -41.14 -0.78
N LYS J 210 -39.22 -42.15 -0.96
CA LYS J 210 -40.21 -42.53 0.04
C LYS J 210 -39.57 -43.44 1.08
N VAL J 211 -39.84 -43.16 2.35
CA VAL J 211 -39.31 -43.92 3.47
C VAL J 211 -40.48 -44.69 4.09
N GLU J 212 -40.59 -45.97 3.79
CA GLU J 212 -41.70 -46.70 4.37
C GLU J 212 -41.22 -47.88 5.21
N PRO J 213 -42.03 -48.34 6.18
CA PRO J 213 -41.55 -49.34 7.14
C PRO J 213 -40.99 -50.57 6.45
N LYS J 214 -39.91 -51.10 7.03
CA LYS J 214 -39.21 -52.18 6.36
C LYS J 214 -39.97 -53.49 6.48
N SER J 215 -39.83 -54.32 5.47
CA SER J 215 -40.79 -55.36 5.15
C SER J 215 -40.12 -56.72 5.26
N CYS J 216 -40.78 -57.65 5.97
CA CYS J 216 -40.47 -59.10 5.99
C CYS J 216 -41.06 -59.83 7.18
N HIS J 217 -41.02 -61.16 7.11
CA HIS J 217 -41.56 -62.05 8.14
C HIS J 217 -40.48 -62.92 8.78
N HIS J 218 -39.26 -62.39 8.91
CA HIS J 218 -38.15 -63.08 9.55
C HIS J 218 -37.83 -64.41 8.88
N HIS J 219 -37.50 -64.33 7.60
CA HIS J 219 -37.10 -65.49 6.81
C HIS J 219 -38.17 -66.60 6.80
N GLN K 1 48.58 31.19 10.51
CA GLN K 1 49.28 30.66 11.68
C GLN K 1 50.46 29.79 11.26
N ALA K 2 51.46 29.69 12.13
CA ALA K 2 52.64 28.85 11.89
C ALA K 2 52.49 27.54 12.65
N VAL K 3 52.77 26.43 11.98
CA VAL K 3 52.53 25.11 12.54
C VAL K 3 53.48 24.86 13.70
N VAL K 4 52.93 24.54 14.86
CA VAL K 4 53.71 24.11 16.02
C VAL K 4 53.59 22.60 16.11
N ILE K 5 54.72 21.91 16.04
CA ILE K 5 54.74 20.45 15.89
C ILE K 5 55.25 19.82 17.19
N GLN K 6 54.49 18.88 17.72
CA GLN K 6 54.87 18.10 18.88
C GLN K 6 54.91 16.63 18.50
N GLU K 7 55.75 15.87 19.20
CA GLU K 7 55.70 14.43 19.10
C GLU K 7 54.33 13.95 19.58
N SER K 8 53.85 12.87 18.96
CA SER K 8 52.51 12.39 19.26
C SER K 8 52.45 11.75 20.66
N ALA K 9 53.37 10.84 20.96
CA ALA K 9 53.29 10.11 22.21
C ALA K 9 54.69 9.80 22.73
N LEU K 10 54.80 9.76 24.07
CA LEU K 10 56.02 9.38 24.74
C LEU K 10 55.68 8.49 25.93
N THR K 11 56.50 7.46 26.15
CA THR K 11 56.28 6.47 27.18
C THR K 11 57.46 6.47 28.16
N THR K 12 57.17 6.17 29.42
CA THR K 12 58.24 5.95 30.40
C THR K 12 57.67 5.21 31.60
N SER K 13 58.58 4.71 32.44
CA SER K 13 58.31 4.11 33.73
C SER K 13 58.57 5.12 34.84
N PRO K 14 58.00 4.91 36.03
CA PRO K 14 58.30 5.83 37.14
C PRO K 14 59.79 5.86 37.42
N GLY K 15 60.32 7.06 37.57
CA GLY K 15 61.74 7.27 37.75
C GLY K 15 62.50 7.56 36.48
N GLY K 16 61.95 7.20 35.32
CA GLY K 16 62.56 7.56 34.06
C GLY K 16 62.36 9.03 33.75
N THR K 17 63.01 9.47 32.67
CA THR K 17 62.96 10.86 32.25
C THR K 17 62.36 10.96 30.86
N VAL K 18 61.66 12.06 30.60
CA VAL K 18 61.02 12.32 29.33
C VAL K 18 61.33 13.76 28.93
N ILE K 19 61.65 13.96 27.65
CA ILE K 19 61.95 15.29 27.13
C ILE K 19 60.97 15.57 26.00
N LEU K 20 59.99 16.42 26.28
CA LEU K 20 59.05 16.86 25.28
C LEU K 20 59.68 17.91 24.38
N THR K 21 59.49 17.76 23.07
CA THR K 21 59.96 18.74 22.11
C THR K 21 58.78 19.52 21.55
N CYS K 22 58.97 20.82 21.38
CA CYS K 22 57.98 21.69 20.76
C CYS K 22 58.68 22.54 19.71
N ARG K 23 58.33 22.33 18.44
CA ARG K 23 59.07 22.88 17.32
C ARG K 23 58.17 23.79 16.51
N SER K 24 58.77 24.85 15.97
CA SER K 24 58.08 25.74 15.04
C SER K 24 58.51 25.42 13.61
N SER K 25 57.54 25.44 12.69
CA SER K 25 57.87 25.26 11.28
C SER K 25 58.60 26.46 10.71
N THR K 26 58.55 27.61 11.39
CA THR K 26 59.25 28.81 10.93
C THR K 26 60.73 28.76 11.21
N GLY K 27 61.17 27.88 12.12
CA GLY K 27 62.58 27.68 12.39
C GLY K 27 62.90 27.88 13.86
N THR K 28 64.00 28.56 14.13
CA THR K 28 64.45 28.79 15.49
C THR K 28 63.41 29.57 16.29
N ILE K 29 63.21 29.18 17.54
CA ILE K 29 62.37 29.94 18.43
C ILE K 29 63.18 30.40 19.64
N THR K 30 62.78 31.54 20.19
CA THR K 30 63.51 32.25 21.22
C THR K 30 62.63 32.44 22.46
N THR K 31 63.11 33.27 23.38
CA THR K 31 62.29 33.67 24.51
C THR K 31 61.13 34.56 24.09
N SER K 32 61.26 35.29 22.99
CA SER K 32 60.20 36.14 22.49
C SER K 32 59.02 35.36 21.93
N ASN K 33 59.04 34.03 22.04
CA ASN K 33 57.89 33.21 21.69
C ASN K 33 57.11 32.74 22.89
N TYR K 34 57.64 32.94 24.10
CA TYR K 34 56.94 32.67 25.36
C TYR K 34 56.24 31.31 25.34
N ALA K 35 57.03 30.27 25.12
CA ALA K 35 56.50 28.91 25.05
C ALA K 35 55.75 28.57 26.33
N ASN K 36 54.51 28.12 26.18
CA ASN K 36 53.64 27.80 27.30
C ASN K 36 53.27 26.32 27.22
N TRP K 37 53.33 25.63 28.35
CA TRP K 37 53.04 24.21 28.43
C TRP K 37 51.76 24.03 29.25
N VAL K 38 50.76 23.38 28.66
CA VAL K 38 49.49 23.12 29.33
C VAL K 38 49.37 21.61 29.51
N GLN K 39 48.96 21.21 30.71
CA GLN K 39 48.73 19.81 31.04
C GLN K 39 47.23 19.52 31.01
N LYS K 40 46.88 18.29 30.63
CA LYS K 40 45.49 17.85 30.62
C LYS K 40 45.42 16.38 31.02
N LYS K 41 44.83 16.11 32.18
CA LYS K 41 44.54 14.77 32.64
C LYS K 41 43.05 14.50 32.48
N PRO K 42 42.65 13.23 32.40
CA PRO K 42 41.21 12.93 32.38
C PRO K 42 40.55 13.33 33.69
N ASN K 43 39.31 13.81 33.59
CA ASN K 43 38.53 14.30 34.73
C ASN K 43 39.20 15.50 35.41
N HIS K 44 40.07 16.22 34.71
CA HIS K 44 40.72 17.40 35.26
C HIS K 44 40.69 18.51 34.22
N VAL K 45 40.82 19.75 34.70
CA VAL K 45 40.83 20.90 33.80
C VAL K 45 42.24 21.09 33.24
N PHE K 46 42.32 21.84 32.15
CA PHE K 46 43.63 22.22 31.63
C PHE K 46 44.36 23.09 32.65
N THR K 47 45.66 22.85 32.79
CA THR K 47 46.48 23.62 33.72
C THR K 47 47.75 24.07 33.02
N GLY K 48 48.03 25.37 33.08
CA GLY K 48 49.30 25.88 32.61
C GLY K 48 50.40 25.49 33.57
N LEU K 49 51.36 24.69 33.09
CA LEU K 49 52.46 24.21 33.92
C LEU K 49 53.67 25.15 33.85
N ILE K 50 54.08 25.51 32.64
CA ILE K 50 55.26 26.32 32.42
C ILE K 50 54.87 27.49 31.52
N GLY K 51 55.27 28.69 31.90
CA GLY K 51 54.99 29.87 31.12
C GLY K 51 56.27 30.65 30.88
N ALA K 52 56.28 31.37 29.76
CA ALA K 52 57.45 32.13 29.33
C ALA K 52 58.69 31.24 29.35
N THR K 53 58.58 30.11 28.64
CA THR K 53 59.66 29.15 28.44
C THR K 53 60.03 28.37 29.70
N SER K 54 60.17 29.04 30.85
CA SER K 54 60.75 28.37 32.01
C SER K 54 60.10 28.68 33.34
N ILE K 55 59.06 29.51 33.41
CA ILE K 55 58.48 29.93 34.68
C ILE K 55 57.44 28.89 35.10
N ARG K 56 57.73 28.16 36.18
CA ARG K 56 56.79 27.18 36.71
C ARG K 56 55.60 27.86 37.37
N ALA K 57 54.41 27.34 37.08
CA ALA K 57 53.22 27.80 37.79
C ALA K 57 53.28 27.37 39.26
N PRO K 58 52.50 28.02 40.11
CA PRO K 58 52.50 27.65 41.53
C PRO K 58 52.08 26.20 41.74
N GLY K 59 52.90 25.46 42.50
CA GLY K 59 52.57 24.11 42.90
C GLY K 59 53.07 23.01 41.99
N VAL K 60 53.57 23.32 40.81
CA VAL K 60 54.04 22.24 39.93
C VAL K 60 55.37 21.72 40.47
N PRO K 61 55.62 20.42 40.43
CA PRO K 61 56.85 19.89 41.02
C PRO K 61 58.11 20.37 40.30
N VAL K 62 59.21 20.42 41.04
CA VAL K 62 60.49 20.83 40.46
C VAL K 62 60.99 19.86 39.40
N ARG K 63 60.41 18.66 39.32
CA ARG K 63 60.81 17.71 38.29
C ARG K 63 60.38 18.15 36.90
N PHE K 64 59.51 19.15 36.78
CA PHE K 64 59.19 19.75 35.50
C PHE K 64 60.14 20.90 35.24
N SER K 65 60.68 20.98 34.02
CA SER K 65 61.57 22.06 33.66
C SER K 65 61.39 22.39 32.19
N GLY K 66 61.50 23.68 31.87
CA GLY K 66 61.34 24.15 30.51
C GLY K 66 62.49 25.04 30.10
N PHE K 67 62.96 24.84 28.87
CA PHE K 67 64.08 25.60 28.37
C PHE K 67 64.10 25.48 26.85
N LEU K 68 64.99 26.25 26.24
CA LEU K 68 65.21 26.20 24.80
C LEU K 68 66.43 25.34 24.52
N ILE K 69 66.29 24.38 23.59
CA ILE K 69 67.38 23.55 23.14
C ILE K 69 67.34 23.51 21.62
N GLY K 70 68.48 23.79 20.98
CA GLY K 70 68.60 23.70 19.54
C GLY K 70 67.54 24.47 18.78
N GLY K 71 67.19 25.66 19.26
CA GLY K 71 66.14 26.43 18.63
C GLY K 71 64.75 25.87 18.82
N LYS K 72 64.57 24.92 19.74
CA LYS K 72 63.27 24.32 20.00
C LYS K 72 62.95 24.46 21.48
N ALA K 73 61.66 24.56 21.78
CA ALA K 73 61.21 24.56 23.17
C ALA K 73 61.13 23.13 23.68
N ALA K 74 61.52 22.93 24.93
CA ALA K 74 61.59 21.62 25.52
C ALA K 74 60.96 21.63 26.90
N LEU K 75 60.32 20.51 27.25
CA LEU K 75 59.77 20.28 28.58
C LEU K 75 60.34 18.97 29.08
N THR K 76 60.97 19.00 30.25
CA THR K 76 61.67 17.85 30.78
C THR K 76 61.03 17.42 32.11
N ILE K 77 60.76 16.13 32.23
CA ILE K 77 60.22 15.52 33.44
C ILE K 77 61.27 14.51 33.92
N THR K 78 62.16 14.92 34.83
CA THR K 78 63.18 14.01 35.33
C THR K 78 62.64 13.27 36.54
N GLY K 79 62.55 11.94 36.41
CA GLY K 79 61.94 11.12 37.44
C GLY K 79 60.44 11.18 37.38
N ALA K 80 59.87 10.78 36.24
CA ALA K 80 58.45 10.95 36.00
C ALA K 80 57.62 10.12 36.98
N GLN K 81 56.39 10.57 37.20
CA GLN K 81 55.48 9.96 38.16
C GLN K 81 54.19 9.58 37.46
N THR K 82 53.46 8.62 38.05
CA THR K 82 52.18 8.22 37.48
C THR K 82 51.24 9.41 37.35
N GLU K 83 51.26 10.31 38.34
CA GLU K 83 50.44 11.52 38.28
C GLU K 83 50.86 12.46 37.16
N ASP K 84 51.98 12.19 36.47
CA ASP K 84 52.38 12.97 35.31
C ASP K 84 51.86 12.39 34.00
N ASP K 85 51.18 11.26 34.05
CA ASP K 85 50.53 10.69 32.87
C ASP K 85 49.40 11.62 32.44
N ALA K 86 49.61 12.33 31.33
CA ALA K 86 48.64 13.33 30.89
C ALA K 86 48.94 13.70 29.44
N MET K 87 48.12 14.62 28.92
CA MET K 87 48.33 15.23 27.62
C MET K 87 48.98 16.60 27.80
N TYR K 88 50.05 16.85 27.06
CA TYR K 88 50.84 18.07 27.19
C TYR K 88 50.80 18.86 25.90
N PHE K 89 50.22 20.05 25.95
CA PHE K 89 50.11 20.93 24.81
C PHE K 89 51.13 22.05 24.92
N CYS K 90 51.65 22.47 23.77
CA CYS K 90 52.62 23.54 23.70
C CYS K 90 52.00 24.69 22.92
N ALA K 91 52.29 25.91 23.35
CA ALA K 91 51.78 27.10 22.70
C ALA K 91 52.91 28.07 22.50
N LEU K 92 53.02 28.61 21.31
CA LEU K 92 54.06 29.56 21.03
C LEU K 92 53.43 30.87 20.59
N TRP K 93 54.02 31.95 21.03
CA TRP K 93 53.58 33.30 20.71
C TRP K 93 54.54 33.86 19.70
N TYR K 94 53.91 34.35 18.62
CA TYR K 94 54.42 34.97 17.37
C TYR K 94 53.95 36.43 17.24
N ASN K 95 54.40 37.33 18.09
CA ASN K 95 54.06 38.79 18.08
C ASN K 95 52.58 39.14 18.33
N THR K 96 51.60 38.54 17.66
CA THR K 96 50.20 38.95 17.83
C THR K 96 49.25 37.78 18.03
N HIS K 97 49.73 36.55 18.18
CA HIS K 97 48.82 35.42 18.44
C HIS K 97 49.57 34.21 19.01
N TYR K 98 48.89 33.39 19.79
CA TYR K 98 49.36 32.08 20.23
C TYR K 98 48.92 31.02 19.23
N VAL K 99 49.75 30.00 19.06
CA VAL K 99 49.39 28.83 18.27
C VAL K 99 49.72 27.59 19.09
N PHE K 100 48.72 26.76 19.34
CA PHE K 100 48.91 25.49 20.03
C PHE K 100 49.43 24.43 19.06
N GLY K 101 50.17 23.47 19.61
CA GLY K 101 50.55 22.28 18.87
C GLY K 101 49.49 21.19 19.00
N GLY K 102 49.76 20.06 18.35
CA GLY K 102 48.79 18.99 18.34
C GLY K 102 48.64 18.29 19.68
N GLY K 103 49.66 18.38 20.53
CA GLY K 103 49.62 17.71 21.82
C GLY K 103 50.45 16.43 21.86
N THR K 104 51.06 16.16 23.01
CA THR K 104 51.86 14.95 23.23
C THR K 104 51.26 14.17 24.38
N LYS K 105 50.96 12.90 24.15
CA LYS K 105 50.44 12.02 25.20
C LYS K 105 51.63 11.37 25.90
N VAL K 106 51.89 11.78 27.14
CA VAL K 106 52.94 11.18 27.95
C VAL K 106 52.33 10.08 28.81
N THR K 107 52.82 8.86 28.64
CA THR K 107 52.33 7.69 29.37
C THR K 107 53.38 7.27 30.40
N VAL K 108 52.96 7.17 31.66
CA VAL K 108 53.80 6.67 32.74
C VAL K 108 53.23 5.33 33.18
N LEU K 109 53.96 4.26 32.92
CA LEU K 109 53.46 2.92 33.20
C LEU K 109 53.66 2.58 34.66
N GLY K 110 52.66 2.94 35.47
CA GLY K 110 52.67 2.58 36.88
C GLY K 110 51.75 1.41 37.17
N GLN K 111 51.63 0.48 36.22
CA GLN K 111 50.75 -0.66 36.37
C GLN K 111 51.16 -1.72 35.38
N PRO K 112 51.14 -3.00 35.76
CA PRO K 112 51.47 -4.06 34.79
C PRO K 112 50.44 -4.15 33.69
N LYS K 113 50.89 -4.67 32.54
CA LYS K 113 50.03 -4.77 31.36
C LYS K 113 48.87 -5.71 31.62
N ALA K 114 47.70 -5.35 31.10
CA ALA K 114 46.49 -6.14 31.26
C ALA K 114 45.76 -6.20 29.92
N ALA K 115 45.43 -7.41 29.49
CA ALA K 115 44.71 -7.57 28.23
C ALA K 115 43.24 -7.16 28.41
N PRO K 116 42.62 -6.64 27.36
CA PRO K 116 41.26 -6.12 27.50
C PRO K 116 40.21 -7.21 27.54
N SER K 117 39.10 -6.89 28.20
CA SER K 117 37.89 -7.71 28.16
C SER K 117 36.94 -7.12 27.13
N VAL K 118 36.46 -7.97 26.22
CA VAL K 118 35.62 -7.54 25.11
C VAL K 118 34.22 -8.08 25.30
N THR K 119 33.22 -7.21 25.16
CA THR K 119 31.81 -7.61 25.15
C THR K 119 31.16 -7.00 23.92
N LEU K 120 30.54 -7.84 23.10
CA LEU K 120 29.88 -7.40 21.87
C LEU K 120 28.37 -7.53 22.05
N PHE K 121 27.68 -6.39 22.06
CA PHE K 121 26.23 -6.38 22.22
C PHE K 121 25.56 -6.34 20.86
N PRO K 122 24.70 -7.30 20.53
CA PRO K 122 23.96 -7.23 19.27
C PRO K 122 22.95 -6.09 19.29
N PRO K 123 22.32 -5.77 18.16
CA PRO K 123 21.29 -4.72 18.17
C PRO K 123 20.08 -5.13 19.01
N SER K 124 19.59 -4.17 19.79
CA SER K 124 18.40 -4.39 20.62
C SER K 124 17.17 -4.56 19.74
N SER K 125 16.15 -5.19 20.31
CA SER K 125 14.87 -5.32 19.61
C SER K 125 14.19 -3.98 19.45
N GLU K 126 14.33 -3.09 20.44
CA GLU K 126 13.73 -1.76 20.33
C GLU K 126 14.37 -0.95 19.22
N GLU K 127 15.68 -1.13 19.01
CA GLU K 127 16.34 -0.41 17.92
C GLU K 127 15.90 -0.94 16.56
N LEU K 128 15.77 -2.26 16.41
CA LEU K 128 15.39 -2.79 15.10
C LEU K 128 13.92 -2.56 14.81
N GLN K 129 13.10 -2.35 15.84
CA GLN K 129 11.72 -1.92 15.59
C GLN K 129 11.67 -0.53 14.98
N ALA K 130 12.61 0.35 15.35
CA ALA K 130 12.71 1.68 14.77
C ALA K 130 13.47 1.68 13.44
N ASN K 131 13.62 0.51 12.83
CA ASN K 131 14.35 0.33 11.56
C ASN K 131 15.75 0.96 11.63
N LYS K 132 16.50 0.60 12.67
CA LYS K 132 17.90 0.95 12.78
C LYS K 132 18.63 -0.17 13.52
N ALA K 133 19.96 -0.14 13.44
CA ALA K 133 20.77 -1.17 14.08
C ALA K 133 22.13 -0.59 14.40
N THR K 134 22.67 -0.96 15.56
CA THR K 134 23.99 -0.50 15.99
C THR K 134 24.65 -1.60 16.80
N LEU K 135 25.84 -2.01 16.38
CA LEU K 135 26.65 -2.96 17.15
C LEU K 135 27.57 -2.17 18.08
N VAL K 136 27.60 -2.56 19.35
CA VAL K 136 28.39 -1.87 20.37
C VAL K 136 29.45 -2.84 20.89
N CYS K 137 30.71 -2.45 20.77
CA CYS K 137 31.82 -3.28 21.23
C CYS K 137 32.42 -2.65 22.49
N LEU K 138 32.22 -3.30 23.63
CA LEU K 138 32.67 -2.79 24.91
C LEU K 138 34.05 -3.36 25.24
N ILE K 139 35.04 -2.48 25.37
CA ILE K 139 36.42 -2.85 25.68
C ILE K 139 36.76 -2.25 27.04
N SER K 140 37.06 -3.11 28.02
CA SER K 140 37.30 -2.66 29.37
C SER K 140 38.46 -3.41 30.01
N ASP K 141 39.05 -2.78 31.03
CA ASP K 141 40.05 -3.39 31.91
C ASP K 141 41.33 -3.75 31.16
N PHE K 142 41.90 -2.76 30.47
CA PHE K 142 43.17 -2.94 29.77
C PHE K 142 44.14 -1.82 30.13
N TYR K 143 45.43 -2.16 30.13
CA TYR K 143 46.49 -1.23 30.46
C TYR K 143 47.71 -1.60 29.65
N PRO K 144 48.41 -0.62 29.05
CA PRO K 144 48.07 0.81 29.07
C PRO K 144 46.91 1.16 28.14
N GLY K 145 46.60 2.46 28.04
CA GLY K 145 45.41 2.91 27.32
C GLY K 145 45.59 3.12 25.84
N ALA K 146 45.98 2.07 25.13
CA ALA K 146 46.08 2.10 23.67
C ALA K 146 45.43 0.83 23.13
N VAL K 147 44.59 0.99 22.11
CA VAL K 147 43.77 -0.13 21.64
C VAL K 147 43.41 0.12 20.18
N THR K 148 43.20 -0.98 19.45
CA THR K 148 42.87 -0.95 18.03
C THR K 148 41.67 -1.85 17.78
N VAL K 149 40.65 -1.30 17.13
CA VAL K 149 39.41 -2.02 16.85
C VAL K 149 39.29 -2.25 15.36
N ALA K 150 38.87 -3.46 14.98
CA ALA K 150 38.67 -3.83 13.58
C ALA K 150 37.40 -4.66 13.47
N TRP K 151 36.47 -4.19 12.65
CA TRP K 151 35.19 -4.86 12.48
C TRP K 151 35.22 -5.77 11.27
N LYS K 152 34.45 -6.86 11.35
CA LYS K 152 34.38 -7.84 10.27
C LYS K 152 32.94 -8.31 10.13
N ALA K 153 32.58 -8.63 8.88
CA ALA K 153 31.26 -9.17 8.54
C ALA K 153 31.47 -10.43 7.72
N ASP K 154 31.36 -11.59 8.35
CA ASP K 154 31.59 -12.88 7.69
C ASP K 154 33.00 -12.94 7.09
N SER K 155 33.99 -12.73 7.96
CA SER K 155 35.41 -12.74 7.60
C SER K 155 35.78 -11.62 6.62
N SER K 156 34.90 -10.64 6.41
CA SER K 156 35.15 -9.55 5.50
C SER K 156 35.30 -8.24 6.26
N PRO K 157 36.38 -7.49 6.04
CA PRO K 157 36.62 -6.28 6.84
C PRO K 157 35.56 -5.21 6.61
N VAL K 158 35.20 -4.52 7.69
CA VAL K 158 34.19 -3.47 7.70
C VAL K 158 34.86 -2.18 8.14
N LYS K 159 34.98 -1.22 7.23
CA LYS K 159 35.51 0.09 7.57
C LYS K 159 34.49 1.20 7.44
N ALA K 160 33.26 0.88 7.04
CA ALA K 160 32.21 1.86 6.88
C ALA K 160 31.26 1.86 8.07
N GLY K 161 30.89 3.05 8.52
CA GLY K 161 29.97 3.19 9.63
C GLY K 161 30.54 2.78 10.97
N VAL K 162 31.81 3.10 11.24
CA VAL K 162 32.49 2.73 12.47
C VAL K 162 32.94 3.99 13.19
N GLU K 163 32.54 4.12 14.46
CA GLU K 163 32.98 5.19 15.33
C GLU K 163 33.60 4.58 16.58
N THR K 164 34.79 5.05 16.95
CA THR K 164 35.50 4.52 18.11
C THR K 164 35.96 5.66 19.00
N THR K 165 35.72 5.52 20.31
CA THR K 165 36.16 6.51 21.28
C THR K 165 37.60 6.25 21.69
N THR K 166 38.29 7.32 22.10
CA THR K 166 39.65 7.12 22.58
C THR K 166 39.63 6.65 24.04
N PRO K 167 40.57 5.78 24.42
CA PRO K 167 40.50 5.15 25.75
C PRO K 167 40.44 6.15 26.88
N SER K 168 39.52 5.92 27.81
CA SER K 168 39.33 6.74 28.99
C SER K 168 39.54 5.91 30.24
N LYS K 169 40.10 6.52 31.27
CA LYS K 169 40.47 5.80 32.47
C LYS K 169 39.23 5.45 33.30
N GLN K 170 39.15 4.20 33.75
CA GLN K 170 38.09 3.75 34.63
C GLN K 170 38.41 4.18 36.05
N SER K 171 37.64 3.68 37.02
CA SER K 171 37.88 4.04 38.42
C SER K 171 38.96 3.17 39.06
N ASN K 172 39.14 1.94 38.59
CA ASN K 172 40.27 1.12 39.02
C ASN K 172 41.56 1.49 38.28
N ASN K 173 41.60 2.68 37.67
CA ASN K 173 42.71 3.27 36.95
C ASN K 173 43.14 2.46 35.72
N LYS K 174 42.40 1.43 35.34
CA LYS K 174 42.56 0.84 34.02
C LYS K 174 41.71 1.63 33.02
N TYR K 175 41.86 1.29 31.75
CA TYR K 175 41.22 2.05 30.69
C TYR K 175 40.07 1.25 30.08
N ALA K 176 39.09 1.99 29.54
CA ALA K 176 37.98 1.40 28.80
C ALA K 176 37.82 2.15 27.48
N ALA K 177 37.20 1.46 26.51
CA ALA K 177 36.90 2.08 25.22
C ALA K 177 35.67 1.41 24.63
N SER K 178 35.10 2.05 23.62
CA SER K 178 33.91 1.54 22.97
C SER K 178 33.97 1.84 21.48
N SER K 179 33.48 0.91 20.67
CA SER K 179 33.40 1.07 19.23
C SER K 179 31.98 0.76 18.78
N TYR K 180 31.47 1.57 17.86
CA TYR K 180 30.10 1.45 17.39
C TYR K 180 30.10 1.17 15.90
N LEU K 181 29.48 0.05 15.51
CA LEU K 181 29.22 -0.26 14.10
C LEU K 181 27.73 -0.07 13.85
N SER K 182 27.39 0.87 12.96
CA SER K 182 26.01 1.18 12.64
C SER K 182 25.63 0.57 11.29
N LEU K 183 24.52 -0.17 11.28
CA LEU K 183 24.04 -0.85 10.09
C LEU K 183 22.54 -0.67 9.97
N THR K 184 22.00 -1.07 8.83
CA THR K 184 20.56 -1.20 8.70
C THR K 184 20.11 -2.56 9.20
N PRO K 185 18.85 -2.69 9.61
CA PRO K 185 18.35 -4.02 9.98
C PRO K 185 18.53 -5.05 8.88
N GLU K 186 18.61 -4.63 7.62
CA GLU K 186 18.82 -5.57 6.53
C GLU K 186 20.20 -6.20 6.60
N GLN K 187 21.25 -5.38 6.67
CA GLN K 187 22.61 -5.91 6.71
C GLN K 187 22.88 -6.71 7.97
N TRP K 188 22.24 -6.37 9.08
CA TRP K 188 22.42 -7.15 10.30
C TRP K 188 21.84 -8.56 10.14
N LYS K 189 20.67 -8.66 9.52
CA LYS K 189 20.08 -9.97 9.27
C LYS K 189 20.60 -10.63 8.00
N SER K 190 21.35 -9.92 7.16
CA SER K 190 21.84 -10.42 5.89
C SER K 190 23.19 -11.11 5.98
N HIS K 191 23.76 -11.20 7.17
CA HIS K 191 25.04 -11.86 7.38
C HIS K 191 24.87 -12.85 8.53
N ARG K 192 25.64 -13.95 8.47
CA ARG K 192 25.49 -14.96 9.50
C ARG K 192 26.25 -14.61 10.77
N SER K 193 27.18 -13.66 10.71
CA SER K 193 27.87 -13.22 11.92
C SER K 193 28.56 -11.89 11.66
N TYR K 194 28.74 -11.13 12.75
CA TYR K 194 29.56 -9.92 12.79
C TYR K 194 30.54 -10.04 13.93
N SER K 195 31.78 -9.58 13.72
CA SER K 195 32.84 -9.74 14.69
C SER K 195 33.46 -8.40 15.06
N CYS K 196 33.98 -8.32 16.29
CA CYS K 196 34.75 -7.18 16.78
C CYS K 196 36.05 -7.72 17.34
N GLN K 197 37.13 -7.57 16.59
CA GLN K 197 38.45 -7.98 17.07
C GLN K 197 39.20 -6.77 17.58
N VAL K 198 39.84 -6.93 18.74
CA VAL K 198 40.46 -5.84 19.48
C VAL K 198 41.91 -6.21 19.73
N THR K 199 42.83 -5.40 19.22
CA THR K 199 44.26 -5.65 19.37
C THR K 199 44.83 -4.70 20.41
N HIS K 200 45.51 -5.27 21.41
CA HIS K 200 46.10 -4.51 22.50
C HIS K 200 47.43 -5.15 22.86
N GLU K 201 48.51 -4.36 22.76
CA GLU K 201 49.86 -4.83 23.07
C GLU K 201 50.22 -6.07 22.25
N GLY K 202 49.97 -5.99 20.94
CA GLY K 202 50.36 -7.04 20.02
C GLY K 202 49.47 -8.27 20.01
N SER K 203 48.51 -8.40 20.93
CA SER K 203 47.61 -9.53 20.98
C SER K 203 46.19 -9.09 20.67
N THR K 204 45.42 -9.99 20.06
CA THR K 204 44.09 -9.68 19.58
C THR K 204 43.06 -10.51 20.34
N VAL K 205 41.96 -9.86 20.73
CA VAL K 205 40.82 -10.52 21.35
C VAL K 205 39.61 -10.27 20.46
N GLU K 206 38.98 -11.35 19.99
CA GLU K 206 37.86 -11.25 19.07
C GLU K 206 36.58 -11.74 19.72
N LYS K 207 35.48 -11.05 19.43
CA LYS K 207 34.14 -11.42 19.89
C LYS K 207 33.19 -11.35 18.72
N THR K 208 32.24 -12.28 18.66
CA THR K 208 31.34 -12.40 17.51
C THR K 208 29.90 -12.59 17.97
N VAL K 209 28.98 -11.89 17.29
CA VAL K 209 27.55 -12.01 17.53
C VAL K 209 26.88 -12.45 16.23
N ALA K 210 25.61 -12.83 16.34
CA ALA K 210 24.82 -13.27 15.19
C ALA K 210 23.36 -12.93 15.43
N PRO K 211 22.58 -12.68 14.37
CA PRO K 211 21.15 -12.42 14.55
C PRO K 211 20.39 -13.66 14.98
N THR K 212 19.39 -13.44 15.84
CA THR K 212 18.57 -14.51 16.40
C THR K 212 17.14 -14.01 16.64
N GLU L 1 44.76 28.83 45.00
CA GLU L 1 43.42 28.40 44.67
C GLU L 1 42.88 29.22 43.49
N VAL L 2 43.63 29.22 42.39
CA VAL L 2 43.18 29.92 41.19
C VAL L 2 41.90 29.28 40.68
N GLN L 3 40.90 30.10 40.42
CA GLN L 3 39.58 29.62 40.04
C GLN L 3 39.03 30.45 38.89
N LEU L 4 38.59 29.78 37.83
CA LEU L 4 37.96 30.42 36.70
C LEU L 4 36.67 29.70 36.35
N VAL L 5 35.58 30.46 36.18
CA VAL L 5 34.24 29.90 35.96
C VAL L 5 33.64 30.59 34.74
N GLU L 6 33.44 29.83 33.67
CA GLU L 6 32.86 30.38 32.44
C GLU L 6 31.34 30.22 32.44
N SER L 7 30.69 31.07 31.64
CA SER L 7 29.24 31.08 31.56
C SER L 7 28.83 31.62 30.20
N GLY L 8 27.56 31.42 29.86
CA GLY L 8 26.95 32.09 28.73
C GLY L 8 26.75 31.25 27.49
N GLY L 9 27.25 30.02 27.46
CA GLY L 9 27.14 29.22 26.27
C GLY L 9 25.77 28.62 26.07
N GLY L 10 25.48 28.27 24.82
CA GLY L 10 24.25 27.60 24.50
C GLY L 10 24.16 27.32 23.01
N LEU L 11 22.96 27.01 22.55
CA LEU L 11 22.70 26.77 21.14
C LEU L 11 22.18 28.07 20.50
N VAL L 12 22.85 28.53 19.44
CA VAL L 12 22.46 29.74 18.72
C VAL L 12 22.60 29.49 17.23
N GLN L 13 21.84 30.27 16.45
CA GLN L 13 21.88 30.10 15.00
C GLN L 13 23.02 30.91 14.39
N PRO L 14 23.53 30.48 13.22
CA PRO L 14 24.59 31.24 12.56
C PRO L 14 24.16 32.67 12.26
N GLY L 15 25.15 33.56 12.17
CA GLY L 15 24.89 34.97 11.98
C GLY L 15 24.40 35.70 13.21
N GLY L 16 24.09 34.99 14.30
CA GLY L 16 23.69 35.62 15.53
C GLY L 16 24.86 35.95 16.44
N SER L 17 24.53 36.55 17.58
CA SER L 17 25.51 37.00 18.57
C SER L 17 25.41 36.16 19.83
N LEU L 18 26.43 36.29 20.68
CA LEU L 18 26.51 35.63 21.96
C LEU L 18 27.67 36.22 22.75
N ARG L 19 27.48 36.39 24.06
CA ARG L 19 28.50 36.97 24.93
C ARG L 19 28.79 36.01 26.08
N LEU L 20 30.05 35.58 26.18
CA LEU L 20 30.49 34.70 27.26
C LEU L 20 31.16 35.51 28.37
N SER L 21 31.08 34.99 29.58
CA SER L 21 31.67 35.62 30.75
C SER L 21 32.47 34.61 31.54
N CYS L 22 33.50 35.10 32.23
CA CYS L 22 34.33 34.28 33.10
C CYS L 22 34.53 35.05 34.39
N ALA L 23 34.22 34.42 35.51
CA ALA L 23 34.36 35.02 36.83
C ALA L 23 35.63 34.47 37.48
N ALA L 24 36.58 35.36 37.76
CA ALA L 24 37.86 34.97 38.32
C ALA L 24 37.91 35.19 39.83
N SER L 25 38.73 34.40 40.50
CA SER L 25 38.95 34.49 41.94
C SER L 25 40.18 33.67 42.29
N GLY L 26 40.65 33.85 43.53
CA GLY L 26 41.79 33.11 44.02
C GLY L 26 43.14 33.67 43.64
N PHE L 27 43.19 34.82 42.97
CA PHE L 27 44.43 35.50 42.62
C PHE L 27 44.08 36.94 42.26
N ILE L 28 45.12 37.73 42.00
CA ILE L 28 44.91 39.14 41.68
C ILE L 28 44.66 39.24 40.18
N PHE L 29 43.39 39.47 39.81
CA PHE L 29 42.97 39.37 38.42
C PHE L 29 43.55 40.50 37.57
N SER L 30 43.78 41.66 38.15
CA SER L 30 44.13 42.83 37.36
C SER L 30 45.60 42.87 36.95
N SER L 31 46.41 41.91 37.38
CA SER L 31 47.85 41.96 37.16
C SER L 31 48.32 40.93 36.14
N ASP L 32 47.42 40.11 35.61
CA ASP L 32 47.74 39.07 34.65
C ASP L 32 47.02 39.31 33.32
N TRP L 33 47.66 38.83 32.25
CA TRP L 33 46.95 38.68 30.99
C TRP L 33 45.89 37.58 31.13
N MET L 34 44.86 37.68 30.30
CA MET L 34 43.80 36.68 30.27
C MET L 34 43.61 36.20 28.84
N ASN L 35 43.07 35.00 28.69
CA ASN L 35 42.97 34.35 27.39
C ASN L 35 41.60 33.69 27.24
N TRP L 36 41.21 33.50 25.99
CA TRP L 36 40.11 32.61 25.62
C TRP L 36 40.66 31.54 24.69
N VAL L 37 40.42 30.29 25.01
CA VAL L 37 40.84 29.17 24.18
C VAL L 37 39.64 28.26 23.98
N ARG L 38 39.47 27.75 22.76
CA ARG L 38 38.36 26.88 22.43
C ARG L 38 38.87 25.57 21.84
N GLN L 39 38.00 24.56 21.92
CA GLN L 39 38.32 23.23 21.42
C GLN L 39 37.09 22.67 20.75
N ALA L 40 37.09 22.65 19.41
CA ALA L 40 35.98 22.07 18.69
C ALA L 40 35.96 20.56 18.92
N PRO L 41 34.80 19.93 18.80
CA PRO L 41 34.71 18.49 19.05
C PRO L 41 35.58 17.71 18.08
N GLY L 42 36.46 16.86 18.62
CA GLY L 42 37.35 16.04 17.84
C GLY L 42 38.63 16.71 17.39
N LYS L 43 38.78 18.01 17.60
CA LYS L 43 39.96 18.76 17.21
C LYS L 43 40.78 19.12 18.46
N GLY L 44 41.88 19.85 18.24
CA GLY L 44 42.77 20.24 19.30
C GLY L 44 42.45 21.61 19.85
N LEU L 45 43.33 22.10 20.72
CA LEU L 45 43.17 23.41 21.32
C LEU L 45 43.43 24.50 20.29
N GLU L 46 42.60 25.54 20.29
CA GLU L 46 42.80 26.70 19.43
C GLU L 46 42.71 27.96 20.28
N TRP L 47 43.81 28.71 20.33
CA TRP L 47 43.81 29.99 21.02
C TRP L 47 42.96 30.99 20.23
N VAL L 48 42.05 31.68 20.93
CA VAL L 48 41.11 32.59 20.29
C VAL L 48 41.56 34.04 20.46
N ALA L 49 41.75 34.48 21.70
CA ALA L 49 42.12 35.87 21.95
C ALA L 49 42.74 36.00 23.33
N ASN L 50 43.46 37.10 23.53
CA ASN L 50 44.01 37.44 24.84
C ASN L 50 43.96 38.95 25.02
N ILE L 51 44.01 39.37 26.29
CA ILE L 51 43.81 40.77 26.64
C ILE L 51 44.83 41.19 27.67
N ASN L 52 45.31 42.44 27.54
CA ASN L 52 46.22 43.08 28.48
C ASN L 52 45.63 43.17 29.88
N GLN L 53 46.42 43.64 30.84
CA GLN L 53 45.90 43.84 32.20
C GLN L 53 45.04 45.09 32.31
N ASP L 54 45.40 46.15 31.58
CA ASP L 54 44.58 47.37 31.51
C ASP L 54 43.66 47.38 30.29
N GLY L 55 43.60 46.28 29.54
CA GLY L 55 42.70 46.19 28.41
C GLY L 55 43.15 46.91 27.16
N SER L 56 44.29 47.61 27.19
CA SER L 56 44.74 48.35 26.01
C SER L 56 45.14 47.40 24.88
N GLU L 57 45.86 46.33 25.20
CA GLU L 57 46.34 45.40 24.18
C GLU L 57 45.36 44.25 24.01
N LYS L 58 44.87 44.05 22.79
CA LYS L 58 44.03 42.92 22.44
C LYS L 58 44.59 42.26 21.19
N TYR L 59 44.61 40.93 21.19
CA TYR L 59 45.07 40.17 20.05
C TYR L 59 44.07 39.05 19.77
N TYR L 60 43.91 38.73 18.48
CA TYR L 60 42.88 37.79 18.05
C TYR L 60 43.45 36.84 17.01
N VAL L 61 42.94 35.61 17.00
CA VAL L 61 43.24 34.69 15.92
C VAL L 61 42.55 35.19 14.64
N ASP L 62 43.18 34.91 13.49
CA ASP L 62 42.75 35.53 12.24
C ASP L 62 41.31 35.14 11.89
N SER L 63 40.93 33.87 12.09
CA SER L 63 39.58 33.40 11.74
C SER L 63 38.50 34.03 12.57
N VAL L 64 38.85 35.01 13.39
CA VAL L 64 37.92 35.56 14.38
C VAL L 64 37.95 37.09 14.42
N LYS L 65 38.99 37.73 13.90
CA LYS L 65 39.03 39.18 13.78
C LYS L 65 37.81 39.69 13.03
N GLY L 66 37.32 40.87 13.44
CA GLY L 66 36.14 41.44 12.85
C GLY L 66 34.85 40.81 13.29
N ARG L 67 34.91 39.76 14.11
CA ARG L 67 33.71 39.09 14.61
C ARG L 67 33.66 39.01 16.12
N PHE L 68 34.78 38.74 16.78
CA PHE L 68 34.82 38.65 18.23
C PHE L 68 35.44 39.90 18.83
N THR L 69 35.19 40.11 20.11
CA THR L 69 35.73 41.23 20.86
C THR L 69 35.94 40.78 22.29
N ILE L 70 37.16 40.92 22.78
CA ILE L 70 37.51 40.53 24.14
C ILE L 70 37.46 41.78 25.02
N SER L 71 37.12 41.57 26.29
CA SER L 71 37.04 42.69 27.23
C SER L 71 37.17 42.11 28.63
N ARG L 72 37.47 42.99 29.58
CA ARG L 72 37.64 42.60 30.97
C ARG L 72 37.19 43.75 31.86
N ASP L 73 36.76 43.41 33.07
CA ASP L 73 36.40 44.39 34.09
C ASP L 73 37.22 44.05 35.34
N ASN L 74 38.27 44.84 35.58
CA ASN L 74 39.17 44.55 36.70
C ASN L 74 38.48 44.77 38.03
N ALA L 75 37.50 45.68 38.08
CA ALA L 75 36.73 45.87 39.29
C ALA L 75 35.84 44.67 39.59
N GLN L 76 35.46 43.92 38.56
CA GLN L 76 34.52 42.81 38.68
C GLN L 76 35.22 41.46 38.67
N ASN L 77 36.55 41.43 38.47
CA ASN L 77 37.30 40.19 38.29
C ASN L 77 36.68 39.32 37.20
N SER L 78 36.18 39.96 36.15
CA SER L 78 35.44 39.28 35.10
C SER L 78 36.09 39.48 33.74
N LEU L 79 35.92 38.49 32.87
CA LEU L 79 36.41 38.51 31.51
C LEU L 79 35.26 38.20 30.57
N TYR L 80 35.24 38.87 29.43
CA TYR L 80 34.12 38.74 28.49
C TYR L 80 34.65 38.49 27.08
N LEU L 81 33.80 37.84 26.28
CA LEU L 81 34.09 37.60 24.86
C LEU L 81 32.80 37.79 24.08
N GLN L 82 32.67 38.93 23.40
CA GLN L 82 31.54 39.16 22.51
C GLN L 82 31.79 38.43 21.20
N MET L 83 30.77 37.69 20.74
CA MET L 83 30.90 36.84 19.55
C MET L 83 29.80 37.21 18.58
N ASN L 84 30.15 37.91 17.50
CA ASN L 84 29.22 38.28 16.46
C ASN L 84 29.54 37.53 15.17
N SER L 85 28.60 37.60 14.23
CA SER L 85 28.72 36.90 12.95
C SER L 85 29.13 35.44 13.15
N LEU L 86 28.37 34.74 14.01
CA LEU L 86 28.75 33.40 14.40
C LEU L 86 28.69 32.44 13.21
N ARG L 87 29.77 31.70 13.01
CA ARG L 87 29.82 30.60 12.04
C ARG L 87 29.66 29.26 12.75
N ALA L 88 29.27 28.25 11.97
CA ALA L 88 29.20 26.90 12.52
C ALA L 88 30.55 26.43 13.06
N GLU L 89 31.64 26.91 12.45
CA GLU L 89 32.99 26.54 12.91
C GLU L 89 33.29 27.05 14.31
N ASP L 90 32.47 27.97 14.84
CA ASP L 90 32.67 28.46 16.21
C ASP L 90 32.16 27.49 17.26
N THR L 91 31.50 26.41 16.87
CA THR L 91 31.01 25.40 17.80
C THR L 91 32.17 24.75 18.54
N ALA L 92 32.25 24.97 19.85
CA ALA L 92 33.36 24.46 20.64
C ALA L 92 33.08 24.72 22.12
N VAL L 93 33.91 24.12 22.96
CA VAL L 93 33.96 24.44 24.38
C VAL L 93 34.94 25.59 24.55
N TYR L 94 34.50 26.66 25.21
CA TYR L 94 35.30 27.87 25.37
C TYR L 94 35.87 27.95 26.77
N TYR L 95 37.18 28.13 26.86
CA TYR L 95 37.92 28.06 28.12
C TYR L 95 38.48 29.42 28.50
N CYS L 96 38.42 29.72 29.79
CA CYS L 96 39.03 30.89 30.40
C CYS L 96 40.37 30.45 30.96
N ALA L 97 41.46 31.07 30.49
CA ALA L 97 42.78 30.52 30.73
C ALA L 97 43.80 31.62 31.03
N LYS L 98 44.77 31.25 31.86
CA LYS L 98 45.98 32.01 32.13
C LYS L 98 47.19 31.26 31.58
N GLU L 99 48.33 31.93 31.60
CA GLU L 99 49.59 31.26 31.27
C GLU L 99 49.98 30.29 32.37
N LEU L 100 49.75 30.69 33.62
CA LEU L 100 50.07 29.85 34.76
C LEU L 100 48.77 29.53 35.51
N GLY L 101 48.62 28.26 35.91
CA GLY L 101 47.50 27.85 36.72
C GLY L 101 46.40 27.17 35.94
N PRO L 102 45.39 26.69 36.66
CA PRO L 102 44.33 25.91 36.00
C PRO L 102 43.41 26.78 35.16
N TRP L 103 42.89 26.18 34.10
CA TRP L 103 41.88 26.83 33.29
C TRP L 103 40.50 26.64 33.95
N GLY L 104 39.48 27.26 33.36
CA GLY L 104 38.13 26.97 33.78
C GLY L 104 37.64 25.63 33.24
N GLN L 105 36.45 25.23 33.68
CA GLN L 105 35.88 23.99 33.17
C GLN L 105 35.34 24.13 31.75
N GLY L 106 35.12 25.36 31.29
CA GLY L 106 34.64 25.58 29.94
C GLY L 106 33.13 25.77 29.89
N THR L 107 32.69 26.47 28.84
CA THR L 107 31.27 26.62 28.54
C THR L 107 31.02 26.25 27.09
N LEU L 108 29.96 25.49 26.86
CA LEU L 108 29.72 24.88 25.54
C LEU L 108 28.95 25.85 24.65
N VAL L 109 29.54 26.20 23.52
CA VAL L 109 28.89 27.06 22.53
C VAL L 109 28.62 26.22 21.28
N THR L 110 27.37 26.21 20.83
CA THR L 110 26.95 25.43 19.67
C THR L 110 26.30 26.37 18.67
N VAL L 111 26.90 26.49 17.50
CA VAL L 111 26.37 27.33 16.42
C VAL L 111 25.86 26.41 15.32
N SER L 112 24.56 26.43 15.08
CA SER L 112 23.94 25.60 14.06
C SER L 112 22.52 26.07 13.81
N SER L 113 22.02 25.80 12.60
CA SER L 113 20.64 26.08 12.25
C SER L 113 19.68 24.95 12.60
N ALA L 114 20.22 23.77 12.93
CA ALA L 114 19.36 22.63 13.23
C ALA L 114 18.64 22.85 14.56
N SER L 115 17.56 22.11 14.74
CA SER L 115 16.77 22.17 15.97
C SER L 115 17.32 21.17 16.98
N THR L 116 16.86 21.31 18.23
CA THR L 116 17.26 20.35 19.25
C THR L 116 16.50 19.06 19.08
N LYS L 117 17.18 17.94 19.33
CA LYS L 117 16.59 16.62 19.16
C LYS L 117 16.98 15.76 20.35
N GLY L 118 15.97 15.22 21.03
CA GLY L 118 16.21 14.36 22.16
C GLY L 118 16.81 13.04 21.73
N PRO L 119 17.43 12.35 22.68
CA PRO L 119 18.11 11.09 22.36
C PRO L 119 17.15 9.90 22.37
N SER L 120 17.49 8.90 21.56
CA SER L 120 16.82 7.61 21.58
C SER L 120 17.66 6.66 22.43
N VAL L 121 17.01 6.03 23.41
CA VAL L 121 17.68 5.15 24.36
C VAL L 121 17.28 3.70 24.10
N PHE L 122 18.29 2.85 23.91
CA PHE L 122 18.09 1.42 23.69
C PHE L 122 18.90 0.63 24.71
N PRO L 123 18.33 -0.44 25.27
CA PRO L 123 19.07 -1.23 26.27
C PRO L 123 20.08 -2.16 25.64
N LEU L 124 21.17 -2.39 26.37
CA LEU L 124 22.18 -3.37 26.01
C LEU L 124 22.09 -4.51 27.02
N ALA L 125 21.36 -5.56 26.66
CA ALA L 125 21.12 -6.68 27.55
C ALA L 125 22.43 -7.32 28.00
N PRO L 126 22.52 -7.80 29.24
CA PRO L 126 23.80 -8.26 29.77
C PRO L 126 24.34 -9.49 29.05
N SER L 127 25.67 -9.55 28.95
CA SER L 127 26.39 -10.67 28.36
C SER L 127 27.58 -11.02 29.24
N SER L 128 28.09 -12.24 29.06
CA SER L 128 29.24 -12.69 29.84
C SER L 128 30.48 -11.87 29.50
N LYS L 129 31.11 -11.30 30.54
CA LYS L 129 32.31 -10.49 30.35
C LYS L 129 33.55 -11.15 30.95
N THR L 135 32.04 -12.17 35.13
CA THR L 135 31.04 -11.18 35.52
C THR L 135 30.24 -10.72 34.31
N ALA L 136 29.09 -10.11 34.53
CA ALA L 136 28.19 -9.69 33.46
C ALA L 136 28.30 -8.19 33.20
N ALA L 137 28.27 -7.82 31.92
CA ALA L 137 28.32 -6.42 31.50
C ALA L 137 27.02 -6.08 30.78
N LEU L 138 26.34 -5.04 31.25
CA LEU L 138 25.14 -4.51 30.59
C LEU L 138 25.27 -3.01 30.47
N GLY L 139 24.30 -2.40 29.78
CA GLY L 139 24.31 -0.96 29.60
C GLY L 139 23.12 -0.52 28.77
N CYS L 140 23.20 0.72 28.30
CA CYS L 140 22.16 1.27 27.45
C CYS L 140 22.78 2.30 26.51
N LEU L 141 22.25 2.37 25.29
CA LEU L 141 22.80 3.18 24.22
C LEU L 141 21.97 4.45 24.07
N VAL L 142 22.64 5.60 24.00
CA VAL L 142 22.01 6.91 23.91
C VAL L 142 22.43 7.52 22.57
N LYS L 143 21.52 7.48 21.59
CA LYS L 143 21.87 7.74 20.21
C LYS L 143 21.14 8.95 19.65
N ASP L 144 21.82 9.71 18.79
CA ASP L 144 21.23 10.70 17.91
C ASP L 144 20.48 11.79 18.69
N TYR L 145 21.27 12.57 19.42
CA TYR L 145 20.77 13.73 20.14
C TYR L 145 21.59 14.96 19.75
N PHE L 146 20.99 16.12 19.94
CA PHE L 146 21.63 17.39 19.58
C PHE L 146 20.93 18.52 20.30
N PRO L 147 21.68 19.45 20.91
CA PRO L 147 23.14 19.36 21.00
C PRO L 147 23.60 18.61 22.26
N GLU L 148 24.88 18.72 22.57
CA GLU L 148 25.40 18.20 23.82
C GLU L 148 24.94 19.09 24.97
N PRO L 149 24.99 18.60 26.21
CA PRO L 149 25.44 17.29 26.70
C PRO L 149 24.35 16.31 27.12
N VAL L 150 24.79 15.14 27.59
CA VAL L 150 23.92 14.07 28.05
C VAL L 150 24.37 13.65 29.44
N THR L 151 23.43 13.59 30.37
CA THR L 151 23.69 13.04 31.69
C THR L 151 23.18 11.61 31.76
N VAL L 152 23.96 10.73 32.36
CA VAL L 152 23.54 9.35 32.57
C VAL L 152 23.84 8.96 34.02
N SER L 153 22.85 8.37 34.68
CA SER L 153 23.03 7.75 35.99
C SER L 153 22.35 6.39 35.97
N TRP L 154 22.55 5.61 37.03
CA TRP L 154 21.98 4.29 37.14
C TRP L 154 21.21 4.17 38.46
N ASN L 155 19.94 3.78 38.38
CA ASN L 155 19.07 3.64 39.54
C ASN L 155 18.99 4.94 40.34
N SER L 156 18.91 6.06 39.62
CA SER L 156 18.75 7.39 40.20
C SER L 156 19.88 7.74 41.16
N GLY L 157 21.09 7.27 40.87
CA GLY L 157 22.27 7.61 41.65
C GLY L 157 22.70 6.57 42.65
N ALA L 158 21.92 5.51 42.87
CA ALA L 158 22.22 4.49 43.85
C ALA L 158 23.09 3.37 43.31
N LEU L 159 23.68 3.54 42.14
CA LEU L 159 24.55 2.53 41.53
C LEU L 159 25.66 3.26 40.78
N THR L 160 26.82 3.41 41.43
CA THR L 160 27.97 4.02 40.81
C THR L 160 29.17 3.10 40.72
N SER L 161 29.25 2.05 41.55
CA SER L 161 30.33 1.09 41.48
C SER L 161 30.22 0.27 40.20
N GLY L 162 31.31 0.24 39.44
CA GLY L 162 31.36 -0.46 38.18
C GLY L 162 30.73 0.27 37.01
N VAL L 163 30.33 1.53 37.21
CA VAL L 163 29.68 2.31 36.17
C VAL L 163 30.74 3.05 35.35
N HIS L 164 30.55 3.08 34.04
CA HIS L 164 31.43 3.85 33.16
C HIS L 164 30.60 4.42 32.02
N THR L 165 30.69 5.74 31.84
CA THR L 165 29.99 6.44 30.76
C THR L 165 31.04 6.98 29.80
N PHE L 166 30.94 6.58 28.54
CA PHE L 166 31.94 6.95 27.55
C PHE L 166 31.72 8.37 27.05
N PRO L 167 32.77 9.01 26.53
CA PRO L 167 32.57 10.32 25.91
C PRO L 167 31.70 10.19 24.66
N ALA L 168 31.06 11.31 24.31
CA ALA L 168 30.16 11.33 23.17
C ALA L 168 30.95 11.41 21.87
N VAL L 169 30.45 10.72 20.83
CA VAL L 169 31.03 10.79 19.50
C VAL L 169 30.14 11.67 18.63
N LEU L 170 30.76 12.42 17.72
CA LEU L 170 30.03 13.23 16.75
C LEU L 170 29.87 12.42 15.47
N GLN L 171 28.65 12.02 15.17
CA GLN L 171 28.38 11.24 13.96
C GLN L 171 28.57 12.12 12.72
N SER L 172 28.58 11.47 11.55
CA SER L 172 28.70 12.21 10.30
C SER L 172 27.45 13.03 10.00
N SER L 173 26.33 12.70 10.63
CA SER L 173 25.10 13.47 10.45
C SER L 173 25.14 14.81 11.16
N GLY L 174 26.00 14.97 12.16
CA GLY L 174 25.98 16.13 13.02
C GLY L 174 25.34 15.89 14.36
N LEU L 175 24.74 14.73 14.57
CA LEU L 175 24.20 14.33 15.86
C LEU L 175 25.27 13.64 16.70
N TYR L 176 25.06 13.68 18.02
CA TYR L 176 25.96 13.04 18.95
C TYR L 176 25.36 11.73 19.44
N SER L 177 26.23 10.87 19.97
CA SER L 177 25.78 9.60 20.52
C SER L 177 26.81 9.11 21.53
N LEU L 178 26.33 8.43 22.57
CA LEU L 178 27.22 7.87 23.58
C LEU L 178 26.57 6.63 24.17
N SER L 179 27.36 5.88 24.93
CA SER L 179 26.89 4.71 25.64
C SER L 179 27.33 4.79 27.09
N SER L 180 26.64 4.03 27.93
CA SER L 180 26.98 3.91 29.34
C SER L 180 26.83 2.46 29.74
N VAL L 181 27.88 1.89 30.34
CA VAL L 181 27.91 0.48 30.72
C VAL L 181 28.11 0.36 32.22
N VAL L 182 27.79 -0.82 32.74
CA VAL L 182 27.99 -1.13 34.15
C VAL L 182 28.23 -2.62 34.30
N THR L 183 29.30 -2.97 35.00
CA THR L 183 29.62 -4.36 35.30
C THR L 183 28.90 -4.77 36.57
N VAL L 184 28.08 -5.82 36.48
CA VAL L 184 27.27 -6.26 37.61
C VAL L 184 27.53 -7.74 37.87
N PRO L 185 27.39 -8.20 39.11
CA PRO L 185 27.47 -9.65 39.38
C PRO L 185 26.41 -10.39 38.58
N SER L 186 26.86 -11.41 37.84
CA SER L 186 25.96 -12.18 36.98
C SER L 186 24.86 -12.88 37.77
N SER L 187 25.07 -13.14 39.06
CA SER L 187 24.06 -13.77 39.90
C SER L 187 23.02 -12.78 40.41
N SER L 188 23.15 -11.49 40.09
CA SER L 188 22.19 -10.47 40.48
C SER L 188 21.13 -10.20 39.41
N LEU L 189 21.30 -10.76 38.21
CA LEU L 189 20.33 -10.55 37.14
C LEU L 189 19.05 -11.32 37.47
N GLY L 190 17.96 -10.59 37.69
CA GLY L 190 16.70 -11.16 38.12
C GLY L 190 16.33 -10.77 39.55
N THR L 191 17.33 -10.60 40.41
CA THR L 191 17.11 -10.10 41.76
C THR L 191 17.21 -8.59 41.85
N GLN L 192 18.04 -7.98 41.02
CA GLN L 192 18.28 -6.54 41.05
C GLN L 192 17.82 -5.90 39.75
N THR L 193 17.04 -4.84 39.85
CA THR L 193 16.55 -4.12 38.69
C THR L 193 17.53 -3.02 38.32
N TYR L 194 17.88 -2.97 37.04
CA TYR L 194 18.87 -2.02 36.53
C TYR L 194 18.19 -1.07 35.55
N ILE L 195 18.15 0.21 35.91
CA ILE L 195 17.55 1.26 35.08
C ILE L 195 18.60 2.33 34.85
N CYS L 196 18.83 2.68 33.59
CA CYS L 196 19.70 3.79 33.26
C CYS L 196 18.86 5.06 33.05
N ASN L 197 19.28 6.14 33.70
CA ASN L 197 18.56 7.41 33.68
C ASN L 197 19.30 8.36 32.74
N VAL L 198 18.69 8.66 31.59
CA VAL L 198 19.26 9.54 30.59
C VAL L 198 18.58 10.89 30.69
N ASN L 199 19.36 11.96 30.67
CA ASN L 199 18.86 13.33 30.79
C ASN L 199 19.48 14.17 29.69
N HIS L 200 18.64 14.96 29.01
CA HIS L 200 19.08 15.84 27.92
C HIS L 200 18.45 17.21 28.15
N LYS L 201 19.17 18.06 28.89
CA LYS L 201 18.64 19.39 29.22
C LYS L 201 18.26 20.23 28.00
N PRO L 202 19.01 20.26 26.90
CA PRO L 202 18.64 21.16 25.80
C PRO L 202 17.28 20.88 25.18
N SER L 203 16.74 19.67 25.33
CA SER L 203 15.44 19.33 24.75
C SER L 203 14.39 19.02 25.80
N ASN L 204 14.70 19.18 27.08
CA ASN L 204 13.78 18.86 28.18
C ASN L 204 13.39 17.38 28.14
N THR L 205 14.36 16.52 27.85
CA THR L 205 14.15 15.10 27.65
C THR L 205 14.71 14.31 28.84
N LYS L 206 13.91 13.37 29.35
CA LYS L 206 14.33 12.45 30.40
C LYS L 206 13.79 11.08 30.05
N VAL L 207 14.65 10.06 30.11
CA VAL L 207 14.29 8.70 29.75
C VAL L 207 14.76 7.76 30.85
N ASP L 208 13.85 6.96 31.39
CA ASP L 208 14.17 5.89 32.32
C ASP L 208 13.98 4.57 31.59
N LYS L 209 15.08 3.88 31.31
CA LYS L 209 15.08 2.67 30.49
C LYS L 209 15.49 1.49 31.35
N LYS L 210 14.61 0.50 31.45
CA LYS L 210 14.93 -0.69 32.22
C LYS L 210 15.72 -1.65 31.35
N VAL L 211 16.84 -2.15 31.88
CA VAL L 211 17.75 -3.01 31.13
C VAL L 211 17.64 -4.40 31.72
N GLU L 212 16.93 -5.28 31.01
CA GLU L 212 16.64 -6.66 31.37
C GLU L 212 17.53 -7.62 30.57
N PRO L 213 17.74 -8.83 31.08
CA PRO L 213 18.34 -9.87 30.23
C PRO L 213 17.38 -10.32 29.13
N LYS L 214 17.95 -10.98 28.13
CA LYS L 214 17.19 -11.43 26.97
C LYS L 214 16.23 -12.57 27.32
N ALA M 2 60.70 24.89 -17.41
CA ALA M 2 59.85 25.41 -18.48
C ALA M 2 58.92 24.32 -19.02
N VAL M 3 57.64 24.66 -19.19
CA VAL M 3 56.64 23.73 -19.71
C VAL M 3 55.88 24.41 -20.84
N VAL M 4 55.81 23.73 -21.98
CA VAL M 4 55.14 24.24 -23.17
C VAL M 4 53.73 23.65 -23.19
N ILE M 5 52.73 24.51 -23.23
CA ILE M 5 51.33 24.10 -23.16
C ILE M 5 50.67 24.35 -24.50
N GLN M 6 50.01 23.32 -25.03
CA GLN M 6 49.24 23.43 -26.26
C GLN M 6 47.85 22.86 -26.01
N GLU M 7 46.87 23.38 -26.74
CA GLU M 7 45.56 22.77 -26.75
C GLU M 7 45.66 21.33 -27.22
N SER M 8 44.81 20.47 -26.66
CA SER M 8 44.85 19.05 -27.02
C SER M 8 44.36 18.84 -28.44
N ALA M 9 43.11 19.20 -28.72
CA ALA M 9 42.54 18.98 -30.05
C ALA M 9 41.75 20.20 -30.50
N LEU M 10 41.69 20.38 -31.83
CA LEU M 10 40.88 21.42 -32.45
C LEU M 10 40.22 20.84 -33.70
N THR M 11 39.00 21.27 -33.99
CA THR M 11 38.24 20.78 -35.13
C THR M 11 37.70 21.94 -35.96
N THR M 12 37.57 21.71 -37.27
CA THR M 12 37.08 22.73 -38.18
C THR M 12 36.60 22.06 -39.46
N SER M 13 35.81 22.82 -40.23
CA SER M 13 35.33 22.39 -41.53
C SER M 13 36.26 22.89 -42.63
N PRO M 14 36.21 22.29 -43.81
CA PRO M 14 36.94 22.87 -44.94
C PRO M 14 36.46 24.29 -45.19
N GLY M 15 37.43 25.19 -45.42
CA GLY M 15 37.15 26.60 -45.52
C GLY M 15 37.10 27.33 -44.20
N GLY M 16 36.99 26.60 -43.09
CA GLY M 16 37.03 27.21 -41.79
C GLY M 16 38.44 27.60 -41.38
N THR M 17 38.50 28.49 -40.40
CA THR M 17 39.76 28.97 -39.86
C THR M 17 39.98 28.36 -38.48
N VAL M 18 41.22 27.92 -38.22
CA VAL M 18 41.59 27.41 -36.91
C VAL M 18 42.88 28.13 -36.46
N ILE M 19 42.97 28.41 -35.16
CA ILE M 19 44.12 29.10 -34.59
C ILE M 19 44.68 28.24 -33.46
N LEU M 20 45.95 27.90 -33.56
CA LEU M 20 46.61 27.05 -32.56
C LEU M 20 47.43 27.94 -31.62
N THR M 21 47.32 27.65 -30.32
CA THR M 21 47.97 28.45 -29.29
C THR M 21 49.09 27.67 -28.64
N CYS M 22 50.24 28.30 -28.50
CA CYS M 22 51.40 27.71 -27.83
C CYS M 22 51.85 28.67 -26.74
N ARG M 23 51.82 28.22 -25.50
CA ARG M 23 52.04 29.08 -24.34
C ARG M 23 53.20 28.59 -23.50
N SER M 24 53.87 29.54 -22.85
CA SER M 24 54.96 29.25 -21.93
C SER M 24 54.47 29.39 -20.50
N SER M 25 54.73 28.38 -19.68
CA SER M 25 54.44 28.51 -18.26
C SER M 25 55.33 29.54 -17.60
N THR M 26 56.48 29.86 -18.22
CA THR M 26 57.39 30.85 -17.66
C THR M 26 56.86 32.27 -17.81
N GLY M 27 56.17 32.55 -18.90
CA GLY M 27 55.55 33.85 -19.08
C GLY M 27 55.54 34.25 -20.56
N THR M 28 55.62 35.55 -20.78
CA THR M 28 55.56 36.10 -22.12
C THR M 28 56.74 35.62 -22.95
N ILE M 29 56.45 35.11 -24.15
CA ILE M 29 57.49 34.71 -25.09
C ILE M 29 57.63 35.77 -26.15
N THR M 30 58.83 35.86 -26.72
CA THR M 30 59.17 36.91 -27.68
C THR M 30 59.76 36.28 -28.94
N THR M 31 60.25 37.12 -29.86
CA THR M 31 60.95 36.58 -31.03
C THR M 31 62.23 35.86 -30.63
N SER M 32 62.75 36.13 -29.44
CA SER M 32 63.93 35.44 -28.94
C SER M 32 63.65 33.99 -28.55
N ASN M 33 62.40 33.55 -28.57
CA ASN M 33 62.06 32.17 -28.24
C ASN M 33 61.96 31.27 -29.46
N TYR M 34 62.06 31.84 -30.66
CA TYR M 34 62.14 31.10 -31.92
C TYR M 34 61.12 29.95 -31.98
N ALA M 35 59.85 30.32 -31.88
CA ALA M 35 58.78 29.33 -31.91
C ALA M 35 58.84 28.54 -33.21
N ASN M 36 58.76 27.22 -33.08
CA ASN M 36 58.83 26.31 -34.22
C ASN M 36 57.60 25.42 -34.22
N TRP M 37 56.97 25.29 -35.38
CA TRP M 37 55.78 24.46 -35.52
C TRP M 37 56.11 23.26 -36.40
N VAL M 38 55.78 22.06 -35.90
CA VAL M 38 56.07 20.81 -36.59
C VAL M 38 54.76 20.10 -36.87
N GLN M 39 54.59 19.63 -38.10
CA GLN M 39 53.41 18.89 -38.53
C GLN M 39 53.72 17.39 -38.55
N LYS M 40 52.69 16.59 -38.27
CA LYS M 40 52.85 15.14 -38.25
C LYS M 40 51.53 14.50 -38.64
N LYS M 41 51.48 13.93 -39.84
CA LYS M 41 50.35 13.12 -40.27
C LYS M 41 50.72 11.64 -40.19
N PRO M 42 49.74 10.75 -40.04
CA PRO M 42 50.04 9.31 -40.07
C PRO M 42 50.62 8.91 -41.42
N ASN M 43 51.55 7.96 -41.38
CA ASN M 43 52.25 7.48 -42.58
C ASN M 43 53.00 8.60 -43.30
N HIS M 44 53.46 9.59 -42.55
CA HIS M 44 54.25 10.68 -43.09
C HIS M 44 55.30 11.10 -42.07
N VAL M 45 56.40 11.66 -42.58
CA VAL M 45 57.46 12.15 -41.71
C VAL M 45 57.00 13.42 -41.00
N PHE M 46 57.66 13.71 -39.88
CA PHE M 46 57.53 15.04 -39.27
C PHE M 46 58.09 16.08 -40.22
N THR M 47 57.51 17.27 -40.17
CA THR M 47 57.95 18.37 -41.03
C THR M 47 57.85 19.68 -40.27
N GLY M 48 58.90 20.48 -40.33
CA GLY M 48 58.86 21.84 -39.82
C GLY M 48 58.19 22.78 -40.80
N LEU M 49 57.03 23.33 -40.44
CA LEU M 49 56.30 24.27 -41.29
C LEU M 49 56.76 25.69 -41.07
N ILE M 50 56.82 26.11 -39.81
CA ILE M 50 57.15 27.49 -39.44
C ILE M 50 58.36 27.45 -38.52
N GLY M 51 59.35 28.27 -38.82
CA GLY M 51 60.50 28.40 -37.97
C GLY M 51 60.75 29.85 -37.60
N ALA M 52 61.40 30.04 -36.47
CA ALA M 52 61.71 31.38 -35.95
C ALA M 52 60.44 32.24 -35.90
N THR M 53 59.43 31.74 -35.19
CA THR M 53 58.11 32.39 -34.99
C THR M 53 57.30 32.50 -36.28
N SER M 54 57.83 33.04 -37.36
CA SER M 54 56.92 33.20 -38.53
C SER M 54 57.59 32.92 -39.87
N ILE M 55 58.70 32.21 -39.94
CA ILE M 55 59.32 31.95 -41.27
C ILE M 55 58.70 30.69 -41.85
N ARG M 56 58.15 30.79 -43.05
CA ARG M 56 57.46 29.66 -43.66
C ARG M 56 58.46 28.78 -44.38
N ALA M 57 58.30 27.47 -44.23
CA ALA M 57 59.18 26.53 -44.90
C ALA M 57 58.81 26.40 -46.37
N PRO M 58 59.76 26.02 -47.23
CA PRO M 58 59.45 25.88 -48.66
C PRO M 58 58.42 24.80 -48.91
N GLY M 59 57.43 25.12 -49.75
CA GLY M 59 56.34 24.22 -50.07
C GLY M 59 55.13 24.34 -49.18
N VAL M 60 55.27 24.94 -48.00
CA VAL M 60 54.14 25.09 -47.09
C VAL M 60 53.15 26.09 -47.66
N PRO M 61 51.86 25.76 -47.74
CA PRO M 61 50.90 26.69 -48.35
C PRO M 61 50.71 27.96 -47.52
N VAL M 62 50.38 29.04 -48.22
CA VAL M 62 50.33 30.35 -47.57
C VAL M 62 49.24 30.43 -46.52
N ARG M 63 48.28 29.51 -46.53
CA ARG M 63 47.23 29.56 -45.52
C ARG M 63 47.73 29.31 -44.11
N PHE M 64 48.98 28.85 -43.97
CA PHE M 64 49.62 28.74 -42.67
C PHE M 64 50.38 30.03 -42.37
N SER M 65 50.26 30.51 -41.14
CA SER M 65 50.98 31.71 -40.74
C SER M 65 51.22 31.69 -39.24
N GLY M 66 52.43 32.04 -38.83
CA GLY M 66 52.81 32.10 -37.43
C GLY M 66 52.95 33.52 -36.96
N PHE M 67 52.39 33.82 -35.79
CA PHE M 67 52.46 35.15 -35.21
C PHE M 67 52.81 35.02 -33.73
N LEU M 68 53.03 36.18 -33.11
CA LEU M 68 53.04 36.31 -31.66
C LEU M 68 51.83 37.15 -31.27
N ILE M 69 50.92 36.56 -30.50
CA ILE M 69 49.70 37.21 -30.07
C ILE M 69 49.66 37.18 -28.55
N GLY M 70 49.61 38.35 -27.93
CA GLY M 70 49.50 38.44 -26.48
C GLY M 70 50.56 37.69 -25.72
N GLY M 71 51.81 37.77 -26.16
CA GLY M 71 52.86 37.02 -25.51
C GLY M 71 52.83 35.53 -25.75
N LYS M 72 52.04 35.06 -26.71
CA LYS M 72 51.93 33.64 -27.01
C LYS M 72 52.17 33.41 -28.50
N ALA M 73 52.73 32.26 -28.82
CA ALA M 73 52.93 31.88 -30.20
C ALA M 73 51.65 31.29 -30.78
N ALA M 74 51.30 31.73 -31.99
CA ALA M 74 50.06 31.31 -32.64
C ALA M 74 50.35 30.78 -34.03
N LEU M 75 49.61 29.74 -34.42
CA LEU M 75 49.64 29.20 -35.78
C LEU M 75 48.22 29.25 -36.35
N THR M 76 48.03 30.08 -37.38
CA THR M 76 46.72 30.27 -37.98
C THR M 76 46.63 29.54 -39.32
N ILE M 77 45.61 28.70 -39.46
CA ILE M 77 45.30 28.01 -40.71
C ILE M 77 44.05 28.66 -41.28
N THR M 78 44.22 29.45 -42.35
CA THR M 78 43.13 30.20 -42.95
C THR M 78 42.50 29.38 -44.07
N GLY M 79 41.29 28.90 -43.85
CA GLY M 79 40.62 28.05 -44.82
C GLY M 79 41.22 26.68 -44.88
N ALA M 80 41.14 25.96 -43.76
CA ALA M 80 41.82 24.68 -43.60
C ALA M 80 41.35 23.66 -44.63
N GLN M 81 42.23 22.72 -44.93
CA GLN M 81 41.98 21.66 -45.90
C GLN M 81 42.09 20.30 -45.21
N THR M 82 41.54 19.28 -45.87
CA THR M 82 41.64 17.93 -45.34
C THR M 82 43.07 17.43 -45.28
N GLU M 83 43.98 18.03 -46.05
CA GLU M 83 45.40 17.71 -45.91
C GLU M 83 45.94 18.23 -44.59
N ASP M 84 45.36 19.29 -44.05
CA ASP M 84 45.87 19.86 -42.80
C ASP M 84 45.44 19.07 -41.57
N ASP M 85 44.61 18.03 -41.74
CA ASP M 85 44.27 17.14 -40.65
C ASP M 85 45.53 16.44 -40.16
N ALA M 86 46.14 16.96 -39.11
CA ALA M 86 47.45 16.47 -38.67
C ALA M 86 47.65 16.81 -37.20
N MET M 87 48.80 16.39 -36.69
CA MET M 87 49.24 16.68 -35.33
C MET M 87 50.30 17.77 -35.37
N TYR M 88 50.04 18.88 -34.70
CA TYR M 88 50.93 20.04 -34.73
C TYR M 88 51.61 20.21 -33.38
N PHE M 89 52.93 20.15 -33.37
CA PHE M 89 53.73 20.35 -32.17
C PHE M 89 54.37 21.73 -32.19
N CYS M 90 54.64 22.26 -31.01
CA CYS M 90 55.26 23.56 -30.84
C CYS M 90 56.52 23.41 -29.98
N ALA M 91 57.57 24.12 -30.36
CA ALA M 91 58.85 24.08 -29.67
C ALA M 91 59.34 25.50 -29.46
N LEU M 92 59.70 25.82 -28.23
CA LEU M 92 60.21 27.14 -27.89
C LEU M 92 61.64 27.04 -27.37
N TRP M 93 62.41 28.10 -27.62
CA TRP M 93 63.82 28.15 -27.29
C TRP M 93 64.02 28.93 -26.00
N TYR M 94 64.62 28.29 -25.01
CA TYR M 94 64.92 28.92 -23.74
C TYR M 94 66.43 29.09 -23.61
N ASN M 95 66.97 29.95 -24.49
CA ASN M 95 68.37 30.34 -24.49
C ASN M 95 69.33 29.21 -24.84
N THR M 96 69.14 28.02 -24.25
CA THR M 96 70.10 26.94 -24.43
C THR M 96 69.45 25.61 -24.80
N HIS M 97 68.15 25.57 -25.04
CA HIS M 97 67.50 24.30 -25.38
C HIS M 97 66.11 24.58 -25.93
N TYR M 98 65.61 23.65 -26.74
CA TYR M 98 64.23 23.64 -27.18
C TYR M 98 63.39 22.78 -26.24
N VAL M 99 62.12 23.15 -26.10
CA VAL M 99 61.15 22.35 -25.34
C VAL M 99 59.91 22.19 -26.20
N PHE M 100 59.49 20.96 -26.42
CA PHE M 100 58.29 20.65 -27.19
C PHE M 100 57.06 20.66 -26.29
N GLY M 101 55.92 21.01 -26.87
CA GLY M 101 54.65 20.86 -26.21
C GLY M 101 54.05 19.49 -26.42
N GLY M 102 52.87 19.29 -25.83
CA GLY M 102 52.18 18.01 -25.98
C GLY M 102 51.67 17.74 -27.38
N GLY M 103 51.47 18.78 -28.18
CA GLY M 103 50.91 18.62 -29.50
C GLY M 103 49.44 18.96 -29.54
N THR M 104 49.00 19.42 -30.71
CA THR M 104 47.60 19.79 -30.93
C THR M 104 47.09 19.03 -32.14
N LYS M 105 46.06 18.20 -31.94
CA LYS M 105 45.45 17.44 -33.01
C LYS M 105 44.39 18.31 -33.70
N VAL M 106 44.63 18.62 -34.97
CA VAL M 106 43.69 19.40 -35.78
C VAL M 106 42.91 18.43 -36.65
N THR M 107 41.59 18.43 -36.49
CA THR M 107 40.69 17.57 -37.25
C THR M 107 39.91 18.41 -38.24
N VAL M 108 39.89 17.96 -39.50
CA VAL M 108 39.10 18.59 -40.56
C VAL M 108 37.98 17.62 -40.92
N LEU M 109 36.75 18.06 -40.71
CA LEU M 109 35.58 17.21 -40.88
C LEU M 109 35.17 17.25 -42.35
N GLY M 110 35.53 16.20 -43.09
CA GLY M 110 35.17 16.10 -44.49
C GLY M 110 34.65 14.72 -44.85
N GLN M 111 34.30 13.92 -43.85
CA GLN M 111 33.73 12.61 -44.13
C GLN M 111 32.77 12.21 -43.01
N PRO M 112 31.77 11.37 -43.34
CA PRO M 112 30.78 10.97 -42.32
C PRO M 112 31.26 9.83 -41.46
N LYS M 113 30.43 9.41 -40.51
CA LYS M 113 30.76 8.28 -39.67
C LYS M 113 30.75 6.98 -40.48
N ALA M 114 31.54 6.01 -40.02
CA ALA M 114 31.67 4.73 -40.69
C ALA M 114 31.35 3.59 -39.73
N ALA M 115 30.64 2.59 -40.23
CA ALA M 115 30.30 1.43 -39.42
C ALA M 115 31.52 0.54 -39.23
N PRO M 116 31.88 0.21 -38.01
CA PRO M 116 33.07 -0.63 -37.78
C PRO M 116 32.81 -2.09 -38.13
N SER M 117 33.91 -2.80 -38.39
CA SER M 117 33.89 -4.24 -38.67
C SER M 117 34.65 -4.94 -37.55
N VAL M 118 33.93 -5.71 -36.73
CA VAL M 118 34.49 -6.38 -35.57
C VAL M 118 34.76 -7.83 -35.91
N THR M 119 35.76 -8.41 -35.24
CA THR M 119 36.12 -9.81 -35.44
C THR M 119 37.00 -10.25 -34.27
N LEU M 120 36.67 -11.39 -33.68
CA LEU M 120 37.43 -11.90 -32.54
C LEU M 120 37.48 -13.41 -32.59
N PHE M 121 38.59 -13.97 -32.10
CA PHE M 121 38.80 -15.41 -32.04
C PHE M 121 40.04 -15.73 -31.21
N PRO M 122 40.02 -16.82 -30.45
CA PRO M 122 41.23 -17.29 -29.79
C PRO M 122 41.59 -18.69 -30.26
N PRO M 123 41.87 -18.88 -31.57
CA PRO M 123 42.04 -20.24 -32.08
C PRO M 123 43.50 -20.65 -32.24
N SER M 124 44.33 -20.36 -31.24
CA SER M 124 45.74 -20.74 -31.26
C SER M 124 45.93 -21.98 -30.39
N SER M 125 45.51 -23.13 -30.92
CA SER M 125 45.71 -24.37 -30.19
C SER M 125 47.20 -24.70 -30.06
N GLU M 126 48.04 -24.11 -30.92
CA GLU M 126 49.48 -24.16 -30.74
C GLU M 126 49.96 -23.26 -29.61
N GLU M 127 49.09 -22.41 -29.07
CA GLU M 127 49.39 -21.73 -27.82
C GLU M 127 48.64 -22.38 -26.66
N LEU M 128 47.40 -22.82 -26.89
CA LEU M 128 46.74 -23.71 -25.94
C LEU M 128 47.56 -24.98 -25.71
N GLN M 129 48.20 -25.47 -26.77
CA GLN M 129 49.41 -26.30 -26.70
C GLN M 129 50.23 -26.08 -25.45
N ALA M 130 50.75 -24.87 -25.31
CA ALA M 130 51.69 -24.51 -24.26
C ALA M 130 50.99 -24.00 -23.01
N ASN M 131 49.70 -24.30 -22.85
CA ASN M 131 48.91 -23.91 -21.69
C ASN M 131 48.77 -22.40 -21.56
N LYS M 132 48.66 -21.70 -22.70
CA LYS M 132 48.37 -20.28 -22.69
C LYS M 132 47.28 -19.97 -23.70
N ALA M 133 46.54 -18.89 -23.44
CA ALA M 133 45.39 -18.54 -24.25
C ALA M 133 45.23 -17.03 -24.25
N THR M 134 44.94 -16.46 -25.42
CA THR M 134 44.75 -15.03 -25.57
C THR M 134 43.87 -14.75 -26.77
N LEU M 135 42.83 -13.95 -26.58
CA LEU M 135 41.92 -13.58 -27.66
C LEU M 135 42.38 -12.29 -28.35
N VAL M 136 41.91 -12.11 -29.58
CA VAL M 136 42.24 -10.95 -30.41
C VAL M 136 40.95 -10.48 -31.07
N CYS M 137 40.51 -9.28 -30.69
CA CYS M 137 39.23 -8.69 -31.04
C CYS M 137 39.52 -7.42 -31.83
N LEU M 138 39.38 -7.45 -33.15
CA LEU M 138 39.90 -6.40 -34.01
C LEU M 138 38.81 -5.53 -34.61
N ILE M 139 39.21 -4.32 -35.02
CA ILE M 139 38.31 -3.31 -35.55
C ILE M 139 38.99 -2.62 -36.73
N SER M 140 38.24 -2.38 -37.80
CA SER M 140 38.84 -1.73 -38.98
C SER M 140 37.80 -0.93 -39.75
N ASP M 141 38.28 0.14 -40.40
CA ASP M 141 37.46 1.04 -41.20
C ASP M 141 36.31 1.59 -40.37
N PHE M 142 36.57 2.64 -39.58
CA PHE M 142 35.54 3.20 -38.71
C PHE M 142 35.94 4.63 -38.33
N TYR M 143 35.27 5.62 -38.96
CA TYR M 143 35.29 7.01 -38.51
C TYR M 143 34.15 7.22 -37.51
N PRO M 144 34.30 8.09 -36.49
CA PRO M 144 35.38 9.01 -36.06
C PRO M 144 36.78 8.43 -35.94
N GLY M 145 37.02 7.65 -34.89
CA GLY M 145 38.34 7.14 -34.63
C GLY M 145 38.58 6.86 -33.16
N ALA M 146 37.56 6.35 -32.49
CA ALA M 146 37.66 5.98 -31.08
C ALA M 146 36.63 4.91 -30.80
N VAL M 147 36.91 4.07 -29.80
CA VAL M 147 36.03 2.95 -29.48
C VAL M 147 36.32 2.47 -28.07
N THR M 148 35.35 1.79 -27.47
CA THR M 148 35.43 1.36 -26.08
C THR M 148 35.37 -0.17 -26.02
N VAL M 149 36.51 -0.77 -25.68
CA VAL M 149 36.63 -2.21 -25.49
C VAL M 149 35.81 -2.65 -24.29
N ALA M 150 35.28 -3.87 -24.35
CA ALA M 150 34.58 -4.47 -23.22
C ALA M 150 34.72 -6.00 -23.30
N TRP M 151 35.64 -6.56 -22.52
CA TRP M 151 35.89 -8.00 -22.49
C TRP M 151 35.16 -8.60 -21.29
N LYS M 152 34.16 -9.43 -21.56
CA LYS M 152 33.32 -10.02 -20.52
C LYS M 152 33.58 -11.51 -20.41
N ALA M 153 33.90 -11.97 -19.20
CA ALA M 153 33.95 -13.40 -18.89
C ALA M 153 32.52 -13.84 -18.61
N ASP M 154 31.79 -14.12 -19.70
CA ASP M 154 30.35 -14.29 -19.70
C ASP M 154 29.66 -12.98 -19.33
N SER M 155 29.92 -12.46 -18.13
CA SER M 155 29.42 -11.15 -17.73
C SER M 155 30.30 -10.53 -16.64
N SER M 156 31.57 -10.30 -16.97
CA SER M 156 32.50 -9.56 -16.10
C SER M 156 33.33 -8.68 -17.01
N PRO M 157 32.88 -7.45 -17.27
CA PRO M 157 33.35 -6.71 -18.45
C PRO M 157 34.52 -5.77 -18.22
N VAL M 158 35.48 -5.83 -19.15
CA VAL M 158 36.45 -4.77 -19.43
C VAL M 158 37.41 -4.52 -18.28
N LYS M 159 38.01 -5.58 -17.74
CA LYS M 159 39.05 -5.44 -16.72
C LYS M 159 40.10 -6.53 -16.89
N ALA M 160 40.64 -7.04 -15.79
CA ALA M 160 41.58 -8.19 -15.81
C ALA M 160 42.81 -7.79 -16.63
N GLY M 161 43.41 -8.71 -17.38
CA GLY M 161 44.57 -8.41 -18.20
C GLY M 161 44.22 -8.12 -19.64
N VAL M 162 44.10 -6.83 -19.97
CA VAL M 162 43.62 -6.38 -21.28
C VAL M 162 44.58 -5.33 -21.81
N GLU M 163 44.98 -5.49 -23.08
CA GLU M 163 45.70 -4.47 -23.82
C GLU M 163 44.90 -4.09 -25.05
N THR M 164 44.95 -2.82 -25.42
CA THR M 164 44.29 -2.39 -26.64
C THR M 164 45.12 -1.30 -27.31
N THR M 165 44.85 -1.11 -28.60
CA THR M 165 45.72 -0.37 -29.51
C THR M 165 45.16 1.02 -29.77
N THR M 166 46.06 2.00 -29.82
CA THR M 166 45.68 3.34 -30.23
C THR M 166 45.11 3.32 -31.64
N PRO M 167 44.14 4.20 -31.94
CA PRO M 167 43.59 4.25 -33.29
C PRO M 167 44.66 4.56 -34.33
N SER M 168 44.43 4.10 -35.55
CA SER M 168 45.39 4.17 -36.64
C SER M 168 44.68 4.54 -37.93
N LYS M 169 45.18 5.55 -38.61
CA LYS M 169 44.70 5.83 -39.96
C LYS M 169 45.20 4.74 -40.89
N GLN M 170 44.30 4.18 -41.68
CA GLN M 170 44.67 3.13 -42.62
C GLN M 170 44.43 3.62 -44.04
N SER M 171 44.95 2.85 -45.01
CA SER M 171 45.13 3.37 -46.36
C SER M 171 43.81 3.73 -47.04
N ASN M 172 42.70 3.12 -46.59
CA ASN M 172 41.36 3.59 -46.92
C ASN M 172 41.25 5.09 -46.80
N ASN M 173 41.06 5.56 -45.56
CA ASN M 173 40.89 6.95 -45.17
C ASN M 173 40.42 6.92 -43.71
N LYS M 174 39.75 5.83 -43.35
CA LYS M 174 39.19 5.65 -42.01
C LYS M 174 40.25 5.21 -41.01
N TYR M 175 39.82 4.56 -39.93
CA TYR M 175 40.72 4.21 -38.84
C TYR M 175 40.47 2.78 -38.39
N ALA M 176 41.44 2.23 -37.68
CA ALA M 176 41.41 0.84 -37.24
C ALA M 176 42.25 0.67 -35.98
N ALA M 177 41.99 -0.40 -35.23
CA ALA M 177 42.70 -0.64 -33.98
C ALA M 177 42.63 -2.12 -33.63
N SER M 178 43.39 -2.49 -32.59
CA SER M 178 43.45 -3.87 -32.11
C SER M 178 43.00 -3.93 -30.66
N SER M 179 43.04 -5.15 -30.11
CA SER M 179 42.73 -5.42 -28.71
C SER M 179 43.10 -6.86 -28.37
N TYR M 180 44.02 -7.04 -27.43
CA TYR M 180 44.43 -8.35 -26.98
C TYR M 180 44.00 -8.54 -25.53
N LEU M 181 43.34 -9.67 -25.26
CA LEU M 181 42.77 -9.98 -23.95
C LEU M 181 43.34 -11.31 -23.50
N SER M 182 44.27 -11.30 -22.55
CA SER M 182 44.95 -12.51 -22.14
C SER M 182 44.23 -13.17 -20.97
N LEU M 183 44.31 -14.49 -20.94
CA LEU M 183 43.60 -15.25 -19.93
C LEU M 183 44.34 -16.57 -19.75
N THR M 184 43.63 -17.55 -19.22
CA THR M 184 44.13 -18.88 -18.91
C THR M 184 43.48 -19.88 -19.85
N PRO M 185 44.06 -21.07 -20.02
CA PRO M 185 43.25 -22.17 -20.54
C PRO M 185 42.31 -22.79 -19.51
N GLU M 186 42.54 -22.58 -18.21
CA GLU M 186 41.65 -23.15 -17.20
C GLU M 186 40.55 -22.19 -16.76
N GLN M 187 40.66 -20.90 -17.07
CA GLN M 187 39.51 -20.00 -17.02
C GLN M 187 38.90 -19.76 -18.40
N TRP M 188 39.49 -20.32 -19.45
CA TRP M 188 38.86 -20.31 -20.76
C TRP M 188 37.77 -21.36 -20.86
N LYS M 189 38.10 -22.59 -20.47
CA LYS M 189 37.10 -23.65 -20.34
C LYS M 189 36.28 -23.52 -19.07
N SER M 190 36.66 -22.63 -18.16
CA SER M 190 35.90 -22.44 -16.93
C SER M 190 34.54 -21.80 -17.19
N HIS M 191 34.48 -20.90 -18.15
CA HIS M 191 33.29 -20.09 -18.39
C HIS M 191 32.61 -20.54 -19.66
N ARG M 192 31.27 -20.46 -19.67
CA ARG M 192 30.53 -20.96 -20.83
C ARG M 192 30.87 -20.21 -22.10
N SER M 193 31.19 -18.92 -22.00
CA SER M 193 31.67 -18.18 -23.16
C SER M 193 32.13 -16.79 -22.75
N TYR M 194 33.03 -16.21 -23.56
CA TYR M 194 33.51 -14.82 -23.46
C TYR M 194 32.85 -13.97 -24.54
N SER M 195 33.17 -12.67 -24.53
CA SER M 195 32.79 -11.77 -25.62
C SER M 195 33.41 -10.39 -25.39
N CYS M 196 33.55 -9.67 -26.48
CA CYS M 196 34.25 -8.40 -26.58
C CYS M 196 33.35 -7.39 -27.28
N GLN M 197 32.88 -6.37 -26.56
CA GLN M 197 31.84 -5.47 -27.04
C GLN M 197 32.43 -4.13 -27.45
N VAL M 198 32.57 -3.95 -28.75
CA VAL M 198 33.06 -2.71 -29.35
C VAL M 198 31.97 -1.65 -29.28
N THR M 199 32.35 -0.41 -28.96
CA THR M 199 31.38 0.69 -28.85
C THR M 199 31.87 1.90 -29.65
N HIS M 200 31.32 2.08 -30.84
CA HIS M 200 31.73 3.14 -31.75
C HIS M 200 30.60 4.17 -31.85
N GLU M 201 30.90 5.41 -31.49
CA GLU M 201 29.93 6.50 -31.35
C GLU M 201 28.61 6.00 -30.76
N GLY M 202 28.71 5.44 -29.56
CA GLY M 202 27.50 5.18 -28.81
C GLY M 202 26.99 3.74 -28.83
N SER M 203 26.57 3.23 -29.98
CA SER M 203 25.85 1.97 -30.01
C SER M 203 26.82 0.81 -30.14
N THR M 204 26.74 -0.11 -29.17
CA THR M 204 27.68 -1.20 -28.99
C THR M 204 27.44 -2.31 -30.02
N VAL M 205 28.53 -2.90 -30.50
CA VAL M 205 28.48 -4.10 -31.31
C VAL M 205 29.16 -5.22 -30.54
N GLU M 206 28.54 -6.39 -30.51
CA GLU M 206 29.02 -7.50 -29.70
C GLU M 206 29.29 -8.71 -30.58
N LYS M 207 30.02 -9.68 -30.00
CA LYS M 207 30.30 -10.95 -30.63
C LYS M 207 30.99 -11.83 -29.61
N THR M 208 30.69 -13.13 -29.66
CA THR M 208 31.04 -14.03 -28.57
C THR M 208 31.81 -15.24 -29.08
N VAL M 209 32.26 -16.03 -28.11
CA VAL M 209 33.24 -17.07 -28.36
C VAL M 209 33.03 -18.17 -27.33
N ALA M 210 32.90 -19.40 -27.79
CA ALA M 210 32.66 -20.41 -26.78
C ALA M 210 33.58 -21.61 -26.98
N PRO M 211 34.22 -22.11 -25.92
CA PRO M 211 35.13 -23.25 -26.01
C PRO M 211 34.43 -24.54 -26.41
N GLU N 1 64.52 18.71 -52.88
CA GLU N 1 63.78 17.94 -51.89
C GLU N 1 64.68 17.51 -50.74
N VAL N 2 64.53 18.20 -49.60
CA VAL N 2 65.33 17.88 -48.43
C VAL N 2 65.04 16.45 -47.99
N GLN N 3 66.11 15.67 -47.79
CA GLN N 3 65.97 14.30 -47.32
C GLN N 3 67.03 14.01 -46.28
N LEU N 4 66.61 13.43 -45.15
CA LEU N 4 67.49 13.04 -44.07
C LEU N 4 67.29 11.55 -43.79
N VAL N 5 68.39 10.81 -43.72
CA VAL N 5 68.36 9.37 -43.49
C VAL N 5 69.16 9.07 -42.24
N GLU N 6 68.52 8.48 -41.24
CA GLU N 6 69.15 8.11 -39.99
C GLU N 6 69.54 6.64 -39.98
N SER N 7 70.53 6.31 -39.16
CA SER N 7 70.95 4.93 -38.95
C SER N 7 71.75 4.85 -37.66
N GLY N 8 72.07 3.62 -37.27
CA GLY N 8 72.91 3.35 -36.12
C GLY N 8 72.19 2.80 -34.90
N GLY N 9 70.86 2.78 -34.91
CA GLY N 9 70.11 2.30 -33.77
C GLY N 9 70.09 0.78 -33.67
N GLY N 10 69.51 0.30 -32.58
CA GLY N 10 69.35 -1.11 -32.36
C GLY N 10 69.12 -1.41 -30.89
N LEU N 11 69.28 -2.68 -30.54
CA LEU N 11 69.17 -3.12 -29.17
C LEU N 11 70.53 -3.02 -28.48
N VAL N 12 70.57 -2.39 -27.32
CA VAL N 12 71.81 -2.20 -26.58
C VAL N 12 71.50 -2.27 -25.09
N GLN N 13 72.37 -2.95 -24.34
CA GLN N 13 72.12 -3.12 -22.92
C GLN N 13 72.37 -1.82 -22.17
N PRO N 14 71.72 -1.63 -21.02
CA PRO N 14 71.98 -0.42 -20.22
C PRO N 14 73.46 -0.33 -19.86
N GLY N 15 74.01 0.88 -19.99
CA GLY N 15 75.40 1.12 -19.75
C GLY N 15 76.27 1.08 -20.99
N GLY N 16 75.75 0.60 -22.11
CA GLY N 16 76.49 0.55 -23.35
C GLY N 16 76.52 1.89 -24.06
N SER N 17 76.91 1.83 -25.32
CA SER N 17 77.00 3.02 -26.15
C SER N 17 76.46 2.73 -27.54
N LEU N 18 76.22 3.81 -28.30
CA LEU N 18 75.59 3.74 -29.61
C LEU N 18 75.90 5.05 -30.33
N ARG N 19 76.13 4.97 -31.63
CA ARG N 19 76.42 6.15 -32.45
C ARG N 19 75.42 6.22 -33.59
N LEU N 20 74.59 7.25 -33.59
CA LEU N 20 73.64 7.48 -34.66
C LEU N 20 74.24 8.44 -35.68
N SER N 21 74.02 8.14 -36.96
CA SER N 21 74.46 8.99 -38.06
C SER N 21 73.27 9.34 -38.92
N CYS N 22 73.34 10.50 -39.56
CA CYS N 22 72.28 11.01 -40.41
C CYS N 22 72.89 11.52 -41.70
N ALA N 23 72.46 10.95 -42.83
CA ALA N 23 72.95 11.36 -44.13
C ALA N 23 71.98 12.38 -44.73
N ALA N 24 72.51 13.56 -45.04
CA ALA N 24 71.69 14.66 -45.53
C ALA N 24 71.96 14.92 -47.00
N SER N 25 70.91 15.34 -47.70
CA SER N 25 71.01 15.71 -49.11
C SER N 25 69.83 16.60 -49.45
N GLY N 26 69.88 17.21 -50.63
CA GLY N 26 68.82 18.07 -51.09
C GLY N 26 68.92 19.52 -50.64
N PHE N 27 69.92 19.87 -49.86
CA PHE N 27 70.09 21.24 -49.39
C PHE N 27 71.54 21.42 -48.95
N ILE N 28 71.93 22.68 -48.76
CA ILE N 28 73.29 23.02 -48.34
C ILE N 28 73.39 22.70 -46.85
N PHE N 29 73.98 21.55 -46.53
CA PHE N 29 74.09 21.10 -45.14
C PHE N 29 74.96 22.04 -44.32
N SER N 30 75.98 22.63 -44.95
CA SER N 30 76.93 23.51 -44.25
C SER N 30 76.26 24.77 -43.72
N SER N 31 75.00 24.98 -44.06
CA SER N 31 74.33 26.25 -43.85
C SER N 31 73.30 26.26 -42.74
N ASP N 32 72.78 25.11 -42.32
CA ASP N 32 71.62 25.06 -41.42
C ASP N 32 71.99 24.39 -40.11
N TRP N 33 71.42 24.89 -39.02
CA TRP N 33 71.44 24.16 -37.76
C TRP N 33 70.78 22.81 -37.95
N MET N 34 71.27 21.81 -37.21
CA MET N 34 70.64 20.50 -37.21
C MET N 34 70.32 20.07 -35.79
N ASN N 35 69.34 19.18 -35.66
CA ASN N 35 68.78 18.81 -34.38
C ASN N 35 68.61 17.30 -34.32
N TRP N 36 68.71 16.76 -33.12
CA TRP N 36 68.30 15.39 -32.84
C TRP N 36 67.08 15.45 -31.94
N VAL N 37 66.02 14.75 -32.34
CA VAL N 37 64.79 14.68 -31.57
C VAL N 37 64.45 13.20 -31.39
N ARG N 38 63.83 12.88 -30.25
CA ARG N 38 63.42 11.51 -29.98
C ARG N 38 62.00 11.48 -29.46
N GLN N 39 61.32 10.38 -29.72
CA GLN N 39 59.96 10.15 -29.25
C GLN N 39 59.92 8.80 -28.55
N ALA N 40 59.82 8.82 -27.21
CA ALA N 40 59.70 7.60 -26.45
C ALA N 40 58.39 6.89 -26.80
N PRO N 41 58.32 5.57 -26.64
CA PRO N 41 57.10 4.84 -27.01
C PRO N 41 55.89 5.33 -26.24
N GLY N 42 54.89 5.79 -26.97
CA GLY N 42 53.65 6.28 -26.38
C GLY N 42 53.73 7.64 -25.74
N LYS N 43 54.80 8.39 -25.97
CA LYS N 43 55.01 9.70 -25.37
C LYS N 43 55.17 10.75 -26.46
N GLY N 44 55.39 11.99 -26.04
CA GLY N 44 55.51 13.10 -26.96
C GLY N 44 56.93 13.29 -27.46
N LEU N 45 57.13 14.39 -28.16
CA LEU N 45 58.45 14.73 -28.69
C LEU N 45 59.34 15.29 -27.59
N GLU N 46 60.60 14.87 -27.59
CA GLU N 46 61.62 15.40 -26.68
C GLU N 46 62.83 15.80 -27.49
N TRP N 47 63.09 17.11 -27.58
CA TRP N 47 64.29 17.60 -28.24
C TRP N 47 65.53 17.16 -27.47
N VAL N 48 66.55 16.70 -28.18
CA VAL N 48 67.73 16.15 -27.54
C VAL N 48 68.91 17.13 -27.62
N ALA N 49 69.31 17.50 -28.83
CA ALA N 49 70.48 18.34 -29.01
C ALA N 49 70.43 19.05 -30.34
N ASN N 50 71.26 20.08 -30.48
CA ASN N 50 71.44 20.77 -31.75
C ASN N 50 72.88 21.25 -31.85
N ILE N 51 73.25 21.71 -33.04
CA ILE N 51 74.64 22.06 -33.32
C ILE N 51 74.69 23.22 -34.32
N ASN N 52 75.77 23.99 -34.23
CA ASN N 52 75.99 25.14 -35.09
C ASN N 52 76.28 24.69 -36.53
N GLN N 53 76.42 25.68 -37.42
CA GLN N 53 76.78 25.38 -38.81
C GLN N 53 78.21 24.87 -38.90
N ASP N 54 79.12 25.44 -38.11
CA ASP N 54 80.51 25.01 -38.04
C ASP N 54 80.79 24.20 -36.79
N GLY N 55 79.80 23.92 -35.97
CA GLY N 55 80.00 23.14 -34.76
C GLY N 55 80.58 23.91 -33.60
N SER N 56 80.60 25.24 -33.67
CA SER N 56 81.14 26.04 -32.58
C SER N 56 80.16 26.19 -31.41
N GLU N 57 78.88 25.90 -31.63
CA GLU N 57 77.87 25.99 -30.57
C GLU N 57 77.11 24.68 -30.53
N LYS N 58 77.07 24.06 -29.35
CA LYS N 58 76.34 22.82 -29.13
C LYS N 58 75.47 22.97 -27.88
N TYR N 59 74.27 22.38 -27.92
CA TYR N 59 73.34 22.45 -26.80
C TYR N 59 72.63 21.11 -26.66
N TYR N 60 72.36 20.72 -25.41
CA TYR N 60 71.77 19.44 -25.10
C TYR N 60 70.63 19.62 -24.10
N VAL N 61 69.64 18.72 -24.18
CA VAL N 61 68.67 18.60 -23.10
C VAL N 61 69.38 18.06 -21.86
N ASP N 62 68.97 18.55 -20.69
CA ASP N 62 69.77 18.30 -19.48
C ASP N 62 69.76 16.84 -19.07
N SER N 63 68.69 16.09 -19.37
CA SER N 63 68.69 14.67 -18.99
C SER N 63 69.66 13.86 -19.81
N VAL N 64 70.45 14.57 -20.61
CA VAL N 64 71.37 13.96 -21.57
C VAL N 64 72.80 14.46 -21.41
N LYS N 65 73.03 15.59 -20.75
CA LYS N 65 74.37 16.13 -20.59
C LYS N 65 75.29 15.15 -19.87
N GLY N 66 76.53 15.07 -20.33
CA GLY N 66 77.49 14.14 -19.79
C GLY N 66 77.42 12.75 -20.40
N ARG N 67 76.47 12.51 -21.27
CA ARG N 67 76.29 11.18 -21.84
C ARG N 67 76.30 11.20 -23.36
N PHE N 68 75.62 12.15 -23.99
CA PHE N 68 75.56 12.25 -25.45
C PHE N 68 76.44 13.39 -25.94
N THR N 69 76.87 13.26 -27.19
CA THR N 69 77.66 14.30 -27.84
C THR N 69 77.23 14.40 -29.30
N ILE N 70 76.83 15.59 -29.73
CA ILE N 70 76.45 15.83 -31.12
C ILE N 70 77.67 16.37 -31.86
N SER N 71 77.83 15.94 -33.10
CA SER N 71 78.94 16.38 -33.94
C SER N 71 78.45 16.51 -35.37
N ARG N 72 79.31 16.99 -36.25
CA ARG N 72 78.90 17.27 -37.61
C ARG N 72 80.12 17.21 -38.52
N ASP N 73 79.92 16.71 -39.74
CA ASP N 73 80.97 16.63 -40.77
C ASP N 73 80.39 17.21 -42.05
N ASN N 74 80.65 18.50 -42.28
CA ASN N 74 80.04 19.19 -43.42
C ASN N 74 80.56 18.65 -44.75
N ALA N 75 81.83 18.25 -44.81
CA ALA N 75 82.34 17.66 -46.05
C ALA N 75 81.59 16.38 -46.41
N GLN N 76 80.93 15.75 -45.45
CA GLN N 76 80.22 14.50 -45.66
C GLN N 76 78.71 14.66 -45.59
N ASN N 77 78.22 15.88 -45.37
CA ASN N 77 76.80 16.13 -45.13
C ASN N 77 76.23 15.13 -44.12
N SER N 78 76.92 14.98 -43.00
CA SER N 78 76.55 13.97 -42.01
C SER N 78 76.51 14.59 -40.62
N LEU N 79 75.50 14.20 -39.86
CA LEU N 79 75.32 14.57 -38.47
C LEU N 79 75.43 13.33 -37.60
N TYR N 80 76.04 13.46 -36.43
CA TYR N 80 76.24 12.32 -35.54
C TYR N 80 75.72 12.60 -34.15
N LEU N 81 75.36 11.54 -33.45
CA LEU N 81 74.97 11.61 -32.03
C LEU N 81 75.60 10.41 -31.34
N GLN N 82 76.69 10.65 -30.61
CA GLN N 82 77.33 9.60 -29.82
C GLN N 82 76.59 9.48 -28.49
N MET N 83 76.12 8.28 -28.18
CA MET N 83 75.30 8.04 -27.00
C MET N 83 76.04 7.10 -26.06
N ASN N 84 76.50 7.61 -24.93
CA ASN N 84 77.18 6.81 -23.90
C ASN N 84 76.34 6.77 -22.63
N SER N 85 76.66 5.79 -21.77
CA SER N 85 76.00 5.62 -20.48
C SER N 85 74.48 5.51 -20.64
N LEU N 86 74.06 4.64 -21.55
CA LEU N 86 72.66 4.58 -21.94
C LEU N 86 71.79 4.03 -20.81
N ARG N 87 70.64 4.65 -20.62
CA ARG N 87 69.64 4.20 -19.66
C ARG N 87 68.45 3.64 -20.42
N ALA N 88 67.60 2.90 -19.68
CA ALA N 88 66.35 2.44 -20.27
C ALA N 88 65.46 3.61 -20.66
N GLU N 89 65.61 4.76 -20.00
CA GLU N 89 64.85 5.95 -20.35
C GLU N 89 65.13 6.43 -21.77
N ASP N 90 66.26 6.02 -22.36
CA ASP N 90 66.64 6.47 -23.69
C ASP N 90 65.98 5.68 -24.81
N THR N 91 65.17 4.68 -24.49
CA THR N 91 64.46 3.91 -25.50
C THR N 91 63.47 4.83 -26.21
N ALA N 92 63.72 5.09 -27.50
CA ALA N 92 62.89 6.00 -28.27
C ALA N 92 63.29 5.89 -29.72
N VAL N 93 62.45 6.43 -30.59
CA VAL N 93 62.80 6.62 -32.00
C VAL N 93 63.50 7.96 -32.13
N TYR N 94 64.71 7.96 -32.68
CA TYR N 94 65.53 9.16 -32.76
C TYR N 94 65.44 9.74 -34.17
N TYR N 95 65.23 11.05 -34.24
CA TYR N 95 64.99 11.72 -35.50
C TYR N 95 66.07 12.77 -35.78
N CYS N 96 66.49 12.83 -37.03
CA CYS N 96 67.38 13.87 -37.53
C CYS N 96 66.51 15.00 -38.06
N ALA N 97 66.58 16.17 -37.45
CA ALA N 97 65.58 17.20 -37.67
C ALA N 97 66.21 18.55 -37.97
N LYS N 98 65.50 19.33 -38.78
CA LYS N 98 65.78 20.72 -39.09
C LYS N 98 64.61 21.58 -38.63
N GLU N 99 64.82 22.89 -38.57
CA GLU N 99 63.72 23.78 -38.20
C GLU N 99 62.69 23.86 -39.31
N LEU N 100 63.12 23.94 -40.56
CA LEU N 100 62.23 23.94 -41.71
C LEU N 100 62.41 22.65 -42.49
N GLY N 101 61.31 22.13 -43.02
CA GLY N 101 61.36 20.98 -43.89
C GLY N 101 61.17 19.67 -43.17
N PRO N 102 61.13 18.57 -43.92
CA PRO N 102 60.83 17.27 -43.31
C PRO N 102 61.98 16.73 -42.50
N TRP N 103 61.63 16.02 -41.43
CA TRP N 103 62.60 15.26 -40.66
C TRP N 103 62.91 13.95 -41.37
N GLY N 104 63.81 13.16 -40.78
CA GLY N 104 64.04 11.82 -41.28
C GLY N 104 62.99 10.86 -40.76
N GLN N 105 62.99 9.66 -41.34
CA GLN N 105 62.05 8.64 -40.90
C GLN N 105 62.36 8.15 -39.48
N GLY N 106 63.62 8.21 -39.06
CA GLY N 106 63.95 7.93 -37.68
C GLY N 106 64.50 6.54 -37.46
N THR N 107 65.35 6.41 -36.44
CA THR N 107 65.91 5.13 -36.03
C THR N 107 65.33 4.74 -34.67
N LEU N 108 65.10 3.45 -34.49
CA LEU N 108 64.60 2.93 -33.22
C LEU N 108 65.77 2.46 -32.37
N VAL N 109 65.92 3.07 -31.20
CA VAL N 109 66.95 2.70 -30.23
C VAL N 109 66.24 2.10 -29.03
N THR N 110 66.55 0.84 -28.73
CA THR N 110 66.00 0.15 -27.57
C THR N 110 67.12 -0.14 -26.60
N VAL N 111 66.96 0.30 -25.35
CA VAL N 111 67.96 0.11 -24.30
C VAL N 111 67.33 -0.76 -23.23
N SER N 112 67.70 -2.04 -23.21
CA SER N 112 67.14 -2.98 -22.24
C SER N 112 68.14 -4.10 -22.01
N SER N 113 68.13 -4.64 -20.80
CA SER N 113 68.96 -5.79 -20.48
C SER N 113 68.32 -7.11 -20.87
N ALA N 114 67.09 -7.08 -21.35
CA ALA N 114 66.42 -8.29 -21.79
C ALA N 114 66.98 -8.75 -23.14
N SER N 115 67.00 -10.07 -23.33
CA SER N 115 67.52 -10.64 -24.56
C SER N 115 66.49 -10.54 -25.67
N THR N 116 66.92 -10.88 -26.88
CA THR N 116 66.02 -10.86 -28.02
C THR N 116 65.07 -12.05 -27.95
N LYS N 117 63.82 -11.83 -28.37
CA LYS N 117 62.79 -12.86 -28.30
C LYS N 117 62.03 -12.89 -29.61
N GLY N 118 61.98 -14.07 -30.23
CA GLY N 118 61.26 -14.26 -31.47
C GLY N 118 59.76 -14.35 -31.24
N PRO N 119 58.99 -13.96 -32.25
CA PRO N 119 57.53 -13.95 -32.10
C PRO N 119 56.91 -15.33 -32.25
N SER N 120 55.72 -15.46 -31.68
CA SER N 120 54.89 -16.65 -31.81
C SER N 120 53.65 -16.27 -32.60
N VAL N 121 53.46 -16.89 -33.76
CA VAL N 121 52.40 -16.52 -34.70
C VAL N 121 51.35 -17.61 -34.72
N PHE N 122 50.09 -17.20 -34.67
CA PHE N 122 48.95 -18.10 -34.61
C PHE N 122 47.92 -17.67 -35.64
N PRO N 123 47.24 -18.61 -36.28
CA PRO N 123 46.26 -18.25 -37.31
C PRO N 123 45.06 -17.52 -36.71
N LEU N 124 44.42 -16.71 -37.56
CA LEU N 124 43.24 -15.94 -37.15
C LEU N 124 42.41 -15.55 -38.36
N ALA N 125 41.96 -16.53 -39.13
CA ALA N 125 41.14 -16.33 -40.31
C ALA N 125 39.69 -16.73 -40.05
N PRO N 126 38.71 -16.07 -40.69
CA PRO N 126 37.26 -16.32 -40.59
C PRO N 126 36.88 -17.79 -40.40
N ALA N 136 34.14 -11.73 -44.30
CA ALA N 136 34.85 -10.54 -43.86
C ALA N 136 36.34 -10.63 -44.17
N ALA N 137 37.16 -10.01 -43.34
CA ALA N 137 38.58 -9.89 -43.58
C ALA N 137 39.35 -11.02 -42.90
N LEU N 138 40.56 -11.27 -43.38
CA LEU N 138 41.43 -12.30 -42.85
C LEU N 138 42.45 -11.64 -41.91
N GLY N 139 43.29 -12.45 -41.29
CA GLY N 139 44.34 -11.90 -40.43
C GLY N 139 45.16 -12.98 -39.75
N CYS N 140 46.26 -12.55 -39.14
CA CYS N 140 47.10 -13.44 -38.34
C CYS N 140 47.72 -12.64 -37.20
N LEU N 141 47.98 -13.32 -36.09
CA LEU N 141 48.42 -12.70 -34.85
C LEU N 141 49.89 -12.97 -34.60
N VAL N 142 50.64 -11.92 -34.25
CA VAL N 142 52.06 -12.01 -33.92
C VAL N 142 52.20 -11.59 -32.46
N LYS N 143 52.48 -12.55 -31.59
CA LYS N 143 52.45 -12.34 -30.15
C LYS N 143 53.82 -12.54 -29.53
N ASP N 144 54.13 -11.69 -28.54
CA ASP N 144 55.31 -11.82 -27.69
C ASP N 144 56.62 -11.81 -28.49
N TYR N 145 57.18 -10.63 -28.70
CA TYR N 145 58.48 -10.50 -29.35
C TYR N 145 59.16 -9.25 -28.84
N PHE N 146 60.50 -9.23 -28.98
CA PHE N 146 61.31 -8.12 -28.46
C PHE N 146 62.70 -8.19 -29.08
N PRO N 147 63.25 -7.06 -29.53
CA PRO N 147 62.59 -5.76 -29.56
C PRO N 147 61.88 -5.54 -30.89
N GLU N 148 61.50 -4.30 -31.17
CA GLU N 148 60.83 -3.96 -32.41
C GLU N 148 61.84 -3.74 -33.52
N PRO N 149 61.41 -3.82 -34.80
CA PRO N 149 60.05 -4.07 -35.31
C PRO N 149 59.87 -5.46 -35.94
N VAL N 150 58.70 -5.70 -36.53
CA VAL N 150 58.45 -6.88 -37.34
C VAL N 150 57.79 -6.42 -38.64
N THR N 151 58.33 -6.87 -39.77
CA THR N 151 57.74 -6.56 -41.06
C THR N 151 56.80 -7.68 -41.47
N VAL N 152 55.68 -7.31 -42.08
CA VAL N 152 54.60 -8.26 -42.33
C VAL N 152 54.08 -8.03 -43.74
N SER N 153 53.70 -9.11 -44.40
CA SER N 153 53.16 -9.05 -45.75
C SER N 153 52.07 -10.10 -45.87
N TRP N 154 51.63 -10.35 -47.09
CA TRP N 154 50.66 -11.39 -47.37
C TRP N 154 50.93 -11.96 -48.74
N ASN N 155 50.85 -13.29 -48.85
CA ASN N 155 51.08 -14.01 -50.10
C ASN N 155 52.45 -13.67 -50.68
N SER N 156 53.45 -13.60 -49.79
CA SER N 156 54.84 -13.34 -50.17
C SER N 156 54.99 -11.98 -50.89
N GLY N 157 54.14 -11.02 -50.54
CA GLY N 157 54.19 -9.72 -51.17
C GLY N 157 53.28 -9.56 -52.37
N ALA N 158 52.24 -10.38 -52.50
CA ALA N 158 51.33 -10.30 -53.64
C ALA N 158 50.10 -9.46 -53.30
N LEU N 159 49.48 -9.72 -52.16
CA LEU N 159 48.29 -9.00 -51.75
C LEU N 159 48.67 -7.59 -51.29
N THR N 160 48.27 -6.58 -52.05
CA THR N 160 48.61 -5.20 -51.75
C THR N 160 47.39 -4.33 -51.47
N SER N 161 46.19 -4.77 -51.81
CA SER N 161 44.97 -4.01 -51.58
C SER N 161 44.18 -4.61 -50.41
N GLY N 162 43.43 -3.75 -49.72
CA GLY N 162 42.75 -4.14 -48.51
C GLY N 162 43.65 -4.45 -47.34
N VAL N 163 44.96 -4.17 -47.46
CA VAL N 163 45.95 -4.48 -46.45
C VAL N 163 45.98 -3.38 -45.41
N HIS N 164 46.08 -3.76 -44.14
CA HIS N 164 46.29 -2.79 -43.06
C HIS N 164 46.96 -3.51 -41.91
N THR N 165 48.23 -3.25 -41.68
CA THR N 165 48.89 -3.88 -40.53
C THR N 165 48.86 -2.93 -39.34
N PHE N 166 48.38 -3.44 -38.22
CA PHE N 166 48.20 -2.63 -37.04
C PHE N 166 49.54 -2.31 -36.38
N PRO N 167 49.66 -1.15 -35.74
CA PRO N 167 50.89 -0.84 -35.01
C PRO N 167 51.05 -1.77 -33.82
N ALA N 168 52.30 -2.10 -33.52
CA ALA N 168 52.59 -2.94 -32.37
C ALA N 168 52.23 -2.22 -31.08
N VAL N 169 51.76 -2.98 -30.10
CA VAL N 169 51.46 -2.45 -28.78
C VAL N 169 52.32 -3.16 -27.75
N LEU N 170 52.85 -2.39 -26.81
CA LEU N 170 53.71 -2.91 -25.76
C LEU N 170 52.85 -3.54 -24.67
N GLN N 171 53.05 -4.83 -24.44
CA GLN N 171 52.33 -5.50 -23.37
C GLN N 171 52.88 -5.07 -22.01
N SER N 172 52.09 -5.32 -20.96
CA SER N 172 52.58 -5.08 -19.61
C SER N 172 53.87 -5.85 -19.35
N SER N 173 54.06 -6.97 -20.05
CA SER N 173 55.27 -7.76 -19.91
C SER N 173 56.51 -7.00 -20.38
N GLY N 174 56.34 -6.07 -21.32
CA GLY N 174 57.45 -5.50 -22.04
C GLY N 174 57.69 -6.13 -23.39
N LEU N 175 56.93 -7.17 -23.75
CA LEU N 175 56.99 -7.75 -25.07
C LEU N 175 55.98 -7.06 -25.98
N TYR N 176 56.28 -7.06 -27.27
CA TYR N 176 55.43 -6.40 -28.25
C TYR N 176 54.53 -7.42 -28.94
N SER N 177 53.46 -6.91 -29.55
CA SER N 177 52.51 -7.77 -30.26
C SER N 177 51.83 -6.95 -31.34
N LEU N 178 51.80 -7.49 -32.55
CA LEU N 178 51.20 -6.83 -33.70
C LEU N 178 50.26 -7.79 -34.42
N SER N 179 49.41 -7.22 -35.27
CA SER N 179 48.50 -8.04 -36.07
C SER N 179 48.29 -7.36 -37.42
N SER N 180 48.13 -8.18 -38.46
CA SER N 180 48.01 -7.70 -39.83
C SER N 180 46.74 -8.27 -40.46
N VAL N 181 45.92 -7.41 -41.03
CA VAL N 181 44.64 -7.79 -41.61
C VAL N 181 44.68 -7.54 -43.11
N VAL N 182 43.91 -8.33 -43.87
CA VAL N 182 43.57 -7.97 -45.25
C VAL N 182 42.09 -8.24 -45.48
N THR N 183 41.44 -7.34 -46.19
CA THR N 183 40.06 -7.54 -46.59
C THR N 183 40.00 -8.48 -47.78
N VAL N 184 39.15 -9.51 -47.69
CA VAL N 184 39.05 -10.51 -48.74
C VAL N 184 37.57 -10.79 -49.01
N PRO N 185 37.14 -10.85 -50.27
CA PRO N 185 35.75 -11.17 -50.57
C PRO N 185 35.38 -12.58 -50.12
N SER N 186 34.12 -12.76 -49.74
CA SER N 186 33.64 -14.05 -49.27
C SER N 186 33.35 -15.03 -50.40
N SER N 187 33.68 -14.66 -51.64
CA SER N 187 33.46 -15.53 -52.78
C SER N 187 34.68 -16.35 -53.16
N SER N 188 35.89 -15.93 -52.74
CA SER N 188 37.13 -16.56 -53.18
C SER N 188 37.94 -17.16 -52.02
N LEU N 189 37.30 -17.49 -50.89
CA LEU N 189 38.09 -18.07 -49.80
C LEU N 189 38.38 -19.55 -50.04
N GLY N 190 37.43 -20.27 -50.63
CA GLY N 190 37.62 -21.67 -50.91
C GLY N 190 38.49 -22.01 -52.09
N THR N 191 38.96 -21.04 -52.87
CA THR N 191 39.81 -21.31 -54.04
C THR N 191 41.11 -20.50 -54.03
N GLN N 192 41.53 -19.99 -52.88
CA GLN N 192 42.82 -19.32 -52.75
C GLN N 192 43.38 -19.54 -51.35
N THR N 193 44.60 -20.03 -51.26
CA THR N 193 45.27 -20.20 -49.98
C THR N 193 45.93 -18.88 -49.57
N TYR N 194 45.93 -18.60 -48.27
CA TYR N 194 46.43 -17.33 -47.76
C TYR N 194 47.48 -17.57 -46.69
N ILE N 195 48.62 -16.87 -46.83
CA ILE N 195 49.77 -16.97 -45.96
C ILE N 195 50.17 -15.56 -45.55
N CYS N 196 50.36 -15.34 -44.25
CA CYS N 196 50.93 -14.09 -43.77
C CYS N 196 52.40 -14.31 -43.48
N ASN N 197 53.24 -13.42 -43.99
CA ASN N 197 54.68 -13.52 -43.84
C ASN N 197 55.10 -12.59 -42.70
N VAL N 198 55.70 -13.16 -41.65
CA VAL N 198 56.20 -12.36 -40.54
C VAL N 198 57.71 -12.59 -40.45
N ASN N 199 58.45 -11.50 -40.38
CA ASN N 199 59.91 -11.50 -40.38
C ASN N 199 60.39 -10.59 -39.27
N HIS N 200 61.10 -11.16 -38.30
CA HIS N 200 61.62 -10.42 -37.15
C HIS N 200 63.13 -10.35 -37.29
N LYS N 201 63.63 -9.17 -37.69
CA LYS N 201 65.06 -9.05 -37.97
C LYS N 201 65.93 -9.20 -36.72
N PRO N 202 65.63 -8.55 -35.58
CA PRO N 202 66.53 -8.69 -34.41
C PRO N 202 66.69 -10.11 -33.93
N SER N 203 65.69 -10.97 -34.11
CA SER N 203 65.75 -12.34 -33.63
C SER N 203 66.12 -13.34 -34.72
N ASN N 204 66.20 -12.91 -35.98
CA ASN N 204 66.54 -13.77 -37.11
C ASN N 204 65.59 -14.98 -37.19
N THR N 205 64.30 -14.67 -37.25
CA THR N 205 63.27 -15.69 -37.35
C THR N 205 62.22 -15.27 -38.37
N LYS N 206 61.82 -16.20 -39.24
CA LYS N 206 60.83 -15.95 -40.27
C LYS N 206 59.77 -17.03 -40.18
N VAL N 207 58.51 -16.62 -40.03
CA VAL N 207 57.38 -17.53 -39.87
C VAL N 207 56.42 -17.34 -41.04
N ASP N 208 55.89 -18.45 -41.57
CA ASP N 208 54.93 -18.45 -42.67
C ASP N 208 53.82 -19.45 -42.30
N LYS N 209 52.77 -19.00 -41.62
CA LYS N 209 51.66 -19.87 -41.29
C LYS N 209 50.36 -19.32 -41.88
N LYS N 210 49.55 -20.24 -42.39
CA LYS N 210 48.23 -19.92 -42.96
C LYS N 210 47.23 -19.53 -41.88
N VAL O 3 89.93 3.21 10.85
CA VAL O 3 88.84 2.35 11.25
C VAL O 3 87.99 2.99 12.33
N VAL O 4 86.69 3.06 12.09
CA VAL O 4 85.73 3.65 13.02
C VAL O 4 85.07 2.53 13.81
N ILE O 5 85.13 2.63 15.14
CA ILE O 5 84.69 1.56 16.03
C ILE O 5 83.43 2.00 16.77
N GLN O 6 82.40 1.17 16.73
CA GLN O 6 81.16 1.41 17.46
C GLN O 6 80.80 0.18 18.29
N GLU O 7 79.98 0.40 19.31
CA GLU O 7 79.38 -0.70 20.03
C GLU O 7 78.53 -1.54 19.07
N SER O 8 78.45 -2.84 19.36
CA SER O 8 77.61 -3.69 18.52
C SER O 8 76.14 -3.58 18.90
N ALA O 9 75.84 -3.44 20.20
CA ALA O 9 74.46 -3.44 20.64
C ALA O 9 74.32 -2.65 21.94
N LEU O 10 73.16 -2.03 22.11
CA LEU O 10 72.79 -1.36 23.35
C LEU O 10 71.31 -1.56 23.58
N THR O 11 70.93 -1.69 24.85
CA THR O 11 69.55 -1.94 25.22
C THR O 11 69.11 -0.89 26.23
N THR O 12 67.81 -0.57 26.23
CA THR O 12 67.27 0.40 27.18
C THR O 12 65.77 0.23 27.29
N SER O 13 65.23 0.76 28.36
CA SER O 13 63.80 0.83 28.57
C SER O 13 63.28 2.22 28.23
N PRO O 14 62.02 2.34 27.84
CA PRO O 14 61.46 3.66 27.52
C PRO O 14 61.58 4.60 28.71
N GLY O 15 62.24 5.73 28.47
CA GLY O 15 62.57 6.67 29.53
C GLY O 15 63.96 6.52 30.08
N GLY O 16 64.72 5.52 29.63
CA GLY O 16 66.10 5.36 30.04
C GLY O 16 67.05 6.16 29.19
N THR O 17 68.33 6.00 29.49
CA THR O 17 69.40 6.72 28.82
C THR O 17 70.34 5.72 28.16
N VAL O 18 70.80 6.04 26.95
CA VAL O 18 71.81 5.26 26.28
C VAL O 18 72.86 6.20 25.70
N ILE O 19 74.12 5.80 25.82
CA ILE O 19 75.24 6.57 25.29
C ILE O 19 75.89 5.73 24.21
N LEU O 20 75.84 6.21 22.97
CA LEU O 20 76.52 5.57 21.85
C LEU O 20 77.86 6.26 21.63
N THR O 21 78.94 5.47 21.65
CA THR O 21 80.27 5.97 21.39
C THR O 21 80.65 5.70 19.94
N CYS O 22 81.64 6.45 19.46
CA CYS O 22 82.17 6.30 18.11
C CYS O 22 83.67 6.56 18.19
N ARG O 23 84.46 5.49 18.18
CA ARG O 23 85.90 5.59 18.40
C ARG O 23 86.67 5.47 17.10
N SER O 24 87.82 6.14 17.07
CA SER O 24 88.73 6.10 15.93
C SER O 24 89.97 5.29 16.30
N SER O 25 90.40 4.42 15.40
CA SER O 25 91.64 3.68 15.63
C SER O 25 92.88 4.54 15.44
N THR O 26 92.75 5.73 14.85
CA THR O 26 93.88 6.60 14.55
C THR O 26 94.19 7.60 15.65
N GLY O 27 93.34 7.72 16.66
CA GLY O 27 93.62 8.62 17.76
C GLY O 27 92.43 9.43 18.25
N THR O 28 92.72 10.64 18.74
CA THR O 28 91.68 11.47 19.33
C THR O 28 90.82 12.12 18.24
N ILE O 29 89.52 12.14 18.48
CA ILE O 29 88.58 12.77 17.57
C ILE O 29 88.32 14.20 18.04
N THR O 30 88.39 15.13 17.10
CA THR O 30 88.09 16.53 17.33
C THR O 30 86.86 16.92 16.53
N THR O 31 86.48 18.19 16.59
CA THR O 31 85.33 18.63 15.81
C THR O 31 85.63 18.71 14.33
N SER O 32 86.90 18.88 13.94
CA SER O 32 87.25 18.86 12.52
C SER O 32 87.11 17.47 11.91
N ASN O 33 86.71 16.47 12.70
CA ASN O 33 86.35 15.16 12.18
C ASN O 33 84.87 15.07 11.81
N TYR O 34 84.06 16.06 12.21
CA TYR O 34 82.67 16.20 11.78
C TYR O 34 81.88 14.90 11.93
N ALA O 35 81.70 14.50 13.18
CA ALA O 35 80.99 13.25 13.46
C ALA O 35 79.56 13.34 12.97
N ASN O 36 79.20 12.44 12.05
CA ASN O 36 77.87 12.37 11.47
C ASN O 36 77.17 11.13 11.97
N TRP O 37 75.96 11.30 12.49
CA TRP O 37 75.19 10.18 13.01
C TRP O 37 73.97 9.96 12.12
N VAL O 38 73.84 8.75 11.59
CA VAL O 38 72.77 8.38 10.67
C VAL O 38 71.97 7.24 11.29
N GLN O 39 70.65 7.39 11.30
CA GLN O 39 69.73 6.40 11.83
C GLN O 39 69.15 5.56 10.69
N LYS O 40 68.91 4.28 10.97
CA LYS O 40 68.34 3.36 9.98
C LYS O 40 67.37 2.42 10.67
N LYS O 41 66.10 2.62 10.44
CA LYS O 41 65.07 1.71 10.88
C LYS O 41 64.56 0.89 9.70
N PRO O 42 64.13 -0.35 9.93
CA PRO O 42 63.62 -1.17 8.84
C PRO O 42 62.41 -0.53 8.17
N ASN O 43 62.33 -0.70 6.85
CA ASN O 43 61.27 -0.12 6.02
C ASN O 43 61.28 1.41 6.04
N HIS O 44 62.40 2.01 6.44
CA HIS O 44 62.57 3.46 6.44
C HIS O 44 63.95 3.77 5.88
N VAL O 45 64.04 4.92 5.21
CA VAL O 45 65.30 5.33 4.62
C VAL O 45 66.29 5.77 5.70
N PHE O 46 67.56 5.77 5.34
CA PHE O 46 68.58 6.34 6.20
C PHE O 46 68.28 7.82 6.46
N THR O 47 68.59 8.27 7.67
CA THR O 47 68.31 9.65 8.07
C THR O 47 69.49 10.19 8.87
N GLY O 48 69.96 11.37 8.48
CA GLY O 48 71.00 12.04 9.24
C GLY O 48 70.46 12.80 10.43
N LEU O 49 70.72 12.30 11.63
CA LEU O 49 70.19 12.92 12.85
C LEU O 49 71.11 14.01 13.37
N ILE O 50 72.41 13.71 13.52
CA ILE O 50 73.38 14.65 14.04
C ILE O 50 74.50 14.82 13.01
N GLY O 51 74.81 16.07 12.67
CA GLY O 51 75.94 16.37 11.83
C GLY O 51 76.82 17.41 12.51
N ALA O 52 78.09 17.42 12.10
CA ALA O 52 79.10 18.30 12.69
C ALA O 52 79.11 18.18 14.21
N THR O 53 79.26 16.93 14.67
CA THR O 53 79.38 16.58 16.09
C THR O 53 78.10 16.82 16.89
N SER O 54 77.46 17.97 16.73
CA SER O 54 76.35 18.31 17.63
C SER O 54 75.13 18.93 16.97
N ILE O 55 75.17 19.34 15.71
CA ILE O 55 74.04 20.02 15.09
C ILE O 55 72.98 18.98 14.70
N ARG O 56 71.74 19.22 15.10
CA ARG O 56 70.64 18.31 14.81
C ARG O 56 69.96 18.67 13.50
N ALA O 57 69.37 17.67 12.86
CA ALA O 57 68.48 17.91 11.74
C ALA O 57 67.19 18.57 12.23
N PRO O 58 66.46 19.25 11.35
CA PRO O 58 65.29 20.04 11.82
C PRO O 58 64.24 19.24 12.57
N GLY O 59 63.99 18.00 12.18
CA GLY O 59 62.96 17.20 12.79
C GLY O 59 63.39 16.24 13.88
N VAL O 60 64.66 16.30 14.32
CA VAL O 60 65.15 15.38 15.34
C VAL O 60 64.69 15.87 16.71
N PRO O 61 64.15 14.99 17.55
CA PRO O 61 63.80 15.41 18.92
C PRO O 61 65.03 15.83 19.72
N VAL O 62 64.81 16.75 20.66
CA VAL O 62 65.92 17.28 21.46
C VAL O 62 66.47 16.25 22.44
N ARG O 63 65.79 15.12 22.62
CA ARG O 63 66.34 14.07 23.47
C ARG O 63 67.58 13.42 22.87
N PHE O 64 67.94 13.76 21.63
CA PHE O 64 69.21 13.36 21.06
C PHE O 64 70.23 14.46 21.28
N SER O 65 71.48 14.04 21.52
CA SER O 65 72.57 15.00 21.77
C SER O 65 73.89 14.39 21.34
N GLY O 66 74.69 15.17 20.64
CA GLY O 66 76.01 14.74 20.21
C GLY O 66 77.09 15.65 20.78
N PHE O 67 78.19 15.04 21.21
CA PHE O 67 79.30 15.79 21.79
C PHE O 67 80.54 14.90 21.77
N LEU O 68 81.67 15.47 22.18
CA LEU O 68 82.95 14.77 22.22
C LEU O 68 83.37 14.54 23.66
N ILE O 69 83.87 13.34 23.94
CA ILE O 69 84.35 12.97 25.27
C ILE O 69 85.50 11.98 25.12
N GLY O 70 86.55 12.19 25.90
CA GLY O 70 87.65 11.23 25.95
C GLY O 70 88.21 10.85 24.60
N GLY O 71 88.26 11.80 23.67
CA GLY O 71 88.75 11.53 22.34
C GLY O 71 87.80 10.78 21.43
N LYS O 72 86.57 10.55 21.85
CA LYS O 72 85.58 9.83 21.06
C LYS O 72 84.35 10.70 20.85
N ALA O 73 83.57 10.36 19.84
CA ALA O 73 82.32 11.05 19.57
C ALA O 73 81.18 10.30 20.25
N ALA O 74 80.22 11.07 20.76
CA ALA O 74 79.14 10.49 21.54
C ALA O 74 77.79 10.93 20.99
N LEU O 75 76.79 10.06 21.17
CA LEU O 75 75.41 10.38 20.87
C LEU O 75 74.57 9.84 22.01
N THR O 76 74.05 10.72 22.85
CA THR O 76 73.25 10.32 24.00
C THR O 76 71.77 10.46 23.67
N ILE O 77 70.98 9.50 24.13
CA ILE O 77 69.53 9.51 24.00
C ILE O 77 68.96 9.53 25.41
N THR O 78 68.50 10.69 25.86
CA THR O 78 67.93 10.84 27.19
C THR O 78 66.42 10.60 27.12
N GLY O 79 65.96 9.56 27.81
CA GLY O 79 64.56 9.19 27.72
C GLY O 79 64.24 8.53 26.40
N ALA O 80 64.95 7.46 26.07
CA ALA O 80 64.78 6.79 24.79
C ALA O 80 63.37 6.25 24.62
N GLN O 81 62.92 6.19 23.37
CA GLN O 81 61.57 5.76 23.05
C GLN O 81 61.61 4.56 22.10
N THR O 82 60.46 3.88 22.01
CA THR O 82 60.30 2.81 21.03
C THR O 82 60.62 3.30 19.62
N GLU O 83 60.27 4.54 19.32
CA GLU O 83 60.61 5.15 18.04
C GLU O 83 62.12 5.17 17.80
N ASP O 84 62.94 5.12 18.86
CA ASP O 84 64.38 5.18 18.71
C ASP O 84 65.02 3.81 18.51
N ASP O 85 64.24 2.74 18.50
CA ASP O 85 64.76 1.40 18.24
C ASP O 85 65.18 1.32 16.78
N ALA O 86 66.48 1.34 16.54
CA ALA O 86 67.01 1.43 15.18
C ALA O 86 68.47 1.05 15.17
N MET O 87 69.07 1.13 13.98
CA MET O 87 70.51 1.00 13.80
C MET O 87 71.12 2.38 13.67
N TYR O 88 72.30 2.57 14.28
CA TYR O 88 72.94 3.87 14.32
C TYR O 88 74.37 3.73 13.80
N PHE O 89 74.69 4.47 12.75
CA PHE O 89 76.03 4.53 12.18
C PHE O 89 76.61 5.92 12.42
N CYS O 90 77.90 5.96 12.72
CA CYS O 90 78.64 7.22 12.77
C CYS O 90 79.64 7.27 11.63
N ALA O 91 79.87 8.48 11.12
CA ALA O 91 80.81 8.71 10.03
C ALA O 91 81.75 9.83 10.44
N LEU O 92 83.05 9.61 10.23
CA LEU O 92 84.07 10.57 10.60
C LEU O 92 84.77 11.10 9.36
N TRP O 93 85.14 12.37 9.40
CA TRP O 93 85.79 13.05 8.28
C TRP O 93 87.28 13.15 8.56
N TYR O 94 88.09 12.58 7.67
CA TYR O 94 89.54 12.60 7.80
C TYR O 94 90.12 13.46 6.68
N ASN O 95 89.90 14.77 6.78
CA ASN O 95 90.39 15.76 5.82
C ASN O 95 89.81 15.59 4.43
N THR O 96 89.86 14.37 3.88
CA THR O 96 89.49 14.14 2.49
C THR O 96 88.29 13.22 2.32
N HIS O 97 87.92 12.42 3.31
CA HIS O 97 86.92 11.38 3.09
C HIS O 97 86.16 11.11 4.38
N TYR O 98 84.97 10.54 4.21
CA TYR O 98 84.18 10.02 5.33
C TYR O 98 84.43 8.53 5.45
N VAL O 99 84.44 8.04 6.68
CA VAL O 99 84.51 6.61 6.96
C VAL O 99 83.43 6.24 7.96
N PHE O 100 82.61 5.25 7.61
CA PHE O 100 81.51 4.80 8.45
C PHE O 100 81.98 3.76 9.47
N GLY O 101 81.22 3.66 10.55
CA GLY O 101 81.41 2.60 11.52
C GLY O 101 80.60 1.37 11.17
N GLY O 102 80.76 0.33 11.99
CA GLY O 102 80.02 -0.90 11.78
C GLY O 102 78.56 -0.85 12.15
N GLY O 103 78.13 0.22 12.80
CA GLY O 103 76.75 0.35 13.24
C GLY O 103 76.58 -0.07 14.68
N THR O 104 75.53 0.47 15.32
CA THR O 104 75.16 0.11 16.68
C THR O 104 73.66 -0.13 16.73
N LYS O 105 73.26 -1.35 17.04
CA LYS O 105 71.85 -1.68 17.17
C LYS O 105 71.35 -1.26 18.55
N VAL O 106 70.31 -0.42 18.60
CA VAL O 106 69.71 0.02 19.84
C VAL O 106 68.33 -0.61 19.94
N THR O 107 68.15 -1.50 20.92
CA THR O 107 66.89 -2.18 21.16
C THR O 107 66.21 -1.58 22.39
N VAL O 108 64.99 -1.08 22.20
CA VAL O 108 64.21 -0.48 23.28
C VAL O 108 63.23 -1.52 23.81
N LEU O 109 63.39 -1.90 25.06
CA LEU O 109 62.58 -2.98 25.62
C LEU O 109 61.16 -2.50 25.89
N GLY O 110 60.26 -3.46 26.01
CA GLY O 110 58.87 -3.16 26.32
C GLY O 110 57.87 -4.06 25.63
N GLN O 111 57.97 -4.19 24.31
CA GLN O 111 56.99 -4.95 23.56
C GLN O 111 57.05 -6.42 23.95
N PRO O 112 55.91 -7.08 24.14
CA PRO O 112 55.91 -8.43 24.70
C PRO O 112 56.50 -9.44 23.72
N LYS O 113 56.99 -10.53 24.29
CA LYS O 113 57.59 -11.60 23.50
C LYS O 113 56.50 -12.37 22.76
N ALA O 114 56.78 -12.69 21.49
CA ALA O 114 55.87 -13.45 20.64
C ALA O 114 56.63 -14.60 20.01
N ALA O 115 56.08 -15.81 20.14
CA ALA O 115 56.76 -16.98 19.60
C ALA O 115 56.57 -17.05 18.09
N PRO O 116 57.58 -17.56 17.37
CA PRO O 116 57.46 -17.68 15.91
C PRO O 116 56.52 -18.79 15.50
N SER O 117 55.77 -18.56 14.42
CA SER O 117 54.89 -19.56 13.82
C SER O 117 55.60 -20.14 12.60
N VAL O 118 56.12 -21.34 12.74
CA VAL O 118 56.96 -21.96 11.71
C VAL O 118 56.11 -22.78 10.75
N THR O 119 56.41 -22.64 9.47
CA THR O 119 55.76 -23.39 8.40
C THR O 119 56.86 -23.82 7.43
N LEU O 120 57.12 -25.12 7.33
CA LEU O 120 58.14 -25.65 6.44
C LEU O 120 57.49 -26.38 5.28
N PHE O 121 57.97 -26.09 4.07
CA PHE O 121 57.43 -26.63 2.83
C PHE O 121 58.40 -27.62 2.21
N PRO O 122 57.94 -28.81 1.83
CA PRO O 122 58.79 -29.71 1.06
C PRO O 122 58.84 -29.27 -0.39
N PRO O 123 59.82 -29.75 -1.16
CA PRO O 123 59.86 -29.39 -2.59
C PRO O 123 58.62 -29.88 -3.30
N SER O 124 57.84 -28.95 -3.84
CA SER O 124 56.70 -29.32 -4.66
C SER O 124 57.18 -30.06 -5.90
N SER O 125 56.26 -30.75 -6.56
CA SER O 125 56.73 -31.64 -7.60
C SER O 125 57.06 -30.93 -8.90
N GLU O 126 56.61 -29.68 -9.11
CA GLU O 126 57.11 -28.97 -10.28
C GLU O 126 58.59 -28.60 -10.13
N GLU O 127 59.10 -28.51 -8.91
CA GLU O 127 60.53 -28.29 -8.73
C GLU O 127 61.33 -29.55 -9.06
N LEU O 128 60.87 -30.70 -8.56
CA LEU O 128 61.53 -31.96 -8.90
C LEU O 128 61.42 -32.28 -10.38
N GLN O 129 60.37 -31.79 -11.05
CA GLN O 129 60.27 -32.07 -12.48
C GLN O 129 61.24 -31.25 -13.31
N ALA O 130 61.92 -30.27 -12.70
CA ALA O 130 63.03 -29.58 -13.34
C ALA O 130 64.37 -29.99 -12.75
N ASN O 131 64.39 -31.07 -11.95
CA ASN O 131 65.62 -31.61 -11.35
C ASN O 131 66.27 -30.58 -10.42
N LYS O 132 65.50 -30.16 -9.41
CA LYS O 132 65.97 -29.23 -8.39
C LYS O 132 65.01 -29.20 -7.21
N ALA O 133 65.47 -29.58 -6.03
CA ALA O 133 64.64 -29.64 -4.83
C ALA O 133 65.17 -28.64 -3.81
N THR O 134 64.35 -27.66 -3.45
CA THR O 134 64.72 -26.67 -2.45
C THR O 134 63.64 -26.59 -1.37
N LEU O 135 64.06 -26.57 -0.11
CA LEU O 135 63.15 -26.54 1.02
C LEU O 135 62.84 -25.11 1.43
N VAL O 136 61.60 -24.88 1.87
CA VAL O 136 61.08 -23.54 2.19
C VAL O 136 60.64 -23.53 3.64
N CYS O 137 61.42 -22.87 4.50
CA CYS O 137 61.06 -22.72 5.91
C CYS O 137 60.66 -21.29 6.20
N LEU O 138 59.41 -21.10 6.61
CA LEU O 138 58.86 -19.80 6.95
C LEU O 138 58.90 -19.60 8.46
N ILE O 139 59.26 -18.38 8.88
CA ILE O 139 59.27 -18.00 10.29
C ILE O 139 58.57 -16.65 10.37
N SER O 140 57.39 -16.62 10.99
CA SER O 140 56.52 -15.46 10.97
C SER O 140 56.18 -14.99 12.38
N ASP O 141 55.83 -13.70 12.47
CA ASP O 141 55.31 -13.05 13.67
C ASP O 141 56.00 -13.48 14.96
N PHE O 142 57.15 -12.87 15.24
CA PHE O 142 57.89 -13.17 16.45
C PHE O 142 58.65 -11.91 16.88
N TYR O 143 58.85 -11.77 18.19
CA TYR O 143 59.60 -10.67 18.75
C TYR O 143 60.36 -11.17 19.98
N PRO O 144 61.62 -10.77 20.18
CA PRO O 144 62.42 -9.88 19.31
C PRO O 144 62.90 -10.57 18.03
N GLY O 145 63.44 -9.79 17.10
CA GLY O 145 63.84 -10.29 15.79
C GLY O 145 65.20 -10.94 15.75
N ALA O 146 65.59 -11.59 16.84
CA ALA O 146 66.87 -12.30 16.94
C ALA O 146 66.57 -13.78 16.92
N VAL O 147 66.95 -14.46 15.85
CA VAL O 147 66.55 -15.85 15.66
C VAL O 147 67.64 -16.60 14.92
N THR O 148 67.92 -17.80 15.42
CA THR O 148 68.87 -18.75 14.83
C THR O 148 68.08 -19.83 14.11
N VAL O 149 68.54 -20.23 12.93
CA VAL O 149 67.93 -21.36 12.23
C VAL O 149 69.02 -22.34 11.81
N ALA O 150 68.76 -23.62 12.05
CA ALA O 150 69.64 -24.72 11.68
C ALA O 150 68.81 -25.83 11.03
N TRP O 151 69.35 -26.46 10.00
CA TRP O 151 68.68 -27.57 9.35
C TRP O 151 69.28 -28.89 9.82
N LYS O 152 68.52 -29.96 9.64
CA LYS O 152 68.93 -31.29 10.09
C LYS O 152 68.53 -32.31 9.05
N ALA O 153 69.52 -32.92 8.39
CA ALA O 153 69.27 -34.03 7.48
C ALA O 153 69.08 -35.29 8.33
N ASP O 154 67.83 -35.72 8.46
CA ASP O 154 67.45 -36.80 9.37
C ASP O 154 67.87 -36.47 10.79
N SER O 155 69.09 -36.84 11.17
CA SER O 155 69.69 -36.40 12.42
C SER O 155 71.10 -35.85 12.25
N SER O 156 71.59 -35.74 11.02
CA SER O 156 72.85 -35.06 10.70
C SER O 156 72.61 -33.57 10.54
N PRO O 157 73.57 -32.73 10.94
CA PRO O 157 73.39 -31.28 10.75
C PRO O 157 73.81 -30.85 9.35
N VAL O 158 73.07 -29.90 8.79
CA VAL O 158 73.34 -29.36 7.47
C VAL O 158 73.83 -27.93 7.62
N LYS O 159 74.98 -27.62 7.01
CA LYS O 159 75.52 -26.27 6.99
C LYS O 159 75.83 -25.76 5.60
N ALA O 160 75.83 -26.64 4.59
CA ALA O 160 76.04 -26.25 3.20
C ALA O 160 74.73 -26.33 2.44
N GLY O 161 74.60 -25.49 1.41
CA GLY O 161 73.35 -25.42 0.68
C GLY O 161 72.22 -24.82 1.49
N VAL O 162 72.52 -23.92 2.42
CA VAL O 162 71.53 -23.29 3.28
C VAL O 162 71.61 -21.78 3.10
N GLU O 163 70.45 -21.13 3.11
CA GLU O 163 70.40 -19.68 2.96
C GLU O 163 69.22 -19.13 3.76
N THR O 164 69.51 -18.22 4.70
CA THR O 164 68.53 -17.63 5.60
C THR O 164 68.55 -16.12 5.47
N THR O 165 67.37 -15.52 5.40
CA THR O 165 67.29 -14.06 5.35
C THR O 165 67.47 -13.46 6.74
N THR O 166 67.82 -12.18 6.76
CA THR O 166 67.81 -11.43 7.99
C THR O 166 66.37 -11.09 8.37
N PRO O 167 66.01 -11.23 9.64
CA PRO O 167 64.62 -10.97 10.05
C PRO O 167 64.16 -9.56 9.68
N SER O 168 62.91 -9.48 9.21
CA SER O 168 62.31 -8.28 8.65
C SER O 168 61.07 -7.93 9.45
N LYS O 169 60.85 -6.64 9.67
CA LYS O 169 59.61 -6.22 10.33
C LYS O 169 58.43 -6.42 9.39
N GLN O 170 57.28 -6.75 9.98
CA GLN O 170 56.08 -7.06 9.23
C GLN O 170 55.10 -5.88 9.22
N SER O 171 53.85 -6.16 8.85
CA SER O 171 52.72 -5.26 8.98
C SER O 171 52.36 -4.99 10.44
N ASN O 172 53.08 -5.62 11.37
CA ASN O 172 52.64 -5.75 12.75
C ASN O 172 53.72 -5.37 13.77
N ASN O 173 54.80 -4.73 13.34
CA ASN O 173 55.97 -4.44 14.18
C ASN O 173 56.65 -5.74 14.62
N LYS O 174 56.03 -6.88 14.35
CA LYS O 174 56.65 -8.18 14.57
C LYS O 174 57.54 -8.52 13.38
N TYR O 175 58.53 -9.38 13.63
CA TYR O 175 59.49 -9.70 12.61
C TYR O 175 59.07 -10.94 11.82
N ALA O 176 59.81 -11.21 10.75
CA ALA O 176 59.59 -12.38 9.91
C ALA O 176 60.88 -12.75 9.22
N ALA O 177 61.09 -14.05 9.02
CA ALA O 177 62.31 -14.54 8.39
C ALA O 177 61.98 -15.72 7.49
N SER O 178 62.98 -16.16 6.73
CA SER O 178 62.83 -17.24 5.77
C SER O 178 64.18 -17.95 5.64
N SER O 179 64.13 -19.25 5.34
CA SER O 179 65.36 -19.97 5.06
C SER O 179 65.11 -21.05 4.03
N TYR O 180 66.16 -21.35 3.26
CA TYR O 180 66.08 -22.25 2.12
C TYR O 180 67.19 -23.27 2.22
N LEU O 181 66.85 -24.53 1.99
CA LEU O 181 67.82 -25.62 1.89
C LEU O 181 67.79 -26.13 0.46
N SER O 182 68.66 -25.55 -0.38
CA SER O 182 68.82 -26.06 -1.73
C SER O 182 69.40 -27.47 -1.69
N LEU O 183 68.87 -28.35 -2.53
CA LEU O 183 69.16 -29.76 -2.44
C LEU O 183 69.13 -30.36 -3.84
N THR O 184 69.66 -31.53 -3.95
CA THR O 184 69.43 -32.18 -5.23
C THR O 184 68.38 -33.26 -5.08
N PRO O 185 67.60 -33.52 -6.15
CA PRO O 185 66.48 -34.47 -6.02
C PRO O 185 66.86 -35.86 -5.53
N GLU O 186 68.11 -36.29 -5.68
CA GLU O 186 68.45 -37.64 -5.24
C GLU O 186 68.69 -37.70 -3.73
N GLN O 187 69.29 -36.66 -3.13
CA GLN O 187 69.41 -36.64 -1.68
C GLN O 187 68.12 -36.33 -0.97
N TRP O 188 67.14 -35.75 -1.64
CA TRP O 188 65.86 -35.59 -1.00
C TRP O 188 65.28 -36.94 -0.64
N LYS O 189 65.26 -37.86 -1.61
CA LYS O 189 64.71 -39.19 -1.43
C LYS O 189 65.65 -40.14 -0.70
N SER O 190 66.88 -39.70 -0.40
CA SER O 190 67.83 -40.56 0.29
C SER O 190 67.50 -40.72 1.77
N HIS O 191 67.13 -39.63 2.43
CA HIS O 191 67.02 -39.60 3.89
C HIS O 191 65.57 -39.83 4.33
N ARG O 192 65.42 -40.11 5.62
CA ARG O 192 64.09 -40.38 6.19
C ARG O 192 63.27 -39.11 6.33
N SER O 193 63.92 -37.96 6.55
CA SER O 193 63.23 -36.72 6.85
C SER O 193 64.24 -35.58 6.82
N TYR O 194 63.73 -34.36 6.90
CA TYR O 194 64.56 -33.14 6.95
C TYR O 194 63.89 -32.13 7.87
N SER O 195 64.68 -31.55 8.77
CA SER O 195 64.17 -30.71 9.85
C SER O 195 64.52 -29.24 9.65
N CYS O 196 63.59 -28.35 10.04
CA CYS O 196 63.86 -26.92 10.19
C CYS O 196 63.89 -26.61 11.68
N GLN O 197 65.09 -26.36 12.21
CA GLN O 197 65.31 -26.14 13.63
C GLN O 197 65.60 -24.66 13.85
N VAL O 198 64.65 -23.96 14.46
CA VAL O 198 64.77 -22.52 14.69
C VAL O 198 64.68 -22.27 16.19
N THR O 199 65.67 -21.55 16.74
CA THR O 199 65.72 -21.26 18.17
C THR O 199 65.48 -19.78 18.38
N HIS O 200 64.51 -19.47 19.25
CA HIS O 200 64.08 -18.10 19.50
C HIS O 200 64.12 -17.85 20.99
N GLU O 201 65.07 -17.03 21.44
CA GLU O 201 65.22 -16.68 22.86
C GLU O 201 65.31 -17.92 23.73
N GLY O 202 66.11 -18.89 23.29
CA GLY O 202 66.33 -20.12 24.02
C GLY O 202 65.30 -21.20 23.82
N SER O 203 64.13 -20.87 23.25
CA SER O 203 63.08 -21.84 23.01
C SER O 203 63.17 -22.32 21.56
N THR O 204 63.54 -23.59 21.39
CA THR O 204 63.74 -24.17 20.07
C THR O 204 62.44 -24.81 19.60
N VAL O 205 61.94 -24.36 18.45
CA VAL O 205 60.79 -24.98 17.80
C VAL O 205 61.22 -25.50 16.43
N GLU O 206 60.69 -26.65 16.06
CA GLU O 206 61.12 -27.30 14.82
C GLU O 206 59.96 -28.02 14.16
N LYS O 207 60.03 -28.10 12.83
CA LYS O 207 59.12 -28.89 12.02
C LYS O 207 59.93 -29.68 11.00
N THR O 208 59.45 -30.87 10.66
CA THR O 208 60.25 -31.73 9.74
C THR O 208 59.37 -32.26 8.61
N VAL O 209 59.98 -32.54 7.44
CA VAL O 209 59.23 -33.13 6.29
C VAL O 209 59.84 -34.47 5.86
N ALA O 210 59.05 -35.27 5.16
CA ALA O 210 59.47 -36.61 4.72
C ALA O 210 59.44 -36.73 3.19
N PRO O 211 60.34 -37.52 2.59
CA PRO O 211 60.33 -37.70 1.14
C PRO O 211 59.09 -38.54 0.80
N THR O 212 58.11 -37.96 0.09
CA THR O 212 56.87 -38.72 -0.21
C THR O 212 56.04 -38.15 -1.37
N GLU O 213 55.23 -39.03 -1.95
CA GLU O 213 54.21 -38.98 -2.99
C GLU O 213 52.95 -39.67 -2.49
N CYS O 214 51.80 -39.16 -2.91
CA CYS O 214 50.54 -39.71 -2.43
C CYS O 214 49.42 -39.49 -3.44
N SER O 215 48.29 -40.16 -3.19
CA SER O 215 47.19 -40.35 -4.15
C SER O 215 47.71 -40.86 -5.48
N GLU P 1 59.86 19.40 4.00
CA GLU P 1 60.23 17.99 4.02
C GLU P 1 61.29 17.71 2.97
N VAL P 2 62.51 17.46 3.43
CA VAL P 2 63.61 17.15 2.52
C VAL P 2 63.33 15.82 1.84
N GLN P 3 63.49 15.79 0.51
CA GLN P 3 63.29 14.58 -0.26
C GLN P 3 64.41 14.44 -1.27
N LEU P 4 64.94 13.23 -1.41
CA LEU P 4 65.97 12.92 -2.40
C LEU P 4 65.56 11.68 -3.16
N VAL P 5 65.62 11.75 -4.49
CA VAL P 5 65.20 10.68 -5.38
C VAL P 5 66.36 10.36 -6.32
N GLU P 6 66.90 9.15 -6.20
CA GLU P 6 67.98 8.71 -7.08
C GLU P 6 67.41 7.98 -8.29
N SER P 7 68.18 8.00 -9.37
CA SER P 7 67.85 7.26 -10.58
C SER P 7 69.11 7.00 -11.37
N GLY P 8 69.07 5.95 -12.18
CA GLY P 8 70.20 5.53 -12.99
C GLY P 8 70.67 4.13 -12.72
N GLY P 9 70.12 3.46 -11.71
CA GLY P 9 70.52 2.11 -11.42
C GLY P 9 70.11 1.15 -12.53
N GLY P 10 70.72 -0.04 -12.48
CA GLY P 10 70.45 -1.04 -13.49
C GLY P 10 71.60 -2.04 -13.55
N LEU P 11 71.49 -2.93 -14.52
CA LEU P 11 72.48 -3.97 -14.74
C LEU P 11 73.40 -3.54 -15.88
N VAL P 12 74.70 -3.51 -15.62
CA VAL P 12 75.69 -3.14 -16.63
C VAL P 12 76.84 -4.14 -16.59
N GLN P 13 77.41 -4.40 -17.75
CA GLN P 13 78.59 -5.25 -17.83
C GLN P 13 79.81 -4.51 -17.30
N PRO P 14 80.77 -5.23 -16.72
CA PRO P 14 82.03 -4.57 -16.34
C PRO P 14 82.67 -3.90 -17.53
N GLY P 15 83.04 -2.63 -17.36
CA GLY P 15 83.59 -1.81 -18.41
C GLY P 15 82.64 -0.72 -18.88
N GLY P 16 81.34 -0.92 -18.71
CA GLY P 16 80.36 0.07 -19.10
C GLY P 16 80.36 1.30 -18.21
N SER P 17 79.63 2.30 -18.65
CA SER P 17 79.50 3.57 -17.94
C SER P 17 78.05 3.77 -17.54
N LEU P 18 77.85 4.56 -16.48
CA LEU P 18 76.51 4.82 -15.96
C LEU P 18 76.54 6.16 -15.25
N ARG P 19 75.46 6.93 -15.41
CA ARG P 19 75.33 8.25 -14.80
C ARG P 19 74.13 8.24 -13.87
N LEU P 20 74.39 8.35 -12.57
CA LEU P 20 73.33 8.44 -11.58
C LEU P 20 72.90 9.89 -11.42
N SER P 21 71.63 10.09 -11.10
CA SER P 21 71.08 11.41 -10.86
C SER P 21 70.26 11.40 -9.59
N CYS P 22 70.25 12.53 -8.90
CA CYS P 22 69.53 12.68 -7.65
C CYS P 22 68.71 13.96 -7.70
N ALA P 23 67.38 13.83 -7.74
CA ALA P 23 66.49 14.98 -7.72
C ALA P 23 66.23 15.40 -6.28
N ALA P 24 66.48 16.66 -5.98
CA ALA P 24 66.35 17.19 -4.63
C ALA P 24 65.12 18.10 -4.51
N SER P 25 64.52 18.10 -3.33
CA SER P 25 63.29 18.85 -3.07
C SER P 25 63.19 19.07 -1.57
N GLY P 26 62.42 20.09 -1.20
CA GLY P 26 62.10 20.31 0.20
C GLY P 26 63.10 21.12 0.99
N PHE P 27 64.13 21.66 0.34
CA PHE P 27 65.12 22.49 1.02
C PHE P 27 65.83 23.32 -0.03
N ILE P 28 66.59 24.31 0.43
CA ILE P 28 67.40 25.12 -0.47
C ILE P 28 68.61 24.27 -0.87
N PHE P 29 68.62 23.81 -2.12
CA PHE P 29 69.61 22.82 -2.56
C PHE P 29 71.02 23.40 -2.55
N SER P 30 71.16 24.67 -2.91
CA SER P 30 72.48 25.31 -2.98
C SER P 30 73.03 25.71 -1.62
N SER P 31 72.44 25.22 -0.53
CA SER P 31 72.89 25.57 0.82
C SER P 31 73.85 24.57 1.40
N ASP P 32 73.64 23.28 1.13
CA ASP P 32 74.36 22.22 1.82
C ASP P 32 75.35 21.54 0.88
N TRP P 33 76.24 20.75 1.49
CA TRP P 33 76.98 19.78 0.70
C TRP P 33 76.06 18.62 0.34
N MET P 34 76.47 17.84 -0.65
CA MET P 34 75.73 16.67 -1.07
C MET P 34 76.70 15.49 -1.17
N ASN P 35 76.25 14.33 -0.70
CA ASN P 35 77.10 13.14 -0.61
C ASN P 35 76.50 12.01 -1.43
N TRP P 36 77.38 11.19 -1.98
CA TRP P 36 77.02 9.91 -2.58
C TRP P 36 77.53 8.81 -1.66
N VAL P 37 76.64 7.92 -1.23
CA VAL P 37 77.00 6.80 -0.37
C VAL P 37 76.55 5.52 -1.07
N ARG P 38 77.28 4.43 -0.82
CA ARG P 38 76.90 3.14 -1.38
C ARG P 38 77.04 2.07 -0.32
N GLN P 39 76.37 0.94 -0.55
CA GLN P 39 76.35 -0.18 0.39
C GLN P 39 76.27 -1.47 -0.42
N ALA P 40 77.38 -2.20 -0.50
CA ALA P 40 77.39 -3.45 -1.24
C ALA P 40 76.52 -4.49 -0.54
N PRO P 41 76.02 -5.48 -1.28
CA PRO P 41 75.24 -6.55 -0.64
C PRO P 41 76.03 -7.24 0.44
N GLY P 42 75.46 -7.26 1.65
CA GLY P 42 76.06 -7.91 2.80
C GLY P 42 77.12 -7.11 3.52
N LYS P 43 77.74 -6.12 2.88
CA LYS P 43 78.78 -5.34 3.50
C LYS P 43 78.19 -4.10 4.18
N GLY P 44 79.06 -3.25 4.72
CA GLY P 44 78.66 -2.04 5.39
C GLY P 44 78.65 -0.83 4.46
N LEU P 45 78.38 0.34 5.05
CA LEU P 45 78.31 1.56 4.27
C LEU P 45 79.69 2.09 3.94
N GLU P 46 79.84 2.55 2.69
CA GLU P 46 81.10 3.10 2.20
C GLU P 46 80.81 4.43 1.54
N TRP P 47 81.27 5.52 2.16
CA TRP P 47 81.14 6.84 1.57
C TRP P 47 81.90 6.89 0.26
N VAL P 48 81.28 7.51 -0.74
CA VAL P 48 81.82 7.55 -2.10
C VAL P 48 82.38 8.92 -2.46
N ALA P 49 81.53 9.94 -2.46
CA ALA P 49 81.96 11.25 -2.92
C ALA P 49 81.07 12.33 -2.30
N ASN P 50 81.55 13.56 -2.35
CA ASN P 50 80.78 14.72 -1.94
C ASN P 50 81.20 15.92 -2.75
N ILE P 51 80.46 17.02 -2.60
CA ILE P 51 80.71 18.24 -3.35
C ILE P 51 80.12 19.40 -2.55
N ASN P 52 80.82 20.54 -2.56
CA ASN P 52 80.34 21.70 -1.84
C ASN P 52 79.26 22.42 -2.64
N GLN P 53 78.98 23.67 -2.29
CA GLN P 53 77.84 24.37 -2.88
C GLN P 53 78.11 24.78 -4.32
N ASP P 54 79.25 25.40 -4.59
CA ASP P 54 79.58 25.93 -5.90
C ASP P 54 80.44 24.99 -6.73
N GLY P 55 80.67 23.77 -6.26
CA GLY P 55 81.55 22.85 -6.95
C GLY P 55 83.02 23.14 -6.80
N SER P 56 83.39 24.07 -5.91
CA SER P 56 84.79 24.42 -5.76
C SER P 56 85.63 23.26 -5.23
N GLU P 57 85.04 22.39 -4.41
CA GLU P 57 85.75 21.28 -3.80
C GLU P 57 84.95 20.00 -3.98
N LYS P 58 85.59 18.97 -4.53
CA LYS P 58 85.05 17.63 -4.64
C LYS P 58 86.03 16.65 -4.04
N TYR P 59 85.51 15.64 -3.35
CA TYR P 59 86.34 14.62 -2.74
C TYR P 59 85.76 13.24 -3.05
N TYR P 60 86.65 12.27 -3.24
CA TYR P 60 86.28 10.91 -3.58
C TYR P 60 87.04 9.93 -2.69
N VAL P 61 86.40 8.79 -2.41
CA VAL P 61 87.12 7.68 -1.78
C VAL P 61 88.07 7.06 -2.79
N ASP P 62 89.20 6.54 -2.30
CA ASP P 62 90.28 6.14 -3.21
C ASP P 62 89.85 5.02 -4.15
N SER P 63 88.93 4.15 -3.71
CA SER P 63 88.45 3.02 -4.50
C SER P 63 87.70 3.44 -5.76
N VAL P 64 87.71 4.74 -6.08
CA VAL P 64 86.74 5.30 -7.01
C VAL P 64 87.40 6.40 -7.84
N LYS P 65 88.49 6.96 -7.33
CA LYS P 65 89.19 8.05 -8.02
C LYS P 65 89.57 7.63 -9.43
N GLY P 66 89.56 8.62 -10.34
CA GLY P 66 89.89 8.38 -11.73
C GLY P 66 88.78 7.75 -12.54
N ARG P 67 87.75 7.19 -11.89
CA ARG P 67 86.63 6.56 -12.58
C ARG P 67 85.30 7.25 -12.35
N PHE P 68 85.05 7.77 -11.15
CA PHE P 68 83.82 8.48 -10.86
C PHE P 68 84.11 9.97 -10.77
N THR P 69 83.10 10.77 -11.11
CA THR P 69 83.21 12.22 -11.03
C THR P 69 81.85 12.77 -10.63
N ILE P 70 81.82 13.50 -9.53
CA ILE P 70 80.59 14.07 -8.98
C ILE P 70 80.42 15.49 -9.50
N SER P 71 79.16 15.88 -9.71
CA SER P 71 78.85 17.22 -10.18
C SER P 71 77.44 17.57 -9.74
N ARG P 72 77.09 18.85 -9.87
CA ARG P 72 75.77 19.33 -9.46
C ARG P 72 75.35 20.48 -10.36
N ASP P 73 74.03 20.68 -10.44
CA ASP P 73 73.44 21.79 -11.18
C ASP P 73 72.38 22.41 -10.27
N ASN P 74 72.73 23.53 -9.62
CA ASN P 74 71.83 24.13 -8.64
C ASN P 74 70.58 24.71 -9.28
N ALA P 75 70.62 25.02 -10.56
CA ALA P 75 69.44 25.55 -11.24
C ALA P 75 68.35 24.50 -11.41
N GLN P 76 68.70 23.22 -11.41
CA GLN P 76 67.74 22.14 -11.59
C GLN P 76 67.53 21.31 -10.32
N ASN P 77 68.20 21.66 -9.22
CA ASN P 77 68.08 20.94 -7.96
C ASN P 77 68.37 19.45 -8.14
N SER P 78 69.49 19.16 -8.81
CA SER P 78 69.86 17.79 -9.13
C SER P 78 71.35 17.58 -8.95
N LEU P 79 71.71 16.41 -8.43
CA LEU P 79 73.11 16.02 -8.23
C LEU P 79 73.40 14.79 -9.07
N TYR P 80 74.59 14.74 -9.64
CA TYR P 80 74.97 13.69 -10.59
C TYR P 80 76.22 12.96 -10.12
N LEU P 81 76.31 11.68 -10.47
CA LEU P 81 77.49 10.85 -10.24
C LEU P 81 77.77 10.08 -11.53
N GLN P 82 78.80 10.51 -12.25
CA GLN P 82 79.21 9.82 -13.46
C GLN P 82 80.16 8.69 -13.08
N MET P 83 79.82 7.47 -13.49
CA MET P 83 80.59 6.27 -13.11
C MET P 83 81.09 5.60 -14.38
N ASN P 84 82.39 5.72 -14.63
CA ASN P 84 83.03 5.14 -15.80
C ASN P 84 83.89 3.95 -15.40
N SER P 85 84.15 3.07 -16.37
CA SER P 85 84.93 1.86 -16.17
C SER P 85 84.46 1.09 -14.93
N LEU P 86 83.17 0.82 -14.87
CA LEU P 86 82.59 0.14 -13.72
C LEU P 86 83.18 -1.25 -13.57
N ARG P 87 83.51 -1.61 -12.34
CA ARG P 87 83.99 -2.93 -11.99
C ARG P 87 82.94 -3.65 -11.15
N ALA P 88 83.16 -4.96 -10.95
CA ALA P 88 82.20 -5.76 -10.18
C ALA P 88 82.14 -5.29 -8.74
N GLU P 89 83.25 -4.76 -8.21
CA GLU P 89 83.28 -4.26 -6.84
C GLU P 89 82.34 -3.07 -6.65
N ASP P 90 81.99 -2.37 -7.72
CA ASP P 90 81.09 -1.23 -7.67
C ASP P 90 79.63 -1.64 -7.48
N THR P 91 79.33 -2.93 -7.49
CA THR P 91 77.95 -3.38 -7.31
C THR P 91 77.47 -3.05 -5.90
N ALA P 92 76.42 -2.22 -5.81
CA ALA P 92 75.91 -1.74 -4.54
C ALA P 92 74.64 -0.93 -4.80
N VAL P 93 73.92 -0.65 -3.72
CA VAL P 93 72.85 0.34 -3.73
C VAL P 93 73.48 1.69 -3.46
N TYR P 94 73.23 2.66 -4.34
CA TYR P 94 73.82 3.99 -4.23
C TYR P 94 72.80 4.96 -3.66
N TYR P 95 73.22 5.73 -2.65
CA TYR P 95 72.33 6.63 -1.92
C TYR P 95 72.74 8.08 -2.11
N CYS P 96 71.75 8.93 -2.35
CA CYS P 96 71.92 10.38 -2.33
C CYS P 96 71.72 10.86 -0.90
N ALA P 97 72.74 11.50 -0.32
CA ALA P 97 72.75 11.74 1.12
C ALA P 97 73.34 13.10 1.45
N LYS P 98 72.87 13.66 2.56
CA LYS P 98 73.42 14.87 3.15
C LYS P 98 73.49 14.66 4.66
N GLU P 99 74.30 15.49 5.32
CA GLU P 99 74.61 15.26 6.74
C GLU P 99 73.36 15.34 7.60
N LEU P 100 72.48 16.30 7.30
CA LEU P 100 71.24 16.49 8.04
C LEU P 100 70.06 16.11 7.15
N GLY P 101 69.18 15.25 7.67
CA GLY P 101 67.98 14.89 6.97
C GLY P 101 68.02 13.48 6.42
N PRO P 102 66.92 13.05 5.80
CA PRO P 102 66.85 11.68 5.29
C PRO P 102 67.57 11.53 3.96
N TRP P 103 68.13 10.34 3.77
CA TRP P 103 68.71 9.97 2.49
C TRP P 103 67.60 9.55 1.52
N GLY P 104 67.99 9.34 0.26
CA GLY P 104 67.07 8.75 -0.69
C GLY P 104 66.91 7.25 -0.49
N GLN P 105 65.95 6.68 -1.22
CA GLN P 105 65.72 5.24 -1.12
C GLN P 105 66.83 4.45 -1.82
N GLY P 106 67.51 5.06 -2.77
CA GLY P 106 68.64 4.44 -3.43
C GLY P 106 68.26 3.80 -4.76
N THR P 107 69.29 3.48 -5.55
CA THR P 107 69.12 2.75 -6.80
C THR P 107 70.18 1.65 -6.87
N LEU P 108 69.74 0.44 -7.18
CA LEU P 108 70.63 -0.71 -7.25
C LEU P 108 71.45 -0.66 -8.53
N VAL P 109 72.77 -0.66 -8.38
CA VAL P 109 73.70 -0.75 -9.50
C VAL P 109 74.34 -2.12 -9.42
N THR P 110 74.01 -2.99 -10.37
CA THR P 110 74.58 -4.32 -10.46
C THR P 110 75.55 -4.35 -11.62
N VAL P 111 76.82 -4.63 -11.33
CA VAL P 111 77.85 -4.75 -12.34
C VAL P 111 78.21 -6.22 -12.44
N SER P 112 77.80 -6.86 -13.53
CA SER P 112 78.12 -8.27 -13.76
C SER P 112 77.90 -8.59 -15.23
N SER P 113 78.64 -9.57 -15.72
CA SER P 113 78.50 -10.03 -17.09
C SER P 113 77.47 -11.15 -17.24
N ALA P 114 76.84 -11.56 -16.14
CA ALA P 114 75.78 -12.55 -16.22
C ALA P 114 74.59 -12.01 -17.01
N SER P 115 73.92 -12.90 -17.72
CA SER P 115 72.79 -12.48 -18.53
C SER P 115 71.52 -12.40 -17.68
N THR P 116 70.56 -11.66 -18.19
CA THR P 116 69.26 -11.55 -17.54
C THR P 116 68.55 -12.89 -17.57
N LYS P 117 67.92 -13.25 -16.46
CA LYS P 117 67.21 -14.53 -16.35
C LYS P 117 65.87 -14.31 -15.66
N GLY P 118 64.81 -14.74 -16.33
CA GLY P 118 63.48 -14.66 -15.77
C GLY P 118 63.29 -15.62 -14.62
N PRO P 119 62.36 -15.28 -13.73
CA PRO P 119 62.14 -16.12 -12.54
C PRO P 119 61.26 -17.33 -12.87
N SER P 120 61.58 -18.46 -12.23
CA SER P 120 60.75 -19.65 -12.30
C SER P 120 59.97 -19.76 -10.99
N VAL P 121 58.65 -19.84 -11.11
CA VAL P 121 57.73 -19.76 -9.98
C VAL P 121 57.15 -21.15 -9.73
N PHE P 122 57.32 -21.63 -8.53
CA PHE P 122 56.91 -22.92 -7.99
C PHE P 122 55.71 -22.74 -7.07
N PRO P 123 54.85 -23.76 -6.90
CA PRO P 123 53.76 -23.66 -5.93
C PRO P 123 54.24 -23.95 -4.50
N LEU P 124 53.58 -23.32 -3.52
CA LEU P 124 53.82 -23.56 -2.10
C LEU P 124 52.53 -24.18 -1.53
N ALA P 125 52.51 -25.52 -1.38
CA ALA P 125 51.23 -25.97 -0.82
C ALA P 125 51.41 -26.47 0.62
N PRO P 126 50.40 -26.29 1.48
CA PRO P 126 50.48 -26.79 2.86
C PRO P 126 50.26 -28.29 2.96
N THR P 135 47.10 -21.38 11.20
CA THR P 135 46.28 -22.34 10.46
C THR P 135 46.99 -22.81 9.19
N ALA P 136 46.54 -22.31 8.04
CA ALA P 136 47.11 -22.69 6.76
C ALA P 136 48.01 -21.59 6.22
N ALA P 137 49.11 -21.99 5.58
CA ALA P 137 50.05 -21.06 4.98
C ALA P 137 50.47 -21.60 3.63
N LEU P 138 50.13 -20.86 2.58
CA LEU P 138 50.47 -21.20 1.21
C LEU P 138 51.02 -19.98 0.49
N GLY P 139 51.76 -20.22 -0.58
CA GLY P 139 52.36 -19.13 -1.33
C GLY P 139 52.88 -19.48 -2.72
N CYS P 140 53.91 -18.74 -3.15
CA CYS P 140 54.65 -19.06 -4.37
C CYS P 140 56.11 -18.69 -4.19
N LEU P 141 56.99 -19.61 -4.58
CA LEU P 141 58.43 -19.41 -4.51
C LEU P 141 58.94 -18.89 -5.84
N VAL P 142 59.48 -17.68 -5.83
CA VAL P 142 60.06 -17.06 -7.02
C VAL P 142 61.54 -17.41 -7.02
N LYS P 143 61.91 -18.43 -7.79
CA LYS P 143 63.24 -19.02 -7.71
C LYS P 143 64.02 -18.80 -9.00
N ASP P 144 65.32 -18.51 -8.83
CA ASP P 144 66.28 -18.38 -9.93
C ASP P 144 65.94 -17.25 -10.87
N TYR P 145 66.34 -16.02 -10.51
CA TYR P 145 66.18 -14.87 -11.38
C TYR P 145 67.35 -13.93 -11.18
N PHE P 146 67.64 -13.14 -12.21
CA PHE P 146 68.75 -12.19 -12.19
C PHE P 146 68.53 -11.15 -13.27
N PRO P 147 68.72 -9.86 -12.97
CA PRO P 147 69.06 -9.39 -11.61
C PRO P 147 67.83 -8.99 -10.81
N GLU P 148 68.06 -8.37 -9.67
CA GLU P 148 66.97 -7.81 -8.90
C GLU P 148 66.42 -6.59 -9.62
N PRO P 149 65.16 -6.18 -9.32
CA PRO P 149 64.24 -6.77 -8.35
C PRO P 149 63.02 -7.45 -9.00
N VAL P 150 62.15 -8.00 -8.16
CA VAL P 150 60.89 -8.58 -8.59
C VAL P 150 59.79 -8.06 -7.68
N THR P 151 58.67 -7.64 -8.27
CA THR P 151 57.50 -7.20 -7.54
C THR P 151 56.45 -8.30 -7.54
N VAL P 152 55.86 -8.56 -6.37
CA VAL P 152 54.89 -9.64 -6.21
C VAL P 152 53.56 -9.08 -5.72
N SER P 153 52.47 -9.70 -6.17
CA SER P 153 51.13 -9.37 -5.75
C SER P 153 50.26 -10.62 -5.88
N TRP P 154 49.29 -10.75 -4.98
CA TRP P 154 48.43 -11.91 -4.92
C TRP P 154 47.04 -11.56 -5.41
N ASN P 155 46.55 -12.31 -6.40
CA ASN P 155 45.19 -12.16 -6.94
C ASN P 155 44.96 -10.73 -7.43
N SER P 156 45.83 -10.28 -8.33
CA SER P 156 45.74 -8.95 -8.94
C SER P 156 45.85 -7.82 -7.93
N GLY P 157 46.45 -8.09 -6.77
CA GLY P 157 46.51 -7.11 -5.70
C GLY P 157 45.28 -7.08 -4.82
N ALA P 158 44.35 -8.01 -4.99
CA ALA P 158 43.11 -8.01 -4.22
C ALA P 158 43.25 -8.64 -2.85
N LEU P 159 44.36 -9.35 -2.58
CA LEU P 159 44.62 -9.92 -1.26
C LEU P 159 45.89 -9.32 -0.69
N THR P 160 45.73 -8.45 0.31
CA THR P 160 46.83 -7.83 1.00
C THR P 160 46.92 -8.21 2.47
N SER P 161 45.83 -8.68 3.06
CA SER P 161 45.81 -9.06 4.48
C SER P 161 46.71 -10.27 4.69
N GLY P 162 47.72 -10.11 5.56
CA GLY P 162 48.57 -11.22 5.92
C GLY P 162 49.61 -11.60 4.89
N VAL P 163 49.73 -10.86 3.80
CA VAL P 163 50.75 -11.13 2.80
C VAL P 163 52.02 -10.36 3.17
N HIS P 164 53.14 -11.06 3.16
CA HIS P 164 54.45 -10.49 3.46
C HIS P 164 55.43 -11.16 2.50
N THR P 165 56.02 -10.40 1.56
CA THR P 165 57.04 -10.98 0.70
C THR P 165 58.43 -10.57 1.17
N PHE P 166 59.28 -11.57 1.31
CA PHE P 166 60.54 -11.48 2.00
C PHE P 166 61.60 -10.84 1.12
N PRO P 167 62.70 -10.40 1.71
CA PRO P 167 63.84 -9.96 0.91
C PRO P 167 64.38 -11.10 0.05
N ALA P 168 65.12 -10.73 -0.99
CA ALA P 168 65.68 -11.71 -1.89
C ALA P 168 66.85 -12.45 -1.24
N VAL P 169 67.22 -13.57 -1.85
CA VAL P 169 68.35 -14.37 -1.42
C VAL P 169 69.23 -14.63 -2.63
N LEU P 170 70.47 -14.15 -2.58
CA LEU P 170 71.44 -14.46 -3.62
C LEU P 170 71.98 -15.87 -3.33
N GLN P 171 71.28 -16.87 -3.84
CA GLN P 171 71.68 -18.28 -3.66
C GLN P 171 73.04 -18.50 -4.31
N SER P 172 73.78 -19.54 -3.94
CA SER P 172 75.15 -19.67 -4.54
C SER P 172 75.20 -20.31 -5.93
N SER P 173 74.15 -20.17 -6.73
CA SER P 173 74.03 -20.49 -8.14
C SER P 173 74.17 -19.13 -8.80
N GLY P 174 74.31 -18.07 -8.01
CA GLY P 174 74.47 -16.78 -8.66
C GLY P 174 73.17 -16.09 -9.00
N LEU P 175 72.04 -16.72 -8.74
CA LEU P 175 70.73 -16.18 -9.08
C LEU P 175 69.95 -15.82 -7.81
N TYR P 176 69.10 -14.80 -7.95
CA TYR P 176 68.31 -14.34 -6.83
C TYR P 176 67.03 -15.17 -6.69
N SER P 177 66.50 -15.19 -5.47
CA SER P 177 65.30 -15.96 -5.18
C SER P 177 64.62 -15.37 -3.95
N LEU P 178 63.32 -15.09 -4.07
CA LEU P 178 62.54 -14.57 -2.95
C LEU P 178 61.27 -15.39 -2.78
N SER P 179 60.60 -15.18 -1.65
CA SER P 179 59.34 -15.85 -1.33
C SER P 179 58.30 -14.83 -0.89
N SER P 180 57.05 -15.03 -1.33
CA SER P 180 55.92 -14.25 -0.85
C SER P 180 54.87 -15.21 -0.30
N VAL P 181 54.41 -14.94 0.92
CA VAL P 181 53.50 -15.83 1.62
C VAL P 181 52.22 -15.05 1.92
N VAL P 182 51.17 -15.80 2.28
CA VAL P 182 49.89 -15.20 2.65
C VAL P 182 49.26 -16.00 3.78
N THR P 183 48.72 -15.28 4.76
CA THR P 183 48.02 -15.91 5.88
C THR P 183 46.60 -16.26 5.46
N VAL P 184 46.26 -17.53 5.55
CA VAL P 184 44.92 -17.97 5.16
C VAL P 184 44.33 -18.86 6.26
N PRO P 185 43.06 -18.65 6.63
CA PRO P 185 42.41 -19.62 7.52
C PRO P 185 42.18 -20.94 6.79
N SER P 186 42.41 -22.04 7.50
CA SER P 186 42.33 -23.36 6.89
C SER P 186 40.94 -23.70 6.40
N SER P 187 39.91 -22.97 6.84
CA SER P 187 38.54 -23.15 6.38
C SER P 187 38.33 -22.64 4.95
N SER P 188 39.41 -22.33 4.24
CA SER P 188 39.35 -21.68 2.94
C SER P 188 40.08 -22.49 1.86
N LEU P 189 40.50 -23.72 2.18
CA LEU P 189 41.29 -24.54 1.27
C LEU P 189 40.35 -25.30 0.34
N GLY P 190 40.26 -24.85 -0.91
CA GLY P 190 39.46 -25.51 -1.92
C GLY P 190 38.29 -24.71 -2.43
N THR P 191 37.81 -23.74 -1.65
CA THR P 191 36.73 -22.85 -2.08
C THR P 191 37.24 -21.57 -2.73
N GLN P 192 38.54 -21.30 -2.63
CA GLN P 192 39.16 -20.09 -3.13
C GLN P 192 40.46 -20.46 -3.85
N THR P 193 40.70 -19.83 -4.99
CA THR P 193 41.96 -20.02 -5.70
C THR P 193 42.91 -18.88 -5.42
N TYR P 194 44.21 -19.19 -5.41
CA TYR P 194 45.24 -18.23 -5.03
C TYR P 194 46.32 -18.24 -6.11
N ILE P 195 46.51 -17.09 -6.76
CA ILE P 195 47.50 -16.92 -7.80
C ILE P 195 48.31 -15.67 -7.48
N CYS P 196 49.61 -15.85 -7.24
CA CYS P 196 50.49 -14.71 -7.08
C CYS P 196 51.00 -14.27 -8.45
N ASN P 197 51.17 -12.97 -8.61
CA ASN P 197 51.54 -12.39 -9.89
C ASN P 197 52.96 -11.84 -9.78
N VAL P 198 53.91 -12.65 -10.23
CA VAL P 198 55.32 -12.32 -10.20
C VAL P 198 55.67 -11.52 -11.46
N ASN P 199 56.51 -10.50 -11.30
CA ASN P 199 56.92 -9.66 -12.43
C ASN P 199 58.39 -9.29 -12.27
N HIS P 200 59.18 -9.62 -13.29
CA HIS P 200 60.61 -9.32 -13.35
C HIS P 200 60.83 -8.40 -14.55
N LYS P 201 60.94 -7.10 -14.32
CA LYS P 201 61.05 -6.14 -15.41
C LYS P 201 62.32 -6.27 -16.24
N PRO P 202 63.49 -6.59 -15.66
CA PRO P 202 64.69 -6.71 -16.51
C PRO P 202 64.58 -7.78 -17.59
N SER P 203 63.80 -8.84 -17.38
CA SER P 203 63.72 -9.95 -18.33
C SER P 203 62.41 -9.98 -19.11
N ASN P 204 61.61 -8.93 -19.03
CA ASN P 204 60.31 -8.87 -19.71
C ASN P 204 59.44 -10.09 -19.36
N THR P 205 59.45 -10.46 -18.09
CA THR P 205 58.78 -11.66 -17.62
C THR P 205 57.63 -11.30 -16.69
N LYS P 206 56.44 -11.83 -16.99
CA LYS P 206 55.29 -11.73 -16.10
C LYS P 206 54.62 -13.10 -16.10
N VAL P 207 54.68 -13.79 -14.97
CA VAL P 207 54.19 -15.17 -14.87
C VAL P 207 53.21 -15.27 -13.73
N ASP P 208 52.13 -16.02 -13.94
CA ASP P 208 51.12 -16.29 -12.94
C ASP P 208 51.13 -17.77 -12.61
N LYS P 209 51.24 -18.10 -11.32
CA LYS P 209 51.29 -19.49 -10.88
C LYS P 209 50.21 -19.73 -9.85
N LYS P 210 49.39 -20.74 -10.08
CA LYS P 210 48.30 -21.06 -9.18
C LYS P 210 48.78 -21.93 -8.03
N VAL P 211 48.32 -21.62 -6.82
CA VAL P 211 48.66 -22.39 -5.63
C VAL P 211 47.42 -23.16 -5.19
N GLU P 212 47.29 -24.41 -5.68
CA GLU P 212 46.14 -25.26 -5.41
C GLU P 212 46.42 -26.20 -4.25
N PRO P 213 45.39 -26.54 -3.47
CA PRO P 213 45.58 -27.48 -2.35
C PRO P 213 45.97 -28.86 -2.83
N LYS P 214 46.31 -29.72 -1.87
CA LYS P 214 46.79 -31.06 -2.13
C LYS P 214 45.78 -32.10 -1.65
N SER P 215 45.67 -33.20 -2.38
CA SER P 215 44.79 -34.31 -2.04
C SER P 215 45.55 -35.62 -2.06
N CYS P 216 45.44 -36.40 -0.97
CA CYS P 216 45.81 -37.82 -1.04
C CYS P 216 45.16 -38.61 0.09
N HIS P 217 45.59 -39.86 0.17
CA HIS P 217 44.92 -40.97 0.80
C HIS P 217 45.96 -41.92 1.40
N HIS P 218 47.02 -42.17 0.63
CA HIS P 218 48.08 -43.11 0.98
C HIS P 218 49.42 -42.41 0.86
N HIS P 219 50.36 -42.70 1.77
CA HIS P 219 51.69 -42.15 1.66
C HIS P 219 52.70 -43.24 1.30
N HIS P 220 53.65 -42.91 0.41
CA HIS P 220 54.67 -43.84 -0.04
C HIS P 220 56.04 -43.17 -0.12
N HIS P 221 57.05 -43.80 0.46
CA HIS P 221 58.40 -43.27 0.42
C HIS P 221 59.11 -43.72 -0.85
N HIS P 222 60.08 -42.91 -1.28
CA HIS P 222 60.84 -43.20 -2.50
C HIS P 222 61.79 -44.36 -2.28
#